data_2KW3
#
_entry.id   2KW3
#
loop_
_entity.id
_entity.type
_entity.pdbx_description
1 polymer 'DNA-binding protein RFX5'
2 polymer 'Regulatory factor X-associated protein'
#
loop_
_entity_poly.entity_id
_entity_poly.type
_entity_poly.pdbx_seq_one_letter_code
_entity_poly.pdbx_strand_id
1 'polypeptide(L)' GAGEPTTLLQRLRGTISKAVQNKVEGILQDVQKFSDNDKLYLYLQLPSGPTTGDKSSEPSTLSNEEYM A,B
2 'polypeptide(L)' GHGTGSFGDRPARPTLLEQVLNQKRLSLLRSPEVVQFLQKQQQLLNQQVLEQRQQQFPGTSM C
#
# COMPACT_ATOMS: atom_id res chain seq x y z
N GLY A 1 -11.56 18.09 -24.08
CA GLY A 1 -12.00 18.27 -22.71
C GLY A 1 -13.37 18.90 -22.61
N ALA A 2 -14.39 18.17 -23.04
CA ALA A 2 -15.77 18.67 -22.99
C ALA A 2 -16.73 17.59 -22.52
N GLY A 3 -17.96 17.99 -22.23
CA GLY A 3 -18.96 17.05 -21.76
C GLY A 3 -19.31 17.25 -20.30
N GLU A 4 -20.25 16.44 -19.80
CA GLU A 4 -20.68 16.54 -18.41
C GLU A 4 -20.97 15.17 -17.83
N PRO A 5 -19.89 14.42 -17.52
CA PRO A 5 -20.00 13.07 -16.95
C PRO A 5 -20.54 13.09 -15.52
N THR A 6 -20.71 11.89 -14.95
CA THR A 6 -21.22 11.76 -13.59
C THR A 6 -20.09 11.77 -12.58
N THR A 7 -20.41 11.51 -11.32
CA THR A 7 -19.42 11.48 -10.25
C THR A 7 -18.72 10.13 -10.19
N LEU A 8 -17.62 10.07 -9.45
CA LEU A 8 -16.85 8.84 -9.32
C LEU A 8 -17.57 7.86 -8.39
N LEU A 9 -17.97 8.35 -7.21
CA LEU A 9 -18.67 7.52 -6.24
C LEU A 9 -19.93 6.91 -6.84
N GLN A 10 -20.63 7.69 -7.66
CA GLN A 10 -21.85 7.24 -8.30
C GLN A 10 -21.55 6.14 -9.33
N ARG A 11 -20.80 6.51 -10.35
CA ARG A 11 -20.44 5.57 -11.41
C ARG A 11 -19.84 4.29 -10.82
N LEU A 12 -19.18 4.44 -9.67
CA LEU A 12 -18.56 3.30 -9.00
C LEU A 12 -19.60 2.47 -8.25
N ARG A 13 -20.43 3.16 -7.46
CA ARG A 13 -21.47 2.49 -6.69
C ARG A 13 -22.32 1.59 -7.58
N GLY A 14 -22.47 1.98 -8.83
CA GLY A 14 -23.25 1.19 -9.76
C GLY A 14 -22.45 0.08 -10.42
N THR A 15 -21.14 0.32 -10.56
CA THR A 15 -20.26 -0.66 -11.17
C THR A 15 -18.82 -0.17 -11.18
N ILE A 16 -17.88 -1.11 -11.05
CA ILE A 16 -16.46 -0.76 -11.06
C ILE A 16 -16.09 0.10 -12.25
N SER A 17 -15.14 1.00 -12.06
CA SER A 17 -14.71 1.89 -13.13
C SER A 17 -13.54 1.28 -13.90
N LYS A 18 -13.66 1.27 -15.22
CA LYS A 18 -12.62 0.72 -16.08
C LYS A 18 -11.28 1.38 -15.80
N ALA A 19 -11.30 2.69 -15.59
CA ALA A 19 -10.09 3.45 -15.31
C ALA A 19 -9.43 2.97 -14.03
N VAL A 20 -10.24 2.73 -13.00
CA VAL A 20 -9.73 2.26 -11.72
C VAL A 20 -8.98 0.95 -11.87
N GLN A 21 -9.64 -0.06 -12.44
CA GLN A 21 -9.04 -1.37 -12.64
C GLN A 21 -7.80 -1.26 -13.54
N ASN A 22 -8.00 -0.70 -14.73
CA ASN A 22 -6.91 -0.54 -15.69
C ASN A 22 -5.71 0.16 -15.04
N LYS A 23 -5.97 1.25 -14.35
CA LYS A 23 -4.92 2.01 -13.68
C LYS A 23 -4.13 1.11 -12.73
N VAL A 24 -4.83 0.37 -11.90
CA VAL A 24 -4.19 -0.54 -10.95
C VAL A 24 -3.20 -1.46 -11.64
N GLU A 25 -3.61 -2.02 -12.77
CA GLU A 25 -2.75 -2.92 -13.54
C GLU A 25 -1.59 -2.15 -14.15
N GLY A 26 -1.82 -0.88 -14.45
CA GLY A 26 -0.77 -0.07 -15.05
C GLY A 26 0.43 0.09 -14.14
N ILE A 27 0.20 0.65 -12.95
CA ILE A 27 1.27 0.86 -11.99
C ILE A 27 1.88 -0.47 -11.54
N LEU A 28 1.03 -1.46 -11.32
CA LEU A 28 1.47 -2.78 -10.89
C LEU A 28 2.56 -3.31 -11.82
N GLN A 29 2.33 -3.20 -13.13
CA GLN A 29 3.30 -3.66 -14.11
C GLN A 29 4.53 -2.75 -14.14
N ASP A 30 4.32 -1.47 -13.90
CA ASP A 30 5.42 -0.50 -13.89
C ASP A 30 6.53 -0.95 -12.95
N VAL A 31 6.17 -1.25 -11.71
CA VAL A 31 7.14 -1.69 -10.71
C VAL A 31 7.62 -3.11 -11.01
N GLN A 32 6.70 -3.96 -11.44
CA GLN A 32 7.03 -5.34 -11.76
C GLN A 32 8.05 -5.42 -12.88
N LYS A 33 8.17 -4.33 -13.64
CA LYS A 33 9.11 -4.27 -14.76
C LYS A 33 10.50 -4.69 -14.30
N PHE A 34 10.84 -4.36 -13.06
CA PHE A 34 12.15 -4.71 -12.51
C PHE A 34 12.01 -5.58 -11.27
N SER A 35 13.14 -5.93 -10.67
CA SER A 35 13.14 -6.76 -9.47
C SER A 35 12.20 -6.20 -8.40
N ASP A 36 11.34 -7.07 -7.87
CA ASP A 36 10.38 -6.65 -6.84
C ASP A 36 11.03 -6.66 -5.46
N ASN A 37 11.99 -7.56 -5.26
CA ASN A 37 12.69 -7.68 -3.99
C ASN A 37 13.75 -6.59 -3.85
N ASP A 38 14.66 -6.53 -4.81
CA ASP A 38 15.73 -5.54 -4.80
C ASP A 38 15.17 -4.14 -4.61
N LYS A 39 14.07 -3.84 -5.31
CA LYS A 39 13.43 -2.53 -5.22
C LYS A 39 12.69 -2.39 -3.90
N LEU A 40 12.04 -3.47 -3.46
CA LEU A 40 11.29 -3.46 -2.22
C LEU A 40 12.14 -2.92 -1.07
N TYR A 41 13.41 -3.30 -1.05
CA TYR A 41 14.33 -2.87 0.00
C TYR A 41 14.84 -1.46 -0.30
N LEU A 42 15.21 -1.21 -1.55
CA LEU A 42 15.72 0.09 -1.96
C LEU A 42 14.68 1.17 -1.73
N TYR A 43 13.41 0.77 -1.67
CA TYR A 43 12.32 1.71 -1.45
C TYR A 43 11.90 1.73 0.01
N LEU A 44 11.23 0.67 0.45
CA LEU A 44 10.77 0.56 1.83
C LEU A 44 11.91 0.83 2.80
N GLN A 45 13.12 0.48 2.39
CA GLN A 45 14.30 0.69 3.23
C GLN A 45 15.27 1.67 2.58
N LEU A 46 14.72 2.72 1.96
CA LEU A 46 15.54 3.72 1.31
C LEU A 46 16.62 4.25 2.24
N PRO A 47 17.81 4.55 1.68
CA PRO A 47 18.95 5.06 2.44
C PRO A 47 18.71 6.49 2.94
N SER A 48 17.76 7.18 2.32
CA SER A 48 17.44 8.55 2.70
C SER A 48 18.64 9.46 2.45
N GLY A 49 18.60 10.18 1.34
CA GLY A 49 19.68 11.09 1.00
C GLY A 49 19.79 12.25 1.97
N PRO A 50 20.42 13.34 1.53
CA PRO A 50 20.60 14.55 2.35
C PRO A 50 19.29 15.29 2.58
N THR A 51 18.49 14.80 3.52
CA THR A 51 17.21 15.42 3.83
C THR A 51 17.20 15.97 5.26
N THR A 52 18.03 15.38 6.11
CA THR A 52 18.12 15.81 7.50
C THR A 52 16.73 15.90 8.14
N GLY A 53 15.89 14.92 7.84
CA GLY A 53 14.55 14.89 8.39
C GLY A 53 13.71 16.08 7.93
N ASP A 54 13.64 16.28 6.63
CA ASP A 54 12.88 17.39 6.06
C ASP A 54 13.28 18.70 6.70
N LYS A 55 14.60 18.93 6.81
CA LYS A 55 15.11 20.15 7.41
C LYS A 55 14.65 20.30 8.85
N SER A 56 14.79 19.22 9.62
CA SER A 56 14.39 19.23 11.02
C SER A 56 12.89 19.47 11.16
N SER A 57 12.10 18.50 10.70
CA SER A 57 10.65 18.61 10.77
C SER A 57 10.16 18.62 12.21
N GLU A 58 10.70 17.72 13.02
CA GLU A 58 10.33 17.62 14.42
C GLU A 58 8.81 17.54 14.58
N PRO A 59 8.27 16.33 14.38
CA PRO A 59 6.82 16.07 14.49
C PRO A 59 6.33 16.17 15.93
N SER A 60 5.02 16.31 16.10
CA SER A 60 4.43 16.41 17.43
C SER A 60 3.06 15.72 17.45
N THR A 61 2.08 16.35 16.82
CA THR A 61 0.73 15.79 16.78
C THR A 61 0.16 15.84 15.37
N LEU A 62 1.02 15.58 14.38
CA LEU A 62 0.60 15.60 12.98
C LEU A 62 -0.27 14.38 12.67
N SER A 63 0.19 13.20 13.09
CA SER A 63 -0.54 11.97 12.85
C SER A 63 0.12 10.79 13.57
N ASN A 64 -0.48 10.38 14.68
CA ASN A 64 0.06 9.27 15.45
C ASN A 64 -0.97 8.78 16.48
N GLU A 65 -1.65 9.72 17.12
CA GLU A 65 -2.65 9.38 18.12
C GLU A 65 -3.69 10.49 18.24
N GLU A 66 -4.90 10.12 18.67
CA GLU A 66 -5.99 11.09 18.83
C GLU A 66 -7.12 10.50 19.64
N TYR A 67 -7.85 9.57 19.03
CA TYR A 67 -8.98 8.92 19.68
C TYR A 67 -9.55 7.80 18.83
N MET A 68 -9.75 6.64 19.45
CA MET A 68 -10.28 5.47 18.73
C MET A 68 -9.38 5.08 17.58
N GLY B 1 10.71 6.14 -28.85
CA GLY B 1 10.12 6.01 -27.53
C GLY B 1 11.04 6.51 -26.43
N ALA B 2 11.65 7.67 -26.65
CA ALA B 2 12.56 8.26 -25.68
C ALA B 2 13.79 7.37 -25.48
N GLY B 3 14.71 7.82 -24.63
CA GLY B 3 15.91 7.07 -24.36
C GLY B 3 15.86 6.34 -23.03
N GLU B 4 16.82 5.44 -22.81
CA GLU B 4 16.87 4.67 -21.57
C GLU B 4 18.31 4.31 -21.22
N PRO B 5 19.07 5.31 -20.75
CA PRO B 5 20.48 5.11 -20.37
C PRO B 5 20.62 4.26 -19.11
N THR B 6 21.70 3.49 -19.05
CA THR B 6 21.96 2.63 -17.90
C THR B 6 20.81 1.65 -17.68
N THR B 7 21.00 0.73 -16.73
CA THR B 7 19.98 -0.27 -16.42
C THR B 7 18.80 0.36 -15.71
N LEU B 8 17.68 -0.35 -15.68
CA LEU B 8 16.47 0.14 -15.03
C LEU B 8 16.63 0.13 -13.51
N LEU B 9 17.06 -1.00 -12.97
CA LEU B 9 17.25 -1.14 -11.54
C LEU B 9 18.21 -0.07 -11.01
N GLN B 10 19.27 0.20 -11.78
CA GLN B 10 20.25 1.20 -11.39
C GLN B 10 19.71 2.60 -11.61
N ARG B 11 19.12 2.83 -12.78
CA ARG B 11 18.57 4.14 -13.11
C ARG B 11 17.62 4.62 -12.02
N LEU B 12 16.97 3.69 -11.33
CA LEU B 12 16.05 4.02 -10.27
C LEU B 12 16.72 3.90 -8.90
N ARG B 13 17.65 2.96 -8.78
CA ARG B 13 18.37 2.76 -7.53
C ARG B 13 18.98 4.07 -7.03
N GLY B 14 19.47 4.88 -7.96
CA GLY B 14 20.07 6.15 -7.60
C GLY B 14 19.08 7.07 -6.90
N THR B 15 17.85 7.08 -7.37
CA THR B 15 16.81 7.93 -6.79
C THR B 15 15.47 7.70 -7.49
N ILE B 16 14.39 7.70 -6.70
CA ILE B 16 13.06 7.49 -7.23
C ILE B 16 12.77 8.45 -8.38
N SER B 17 12.03 7.98 -9.38
CA SER B 17 11.69 8.80 -10.54
C SER B 17 10.42 9.59 -10.29
N LYS B 18 10.38 10.81 -10.81
CA LYS B 18 9.22 11.68 -10.65
C LYS B 18 7.96 11.02 -11.21
N ALA B 19 8.07 10.48 -12.42
CA ALA B 19 6.95 9.81 -13.07
C ALA B 19 6.33 8.76 -12.15
N VAL B 20 7.17 7.93 -11.55
CA VAL B 20 6.71 6.89 -10.65
C VAL B 20 5.91 7.47 -9.49
N GLN B 21 6.51 8.42 -8.78
CA GLN B 21 5.84 9.06 -7.65
C GLN B 21 4.49 9.63 -8.07
N ASN B 22 4.44 10.21 -9.27
CA ASN B 22 3.21 10.79 -9.78
C ASN B 22 2.08 9.75 -9.80
N LYS B 23 2.31 8.65 -10.49
CA LYS B 23 1.32 7.58 -10.58
C LYS B 23 0.82 7.18 -9.19
N VAL B 24 1.76 6.98 -8.27
CA VAL B 24 1.41 6.60 -6.91
C VAL B 24 0.36 7.54 -6.32
N GLU B 25 0.62 8.85 -6.41
CA GLU B 25 -0.30 9.85 -5.89
C GLU B 25 -1.69 9.68 -6.50
N GLY B 26 -1.73 9.42 -7.80
CA GLY B 26 -3.00 9.24 -8.48
C GLY B 26 -3.85 8.15 -7.86
N ILE B 27 -3.25 6.98 -7.67
CA ILE B 27 -3.96 5.85 -7.07
C ILE B 27 -4.51 6.21 -5.69
N LEU B 28 -3.68 6.85 -4.88
CA LEU B 28 -4.09 7.26 -3.54
C LEU B 28 -5.40 8.04 -3.58
N GLN B 29 -5.46 9.05 -4.46
CA GLN B 29 -6.65 9.86 -4.60
C GLN B 29 -7.81 9.05 -5.18
N ASP B 30 -7.47 8.00 -5.92
CA ASP B 30 -8.48 7.14 -6.54
C ASP B 30 -9.33 6.46 -5.48
N VAL B 31 -8.70 5.63 -4.66
CA VAL B 31 -9.40 4.91 -3.60
C VAL B 31 -10.05 5.89 -2.61
N GLN B 32 -9.31 6.92 -2.24
CA GLN B 32 -9.81 7.91 -1.30
C GLN B 32 -11.03 8.64 -1.87
N LYS B 33 -11.11 8.68 -3.20
CA LYS B 33 -12.23 9.34 -3.86
C LYS B 33 -13.56 8.82 -3.33
N PHE B 34 -13.58 7.57 -2.89
CA PHE B 34 -14.79 6.97 -2.36
C PHE B 34 -14.51 6.24 -1.05
N SER B 35 -15.52 6.14 -0.20
CA SER B 35 -15.37 5.47 1.09
C SER B 35 -14.81 4.07 0.92
N ASP B 36 -14.26 3.53 2.00
CA ASP B 36 -13.68 2.19 1.97
C ASP B 36 -14.72 1.15 2.39
N ASN B 37 -15.31 1.34 3.56
CA ASN B 37 -16.31 0.42 4.08
C ASN B 37 -17.50 0.33 3.14
N ASP B 38 -18.03 1.49 2.76
CA ASP B 38 -19.18 1.54 1.85
C ASP B 38 -18.92 0.72 0.60
N LYS B 39 -17.79 0.99 -0.05
CA LYS B 39 -17.43 0.29 -1.28
C LYS B 39 -17.15 -1.18 -0.99
N LEU B 40 -16.61 -1.46 0.19
CA LEU B 40 -16.29 -2.83 0.58
C LEU B 40 -17.52 -3.72 0.45
N TYR B 41 -18.62 -3.31 1.05
CA TYR B 41 -19.86 -4.07 0.99
C TYR B 41 -20.46 -4.06 -0.41
N LEU B 42 -20.35 -2.91 -1.07
CA LEU B 42 -20.88 -2.75 -2.43
C LEU B 42 -20.22 -3.74 -3.38
N TYR B 43 -18.90 -3.86 -3.29
CA TYR B 43 -18.15 -4.77 -4.14
C TYR B 43 -18.53 -6.23 -3.85
N LEU B 44 -18.43 -6.62 -2.59
CA LEU B 44 -18.76 -7.98 -2.17
C LEU B 44 -20.15 -8.36 -2.67
N GLN B 45 -21.03 -7.38 -2.79
CA GLN B 45 -22.40 -7.63 -3.25
C GLN B 45 -22.40 -8.40 -4.56
N LEU B 46 -21.35 -8.21 -5.36
CA LEU B 46 -21.23 -8.89 -6.64
C LEU B 46 -21.03 -10.39 -6.45
N PRO B 47 -21.51 -11.18 -7.42
CA PRO B 47 -21.39 -12.64 -7.37
C PRO B 47 -19.95 -13.12 -7.54
N SER B 48 -19.38 -13.65 -6.47
CA SER B 48 -18.00 -14.15 -6.49
C SER B 48 -17.73 -15.06 -5.30
N GLY B 49 -18.78 -15.70 -4.80
CA GLY B 49 -18.64 -16.59 -3.67
C GLY B 49 -17.92 -15.94 -2.51
N PRO B 50 -18.66 -15.16 -1.71
CA PRO B 50 -18.10 -14.46 -0.55
C PRO B 50 -17.74 -15.42 0.58
N THR B 51 -18.27 -16.63 0.51
CA THR B 51 -18.01 -17.64 1.54
C THR B 51 -16.51 -17.81 1.76
N THR B 52 -15.84 -18.41 0.78
CA THR B 52 -14.39 -18.63 0.88
C THR B 52 -14.05 -19.52 2.08
N GLY B 53 -14.40 -20.81 1.98
CA GLY B 53 -14.13 -21.73 3.06
C GLY B 53 -14.64 -21.25 4.39
N ASP B 54 -15.82 -20.63 4.38
CA ASP B 54 -16.43 -20.11 5.60
C ASP B 54 -15.45 -19.21 6.36
N LYS B 55 -14.92 -18.20 5.67
CA LYS B 55 -13.98 -17.28 6.27
C LYS B 55 -12.72 -18.01 6.73
N SER B 56 -12.30 -19.01 5.97
CA SER B 56 -11.12 -19.79 6.29
C SER B 56 -11.25 -20.43 7.67
N SER B 57 -12.01 -21.51 7.74
CA SER B 57 -12.23 -22.22 9.00
C SER B 57 -11.23 -23.36 9.15
N GLU B 58 -9.95 -23.06 8.98
CA GLU B 58 -8.90 -24.06 9.10
C GLU B 58 -8.59 -24.35 10.56
N PRO B 59 -8.28 -25.63 10.86
CA PRO B 59 -7.96 -26.07 12.22
C PRO B 59 -6.63 -25.52 12.70
N SER B 60 -6.52 -25.30 14.01
CA SER B 60 -5.30 -24.78 14.60
C SER B 60 -5.44 -24.65 16.11
N THR B 61 -5.06 -25.69 16.84
CA THR B 61 -5.14 -25.69 18.29
C THR B 61 -3.86 -25.16 18.92
N LEU B 62 -2.81 -25.98 18.88
CA LEU B 62 -1.52 -25.59 19.44
C LEU B 62 -0.49 -26.70 19.25
N SER B 63 -0.70 -27.83 19.91
CA SER B 63 0.21 -28.96 19.81
C SER B 63 1.59 -28.59 20.35
N ASN B 64 1.83 -28.94 21.62
CA ASN B 64 3.10 -28.64 22.26
C ASN B 64 3.16 -29.27 23.65
N GLU B 65 4.01 -30.28 23.81
CA GLU B 65 4.16 -30.96 25.08
C GLU B 65 5.64 -31.22 25.38
N GLU B 66 6.02 -31.06 26.65
CA GLU B 66 7.39 -31.27 27.07
C GLU B 66 7.49 -31.41 28.59
N TYR B 67 7.34 -32.63 29.08
CA TYR B 67 7.39 -32.90 30.51
C TYR B 67 7.72 -34.36 30.78
N MET B 68 6.75 -35.23 30.56
CA MET B 68 6.94 -36.66 30.78
C MET B 68 6.06 -37.48 29.83
N GLY C 1 11.35 -18.99 -1.50
CA GLY C 1 12.28 -17.94 -1.16
C GLY C 1 11.62 -16.80 -0.39
N HIS C 2 12.21 -16.41 0.72
CA HIS C 2 11.67 -15.33 1.54
C HIS C 2 12.78 -14.56 2.24
N GLY C 3 12.61 -13.24 2.35
CA GLY C 3 13.61 -12.42 3.00
C GLY C 3 13.81 -12.78 4.45
N THR C 4 15.06 -12.81 4.89
CA THR C 4 15.38 -13.14 6.27
C THR C 4 14.62 -12.24 7.24
N GLY C 5 14.70 -12.58 8.53
CA GLY C 5 14.02 -11.80 9.54
C GLY C 5 14.84 -10.60 10.00
N SER C 6 14.70 -9.49 9.29
CA SER C 6 15.43 -8.28 9.63
C SER C 6 14.51 -7.24 10.27
N PHE C 7 14.83 -6.85 11.50
CA PHE C 7 14.03 -5.87 12.22
C PHE C 7 14.44 -4.44 11.84
N GLY C 8 13.48 -3.67 11.33
CA GLY C 8 13.77 -2.30 10.94
C GLY C 8 12.52 -1.44 10.91
N ASP C 9 11.81 -1.46 9.79
CA ASP C 9 10.60 -0.67 9.65
C ASP C 9 9.48 -1.21 10.54
N ARG C 10 8.34 -0.53 10.53
CA ARG C 10 7.20 -0.93 11.35
C ARG C 10 5.89 -0.59 10.65
N PRO C 11 4.82 -1.30 11.03
CA PRO C 11 3.48 -1.08 10.46
C PRO C 11 2.87 0.24 10.89
N ALA C 12 3.30 1.32 10.25
CA ALA C 12 2.80 2.65 10.57
C ALA C 12 3.41 3.71 9.65
N ARG C 13 2.99 4.95 9.83
CA ARG C 13 3.50 6.05 9.03
C ARG C 13 3.12 5.86 7.55
N PRO C 14 1.88 6.22 7.21
CA PRO C 14 1.37 6.10 5.84
C PRO C 14 2.03 7.10 4.89
N THR C 15 2.42 6.61 3.71
CA THR C 15 3.06 7.46 2.71
C THR C 15 2.76 6.96 1.30
N LEU C 16 2.97 7.84 0.33
CA LEU C 16 2.72 7.49 -1.07
C LEU C 16 3.53 6.27 -1.49
N LEU C 17 4.85 6.37 -1.34
CA LEU C 17 5.74 5.27 -1.71
C LEU C 17 5.33 3.98 -1.00
N GLU C 18 5.22 4.05 0.32
CA GLU C 18 4.84 2.89 1.11
C GLU C 18 3.49 2.33 0.65
N GLN C 19 2.69 3.19 0.01
CA GLN C 19 1.38 2.78 -0.48
C GLN C 19 1.52 1.84 -1.68
N VAL C 20 2.09 2.37 -2.76
CA VAL C 20 2.28 1.59 -3.98
C VAL C 20 3.08 0.31 -3.69
N LEU C 21 4.08 0.44 -2.84
CA LEU C 21 4.93 -0.69 -2.48
C LEU C 21 4.14 -1.73 -1.70
N ASN C 22 3.71 -1.37 -0.49
CA ASN C 22 2.94 -2.27 0.34
C ASN C 22 1.75 -2.85 -0.42
N GLN C 23 1.16 -2.04 -1.29
CA GLN C 23 0.02 -2.46 -2.08
C GLN C 23 0.36 -3.69 -2.92
N LYS C 24 1.40 -3.57 -3.74
CA LYS C 24 1.84 -4.67 -4.60
C LYS C 24 2.09 -5.93 -3.78
N ARG C 25 2.77 -5.76 -2.64
CA ARG C 25 3.07 -6.89 -1.76
C ARG C 25 1.80 -7.70 -1.45
N LEU C 26 0.76 -7.01 -1.02
CA LEU C 26 -0.50 -7.65 -0.68
C LEU C 26 -1.25 -8.07 -1.94
N SER C 27 -0.97 -7.38 -3.05
CA SER C 27 -1.61 -7.68 -4.32
C SER C 27 -1.38 -9.13 -4.72
N LEU C 28 -0.12 -9.56 -4.66
CA LEU C 28 0.23 -10.93 -5.03
C LEU C 28 0.14 -11.14 -6.54
N LEU C 29 -1.08 -11.08 -7.06
CA LEU C 29 -1.31 -11.27 -8.49
C LEU C 29 -1.63 -9.94 -9.16
N ARG C 30 -2.85 -9.47 -8.97
CA ARG C 30 -3.28 -8.20 -9.55
C ARG C 30 -4.74 -7.90 -9.20
N SER C 31 -5.06 -7.99 -7.91
CA SER C 31 -6.42 -7.75 -7.45
C SER C 31 -6.57 -6.30 -6.95
N PRO C 32 -7.27 -5.48 -7.74
CA PRO C 32 -7.50 -4.07 -7.39
C PRO C 32 -8.44 -3.91 -6.21
N GLU C 33 -9.43 -4.80 -6.12
CA GLU C 33 -10.40 -4.75 -5.02
C GLU C 33 -9.72 -4.99 -3.69
N VAL C 34 -8.90 -6.03 -3.62
CA VAL C 34 -8.18 -6.37 -2.39
C VAL C 34 -7.15 -5.30 -2.04
N VAL C 35 -6.22 -5.05 -2.97
CA VAL C 35 -5.18 -4.06 -2.76
C VAL C 35 -5.78 -2.72 -2.33
N GLN C 36 -7.00 -2.45 -2.79
CA GLN C 36 -7.68 -1.20 -2.44
C GLN C 36 -8.10 -1.19 -0.98
N PHE C 37 -9.08 -2.03 -0.64
CA PHE C 37 -9.57 -2.12 0.73
C PHE C 37 -8.42 -2.37 1.71
N LEU C 38 -7.59 -3.36 1.41
CA LEU C 38 -6.46 -3.69 2.26
C LEU C 38 -5.60 -2.47 2.53
N GLN C 39 -5.24 -1.76 1.45
CA GLN C 39 -4.41 -0.56 1.57
C GLN C 39 -5.00 0.41 2.59
N LYS C 40 -6.31 0.65 2.49
CA LYS C 40 -7.00 1.56 3.39
C LYS C 40 -7.01 0.99 4.81
N GLN C 41 -7.37 -0.28 4.93
CA GLN C 41 -7.42 -0.94 6.24
C GLN C 41 -6.08 -0.84 6.94
N GLN C 42 -5.00 -1.08 6.21
CA GLN C 42 -3.65 -1.03 6.77
C GLN C 42 -3.35 0.37 7.31
N GLN C 43 -3.66 1.39 6.50
CA GLN C 43 -3.41 2.76 6.90
C GLN C 43 -4.13 3.10 8.19
N LEU C 44 -5.36 2.60 8.33
CA LEU C 44 -6.16 2.85 9.53
C LEU C 44 -5.47 2.27 10.77
N LEU C 45 -5.29 0.95 10.78
CA LEU C 45 -4.66 0.28 11.90
C LEU C 45 -3.26 0.84 12.15
N ASN C 46 -2.64 1.36 11.09
CA ASN C 46 -1.30 1.93 11.19
C ASN C 46 -1.30 3.15 12.12
N GLN C 47 -2.20 4.08 11.84
CA GLN C 47 -2.31 5.30 12.65
C GLN C 47 -2.69 4.97 14.09
N GLN C 48 -3.59 4.00 14.25
CA GLN C 48 -4.03 3.59 15.58
C GLN C 48 -2.86 3.21 16.47
N VAL C 49 -2.10 2.22 16.04
CA VAL C 49 -0.93 1.77 16.79
C VAL C 49 0.10 2.88 16.93
N LEU C 50 1.20 2.58 17.61
CA LEU C 50 2.27 3.55 17.82
C LEU C 50 1.75 4.76 18.59
N GLU C 51 2.03 4.79 19.88
CA GLU C 51 1.59 5.89 20.74
C GLU C 51 2.48 7.12 20.53
N GLN C 52 2.29 8.12 21.37
CA GLN C 52 3.07 9.35 21.28
C GLN C 52 4.53 9.11 21.62
N ARG C 53 5.38 10.09 21.34
CA ARG C 53 6.81 9.97 21.60
C ARG C 53 7.17 10.62 22.95
N GLN C 54 8.31 10.25 23.49
CA GLN C 54 8.77 10.79 24.76
C GLN C 54 10.27 11.05 24.74
N GLN C 55 10.83 11.38 25.90
CA GLN C 55 12.26 11.65 26.01
C GLN C 55 13.04 10.36 26.18
N GLN C 56 12.89 9.71 27.33
CA GLN C 56 13.59 8.47 27.62
C GLN C 56 15.10 8.67 27.61
N PHE C 57 15.65 9.01 28.77
CA PHE C 57 17.09 9.24 28.88
C PHE C 57 17.66 8.48 30.08
N PRO C 58 17.80 7.16 29.93
CA PRO C 58 18.32 6.28 30.98
C PRO C 58 19.82 6.51 31.22
N GLY C 59 20.40 5.70 32.11
CA GLY C 59 21.81 5.83 32.41
C GLY C 59 22.24 4.95 33.57
N THR C 60 22.42 3.66 33.29
CA THR C 60 22.82 2.71 34.32
C THR C 60 23.46 1.47 33.70
N SER C 61 24.13 0.67 34.52
CA SER C 61 24.79 -0.54 34.06
C SER C 61 25.84 -0.22 33.00
N MET C 62 26.51 -1.26 32.51
CA MET C 62 27.54 -1.08 31.50
C MET C 62 27.14 -1.75 30.19
N GLY A 1 -17.73 18.73 -22.19
CA GLY A 1 -17.72 17.53 -23.02
C GLY A 1 -19.08 17.20 -23.59
N ALA A 2 -19.93 16.57 -22.79
CA ALA A 2 -21.27 16.21 -23.22
C ALA A 2 -22.10 15.67 -22.06
N GLY A 3 -21.48 14.86 -21.22
CA GLY A 3 -22.17 14.29 -20.08
C GLY A 3 -21.90 15.04 -18.79
N GLU A 4 -22.69 14.77 -17.77
CA GLU A 4 -22.54 15.43 -16.48
C GLU A 4 -21.82 14.53 -15.47
N PRO A 5 -20.99 15.14 -14.62
CA PRO A 5 -20.24 14.40 -13.60
C PRO A 5 -21.13 13.86 -12.49
N THR A 6 -20.76 12.70 -11.95
CA THR A 6 -21.53 12.07 -10.89
C THR A 6 -20.65 11.73 -9.69
N THR A 7 -21.28 11.44 -8.56
CA THR A 7 -20.55 11.10 -7.34
C THR A 7 -19.71 9.84 -7.55
N LEU A 8 -18.44 9.92 -7.14
CA LEU A 8 -17.53 8.79 -7.28
C LEU A 8 -18.09 7.55 -6.59
N LEU A 9 -18.95 7.77 -5.60
CA LEU A 9 -19.57 6.67 -4.86
C LEU A 9 -20.52 5.88 -5.75
N GLN A 10 -21.49 6.57 -6.33
CA GLN A 10 -22.47 5.94 -7.20
C GLN A 10 -21.81 5.44 -8.48
N ARG A 11 -20.93 6.26 -9.05
CA ARG A 11 -20.23 5.90 -10.29
C ARG A 11 -19.56 4.54 -10.15
N LEU A 12 -18.78 4.37 -9.09
CA LEU A 12 -18.09 3.11 -8.85
C LEU A 12 -19.05 2.04 -8.35
N ARG A 13 -19.95 2.44 -7.46
CA ARG A 13 -20.94 1.51 -6.90
C ARG A 13 -21.61 0.70 -8.01
N GLY A 14 -21.76 1.31 -9.17
CA GLY A 14 -22.39 0.64 -10.30
C GLY A 14 -21.71 -0.67 -10.63
N THR A 15 -20.39 -0.63 -10.81
CA THR A 15 -19.62 -1.82 -11.15
C THR A 15 -18.14 -1.49 -11.30
N ILE A 16 -17.56 -0.88 -10.29
CA ILE A 16 -16.15 -0.52 -10.31
C ILE A 16 -15.87 0.54 -11.39
N SER A 17 -14.84 1.33 -11.17
CA SER A 17 -14.47 2.39 -12.11
C SER A 17 -13.36 1.91 -13.03
N LYS A 18 -13.59 1.98 -14.34
CA LYS A 18 -12.61 1.56 -15.32
C LYS A 18 -11.26 2.24 -15.07
N ALA A 19 -11.31 3.53 -14.76
CA ALA A 19 -10.10 4.29 -14.49
C ALA A 19 -9.32 3.69 -13.33
N VAL A 20 -10.03 3.27 -12.30
CA VAL A 20 -9.40 2.67 -11.12
C VAL A 20 -8.64 1.41 -11.49
N GLN A 21 -9.31 0.51 -12.21
CA GLN A 21 -8.68 -0.74 -12.63
C GLN A 21 -7.49 -0.49 -13.54
N ASN A 22 -7.72 0.30 -14.60
CA ASN A 22 -6.66 0.63 -15.54
C ASN A 22 -5.53 1.39 -14.86
N LYS A 23 -5.86 2.06 -13.77
CA LYS A 23 -4.87 2.84 -13.01
C LYS A 23 -3.85 1.90 -12.35
N VAL A 24 -4.31 1.14 -11.37
CA VAL A 24 -3.45 0.20 -10.66
C VAL A 24 -2.75 -0.74 -11.63
N GLU A 25 -3.49 -1.23 -12.62
CA GLU A 25 -2.94 -2.15 -13.62
C GLU A 25 -1.70 -1.54 -14.28
N GLY A 26 -1.83 -0.29 -14.72
CA GLY A 26 -0.71 0.37 -15.37
C GLY A 26 0.51 0.48 -14.48
N ILE A 27 0.33 1.10 -13.32
CA ILE A 27 1.43 1.26 -12.37
C ILE A 27 2.08 -0.09 -12.05
N LEU A 28 1.25 -1.09 -11.78
CA LEU A 28 1.74 -2.42 -11.45
C LEU A 28 2.73 -2.91 -12.50
N GLN A 29 2.36 -2.76 -13.77
CA GLN A 29 3.22 -3.19 -14.87
C GLN A 29 4.54 -2.42 -14.86
N ASP A 30 4.45 -1.12 -14.61
CA ASP A 30 5.64 -0.27 -14.58
C ASP A 30 6.70 -0.86 -13.64
N VAL A 31 6.28 -1.18 -12.41
CA VAL A 31 7.20 -1.75 -11.43
C VAL A 31 7.64 -3.15 -11.84
N GLN A 32 6.71 -3.92 -12.40
CA GLN A 32 7.01 -5.29 -12.82
C GLN A 32 8.06 -5.29 -13.92
N LYS A 33 8.21 -4.16 -14.60
CA LYS A 33 9.19 -4.03 -15.67
C LYS A 33 10.57 -4.48 -15.20
N PHE A 34 10.84 -4.30 -13.92
CA PHE A 34 12.12 -4.70 -13.34
C PHE A 34 11.92 -5.62 -12.15
N SER A 35 13.04 -6.14 -11.62
CA SER A 35 12.99 -7.05 -10.47
C SER A 35 12.17 -6.43 -9.33
N ASP A 36 10.95 -6.92 -9.16
CA ASP A 36 10.08 -6.42 -8.10
C ASP A 36 10.65 -6.74 -6.72
N ASN A 37 11.42 -7.82 -6.63
CA ASN A 37 12.03 -8.23 -5.37
C ASN A 37 13.19 -7.32 -5.02
N ASP A 38 14.14 -7.20 -5.94
CA ASP A 38 15.32 -6.36 -5.73
C ASP A 38 14.91 -4.94 -5.35
N LYS A 39 13.94 -4.41 -6.08
CA LYS A 39 13.46 -3.05 -5.82
C LYS A 39 12.64 -3.00 -4.53
N LEU A 40 11.97 -4.09 -4.22
CA LEU A 40 11.16 -4.18 -3.01
C LEU A 40 12.01 -3.91 -1.77
N TYR A 41 13.16 -4.55 -1.68
CA TYR A 41 14.06 -4.38 -0.56
C TYR A 41 14.73 -3.01 -0.60
N LEU A 42 15.20 -2.63 -1.78
CA LEU A 42 15.87 -1.35 -1.96
C LEU A 42 14.97 -0.19 -1.53
N TYR A 43 13.77 -0.16 -2.10
CA TYR A 43 12.80 0.89 -1.79
C TYR A 43 12.48 0.91 -0.30
N LEU A 44 12.00 -0.22 0.21
CA LEU A 44 11.67 -0.33 1.63
C LEU A 44 12.87 0.01 2.51
N GLN A 45 14.07 -0.16 1.95
CA GLN A 45 15.29 0.12 2.68
C GLN A 45 15.54 1.63 2.77
N LEU A 46 14.97 2.37 1.82
CA LEU A 46 15.12 3.82 1.79
C LEU A 46 14.76 4.44 3.14
N PRO A 47 15.39 5.57 3.46
CA PRO A 47 15.15 6.29 4.72
C PRO A 47 13.77 6.93 4.76
N SER A 48 13.22 7.04 5.98
CA SER A 48 11.89 7.63 6.17
C SER A 48 10.83 6.81 5.44
N GLY A 49 10.81 5.50 5.70
CA GLY A 49 9.84 4.63 5.07
C GLY A 49 9.96 3.20 5.54
N PRO A 50 9.82 3.00 6.87
CA PRO A 50 9.92 1.67 7.48
C PRO A 50 8.71 0.79 7.12
N THR A 51 8.89 -0.52 7.29
CA THR A 51 7.82 -1.47 6.98
C THR A 51 8.25 -2.89 7.32
N THR A 52 9.48 -3.24 6.95
CA THR A 52 10.00 -4.58 7.21
C THR A 52 9.20 -5.64 6.48
N GLY A 53 8.87 -5.36 5.22
CA GLY A 53 8.11 -6.31 4.42
C GLY A 53 6.81 -6.71 5.09
N ASP A 54 5.89 -5.75 5.22
CA ASP A 54 4.60 -6.01 5.85
C ASP A 54 4.78 -6.44 7.30
N LYS A 55 5.88 -5.99 7.91
CA LYS A 55 6.16 -6.33 9.30
C LYS A 55 6.23 -7.83 9.50
N SER A 56 6.92 -8.51 8.58
CA SER A 56 7.05 -9.96 8.65
C SER A 56 7.98 -10.47 7.55
N SER A 57 7.53 -10.35 6.30
CA SER A 57 8.32 -10.80 5.17
C SER A 57 8.55 -12.31 5.22
N GLU A 58 7.51 -13.06 4.90
CA GLU A 58 7.60 -14.53 4.92
C GLU A 58 6.88 -15.12 3.72
N PRO A 59 7.52 -15.01 2.53
CA PRO A 59 6.97 -15.54 1.28
C PRO A 59 6.98 -17.06 1.25
N SER A 60 5.98 -17.63 0.59
CA SER A 60 5.86 -19.08 0.47
C SER A 60 4.70 -19.47 -0.44
N THR A 61 4.87 -19.24 -1.74
CA THR A 61 3.84 -19.56 -2.72
C THR A 61 4.39 -19.52 -4.14
N LEU A 62 5.00 -20.62 -4.57
CA LEU A 62 5.57 -20.71 -5.90
C LEU A 62 5.06 -21.94 -6.63
N SER A 63 4.99 -23.06 -5.91
CA SER A 63 4.52 -24.31 -6.49
C SER A 63 5.45 -24.78 -7.61
N ASN A 64 5.30 -26.03 -8.02
CA ASN A 64 6.12 -26.60 -9.08
C ASN A 64 5.59 -27.96 -9.51
N GLU A 65 4.49 -27.96 -10.26
CA GLU A 65 3.88 -29.20 -10.73
C GLU A 65 3.06 -28.94 -11.99
N GLU A 66 3.64 -28.22 -12.94
CA GLU A 66 2.95 -27.89 -14.19
C GLU A 66 3.95 -27.42 -15.24
N TYR A 67 3.80 -27.92 -16.46
CA TYR A 67 4.69 -27.53 -17.56
C TYR A 67 4.14 -26.32 -18.30
N MET A 68 2.82 -26.17 -18.26
CA MET A 68 2.17 -25.04 -18.93
C MET A 68 1.89 -23.91 -17.95
N GLY B 1 26.57 12.76 -17.74
CA GLY B 1 25.75 13.96 -17.72
C GLY B 1 24.83 14.06 -18.92
N ALA B 2 25.37 14.47 -20.05
CA ALA B 2 24.58 14.60 -21.28
C ALA B 2 25.04 13.59 -22.33
N GLY B 3 24.20 12.58 -22.56
CA GLY B 3 24.53 11.56 -23.55
C GLY B 3 23.43 10.53 -23.71
N GLU B 4 23.63 9.36 -23.10
CA GLU B 4 22.65 8.28 -23.17
C GLU B 4 22.14 7.91 -21.78
N PRO B 5 20.88 7.45 -21.72
CA PRO B 5 20.27 7.04 -20.46
C PRO B 5 20.86 5.76 -19.89
N THR B 6 20.24 5.23 -18.85
CA THR B 6 20.72 4.00 -18.21
C THR B 6 19.61 2.95 -18.14
N THR B 7 19.94 1.80 -17.59
CA THR B 7 18.97 0.71 -17.45
C THR B 7 17.87 1.07 -16.46
N LEU B 8 16.73 0.41 -16.59
CA LEU B 8 15.60 0.65 -15.71
C LEU B 8 15.89 0.19 -14.29
N LEU B 9 16.47 -1.00 -14.19
CA LEU B 9 16.81 -1.58 -12.88
C LEU B 9 17.74 -0.65 -12.11
N GLN B 10 18.77 -0.16 -12.78
CA GLN B 10 19.73 0.74 -12.16
C GLN B 10 19.15 2.14 -12.02
N ARG B 11 18.24 2.49 -12.91
CA ARG B 11 17.61 3.81 -12.90
C ARG B 11 16.94 4.06 -11.55
N LEU B 12 16.04 3.18 -11.17
CA LEU B 12 15.32 3.31 -9.90
C LEU B 12 16.21 2.92 -8.72
N ARG B 13 17.00 1.86 -8.90
CA ARG B 13 17.90 1.39 -7.86
C ARG B 13 18.77 2.53 -7.35
N GLY B 14 19.07 3.48 -8.23
CA GLY B 14 19.89 4.61 -7.85
C GLY B 14 19.08 5.82 -7.44
N THR B 15 17.82 5.85 -7.86
CA THR B 15 16.94 6.96 -7.54
C THR B 15 15.54 6.72 -8.09
N ILE B 16 14.55 6.71 -7.20
CA ILE B 16 13.16 6.50 -7.61
C ILE B 16 12.76 7.45 -8.73
N SER B 17 11.86 6.99 -9.59
CA SER B 17 11.40 7.80 -10.72
C SER B 17 10.26 8.71 -10.28
N LYS B 18 10.39 10.00 -10.58
CA LYS B 18 9.38 10.98 -10.22
C LYS B 18 7.99 10.53 -10.72
N ALA B 19 7.94 10.10 -11.97
CA ALA B 19 6.69 9.65 -12.57
C ALA B 19 6.06 8.53 -11.73
N VAL B 20 6.88 7.58 -11.31
CA VAL B 20 6.41 6.46 -10.50
C VAL B 20 5.74 6.95 -9.22
N GLN B 21 6.36 7.92 -8.56
CA GLN B 21 5.83 8.48 -7.33
C GLN B 21 4.58 9.31 -7.60
N ASN B 22 4.72 10.32 -8.45
CA ASN B 22 3.61 11.20 -8.79
C ASN B 22 2.40 10.38 -9.24
N LYS B 23 2.64 9.40 -10.10
CA LYS B 23 1.58 8.54 -10.60
C LYS B 23 0.85 7.85 -9.46
N VAL B 24 1.59 7.08 -8.67
CA VAL B 24 1.01 6.36 -7.54
C VAL B 24 0.28 7.31 -6.60
N GLU B 25 0.76 8.55 -6.53
CA GLU B 25 0.16 9.56 -5.67
C GLU B 25 -1.28 9.83 -6.08
N GLY B 26 -1.48 10.15 -7.36
CA GLY B 26 -2.81 10.43 -7.87
C GLY B 26 -3.75 9.25 -7.70
N ILE B 27 -3.30 8.07 -8.07
CA ILE B 27 -4.11 6.86 -7.95
C ILE B 27 -4.38 6.52 -6.50
N LEU B 28 -3.41 6.81 -5.63
CA LEU B 28 -3.54 6.54 -4.21
C LEU B 28 -4.74 7.28 -3.62
N GLN B 29 -4.71 8.61 -3.72
CA GLN B 29 -5.79 9.43 -3.20
C GLN B 29 -7.09 9.19 -3.98
N ASP B 30 -6.95 8.87 -5.26
CA ASP B 30 -8.10 8.62 -6.11
C ASP B 30 -8.97 7.50 -5.54
N VAL B 31 -8.32 6.44 -5.07
CA VAL B 31 -9.03 5.30 -4.50
C VAL B 31 -9.56 5.63 -3.10
N GLN B 32 -8.70 6.25 -2.29
CA GLN B 32 -9.08 6.62 -0.93
C GLN B 32 -10.27 7.58 -0.93
N LYS B 33 -10.49 8.22 -2.07
CA LYS B 33 -11.60 9.18 -2.21
C LYS B 33 -12.93 8.51 -1.91
N PHE B 34 -13.05 7.23 -2.29
CA PHE B 34 -14.27 6.48 -2.06
C PHE B 34 -14.59 6.39 -0.58
N SER B 35 -15.58 5.57 -0.25
CA SER B 35 -16.00 5.39 1.14
C SER B 35 -15.61 4.01 1.66
N ASP B 36 -16.04 3.70 2.88
CA ASP B 36 -15.73 2.41 3.49
C ASP B 36 -16.90 1.45 3.32
N ASN B 37 -18.09 1.88 3.74
CA ASN B 37 -19.29 1.06 3.64
C ASN B 37 -19.69 0.87 2.18
N ASP B 38 -19.83 1.97 1.47
CA ASP B 38 -20.21 1.93 0.06
C ASP B 38 -19.30 0.98 -0.72
N LYS B 39 -18.00 1.11 -0.52
CA LYS B 39 -17.03 0.27 -1.20
C LYS B 39 -17.07 -1.16 -0.66
N LEU B 40 -17.53 -1.30 0.58
CA LEU B 40 -17.61 -2.61 1.22
C LEU B 40 -18.58 -3.52 0.45
N TYR B 41 -19.85 -3.11 0.41
CA TYR B 41 -20.88 -3.88 -0.28
C TYR B 41 -20.60 -3.92 -1.78
N LEU B 42 -20.12 -2.81 -2.33
CA LEU B 42 -19.82 -2.72 -3.74
C LEU B 42 -18.82 -3.79 -4.17
N TYR B 43 -17.67 -3.81 -3.51
CA TYR B 43 -16.63 -4.79 -3.81
C TYR B 43 -17.03 -6.18 -3.31
N LEU B 44 -17.86 -6.21 -2.28
CA LEU B 44 -18.32 -7.46 -1.69
C LEU B 44 -18.98 -8.34 -2.75
N GLN B 45 -19.91 -7.77 -3.49
CA GLN B 45 -20.62 -8.51 -4.54
C GLN B 45 -19.64 -9.12 -5.53
N LEU B 46 -18.47 -8.50 -5.66
CA LEU B 46 -17.44 -8.98 -6.57
C LEU B 46 -16.80 -10.26 -6.04
N PRO B 47 -16.34 -11.11 -6.97
CA PRO B 47 -15.70 -12.38 -6.64
C PRO B 47 -14.34 -12.19 -5.97
N SER B 48 -14.25 -12.53 -4.69
CA SER B 48 -13.02 -12.40 -3.94
C SER B 48 -13.06 -13.23 -2.66
N GLY B 49 -13.81 -12.75 -1.68
CA GLY B 49 -13.93 -13.45 -0.42
C GLY B 49 -13.15 -12.79 0.70
N PRO B 50 -13.57 -13.04 1.95
CA PRO B 50 -12.93 -12.47 3.13
C PRO B 50 -11.53 -13.03 3.37
N THR B 51 -10.91 -12.63 4.48
CA THR B 51 -9.57 -13.11 4.82
C THR B 51 -9.22 -12.75 6.25
N THR B 52 -10.22 -12.70 7.11
CA THR B 52 -10.02 -12.35 8.51
C THR B 52 -8.97 -13.27 9.15
N GLY B 53 -8.88 -14.49 8.65
CA GLY B 53 -7.92 -15.44 9.18
C GLY B 53 -6.51 -14.88 9.20
N ASP B 54 -5.91 -14.75 8.03
CA ASP B 54 -4.56 -14.22 7.91
C ASP B 54 -4.49 -12.78 8.40
N LYS B 55 -5.61 -12.08 8.31
CA LYS B 55 -5.68 -10.69 8.73
C LYS B 55 -5.15 -10.53 10.16
N SER B 56 -5.70 -11.31 11.07
CA SER B 56 -5.29 -11.25 12.47
C SER B 56 -5.96 -12.35 13.29
N SER B 57 -5.71 -13.61 12.89
CA SER B 57 -6.30 -14.75 13.58
C SER B 57 -6.02 -14.69 15.07
N GLU B 58 -4.75 -14.47 15.42
CA GLU B 58 -4.34 -14.39 16.82
C GLU B 58 -4.75 -13.05 17.43
N PRO B 59 -4.95 -13.04 18.76
CA PRO B 59 -5.35 -11.83 19.48
C PRO B 59 -4.23 -10.79 19.55
N SER B 60 -4.61 -9.53 19.61
CA SER B 60 -3.64 -8.44 19.67
C SER B 60 -4.34 -7.09 19.85
N THR B 61 -5.05 -6.94 20.95
CA THR B 61 -5.77 -5.71 21.24
C THR B 61 -5.23 -5.03 22.49
N LEU B 62 -4.92 -5.84 23.50
CA LEU B 62 -4.38 -5.32 24.76
C LEU B 62 -2.87 -5.43 24.80
N SER B 63 -2.21 -4.97 23.74
CA SER B 63 -0.76 -5.01 23.65
C SER B 63 -0.18 -3.64 23.33
N ASN B 64 -0.22 -2.75 24.33
CA ASN B 64 0.30 -1.40 24.16
C ASN B 64 0.32 -0.65 25.49
N GLU B 65 1.29 0.25 25.63
CA GLU B 65 1.40 1.03 26.86
C GLU B 65 2.50 2.09 26.72
N GLU B 66 2.23 3.28 27.22
CA GLU B 66 3.19 4.38 27.15
C GLU B 66 2.76 5.54 28.06
N TYR B 67 3.10 5.43 29.34
CA TYR B 67 2.75 6.46 30.30
C TYR B 67 3.99 7.21 30.79
N MET B 68 3.91 8.53 30.83
CA MET B 68 5.03 9.35 31.28
C MET B 68 4.57 10.38 32.31
N GLY C 1 1.22 38.18 18.44
CA GLY C 1 1.64 38.61 17.11
C GLY C 1 3.13 38.87 17.05
N HIS C 2 3.92 37.94 17.58
CA HIS C 2 5.37 38.08 17.57
C HIS C 2 5.93 37.79 16.18
N GLY C 3 5.78 36.54 15.73
CA GLY C 3 6.28 36.15 14.43
C GLY C 3 5.17 35.97 13.41
N THR C 4 5.35 35.02 12.51
CA THR C 4 4.35 34.76 11.47
C THR C 4 3.54 33.51 11.80
N GLY C 5 4.17 32.56 12.49
CA GLY C 5 3.49 31.34 12.85
C GLY C 5 4.39 30.36 13.58
N SER C 6 4.12 29.06 13.41
CA SER C 6 4.92 28.03 14.06
C SER C 6 4.69 26.68 13.40
N PHE C 7 5.37 25.65 13.91
CA PHE C 7 5.24 24.31 13.37
C PHE C 7 5.54 23.26 14.44
N GLY C 8 5.03 22.05 14.25
CA GLY C 8 5.27 20.99 15.20
C GLY C 8 5.72 19.70 14.53
N ASP C 9 5.44 18.57 15.18
CA ASP C 9 5.82 17.27 14.64
C ASP C 9 4.60 16.36 14.50
N ARG C 10 4.55 15.63 13.39
CA ARG C 10 3.44 14.73 13.13
C ARG C 10 3.65 13.97 11.82
N PRO C 11 3.15 12.73 11.76
CA PRO C 11 3.27 11.89 10.58
C PRO C 11 2.41 12.38 9.42
N ALA C 12 2.84 12.09 8.19
CA ALA C 12 2.11 12.50 7.01
C ALA C 12 1.96 11.34 6.02
N ARG C 13 1.42 10.23 6.51
CA ARG C 13 1.22 9.05 5.67
C ARG C 13 2.56 8.51 5.18
N PRO C 14 2.57 7.23 4.76
CA PRO C 14 3.77 6.57 4.27
C PRO C 14 4.21 7.10 2.91
N THR C 15 5.36 6.63 2.43
CA THR C 15 5.90 7.06 1.14
C THR C 15 5.17 6.38 -0.01
N LEU C 16 4.72 7.17 -0.98
CA LEU C 16 4.02 6.63 -2.14
C LEU C 16 4.83 5.52 -2.81
N LEU C 17 6.15 5.61 -2.69
CA LEU C 17 7.04 4.62 -3.27
C LEU C 17 6.84 3.25 -2.62
N GLU C 18 7.11 3.19 -1.32
CA GLU C 18 6.96 1.95 -0.57
C GLU C 18 5.52 1.44 -0.64
N GLN C 19 4.60 2.33 -0.94
CA GLN C 19 3.19 1.98 -1.03
C GLN C 19 2.92 1.10 -2.25
N VAL C 20 3.10 1.66 -3.43
CA VAL C 20 2.89 0.93 -4.67
C VAL C 20 3.66 -0.38 -4.67
N LEU C 21 4.89 -0.33 -4.19
CA LEU C 21 5.74 -1.52 -4.13
C LEU C 21 5.17 -2.56 -3.18
N ASN C 22 5.01 -2.18 -1.93
CA ASN C 22 4.46 -3.08 -0.91
C ASN C 22 3.09 -3.61 -1.34
N GLN C 23 2.37 -2.81 -2.12
CA GLN C 23 1.06 -3.20 -2.60
C GLN C 23 1.14 -4.42 -3.51
N LYS C 24 1.97 -4.32 -4.55
CA LYS C 24 2.14 -5.41 -5.50
C LYS C 24 2.59 -6.68 -4.78
N ARG C 25 3.49 -6.53 -3.81
CA ARG C 25 4.00 -7.66 -3.06
C ARG C 25 2.86 -8.45 -2.42
N LEU C 26 2.04 -7.75 -1.64
CA LEU C 26 0.90 -8.38 -0.96
C LEU C 26 -0.17 -8.78 -1.97
N SER C 27 -0.16 -8.14 -3.14
CA SER C 27 -1.13 -8.43 -4.19
C SER C 27 -1.03 -9.89 -4.63
N LEU C 28 0.13 -10.27 -5.14
CA LEU C 28 0.35 -11.64 -5.60
C LEU C 28 -0.40 -11.90 -6.89
N LEU C 29 -1.72 -11.91 -6.82
CA LEU C 29 -2.55 -12.15 -8.00
C LEU C 29 -2.85 -10.84 -8.72
N ARG C 30 -2.20 -9.77 -8.30
CA ARG C 30 -2.40 -8.46 -8.90
C ARG C 30 -3.83 -7.98 -8.71
N SER C 31 -4.35 -8.16 -7.50
CA SER C 31 -5.71 -7.75 -7.19
C SER C 31 -5.73 -6.41 -6.46
N PRO C 32 -6.11 -5.35 -7.18
CA PRO C 32 -6.17 -3.99 -6.63
C PRO C 32 -7.30 -3.83 -5.62
N GLU C 33 -8.26 -4.74 -5.67
CA GLU C 33 -9.41 -4.70 -4.75
C GLU C 33 -8.96 -5.03 -3.33
N VAL C 34 -8.24 -6.13 -3.18
CA VAL C 34 -7.75 -6.56 -1.87
C VAL C 34 -6.59 -5.69 -1.40
N VAL C 35 -5.61 -5.49 -2.28
CA VAL C 35 -4.45 -4.67 -1.96
C VAL C 35 -4.86 -3.31 -1.41
N GLN C 36 -5.74 -2.64 -2.15
CA GLN C 36 -6.21 -1.31 -1.74
C GLN C 36 -7.00 -1.40 -0.43
N PHE C 37 -8.03 -2.22 -0.42
CA PHE C 37 -8.86 -2.39 0.78
C PHE C 37 -8.00 -2.71 1.99
N LEU C 38 -6.87 -3.38 1.75
CA LEU C 38 -5.97 -3.75 2.83
C LEU C 38 -5.19 -2.54 3.33
N GLN C 39 -4.42 -1.92 2.44
CA GLN C 39 -3.63 -0.75 2.79
C GLN C 39 -4.51 0.34 3.39
N LYS C 40 -5.64 0.62 2.73
CA LYS C 40 -6.56 1.64 3.21
C LYS C 40 -7.07 1.31 4.61
N GLN C 41 -7.55 0.08 4.78
CA GLN C 41 -8.06 -0.36 6.08
C GLN C 41 -7.04 -0.10 7.18
N GLN C 42 -5.79 -0.47 6.93
CA GLN C 42 -4.72 -0.27 7.90
C GLN C 42 -4.58 1.20 8.27
N GLN C 43 -4.68 2.06 7.27
CA GLN C 43 -4.56 3.50 7.48
C GLN C 43 -5.68 4.01 8.38
N LEU C 44 -6.91 3.68 8.02
CA LEU C 44 -8.08 4.10 8.79
C LEU C 44 -7.97 3.66 10.25
N LEU C 45 -7.61 2.39 10.44
CA LEU C 45 -7.46 1.84 11.79
C LEU C 45 -6.40 2.60 12.57
N ASN C 46 -5.26 2.85 11.94
CA ASN C 46 -4.16 3.58 12.58
C ASN C 46 -4.64 4.93 13.09
N GLN C 47 -5.23 5.72 12.20
CA GLN C 47 -5.72 7.05 12.55
C GLN C 47 -6.78 6.95 13.65
N GLN C 48 -7.60 5.90 13.59
CA GLN C 48 -8.65 5.70 14.58
C GLN C 48 -8.07 5.61 15.99
N VAL C 49 -7.10 4.71 16.16
CA VAL C 49 -6.45 4.53 17.45
C VAL C 49 -5.66 5.77 17.85
N LEU C 50 -5.67 6.07 19.15
CA LEU C 50 -4.95 7.23 19.67
C LEU C 50 -3.47 7.14 19.34
N GLU C 51 -2.82 8.30 19.22
CA GLU C 51 -1.39 8.35 18.91
C GLU C 51 -0.84 9.75 19.12
N GLN C 52 0.47 9.84 19.35
CA GLN C 52 1.11 11.13 19.57
C GLN C 52 2.63 10.96 19.64
N ARG C 53 3.35 11.81 18.92
CA ARG C 53 4.80 11.76 18.90
C ARG C 53 5.40 13.00 19.54
N GLN C 54 6.62 12.88 20.06
CA GLN C 54 7.31 14.00 20.70
C GLN C 54 8.10 14.81 19.69
N GLN C 55 8.61 15.95 20.13
CA GLN C 55 9.39 16.82 19.25
C GLN C 55 10.54 16.07 18.61
N GLN C 56 10.81 16.38 17.35
CA GLN C 56 11.89 15.72 16.61
C GLN C 56 12.23 16.49 15.34
N PHE C 57 11.20 16.87 14.60
CA PHE C 57 11.39 17.61 13.36
C PHE C 57 10.89 19.04 13.50
N PRO C 58 11.72 19.89 14.12
CA PRO C 58 11.38 21.31 14.34
C PRO C 58 11.39 22.10 13.04
N GLY C 59 10.31 22.85 12.80
CA GLY C 59 10.21 23.65 11.60
C GLY C 59 11.37 24.62 11.45
N THR C 60 11.30 25.73 12.16
CA THR C 60 12.35 26.75 12.11
C THR C 60 12.55 27.25 10.68
N SER C 61 11.64 28.11 10.22
CA SER C 61 11.72 28.65 8.87
C SER C 61 11.11 30.04 8.82
N MET C 62 9.89 30.18 9.34
CA MET C 62 9.20 31.45 9.36
C MET C 62 9.09 32.03 7.95
N GLY A 1 -15.52 19.40 -24.24
CA GLY A 1 -15.70 18.32 -23.28
C GLY A 1 -17.15 17.90 -23.15
N ALA A 2 -17.51 17.37 -21.99
CA ALA A 2 -18.88 16.93 -21.74
C ALA A 2 -19.49 17.65 -20.54
N GLY A 3 -20.81 17.68 -20.49
CA GLY A 3 -21.49 18.34 -19.40
C GLY A 3 -22.24 17.36 -18.50
N GLU A 4 -22.83 17.89 -17.43
CA GLU A 4 -23.58 17.05 -16.49
C GLU A 4 -22.69 15.95 -15.92
N PRO A 5 -21.56 16.34 -15.31
CA PRO A 5 -20.60 15.40 -14.72
C PRO A 5 -21.16 14.72 -13.47
N THR A 6 -20.82 13.44 -13.31
CA THR A 6 -21.29 12.67 -12.16
C THR A 6 -20.21 12.57 -11.10
N THR A 7 -20.60 12.12 -9.91
CA THR A 7 -19.67 11.98 -8.80
C THR A 7 -18.93 10.64 -8.87
N LEU A 8 -17.68 10.63 -8.43
CA LEU A 8 -16.87 9.42 -8.45
C LEU A 8 -17.49 8.35 -7.55
N LEU A 9 -17.90 8.75 -6.36
CA LEU A 9 -18.51 7.82 -5.40
C LEU A 9 -19.72 7.13 -6.02
N GLN A 10 -20.59 7.92 -6.65
CA GLN A 10 -21.79 7.38 -7.27
C GLN A 10 -21.43 6.47 -8.43
N ARG A 11 -20.67 6.99 -9.39
CA ARG A 11 -20.26 6.23 -10.56
C ARG A 11 -19.62 4.91 -10.13
N LEU A 12 -18.98 4.90 -8.97
CA LEU A 12 -18.34 3.70 -8.46
C LEU A 12 -19.35 2.79 -7.77
N ARG A 13 -20.18 3.36 -6.92
CA ARG A 13 -21.20 2.60 -6.20
C ARG A 13 -22.02 1.76 -7.17
N GLY A 14 -22.18 2.25 -8.40
CA GLY A 14 -22.95 1.53 -9.39
C GLY A 14 -22.11 0.51 -10.14
N THR A 15 -20.83 0.80 -10.29
CA THR A 15 -19.92 -0.10 -11.00
C THR A 15 -18.50 0.43 -10.98
N ILE A 16 -17.52 -0.48 -10.98
CA ILE A 16 -16.12 -0.10 -10.97
C ILE A 16 -15.78 0.79 -12.16
N SER A 17 -14.81 1.69 -11.96
CA SER A 17 -14.40 2.60 -13.02
C SER A 17 -13.23 2.03 -13.82
N LYS A 18 -13.33 2.09 -15.14
CA LYS A 18 -12.28 1.57 -16.01
C LYS A 18 -10.95 2.25 -15.73
N ALA A 19 -11.00 3.56 -15.51
CA ALA A 19 -9.79 4.33 -15.23
C ALA A 19 -9.12 3.84 -13.95
N VAL A 20 -9.93 3.57 -12.93
CA VAL A 20 -9.41 3.09 -11.65
C VAL A 20 -8.65 1.79 -11.82
N GLN A 21 -9.33 0.76 -12.33
CA GLN A 21 -8.72 -0.54 -12.54
C GLN A 21 -7.55 -0.44 -13.50
N ASN A 22 -7.79 0.15 -14.67
CA ASN A 22 -6.75 0.31 -15.68
C ASN A 22 -5.51 0.96 -15.08
N LYS A 23 -5.71 2.06 -14.36
CA LYS A 23 -4.60 2.78 -13.74
C LYS A 23 -3.79 1.85 -12.84
N VAL A 24 -4.47 1.19 -11.91
CA VAL A 24 -3.81 0.27 -10.98
C VAL A 24 -2.94 -0.73 -11.73
N GLU A 25 -3.50 -1.30 -12.80
CA GLU A 25 -2.78 -2.28 -13.61
C GLU A 25 -1.59 -1.63 -14.31
N GLY A 26 -1.75 -0.36 -14.67
CA GLY A 26 -0.68 0.35 -15.36
C GLY A 26 0.59 0.43 -14.53
N ILE A 27 0.48 0.99 -13.34
CA ILE A 27 1.63 1.12 -12.44
C ILE A 27 2.20 -0.25 -12.07
N LEU A 28 1.31 -1.19 -11.78
CA LEU A 28 1.71 -2.54 -11.42
C LEU A 28 2.68 -3.12 -12.45
N GLN A 29 2.37 -2.91 -13.72
CA GLN A 29 3.21 -3.40 -14.81
C GLN A 29 4.54 -2.66 -14.85
N ASP A 30 4.47 -1.34 -14.67
CA ASP A 30 5.67 -0.50 -14.69
C ASP A 30 6.74 -1.06 -13.75
N VAL A 31 6.31 -1.50 -12.58
CA VAL A 31 7.22 -2.05 -11.59
C VAL A 31 7.69 -3.45 -11.99
N GLN A 32 6.75 -4.26 -12.48
CA GLN A 32 7.07 -5.62 -12.90
C GLN A 32 8.10 -5.62 -14.02
N LYS A 33 8.23 -4.49 -14.69
CA LYS A 33 9.19 -4.35 -15.79
C LYS A 33 10.58 -4.82 -15.36
N PHE A 34 10.94 -4.52 -14.11
CA PHE A 34 12.24 -4.91 -13.57
C PHE A 34 12.07 -5.88 -12.40
N SER A 35 13.19 -6.28 -11.81
CA SER A 35 13.18 -7.21 -10.69
C SER A 35 12.44 -6.60 -9.50
N ASP A 36 11.15 -6.90 -9.40
CA ASP A 36 10.32 -6.39 -8.31
C ASP A 36 10.98 -6.67 -6.95
N ASN A 37 11.70 -7.79 -6.87
CA ASN A 37 12.37 -8.18 -5.63
C ASN A 37 13.56 -7.27 -5.36
N ASP A 38 14.54 -7.30 -6.24
CA ASP A 38 15.74 -6.47 -6.10
C ASP A 38 15.36 -5.00 -5.94
N LYS A 39 14.59 -4.49 -6.89
CA LYS A 39 14.17 -3.10 -6.86
C LYS A 39 13.53 -2.75 -5.51
N LEU A 40 12.63 -3.62 -5.06
CA LEU A 40 11.95 -3.40 -3.78
C LEU A 40 12.96 -3.20 -2.66
N TYR A 41 14.03 -3.99 -2.67
CA TYR A 41 15.07 -3.89 -1.65
C TYR A 41 15.68 -2.49 -1.63
N LEU A 42 16.17 -2.05 -2.78
CA LEU A 42 16.79 -0.74 -2.90
C LEU A 42 15.76 0.37 -2.65
N TYR A 43 14.51 0.10 -2.99
CA TYR A 43 13.43 1.07 -2.81
C TYR A 43 13.10 1.22 -1.33
N LEU A 44 12.51 0.18 -0.75
CA LEU A 44 12.14 0.21 0.66
C LEU A 44 13.31 0.62 1.54
N GLN A 45 14.52 0.29 1.08
CA GLN A 45 15.73 0.63 1.82
C GLN A 45 15.78 2.13 2.13
N LEU A 46 15.15 2.92 1.27
CA LEU A 46 15.12 4.37 1.44
C LEU A 46 14.66 4.73 2.85
N PRO A 47 15.12 5.90 3.33
CA PRO A 47 14.76 6.40 4.67
C PRO A 47 13.30 6.81 4.76
N SER A 48 12.83 7.04 5.98
CA SER A 48 11.44 7.45 6.20
C SER A 48 10.48 6.43 5.60
N GLY A 49 10.60 5.17 6.03
CA GLY A 49 9.73 4.13 5.53
C GLY A 49 9.90 2.82 6.28
N PRO A 50 9.68 2.86 7.60
CA PRO A 50 9.81 1.68 8.46
C PRO A 50 8.71 0.65 8.19
N THR A 51 9.06 -0.63 8.30
CA THR A 51 8.10 -1.71 8.08
C THR A 51 8.56 -3.00 8.75
N THR A 52 9.73 -3.49 8.35
CA THR A 52 10.28 -4.71 8.91
C THR A 52 9.31 -5.89 8.73
N GLY A 53 9.18 -6.34 7.48
CA GLY A 53 8.29 -7.45 7.20
C GLY A 53 6.89 -7.22 7.72
N ASP A 54 6.40 -6.00 7.60
CA ASP A 54 5.07 -5.64 8.06
C ASP A 54 4.88 -6.04 9.53
N LYS A 55 5.80 -5.59 10.38
CA LYS A 55 5.75 -5.90 11.80
C LYS A 55 5.81 -7.40 12.03
N SER A 56 6.68 -8.08 11.29
CA SER A 56 6.84 -9.52 11.41
C SER A 56 5.51 -10.24 11.18
N SER A 57 5.13 -10.36 9.91
CA SER A 57 3.88 -11.01 9.54
C SER A 57 3.97 -11.62 8.16
N GLU A 58 4.88 -12.59 7.99
CA GLU A 58 5.06 -13.26 6.70
C GLU A 58 4.39 -14.63 6.70
N PRO A 59 3.84 -15.01 5.54
CA PRO A 59 3.16 -16.30 5.37
C PRO A 59 4.12 -17.48 5.42
N SER A 60 3.63 -18.66 5.08
CA SER A 60 4.46 -19.87 5.10
C SER A 60 3.81 -20.96 4.25
N THR A 61 2.55 -21.28 4.55
CA THR A 61 1.83 -22.32 3.82
C THR A 61 0.46 -21.81 3.37
N LEU A 62 0.42 -20.58 2.88
CA LEU A 62 -0.82 -19.98 2.41
C LEU A 62 -1.43 -20.79 1.26
N SER A 63 -0.56 -21.48 0.52
CA SER A 63 -1.00 -22.30 -0.59
C SER A 63 -1.82 -23.48 -0.12
N ASN A 64 -1.13 -24.48 0.45
CA ASN A 64 -1.79 -25.68 0.96
C ASN A 64 -2.62 -26.34 -0.14
N GLU A 65 -1.94 -26.91 -1.13
CA GLU A 65 -2.61 -27.58 -2.23
C GLU A 65 -3.23 -28.90 -1.77
N GLU A 66 -2.38 -29.88 -1.46
CA GLU A 66 -2.84 -31.18 -1.02
C GLU A 66 -3.86 -31.77 -1.99
N TYR A 67 -3.35 -32.45 -3.02
CA TYR A 67 -4.21 -33.06 -4.03
C TYR A 67 -3.51 -34.21 -4.72
N MET A 68 -2.41 -33.90 -5.41
CA MET A 68 -1.64 -34.93 -6.12
C MET A 68 -1.28 -36.07 -5.18
N GLY B 1 6.64 2.58 -23.21
CA GLY B 1 6.98 3.97 -23.41
C GLY B 1 8.25 4.37 -22.66
N ALA B 2 9.40 3.93 -23.16
CA ALA B 2 10.67 4.24 -22.53
C ALA B 2 11.73 4.57 -23.58
N GLY B 3 12.85 5.13 -23.12
CA GLY B 3 13.92 5.48 -24.04
C GLY B 3 15.08 6.16 -23.33
N GLU B 4 15.90 5.36 -22.64
CA GLU B 4 17.05 5.89 -21.92
C GLU B 4 18.30 5.08 -22.23
N PRO B 5 19.46 5.76 -22.18
CA PRO B 5 20.75 5.11 -22.46
C PRO B 5 21.16 4.14 -21.37
N THR B 6 20.98 4.54 -20.12
CA THR B 6 21.33 3.71 -18.98
C THR B 6 20.28 2.61 -18.76
N THR B 7 20.69 1.53 -18.10
CA THR B 7 19.79 0.42 -17.82
C THR B 7 18.66 0.84 -16.89
N LEU B 8 17.47 0.30 -17.13
CA LEU B 8 16.31 0.63 -16.30
C LEU B 8 16.63 0.43 -14.82
N LEU B 9 17.15 -0.74 -14.48
CA LEU B 9 17.49 -1.06 -13.10
C LEU B 9 18.39 0.02 -12.51
N GLN B 10 19.48 0.32 -13.20
CA GLN B 10 20.42 1.35 -12.74
C GLN B 10 19.74 2.71 -12.62
N ARG B 11 18.88 3.01 -13.59
CA ARG B 11 18.16 4.28 -13.60
C ARG B 11 17.46 4.52 -12.26
N LEU B 12 16.75 3.50 -11.78
CA LEU B 12 16.02 3.60 -10.52
C LEU B 12 16.97 3.45 -9.35
N ARG B 13 17.95 2.56 -9.48
CA ARG B 13 18.93 2.31 -8.43
C ARG B 13 19.56 3.61 -7.97
N GLY B 14 19.68 4.56 -8.89
CA GLY B 14 20.28 5.85 -8.55
C GLY B 14 19.27 6.82 -7.97
N THR B 15 18.01 6.68 -8.38
CA THR B 15 16.94 7.56 -7.88
C THR B 15 15.59 7.15 -8.47
N ILE B 16 14.58 7.14 -7.61
CA ILE B 16 13.23 6.77 -8.05
C ILE B 16 12.75 7.67 -9.18
N SER B 17 11.99 7.09 -10.11
CA SER B 17 11.47 7.84 -11.24
C SER B 17 10.34 8.77 -10.82
N LYS B 18 10.37 10.00 -11.32
CA LYS B 18 9.36 10.99 -10.98
C LYS B 18 7.96 10.46 -11.32
N ALA B 19 7.80 9.97 -12.55
CA ALA B 19 6.52 9.43 -12.99
C ALA B 19 6.01 8.37 -12.03
N VAL B 20 6.89 7.45 -11.63
CA VAL B 20 6.52 6.38 -10.71
C VAL B 20 5.89 6.94 -9.44
N GLN B 21 6.58 7.88 -8.80
CA GLN B 21 6.09 8.50 -7.58
C GLN B 21 4.76 9.18 -7.81
N ASN B 22 4.68 9.97 -8.87
CA ASN B 22 3.45 10.69 -9.22
C ASN B 22 2.28 9.72 -9.32
N LYS B 23 2.43 8.70 -10.15
CA LYS B 23 1.37 7.70 -10.34
C LYS B 23 0.90 7.15 -8.99
N VAL B 24 1.85 6.83 -8.13
CA VAL B 24 1.54 6.29 -6.81
C VAL B 24 0.54 7.19 -6.07
N GLU B 25 0.89 8.48 -5.98
CA GLU B 25 0.02 9.44 -5.30
C GLU B 25 -1.38 9.43 -5.89
N GLY B 26 -1.46 9.30 -7.21
CA GLY B 26 -2.75 9.27 -7.88
C GLY B 26 -3.65 8.16 -7.38
N ILE B 27 -3.10 6.95 -7.33
CA ILE B 27 -3.86 5.79 -6.87
C ILE B 27 -4.37 6.00 -5.44
N LEU B 28 -3.49 6.46 -4.57
CA LEU B 28 -3.84 6.71 -3.18
C LEU B 28 -5.10 7.58 -3.08
N GLN B 29 -5.11 8.68 -3.83
CA GLN B 29 -6.24 9.59 -3.83
C GLN B 29 -7.44 8.95 -4.52
N ASP B 30 -7.18 7.99 -5.39
CA ASP B 30 -8.25 7.30 -6.12
C ASP B 30 -9.16 6.55 -5.16
N VAL B 31 -8.58 5.56 -4.46
CA VAL B 31 -9.34 4.76 -3.51
C VAL B 31 -9.86 5.62 -2.36
N GLN B 32 -9.01 6.52 -1.88
CA GLN B 32 -9.39 7.41 -0.78
C GLN B 32 -10.56 8.30 -1.17
N LYS B 33 -10.70 8.56 -2.47
CA LYS B 33 -11.78 9.39 -2.98
C LYS B 33 -13.13 8.91 -2.47
N PHE B 34 -13.23 7.61 -2.22
CA PHE B 34 -14.47 7.02 -1.73
C PHE B 34 -14.20 6.10 -0.55
N SER B 35 -15.19 5.96 0.33
CA SER B 35 -15.06 5.12 1.51
C SER B 35 -14.61 3.71 1.13
N ASP B 36 -14.07 2.99 2.11
CA ASP B 36 -13.60 1.63 1.86
C ASP B 36 -14.71 0.61 2.17
N ASN B 37 -15.29 0.73 3.37
CA ASN B 37 -16.36 -0.18 3.78
C ASN B 37 -17.45 -0.26 2.73
N ASP B 38 -17.90 0.91 2.27
CA ASP B 38 -18.95 0.98 1.26
C ASP B 38 -18.60 0.11 0.05
N LYS B 39 -17.34 0.15 -0.36
CA LYS B 39 -16.88 -0.64 -1.49
C LYS B 39 -16.87 -2.12 -1.16
N LEU B 40 -16.44 -2.45 0.05
CA LEU B 40 -16.39 -3.84 0.49
C LEU B 40 -17.73 -4.53 0.28
N TYR B 41 -18.80 -3.90 0.74
CA TYR B 41 -20.14 -4.45 0.60
C TYR B 41 -20.59 -4.43 -0.86
N LEU B 42 -20.21 -3.37 -1.57
CA LEU B 42 -20.57 -3.22 -2.97
C LEU B 42 -19.98 -4.36 -3.81
N TYR B 43 -18.66 -4.44 -3.83
CA TYR B 43 -17.97 -5.47 -4.60
C TYR B 43 -18.49 -6.86 -4.23
N LEU B 44 -18.56 -7.13 -2.93
CA LEU B 44 -19.05 -8.41 -2.44
C LEU B 44 -20.40 -8.77 -3.06
N GLN B 45 -21.26 -7.76 -3.19
CA GLN B 45 -22.58 -7.95 -3.77
C GLN B 45 -22.48 -8.58 -5.16
N LEU B 46 -21.41 -8.25 -5.87
CA LEU B 46 -21.19 -8.78 -7.21
C LEU B 46 -21.31 -10.30 -7.22
N PRO B 47 -21.70 -10.84 -8.39
CA PRO B 47 -21.86 -12.30 -8.56
C PRO B 47 -20.52 -13.03 -8.54
N SER B 48 -19.45 -12.30 -8.84
CA SER B 48 -18.11 -12.89 -8.85
C SER B 48 -17.38 -12.63 -7.54
N GLY B 49 -16.94 -11.39 -7.35
CA GLY B 49 -16.24 -11.03 -6.14
C GLY B 49 -14.89 -11.73 -6.02
N PRO B 50 -13.91 -11.03 -5.41
CA PRO B 50 -12.56 -11.57 -5.23
C PRO B 50 -12.52 -12.70 -4.21
N THR B 51 -11.87 -13.80 -4.57
CA THR B 51 -11.76 -14.96 -3.69
C THR B 51 -10.80 -15.99 -4.27
N THR B 52 -11.16 -16.56 -5.41
CA THR B 52 -10.33 -17.57 -6.06
C THR B 52 -9.96 -18.68 -5.09
N GLY B 53 -10.89 -19.03 -4.20
CA GLY B 53 -10.64 -20.07 -3.23
C GLY B 53 -9.36 -19.85 -2.45
N ASP B 54 -9.37 -18.85 -1.58
CA ASP B 54 -8.20 -18.54 -0.77
C ASP B 54 -6.98 -18.28 -1.65
N LYS B 55 -7.23 -17.83 -2.88
CA LYS B 55 -6.16 -17.55 -3.83
C LYS B 55 -5.25 -18.76 -4.01
N SER B 56 -5.82 -19.84 -4.53
CA SER B 56 -5.06 -21.07 -4.76
C SER B 56 -5.94 -22.13 -5.41
N SER B 57 -7.15 -22.30 -4.89
CA SER B 57 -8.08 -23.29 -5.41
C SER B 57 -8.26 -23.13 -6.92
N GLU B 58 -8.13 -21.89 -7.38
CA GLU B 58 -8.27 -21.58 -8.81
C GLU B 58 -6.97 -21.03 -9.39
N PRO B 59 -6.03 -21.94 -9.69
CA PRO B 59 -4.72 -21.58 -10.25
C PRO B 59 -4.83 -21.07 -11.68
N SER B 60 -5.86 -21.51 -12.39
CA SER B 60 -6.08 -21.11 -13.77
C SER B 60 -4.93 -21.58 -14.65
N THR B 61 -4.37 -22.73 -14.32
CA THR B 61 -3.26 -23.29 -15.08
C THR B 61 -3.07 -24.77 -14.77
N LEU B 62 -3.10 -25.10 -13.47
CA LEU B 62 -2.93 -26.48 -13.04
C LEU B 62 -1.66 -27.08 -13.63
N SER B 63 -0.63 -26.26 -13.76
CA SER B 63 0.65 -26.71 -14.30
C SER B 63 0.52 -27.02 -15.80
N ASN B 64 -0.09 -28.16 -16.11
CA ASN B 64 -0.28 -28.56 -17.49
C ASN B 64 -1.63 -29.25 -17.68
N GLU B 65 -2.07 -29.34 -18.93
CA GLU B 65 -3.35 -29.97 -19.24
C GLU B 65 -3.13 -31.26 -20.02
N GLU B 66 -2.06 -31.31 -20.79
CA GLU B 66 -1.74 -32.50 -21.59
C GLU B 66 -1.56 -33.72 -20.69
N TYR B 67 -2.28 -34.79 -21.02
CA TYR B 67 -2.22 -36.02 -20.24
C TYR B 67 -1.40 -37.08 -20.98
N MET B 68 -0.85 -38.02 -20.22
CA MET B 68 -0.04 -39.09 -20.79
C MET B 68 -0.89 -40.01 -21.64
N GLY C 1 -3.13 15.53 0.79
CA GLY C 1 -2.20 15.67 -0.32
C GLY C 1 -2.90 15.96 -1.63
N HIS C 2 -4.00 16.70 -1.56
CA HIS C 2 -4.76 17.05 -2.75
C HIS C 2 -5.88 18.05 -2.42
N GLY C 3 -5.79 19.23 -3.00
CA GLY C 3 -6.79 20.25 -2.75
C GLY C 3 -6.26 21.40 -1.91
N THR C 4 -7.02 22.49 -1.85
CA THR C 4 -6.61 23.66 -1.08
C THR C 4 -6.38 23.30 0.38
N GLY C 5 -5.11 23.34 0.79
CA GLY C 5 -4.77 23.01 2.17
C GLY C 5 -3.56 22.12 2.27
N SER C 6 -3.10 21.87 3.49
CA SER C 6 -1.94 21.02 3.72
C SER C 6 -1.69 20.83 5.21
N PHE C 7 -1.29 19.63 5.60
CA PHE C 7 -1.02 19.31 6.99
C PHE C 7 0.43 18.87 7.17
N GLY C 8 1.12 19.52 8.11
CA GLY C 8 2.51 19.18 8.38
C GLY C 8 2.80 19.01 9.86
N ASP C 9 2.25 17.96 10.44
CA ASP C 9 2.45 17.69 11.86
C ASP C 9 2.06 16.25 12.21
N ARG C 10 2.62 15.72 13.28
CA ARG C 10 2.34 14.36 13.71
C ARG C 10 2.69 13.36 12.61
N PRO C 11 3.98 13.18 12.36
CA PRO C 11 4.48 12.26 11.33
C PRO C 11 4.26 10.80 11.71
N ALA C 12 3.05 10.30 11.46
CA ALA C 12 2.72 8.92 11.78
C ALA C 12 1.98 8.26 10.63
N ARG C 13 2.37 8.60 9.40
CA ARG C 13 1.75 8.04 8.22
C ARG C 13 2.80 7.48 7.26
N PRO C 14 2.38 6.54 6.40
CA PRO C 14 3.27 5.91 5.42
C PRO C 14 3.70 6.88 4.32
N THR C 15 4.38 6.35 3.30
CA THR C 15 4.85 7.16 2.19
C THR C 15 4.35 6.60 0.85
N LEU C 16 4.36 7.45 -0.17
CA LEU C 16 3.92 7.03 -1.50
C LEU C 16 4.69 5.81 -1.98
N LEU C 17 6.02 5.94 -2.02
CA LEU C 17 6.88 4.85 -2.46
C LEU C 17 6.59 3.57 -1.66
N GLU C 18 6.64 3.69 -0.34
CA GLU C 18 6.39 2.55 0.54
C GLU C 18 4.97 2.00 0.31
N GLN C 19 4.11 2.81 -0.28
CA GLN C 19 2.74 2.42 -0.55
C GLN C 19 2.67 1.42 -1.70
N VAL C 20 3.09 1.87 -2.88
CA VAL C 20 3.08 1.02 -4.07
C VAL C 20 3.87 -0.26 -3.83
N LEU C 21 5.00 -0.13 -3.14
CA LEU C 21 5.84 -1.28 -2.84
C LEU C 21 5.14 -2.24 -1.88
N ASN C 22 4.93 -1.80 -0.66
CA ASN C 22 4.26 -2.61 0.35
C ASN C 22 2.95 -3.18 -0.18
N GLN C 23 2.31 -2.43 -1.08
CA GLN C 23 1.04 -2.86 -1.66
C GLN C 23 1.23 -4.15 -2.46
N LYS C 24 2.08 -4.11 -3.47
CA LYS C 24 2.35 -5.27 -4.30
C LYS C 24 2.70 -6.49 -3.45
N ARG C 25 3.50 -6.26 -2.42
CA ARG C 25 3.92 -7.33 -1.52
C ARG C 25 2.70 -8.07 -0.96
N LEU C 26 1.80 -7.31 -0.33
CA LEU C 26 0.60 -7.89 0.25
C LEU C 26 -0.37 -8.35 -0.83
N SER C 27 -0.23 -7.78 -2.03
CA SER C 27 -1.09 -8.13 -3.15
C SER C 27 -0.93 -9.61 -3.51
N LEU C 28 0.32 -10.06 -3.59
CA LEU C 28 0.61 -11.45 -3.93
C LEU C 28 0.26 -11.73 -5.39
N LEU C 29 -1.03 -11.84 -5.67
CA LEU C 29 -1.49 -12.12 -7.03
C LEU C 29 -1.85 -10.82 -7.75
N ARG C 30 -1.25 -9.71 -7.31
CA ARG C 30 -1.51 -8.41 -7.92
C ARG C 30 -3.00 -8.10 -7.93
N SER C 31 -3.64 -8.30 -6.78
CA SER C 31 -5.07 -8.04 -6.66
C SER C 31 -5.33 -6.61 -6.19
N PRO C 32 -5.88 -5.79 -7.09
CA PRO C 32 -6.19 -4.38 -6.79
C PRO C 32 -7.35 -4.24 -5.81
N GLU C 33 -8.32 -5.14 -5.91
CA GLU C 33 -9.49 -5.11 -5.03
C GLU C 33 -9.08 -5.42 -3.60
N VAL C 34 -8.38 -6.52 -3.41
CA VAL C 34 -7.93 -6.94 -2.08
C VAL C 34 -7.03 -5.87 -1.45
N VAL C 35 -5.92 -5.57 -2.11
CA VAL C 35 -4.98 -4.57 -1.63
C VAL C 35 -5.69 -3.25 -1.31
N GLN C 36 -6.72 -2.95 -2.09
CA GLN C 36 -7.48 -1.72 -1.89
C GLN C 36 -8.12 -1.69 -0.50
N PHE C 37 -8.99 -2.67 -0.24
CA PHE C 37 -9.67 -2.75 1.05
C PHE C 37 -8.68 -3.07 2.17
N LEU C 38 -7.56 -3.70 1.81
CA LEU C 38 -6.54 -4.05 2.78
C LEU C 38 -5.86 -2.80 3.33
N GLN C 39 -5.13 -2.10 2.47
CA GLN C 39 -4.43 -0.89 2.88
C GLN C 39 -5.38 0.10 3.52
N LYS C 40 -6.48 0.39 2.84
CA LYS C 40 -7.48 1.32 3.35
C LYS C 40 -7.91 0.93 4.76
N GLN C 41 -8.15 -0.37 4.96
CA GLN C 41 -8.57 -0.87 6.27
C GLN C 41 -7.55 -0.53 7.34
N GLN C 42 -6.31 -0.97 7.13
CA GLN C 42 -5.23 -0.71 8.08
C GLN C 42 -5.14 0.78 8.42
N GLN C 43 -5.41 1.62 7.42
CA GLN C 43 -5.37 3.06 7.62
C GLN C 43 -6.41 3.52 8.63
N LEU C 44 -7.64 3.01 8.47
CA LEU C 44 -8.73 3.36 9.37
C LEU C 44 -8.44 2.90 10.79
N LEU C 45 -8.08 1.64 10.94
CA LEU C 45 -7.76 1.08 12.25
C LEU C 45 -6.57 1.80 12.87
N ASN C 46 -5.46 1.84 12.15
CA ASN C 46 -4.25 2.49 12.64
C ASN C 46 -4.55 3.92 13.09
N GLN C 47 -5.44 4.58 12.35
CA GLN C 47 -5.82 5.96 12.68
C GLN C 47 -6.72 6.00 13.91
N GLN C 48 -7.49 4.94 14.11
CA GLN C 48 -8.40 4.85 15.25
C GLN C 48 -7.62 4.76 16.56
N VAL C 49 -6.50 4.05 16.53
CA VAL C 49 -5.67 3.89 17.72
C VAL C 49 -4.73 5.09 17.90
N LEU C 50 -5.22 6.12 18.56
CA LEU C 50 -4.44 7.32 18.80
C LEU C 50 -4.83 7.98 20.12
N GLU C 51 -3.93 8.81 20.65
CA GLU C 51 -4.19 9.51 21.91
C GLU C 51 -5.53 10.24 21.86
N GLN C 52 -6.38 9.95 22.84
CA GLN C 52 -7.70 10.58 22.90
C GLN C 52 -7.77 11.55 24.08
N ARG C 53 -8.85 12.33 24.12
CA ARG C 53 -9.05 13.31 25.19
C ARG C 53 -10.51 13.40 25.59
N GLN C 54 -11.19 12.26 25.61
CA GLN C 54 -12.59 12.21 25.98
C GLN C 54 -12.78 12.46 27.47
N GLN C 55 -13.95 13.00 27.83
CA GLN C 55 -14.25 13.30 29.23
C GLN C 55 -13.26 14.32 29.79
N GLN C 56 -13.52 14.78 31.01
CA GLN C 56 -12.66 15.75 31.66
C GLN C 56 -12.44 15.38 33.12
N PHE C 57 -11.71 16.24 33.84
CA PHE C 57 -11.42 16.00 35.25
C PHE C 57 -12.33 16.85 36.14
N PRO C 58 -12.63 16.32 37.34
CA PRO C 58 -13.49 17.01 38.31
C PRO C 58 -12.83 18.24 38.90
N GLY C 59 -13.60 19.01 39.66
CA GLY C 59 -13.07 20.22 40.27
C GLY C 59 -12.96 20.09 41.78
N THR C 60 -13.96 19.48 42.39
CA THR C 60 -13.96 19.30 43.84
C THR C 60 -13.79 17.83 44.22
N SER C 61 -13.80 17.54 45.51
CA SER C 61 -13.65 16.18 46.00
C SER C 61 -15.00 15.50 46.18
N MET C 62 -14.99 14.19 46.35
CA MET C 62 -16.22 13.43 46.53
C MET C 62 -17.19 13.68 45.39
N GLY A 1 -11.63 21.19 -23.31
CA GLY A 1 -12.56 20.26 -23.91
C GLY A 1 -13.93 20.30 -23.28
N ALA A 2 -14.42 19.15 -22.82
CA ALA A 2 -15.73 19.07 -22.19
C ALA A 2 -15.87 17.78 -21.37
N GLY A 3 -16.89 17.72 -20.53
CA GLY A 3 -17.12 16.55 -19.71
C GLY A 3 -18.58 16.20 -19.59
N GLU A 4 -18.90 15.31 -18.65
CA GLU A 4 -20.28 14.89 -18.45
C GLU A 4 -20.66 14.98 -16.97
N PRO A 5 -21.94 15.24 -16.70
CA PRO A 5 -22.45 15.36 -15.33
C PRO A 5 -22.49 14.01 -14.60
N THR A 6 -21.59 13.85 -13.64
CA THR A 6 -21.51 12.61 -12.87
C THR A 6 -20.45 12.70 -11.78
N THR A 7 -20.74 12.11 -10.62
CA THR A 7 -19.81 12.14 -9.51
C THR A 7 -18.97 10.86 -9.46
N LEU A 8 -17.94 10.86 -8.63
CA LEU A 8 -17.07 9.69 -8.50
C LEU A 8 -17.77 8.57 -7.75
N LEU A 9 -18.35 8.90 -6.59
CA LEU A 9 -19.05 7.91 -5.79
C LEU A 9 -20.21 7.30 -6.56
N GLN A 10 -20.82 8.09 -7.44
CA GLN A 10 -21.94 7.63 -8.25
C GLN A 10 -21.46 6.68 -9.34
N ARG A 11 -20.58 7.16 -10.19
CA ARG A 11 -20.04 6.36 -11.29
C ARG A 11 -19.50 5.03 -10.76
N LEU A 12 -19.01 5.04 -9.52
CA LEU A 12 -18.46 3.84 -8.91
C LEU A 12 -19.56 2.99 -8.29
N ARG A 13 -20.48 3.64 -7.57
CA ARG A 13 -21.59 2.95 -6.93
C ARG A 13 -22.32 2.06 -7.92
N GLY A 14 -22.33 2.49 -9.18
CA GLY A 14 -23.01 1.72 -10.22
C GLY A 14 -22.13 0.63 -10.80
N THR A 15 -20.83 0.87 -10.82
CA THR A 15 -19.88 -0.09 -11.36
C THR A 15 -18.45 0.44 -11.31
N ILE A 16 -17.49 -0.47 -11.25
CA ILE A 16 -16.08 -0.09 -11.19
C ILE A 16 -15.68 0.76 -12.40
N SER A 17 -14.71 1.64 -12.21
CA SER A 17 -14.24 2.51 -13.29
C SER A 17 -13.05 1.89 -14.00
N LYS A 18 -13.13 1.81 -15.32
CA LYS A 18 -12.05 1.25 -16.12
C LYS A 18 -10.73 1.95 -15.84
N ALA A 19 -10.80 3.26 -15.64
CA ALA A 19 -9.62 4.05 -15.36
C ALA A 19 -8.98 3.65 -14.03
N VAL A 20 -9.83 3.41 -13.03
CA VAL A 20 -9.35 3.01 -11.71
C VAL A 20 -8.56 1.70 -11.78
N GLN A 21 -9.16 0.69 -12.39
CA GLN A 21 -8.52 -0.61 -12.53
C GLN A 21 -7.33 -0.53 -13.47
N ASN A 22 -7.54 0.04 -14.65
CA ASN A 22 -6.49 0.17 -15.64
C ASN A 22 -5.28 0.89 -15.05
N LYS A 23 -5.52 2.01 -14.38
CA LYS A 23 -4.46 2.79 -13.76
C LYS A 23 -3.65 1.92 -12.80
N VAL A 24 -4.32 1.32 -11.84
CA VAL A 24 -3.67 0.46 -10.86
C VAL A 24 -2.86 -0.63 -11.53
N GLU A 25 -3.50 -1.35 -12.46
CA GLU A 25 -2.84 -2.43 -13.18
C GLU A 25 -1.62 -1.91 -13.93
N GLY A 26 -1.74 -0.72 -14.50
CA GLY A 26 -0.64 -0.13 -15.25
C GLY A 26 0.62 -0.01 -14.41
N ILE A 27 0.50 0.64 -13.26
CA ILE A 27 1.63 0.83 -12.36
C ILE A 27 2.20 -0.51 -11.91
N LEU A 28 1.32 -1.43 -11.55
CA LEU A 28 1.74 -2.75 -11.10
C LEU A 28 2.70 -3.39 -12.09
N GLN A 29 2.39 -3.25 -13.37
CA GLN A 29 3.23 -3.82 -14.42
C GLN A 29 4.53 -3.04 -14.56
N ASP A 30 4.46 -1.73 -14.35
CA ASP A 30 5.64 -0.88 -14.44
C ASP A 30 6.75 -1.39 -13.54
N VAL A 31 6.44 -1.57 -12.26
CA VAL A 31 7.42 -2.06 -11.29
C VAL A 31 7.79 -3.50 -11.57
N GLN A 32 6.79 -4.31 -11.90
CA GLN A 32 7.00 -5.73 -12.18
C GLN A 32 7.96 -5.90 -13.36
N LYS A 33 8.08 -4.86 -14.17
CA LYS A 33 8.96 -4.89 -15.34
C LYS A 33 10.36 -5.35 -14.94
N PHE A 34 10.82 -4.90 -13.78
CA PHE A 34 12.14 -5.26 -13.28
C PHE A 34 12.04 -6.03 -11.97
N SER A 35 13.19 -6.46 -11.46
CA SER A 35 13.23 -7.22 -10.21
C SER A 35 12.48 -6.49 -9.10
N ASP A 36 11.27 -6.96 -8.80
CA ASP A 36 10.46 -6.34 -7.77
C ASP A 36 11.14 -6.42 -6.41
N ASN A 37 11.96 -7.46 -6.23
CA ASN A 37 12.68 -7.66 -4.98
C ASN A 37 13.86 -6.70 -4.87
N ASP A 38 14.78 -6.80 -5.81
CA ASP A 38 15.96 -5.94 -5.82
C ASP A 38 15.57 -4.47 -5.71
N LYS A 39 14.60 -4.06 -6.53
CA LYS A 39 14.13 -2.68 -6.52
C LYS A 39 13.48 -2.34 -5.19
N LEU A 40 12.67 -3.25 -4.68
CA LEU A 40 11.98 -3.04 -3.40
C LEU A 40 12.98 -2.64 -2.31
N TYR A 41 14.16 -3.25 -2.34
CA TYR A 41 15.19 -2.96 -1.36
C TYR A 41 15.77 -1.56 -1.57
N LEU A 42 16.25 -1.31 -2.79
CA LEU A 42 16.83 -0.01 -3.12
C LEU A 42 15.83 1.11 -2.87
N TYR A 43 14.56 0.84 -3.11
CA TYR A 43 13.52 1.83 -2.90
C TYR A 43 13.29 2.07 -1.40
N LEU A 44 12.76 1.06 -0.72
CA LEU A 44 12.49 1.15 0.71
C LEU A 44 13.72 1.64 1.46
N GLN A 45 14.89 1.32 0.94
CA GLN A 45 16.16 1.72 1.56
C GLN A 45 16.19 3.24 1.78
N LEU A 46 15.48 3.96 0.92
CA LEU A 46 15.44 5.42 1.03
C LEU A 46 15.02 5.86 2.42
N PRO A 47 15.46 7.06 2.82
CA PRO A 47 15.14 7.62 4.14
C PRO A 47 13.67 8.00 4.27
N SER A 48 12.86 7.05 4.71
CA SER A 48 11.43 7.28 4.88
C SER A 48 11.17 8.45 5.80
N GLY A 49 12.12 8.69 6.72
CA GLY A 49 11.98 9.79 7.66
C GLY A 49 11.69 11.11 6.97
N PRO A 50 11.41 12.15 7.77
CA PRO A 50 11.11 13.49 7.25
C PRO A 50 12.33 14.16 6.64
N THR A 51 12.28 14.43 5.35
CA THR A 51 13.39 15.07 4.65
C THR A 51 12.88 15.93 3.49
N THR A 52 11.66 16.45 3.64
CA THR A 52 11.07 17.29 2.61
C THR A 52 11.81 18.62 2.47
N GLY A 53 11.96 19.32 3.60
CA GLY A 53 12.66 20.59 3.58
C GLY A 53 14.07 20.48 3.04
N ASP A 54 14.72 19.35 3.31
CA ASP A 54 16.07 19.12 2.83
C ASP A 54 16.10 18.98 1.32
N LYS A 55 15.40 17.97 0.81
CA LYS A 55 15.35 17.73 -0.63
C LYS A 55 14.88 18.96 -1.38
N SER A 56 13.97 19.71 -0.76
CA SER A 56 13.44 20.93 -1.38
C SER A 56 14.49 22.04 -1.38
N SER A 57 15.23 22.15 -0.29
CA SER A 57 16.26 23.17 -0.17
C SER A 57 17.63 22.60 -0.54
N GLU A 58 17.66 21.76 -1.56
CA GLU A 58 18.90 21.15 -2.01
C GLU A 58 18.75 20.56 -3.42
N PRO A 59 18.38 21.43 -4.38
CA PRO A 59 18.19 21.03 -5.77
C PRO A 59 19.50 20.68 -6.46
N SER A 60 19.93 19.42 -6.30
CA SER A 60 21.17 18.96 -6.91
C SER A 60 20.89 17.99 -8.05
N THR A 61 20.05 17.00 -7.79
CA THR A 61 19.69 16.01 -8.80
C THR A 61 20.92 15.24 -9.27
N LEU A 62 21.38 14.30 -8.45
CA LEU A 62 22.55 13.50 -8.78
C LEU A 62 22.31 12.69 -10.05
N SER A 63 21.22 11.94 -10.07
CA SER A 63 20.87 11.11 -11.22
C SER A 63 21.95 10.06 -11.48
N ASN A 64 21.79 9.32 -12.58
CA ASN A 64 22.75 8.28 -12.94
C ASN A 64 22.55 7.83 -14.38
N GLU A 65 22.25 8.78 -15.25
CA GLU A 65 22.02 8.48 -16.66
C GLU A 65 23.14 9.07 -17.54
N GLU A 66 23.90 8.19 -18.19
CA GLU A 66 24.99 8.61 -19.04
C GLU A 66 25.58 7.43 -19.81
N TYR A 67 24.70 6.61 -20.37
CA TYR A 67 25.13 5.44 -21.14
C TYR A 67 24.03 4.98 -22.09
N MET A 68 24.07 5.50 -23.32
CA MET A 68 23.08 5.15 -24.33
C MET A 68 21.68 5.54 -23.88
N GLY B 1 20.65 -7.23 -24.08
CA GLY B 1 21.58 -6.76 -25.09
C GLY B 1 21.79 -5.26 -25.02
N ALA B 2 22.72 -4.75 -25.85
CA ALA B 2 23.01 -3.32 -25.88
C ALA B 2 21.92 -2.56 -26.63
N GLY B 3 21.58 -1.38 -26.12
CA GLY B 3 20.56 -0.56 -26.76
C GLY B 3 19.74 0.22 -25.76
N GLU B 4 19.27 -0.46 -24.72
CA GLU B 4 18.46 0.19 -23.69
C GLU B 4 19.26 1.29 -22.99
N PRO B 5 18.55 2.38 -22.61
CA PRO B 5 19.16 3.52 -21.94
C PRO B 5 19.60 3.19 -20.52
N THR B 6 20.88 2.82 -20.38
CA THR B 6 21.43 2.48 -19.07
C THR B 6 20.56 1.45 -18.36
N THR B 7 19.80 0.68 -19.15
CA THR B 7 18.93 -0.36 -18.60
C THR B 7 17.91 0.25 -17.63
N LEU B 8 16.94 -0.57 -17.23
CA LEU B 8 15.91 -0.13 -16.30
C LEU B 8 16.40 -0.20 -14.87
N LEU B 9 17.20 -1.22 -14.56
CA LEU B 9 17.73 -1.40 -13.22
C LEU B 9 18.55 -0.20 -12.79
N GLN B 10 19.34 0.34 -13.72
CA GLN B 10 20.18 1.49 -13.44
C GLN B 10 19.39 2.79 -13.59
N ARG B 11 18.53 2.84 -14.60
CA ARG B 11 17.72 4.02 -14.86
C ARG B 11 16.96 4.45 -13.60
N LEU B 12 16.51 3.47 -12.83
CA LEU B 12 15.77 3.74 -11.61
C LEU B 12 16.72 3.81 -10.41
N ARG B 13 17.69 2.91 -10.38
CA ARG B 13 18.67 2.87 -9.29
C ARG B 13 19.30 4.24 -9.08
N GLY B 14 19.40 5.02 -10.16
CA GLY B 14 19.99 6.34 -10.08
C GLY B 14 19.07 7.34 -9.41
N THR B 15 17.77 7.17 -9.60
CA THR B 15 16.78 8.07 -9.02
C THR B 15 15.36 7.65 -9.40
N ILE B 16 14.46 7.64 -8.43
CA ILE B 16 13.08 7.27 -8.68
C ILE B 16 12.49 8.06 -9.83
N SER B 17 11.63 7.41 -10.62
CA SER B 17 10.99 8.06 -11.76
C SER B 17 9.84 8.95 -11.31
N LYS B 18 9.86 10.20 -11.77
CA LYS B 18 8.80 11.15 -11.41
C LYS B 18 7.42 10.57 -11.70
N ALA B 19 7.28 9.91 -12.85
CA ALA B 19 6.02 9.31 -13.23
C ALA B 19 5.57 8.26 -12.22
N VAL B 20 6.53 7.46 -11.75
CA VAL B 20 6.23 6.42 -10.77
C VAL B 20 5.65 7.01 -9.49
N GLN B 21 6.41 7.89 -8.85
CA GLN B 21 5.98 8.52 -7.61
C GLN B 21 4.62 9.19 -7.80
N ASN B 22 4.52 10.05 -8.82
CA ASN B 22 3.28 10.76 -9.11
C ASN B 22 2.11 9.78 -9.25
N LYS B 23 2.28 8.79 -10.11
CA LYS B 23 1.25 7.78 -10.34
C LYS B 23 0.80 7.17 -9.01
N VAL B 24 1.76 6.83 -8.16
CA VAL B 24 1.46 6.24 -6.86
C VAL B 24 0.47 7.09 -6.09
N GLU B 25 0.78 8.37 -5.94
CA GLU B 25 -0.08 9.29 -5.21
C GLU B 25 -1.50 9.28 -5.80
N GLY B 26 -1.58 9.21 -7.12
CA GLY B 26 -2.87 9.19 -7.78
C GLY B 26 -3.75 8.04 -7.32
N ILE B 27 -3.19 6.84 -7.33
CA ILE B 27 -3.93 5.65 -6.92
C ILE B 27 -4.42 5.80 -5.48
N LEU B 28 -3.54 6.22 -4.59
CA LEU B 28 -3.88 6.40 -3.18
C LEU B 28 -5.14 7.25 -3.04
N GLN B 29 -5.18 8.37 -3.75
CA GLN B 29 -6.32 9.27 -3.71
C GLN B 29 -7.50 8.70 -4.51
N ASP B 30 -7.19 7.84 -5.47
CA ASP B 30 -8.21 7.23 -6.31
C ASP B 30 -9.21 6.44 -5.46
N VAL B 31 -8.69 5.52 -4.65
CA VAL B 31 -9.52 4.70 -3.79
C VAL B 31 -9.98 5.48 -2.57
N GLN B 32 -9.06 6.21 -1.96
CA GLN B 32 -9.36 7.00 -0.77
C GLN B 32 -10.43 8.05 -1.08
N LYS B 33 -10.53 8.43 -2.34
CA LYS B 33 -11.51 9.42 -2.77
C LYS B 33 -12.90 9.05 -2.29
N PHE B 34 -13.20 7.76 -2.25
CA PHE B 34 -14.49 7.28 -1.80
C PHE B 34 -14.35 6.31 -0.64
N SER B 35 -15.37 6.24 0.20
CA SER B 35 -15.36 5.35 1.35
C SER B 35 -15.00 3.92 0.94
N ASP B 36 -14.45 3.15 1.88
CA ASP B 36 -14.06 1.78 1.61
C ASP B 36 -15.18 0.82 2.01
N ASN B 37 -15.82 1.10 3.14
CA ASN B 37 -16.91 0.25 3.62
C ASN B 37 -18.05 0.20 2.61
N ASP B 38 -18.58 1.37 2.26
CA ASP B 38 -19.68 1.46 1.31
C ASP B 38 -19.34 0.71 0.02
N LYS B 39 -18.13 0.95 -0.49
CA LYS B 39 -17.68 0.29 -1.72
C LYS B 39 -17.51 -1.20 -1.51
N LEU B 40 -17.20 -1.59 -0.28
CA LEU B 40 -17.00 -2.99 0.06
C LEU B 40 -18.29 -3.79 -0.17
N TYR B 41 -19.37 -3.35 0.45
CA TYR B 41 -20.66 -4.02 0.32
C TYR B 41 -21.17 -3.93 -1.11
N LEU B 42 -20.90 -2.80 -1.76
CA LEU B 42 -21.34 -2.58 -3.14
C LEU B 42 -20.60 -3.50 -4.09
N TYR B 43 -19.30 -3.68 -3.86
CA TYR B 43 -18.48 -4.54 -4.70
C TYR B 43 -18.97 -5.98 -4.64
N LEU B 44 -19.11 -6.51 -3.44
CA LEU B 44 -19.57 -7.88 -3.25
C LEU B 44 -20.96 -8.08 -3.87
N GLN B 45 -21.80 -7.05 -3.77
CA GLN B 45 -23.15 -7.11 -4.32
C GLN B 45 -23.11 -7.37 -5.82
N LEU B 46 -22.02 -6.98 -6.46
CA LEU B 46 -21.85 -7.18 -7.90
C LEU B 46 -22.11 -8.63 -8.28
N PRO B 47 -22.54 -8.84 -9.53
CA PRO B 47 -22.83 -10.18 -10.05
C PRO B 47 -21.56 -11.02 -10.24
N SER B 48 -21.71 -12.33 -10.13
CA SER B 48 -20.58 -13.25 -10.28
C SER B 48 -19.54 -13.00 -9.19
N GLY B 49 -18.67 -13.99 -8.98
CA GLY B 49 -17.64 -13.87 -7.97
C GLY B 49 -17.59 -15.06 -7.03
N PRO B 50 -17.11 -16.20 -7.54
CA PRO B 50 -17.00 -17.43 -6.77
C PRO B 50 -15.93 -17.35 -5.68
N THR B 51 -15.74 -18.45 -4.96
CA THR B 51 -14.74 -18.49 -3.90
C THR B 51 -14.39 -19.93 -3.53
N THR B 52 -14.51 -20.84 -4.52
CA THR B 52 -14.21 -22.24 -4.30
C THR B 52 -14.92 -22.78 -3.06
N GLY B 53 -16.14 -22.32 -2.84
CA GLY B 53 -16.90 -22.76 -1.68
C GLY B 53 -16.19 -22.48 -0.38
N ASP B 54 -16.13 -21.20 0.00
CA ASP B 54 -15.47 -20.80 1.23
C ASP B 54 -14.06 -21.36 1.30
N LYS B 55 -13.27 -21.11 0.26
CA LYS B 55 -11.89 -21.59 0.21
C LYS B 55 -11.84 -23.09 0.48
N SER B 56 -12.82 -23.82 -0.05
CA SER B 56 -12.87 -25.27 0.14
C SER B 56 -13.03 -25.63 1.61
N SER B 57 -14.23 -25.38 2.14
CA SER B 57 -14.52 -25.67 3.54
C SER B 57 -15.04 -27.11 3.70
N GLU B 58 -14.33 -28.06 3.10
CA GLU B 58 -14.73 -29.46 3.19
C GLU B 58 -14.83 -29.91 4.64
N PRO B 59 -15.81 -30.79 4.91
CA PRO B 59 -16.04 -31.32 6.26
C PRO B 59 -14.93 -32.27 6.70
N SER B 60 -15.15 -32.93 7.84
CA SER B 60 -14.16 -33.87 8.37
C SER B 60 -14.84 -35.10 8.94
N THR B 61 -15.47 -34.94 10.11
CA THR B 61 -16.16 -36.05 10.76
C THR B 61 -15.18 -37.14 11.18
N LEU B 62 -14.63 -37.00 12.38
CA LEU B 62 -13.68 -37.99 12.90
C LEU B 62 -13.59 -37.91 14.42
N SER B 63 -14.52 -38.56 15.10
CA SER B 63 -14.55 -38.57 16.56
C SER B 63 -15.17 -39.87 17.08
N ASN B 64 -15.14 -40.04 18.40
CA ASN B 64 -15.70 -41.23 19.03
C ASN B 64 -16.40 -40.87 20.34
N GLU B 65 -16.96 -41.88 21.00
CA GLU B 65 -17.65 -41.67 22.27
C GLU B 65 -17.48 -42.88 23.18
N GLU B 66 -18.06 -42.80 24.37
CA GLU B 66 -17.97 -43.88 25.33
C GLU B 66 -19.12 -43.80 26.34
N TYR B 67 -19.49 -44.96 26.91
CA TYR B 67 -20.57 -45.02 27.88
C TYR B 67 -20.14 -45.80 29.12
N MET B 68 -19.99 -47.11 28.96
CA MET B 68 -19.59 -47.98 30.06
C MET B 68 -18.07 -48.16 30.08
N GLY C 1 1.56 -12.33 33.75
CA GLY C 1 1.03 -11.91 35.04
C GLY C 1 0.51 -10.49 35.02
N HIS C 2 -0.75 -10.32 34.61
CA HIS C 2 -1.36 -9.01 34.55
C HIS C 2 -0.53 -8.05 33.69
N GLY C 3 -0.72 -8.13 32.38
CA GLY C 3 0.02 -7.27 31.47
C GLY C 3 -0.67 -7.12 30.13
N THR C 4 -1.72 -6.31 30.10
CA THR C 4 -2.48 -6.09 28.87
C THR C 4 -2.88 -4.62 28.74
N GLY C 5 -2.02 -3.73 29.23
CA GLY C 5 -2.31 -2.30 29.15
C GLY C 5 -1.05 -1.46 29.14
N SER C 6 -0.96 -0.56 28.18
CA SER C 6 0.20 0.32 28.05
C SER C 6 -0.18 1.65 27.41
N PHE C 7 -1.00 1.58 26.36
CA PHE C 7 -1.42 2.77 25.65
C PHE C 7 -0.24 3.52 25.06
N GLY C 8 0.34 2.96 24.00
CA GLY C 8 1.48 3.58 23.36
C GLY C 8 1.12 4.89 22.68
N ASP C 9 2.12 5.73 22.44
CA ASP C 9 1.90 7.02 21.79
C ASP C 9 3.00 7.31 20.77
N ARG C 10 2.71 7.04 19.51
CA ARG C 10 3.68 7.28 18.44
C ARG C 10 2.98 7.27 17.08
N PRO C 11 2.28 8.38 16.77
CA PRO C 11 1.56 8.53 15.50
C PRO C 11 2.51 8.68 14.32
N ALA C 12 2.24 7.93 13.25
CA ALA C 12 3.08 7.98 12.05
C ALA C 12 2.36 7.33 10.86
N ARG C 13 2.26 8.07 9.76
CA ARG C 13 1.61 7.55 8.57
C ARG C 13 2.63 7.21 7.50
N PRO C 14 2.28 6.24 6.63
CA PRO C 14 3.15 5.78 5.55
C PRO C 14 3.32 6.83 4.46
N THR C 15 4.15 6.53 3.46
CA THR C 15 4.39 7.44 2.36
C THR C 15 3.93 6.83 1.03
N LEU C 16 3.81 7.68 0.02
CA LEU C 16 3.38 7.23 -1.31
C LEU C 16 4.28 6.10 -1.81
N LEU C 17 5.58 6.37 -1.84
CA LEU C 17 6.55 5.38 -2.30
C LEU C 17 6.45 4.09 -1.49
N GLU C 18 6.49 4.23 -0.17
CA GLU C 18 6.39 3.08 0.72
C GLU C 18 5.05 2.37 0.56
N GLN C 19 4.10 3.06 -0.05
CA GLN C 19 2.77 2.50 -0.27
C GLN C 19 2.78 1.50 -1.42
N VAL C 20 3.13 1.98 -2.61
CA VAL C 20 3.19 1.14 -3.79
C VAL C 20 4.10 -0.07 -3.57
N LEU C 21 5.21 0.17 -2.87
CA LEU C 21 6.17 -0.90 -2.59
C LEU C 21 5.58 -1.90 -1.60
N ASN C 22 5.33 -1.44 -0.38
CA ASN C 22 4.78 -2.31 0.66
C ASN C 22 3.54 -3.04 0.16
N GLN C 23 2.70 -2.32 -0.59
CA GLN C 23 1.48 -2.90 -1.14
C GLN C 23 1.78 -4.13 -1.99
N LYS C 24 2.66 -3.94 -2.98
CA LYS C 24 3.05 -5.03 -3.87
C LYS C 24 3.51 -6.25 -3.07
N ARG C 25 4.26 -5.99 -2.00
CA ARG C 25 4.77 -7.07 -1.15
C ARG C 25 3.63 -7.93 -0.63
N LEU C 26 2.67 -7.31 0.05
CA LEU C 26 1.53 -8.02 0.60
C LEU C 26 0.62 -8.53 -0.51
N SER C 27 0.71 -7.91 -1.68
CA SER C 27 -0.11 -8.29 -2.83
C SER C 27 0.17 -9.74 -3.22
N LEU C 28 1.41 -10.02 -3.59
CA LEU C 28 1.80 -11.37 -3.99
C LEU C 28 1.24 -11.71 -5.37
N LEU C 29 -0.08 -11.84 -5.44
CA LEU C 29 -0.75 -12.16 -6.70
C LEU C 29 -1.18 -10.89 -7.43
N ARG C 30 -0.60 -9.77 -7.04
CA ARG C 30 -0.92 -8.48 -7.66
C ARG C 30 -2.42 -8.22 -7.59
N SER C 31 -2.99 -8.34 -6.41
CA SER C 31 -4.42 -8.12 -6.21
C SER C 31 -4.68 -6.76 -5.58
N PRO C 32 -5.09 -5.79 -6.41
CA PRO C 32 -5.39 -4.43 -5.97
C PRO C 32 -6.64 -4.35 -5.10
N GLU C 33 -7.54 -5.32 -5.29
CA GLU C 33 -8.78 -5.36 -4.53
C GLU C 33 -8.51 -5.66 -3.06
N VAL C 34 -7.60 -6.60 -2.80
CA VAL C 34 -7.25 -6.98 -1.45
C VAL C 34 -6.24 -6.00 -0.85
N VAL C 35 -5.16 -5.76 -1.57
CA VAL C 35 -4.13 -4.84 -1.11
C VAL C 35 -4.72 -3.50 -0.70
N GLN C 36 -5.73 -3.06 -1.44
CA GLN C 36 -6.39 -1.79 -1.16
C GLN C 36 -7.34 -1.92 0.02
N PHE C 37 -8.29 -2.84 -0.10
CA PHE C 37 -9.27 -3.07 0.96
C PHE C 37 -8.58 -3.30 2.30
N LEU C 38 -7.37 -3.84 2.26
CA LEU C 38 -6.60 -4.11 3.48
C LEU C 38 -5.95 -2.82 3.99
N GLN C 39 -5.21 -2.15 3.11
CA GLN C 39 -4.54 -0.90 3.48
C GLN C 39 -5.54 0.13 3.98
N LYS C 40 -6.73 0.12 3.41
CA LYS C 40 -7.78 1.06 3.79
C LYS C 40 -8.34 0.71 5.16
N GLN C 41 -8.83 -0.52 5.30
CA GLN C 41 -9.40 -0.98 6.56
C GLN C 41 -8.38 -0.85 7.70
N GLN C 42 -7.14 -1.20 7.40
CA GLN C 42 -6.07 -1.14 8.39
C GLN C 42 -5.81 0.31 8.82
N GLN C 43 -5.74 1.20 7.84
CA GLN C 43 -5.50 2.62 8.11
C GLN C 43 -6.50 3.15 9.12
N LEU C 44 -7.78 2.87 8.88
CA LEU C 44 -8.84 3.32 9.77
C LEU C 44 -8.63 2.79 11.19
N LEU C 45 -8.55 1.47 11.31
CA LEU C 45 -8.35 0.84 12.61
C LEU C 45 -7.11 1.39 13.30
N ASN C 46 -6.07 1.64 12.52
CA ASN C 46 -4.82 2.17 13.06
C ASN C 46 -5.04 3.54 13.69
N GLN C 47 -5.87 4.36 13.05
CA GLN C 47 -6.16 5.70 13.54
C GLN C 47 -6.93 5.63 14.87
N GLN C 48 -7.85 4.67 14.96
CA GLN C 48 -8.65 4.51 16.17
C GLN C 48 -7.76 4.18 17.37
N VAL C 49 -6.97 3.12 17.23
CA VAL C 49 -6.07 2.71 18.31
C VAL C 49 -4.70 2.34 17.76
N LEU C 50 -3.67 2.48 18.60
CA LEU C 50 -2.31 2.17 18.20
C LEU C 50 -1.89 0.80 18.72
N GLU C 51 -0.66 0.41 18.43
CA GLU C 51 -0.14 -0.87 18.88
C GLU C 51 0.89 -0.69 19.99
N GLN C 52 1.56 -1.78 20.36
CA GLN C 52 2.57 -1.73 21.41
C GLN C 52 3.98 -1.68 20.82
N ARG C 53 4.78 -0.73 21.32
CA ARG C 53 6.15 -0.57 20.83
C ARG C 53 6.88 0.49 21.65
N GLN C 54 8.13 0.19 21.99
CA GLN C 54 8.95 1.11 22.78
C GLN C 54 10.39 1.15 22.26
N GLN C 55 10.54 0.93 20.96
CA GLN C 55 11.86 0.93 20.35
C GLN C 55 11.80 1.53 18.95
N GLN C 56 12.73 2.42 18.64
CA GLN C 56 12.79 3.06 17.34
C GLN C 56 14.06 2.69 16.60
N PHE C 57 13.92 2.11 15.42
CA PHE C 57 15.06 1.70 14.61
C PHE C 57 15.89 2.92 14.19
N PRO C 58 17.18 2.67 13.91
CA PRO C 58 18.10 3.74 13.49
C PRO C 58 17.79 4.26 12.10
N GLY C 59 18.35 5.43 11.77
CA GLY C 59 18.11 6.01 10.46
C GLY C 59 19.27 6.86 9.99
N THR C 60 19.01 7.75 9.05
CA THR C 60 20.04 8.63 8.51
C THR C 60 20.13 9.93 9.30
N SER C 61 21.03 10.82 8.89
CA SER C 61 21.21 12.10 9.57
C SER C 61 21.15 13.25 8.56
N MET C 62 20.96 14.46 9.08
CA MET C 62 20.89 15.65 8.24
C MET C 62 19.70 15.55 7.27
N GLY A 1 -15.13 15.69 -22.22
CA GLY A 1 -15.99 16.47 -21.34
C GLY A 1 -17.37 16.70 -21.92
N ALA A 2 -18.34 15.91 -21.47
CA ALA A 2 -19.71 16.03 -21.96
C ALA A 2 -20.68 16.24 -20.80
N GLY A 3 -20.21 16.88 -19.74
CA GLY A 3 -21.05 17.13 -18.59
C GLY A 3 -20.83 16.12 -17.48
N GLU A 4 -21.57 16.27 -16.38
CA GLU A 4 -21.46 15.36 -15.26
C GLU A 4 -22.84 14.95 -14.74
N PRO A 5 -23.52 14.08 -15.50
CA PRO A 5 -24.86 13.60 -15.14
C PRO A 5 -24.83 12.68 -13.92
N THR A 6 -23.71 12.00 -13.71
CA THR A 6 -23.56 11.09 -12.59
C THR A 6 -22.30 11.42 -11.78
N THR A 7 -22.32 11.08 -10.50
CA THR A 7 -21.19 11.34 -9.62
C THR A 7 -20.22 10.16 -9.63
N LEU A 8 -19.05 10.37 -9.01
CA LEU A 8 -18.03 9.32 -8.95
C LEU A 8 -18.52 8.13 -8.14
N LEU A 9 -18.99 8.40 -6.93
CA LEU A 9 -19.50 7.35 -6.06
C LEU A 9 -20.66 6.61 -6.70
N GLN A 10 -21.57 7.37 -7.29
CA GLN A 10 -22.74 6.79 -7.95
C GLN A 10 -22.33 5.95 -9.15
N ARG A 11 -21.58 6.56 -10.06
CA ARG A 11 -21.11 5.87 -11.26
C ARG A 11 -20.42 4.56 -10.90
N LEU A 12 -19.74 4.55 -9.75
CA LEU A 12 -19.03 3.37 -9.28
C LEU A 12 -19.99 2.38 -8.63
N ARG A 13 -20.93 2.91 -7.85
CA ARG A 13 -21.91 2.07 -7.16
C ARG A 13 -22.59 1.13 -8.13
N GLY A 14 -22.94 1.64 -9.31
CA GLY A 14 -23.61 0.82 -10.31
C GLY A 14 -22.68 -0.19 -10.94
N THR A 15 -21.39 0.14 -11.00
CA THR A 15 -20.39 -0.75 -11.58
C THR A 15 -19.01 -0.12 -11.54
N ILE A 16 -17.98 -0.96 -11.40
CA ILE A 16 -16.61 -0.48 -11.36
C ILE A 16 -16.24 0.29 -12.62
N SER A 17 -15.34 1.25 -12.48
CA SER A 17 -14.91 2.07 -13.61
C SER A 17 -13.64 1.49 -14.23
N LYS A 18 -13.69 1.25 -15.54
CA LYS A 18 -12.54 0.71 -16.26
C LYS A 18 -11.29 1.54 -16.00
N ALA A 19 -11.47 2.85 -15.87
CA ALA A 19 -10.36 3.76 -15.62
C ALA A 19 -9.74 3.50 -14.24
N VAL A 20 -10.60 3.30 -13.25
CA VAL A 20 -10.14 3.03 -11.90
C VAL A 20 -9.26 1.79 -11.83
N GLN A 21 -9.74 0.70 -12.43
CA GLN A 21 -8.99 -0.55 -12.44
C GLN A 21 -7.78 -0.45 -13.35
N ASN A 22 -8.00 0.01 -14.59
CA ASN A 22 -6.92 0.16 -15.56
C ASN A 22 -5.80 1.03 -14.99
N LYS A 23 -6.17 2.02 -14.19
CA LYS A 23 -5.20 2.92 -13.58
C LYS A 23 -4.37 2.21 -12.52
N VAL A 24 -5.02 1.83 -11.43
CA VAL A 24 -4.34 1.13 -10.34
C VAL A 24 -3.57 -0.07 -10.87
N GLU A 25 -4.12 -0.73 -11.89
CA GLU A 25 -3.49 -1.90 -12.48
C GLU A 25 -2.24 -1.50 -13.27
N GLY A 26 -2.30 -0.33 -13.90
CA GLY A 26 -1.18 0.15 -14.68
C GLY A 26 0.05 0.42 -13.84
N ILE A 27 -0.13 1.19 -12.78
CA ILE A 27 0.97 1.54 -11.88
C ILE A 27 1.51 0.29 -11.18
N LEU A 28 0.60 -0.54 -10.68
CA LEU A 28 0.98 -1.76 -9.99
C LEU A 28 1.95 -2.59 -10.83
N GLN A 29 1.58 -2.83 -12.08
CA GLN A 29 2.42 -3.60 -12.99
C GLN A 29 3.62 -2.78 -13.45
N ASP A 30 3.43 -1.47 -13.55
CA ASP A 30 4.49 -0.58 -13.98
C ASP A 30 5.76 -0.80 -13.17
N VAL A 31 5.60 -0.88 -11.85
CA VAL A 31 6.73 -1.10 -10.95
C VAL A 31 7.03 -2.58 -10.79
N GLN A 32 5.99 -3.40 -10.88
CA GLN A 32 6.13 -4.84 -10.73
C GLN A 32 7.08 -5.39 -11.80
N LYS A 33 7.22 -4.67 -12.90
CA LYS A 33 8.10 -5.09 -13.99
C LYS A 33 9.52 -5.32 -13.48
N PHE A 34 9.95 -4.47 -12.57
CA PHE A 34 11.29 -4.57 -12.00
C PHE A 34 11.49 -5.93 -11.33
N SER A 35 12.65 -6.11 -10.69
CA SER A 35 12.96 -7.36 -10.01
C SER A 35 11.99 -7.62 -8.87
N ASP A 36 11.28 -6.57 -8.45
CA ASP A 36 10.31 -6.69 -7.37
C ASP A 36 11.02 -6.79 -6.03
N ASN A 37 11.85 -7.82 -5.86
CA ASN A 37 12.58 -8.02 -4.63
C ASN A 37 13.69 -7.00 -4.46
N ASP A 38 14.68 -7.07 -5.35
CA ASP A 38 15.81 -6.15 -5.31
C ASP A 38 15.33 -4.70 -5.30
N LYS A 39 14.25 -4.44 -6.03
CA LYS A 39 13.69 -3.10 -6.10
C LYS A 39 12.97 -2.74 -4.80
N LEU A 40 12.29 -3.71 -4.21
CA LEU A 40 11.57 -3.49 -2.96
C LEU A 40 12.50 -2.95 -1.88
N TYR A 41 13.62 -3.62 -1.67
CA TYR A 41 14.59 -3.20 -0.67
C TYR A 41 15.35 -1.96 -1.13
N LEU A 42 15.76 -1.96 -2.39
CA LEU A 42 16.49 -0.83 -2.96
C LEU A 42 15.69 0.46 -2.83
N TYR A 43 14.37 0.33 -2.91
CA TYR A 43 13.48 1.49 -2.79
C TYR A 43 13.13 1.78 -1.33
N LEU A 44 12.55 0.79 -0.67
CA LEU A 44 12.16 0.93 0.73
C LEU A 44 13.34 1.42 1.57
N GLN A 45 14.55 1.05 1.15
CA GLN A 45 15.76 1.46 1.87
C GLN A 45 15.78 2.96 2.10
N LEU A 46 15.17 3.70 1.17
CA LEU A 46 15.12 5.16 1.28
C LEU A 46 14.49 5.59 2.60
N PRO A 47 14.98 6.71 3.15
CA PRO A 47 14.49 7.25 4.41
C PRO A 47 13.07 7.82 4.29
N SER A 48 12.20 7.42 5.20
CA SER A 48 10.82 7.89 5.19
C SER A 48 10.20 7.82 6.59
N GLY A 49 11.04 8.04 7.60
CA GLY A 49 10.57 8.01 8.97
C GLY A 49 10.71 6.63 9.60
N PRO A 50 11.97 6.24 9.89
CA PRO A 50 12.26 4.94 10.50
C PRO A 50 11.79 4.85 11.95
N THR A 51 11.48 3.65 12.40
CA THR A 51 11.03 3.43 13.77
C THR A 51 11.15 1.97 14.16
N THR A 52 12.11 1.28 13.57
CA THR A 52 12.34 -0.14 13.87
C THR A 52 12.79 -0.33 15.30
N GLY A 53 13.70 0.53 15.76
CA GLY A 53 14.20 0.43 17.13
C GLY A 53 13.09 0.52 18.15
N ASP A 54 12.04 1.26 17.83
CA ASP A 54 10.91 1.43 18.74
C ASP A 54 9.94 0.25 18.62
N LYS A 55 9.74 -0.22 17.39
CA LYS A 55 8.84 -1.35 17.14
C LYS A 55 9.34 -2.60 17.83
N SER A 56 10.66 -2.79 17.84
CA SER A 56 11.27 -3.95 18.48
C SER A 56 11.60 -3.67 19.94
N SER A 57 12.49 -2.72 20.17
CA SER A 57 12.90 -2.36 21.53
C SER A 57 13.48 -3.57 22.26
N GLU A 58 14.06 -4.50 21.50
CA GLU A 58 14.65 -5.70 22.07
C GLU A 58 15.85 -6.16 21.27
N PRO A 59 16.86 -6.70 21.97
CA PRO A 59 18.09 -7.19 21.33
C PRO A 59 17.85 -8.45 20.51
N SER A 60 18.77 -8.71 19.57
CA SER A 60 18.65 -9.89 18.71
C SER A 60 17.32 -9.89 17.96
N THR A 61 17.12 -8.87 17.13
CA THR A 61 15.89 -8.74 16.35
C THR A 61 15.92 -9.67 15.13
N LEU A 62 17.11 -9.88 14.59
CA LEU A 62 17.27 -10.75 13.42
C LEU A 62 17.07 -12.21 13.80
N SER A 63 17.64 -12.62 14.93
CA SER A 63 17.52 -13.99 15.39
C SER A 63 16.05 -14.36 15.60
N ASN A 64 15.70 -15.59 15.23
CA ASN A 64 14.34 -16.08 15.37
C ASN A 64 14.28 -17.60 15.25
N GLU A 65 13.45 -18.22 16.08
CA GLU A 65 13.31 -19.67 16.06
C GLU A 65 14.65 -20.36 16.30
N GLU A 66 14.67 -21.68 16.18
CA GLU A 66 15.89 -22.45 16.38
C GLU A 66 16.39 -22.31 17.82
N TYR A 67 17.47 -23.00 18.13
CA TYR A 67 18.05 -22.96 19.47
C TYR A 67 17.03 -23.42 20.52
N MET A 68 17.05 -24.72 20.82
CA MET A 68 16.13 -25.28 21.80
C MET A 68 16.89 -26.12 22.82
N GLY B 1 24.95 2.57 -26.53
CA GLY B 1 24.55 3.54 -27.55
C GLY B 1 23.71 2.89 -28.63
N ALA B 2 22.52 3.45 -28.85
CA ALA B 2 21.62 2.93 -29.87
C ALA B 2 21.39 1.42 -29.70
N GLY B 3 20.63 1.05 -28.68
CA GLY B 3 20.35 -0.35 -28.43
C GLY B 3 19.81 -0.59 -27.03
N GLU B 4 20.64 -1.15 -26.16
CA GLU B 4 20.23 -1.44 -24.79
C GLU B 4 21.29 -0.97 -23.80
N PRO B 5 21.41 0.35 -23.63
CA PRO B 5 22.38 0.95 -22.72
C PRO B 5 22.04 0.71 -21.26
N THR B 6 22.91 -0.01 -20.55
CA THR B 6 22.68 -0.31 -19.14
C THR B 6 21.38 -1.08 -18.95
N THR B 7 21.10 -1.45 -17.70
CA THR B 7 19.88 -2.18 -17.37
C THR B 7 18.79 -1.25 -16.85
N LEU B 8 17.54 -1.72 -16.90
CA LEU B 8 16.41 -0.92 -16.43
C LEU B 8 16.54 -0.62 -14.95
N LEU B 9 16.76 -1.65 -14.16
CA LEU B 9 16.91 -1.50 -12.72
C LEU B 9 18.05 -0.56 -12.38
N GLN B 10 19.11 -0.60 -13.19
CA GLN B 10 20.28 0.24 -12.97
C GLN B 10 19.91 1.72 -13.13
N ARG B 11 19.49 2.10 -14.33
CA ARG B 11 19.11 3.48 -14.61
C ARG B 11 18.09 3.98 -13.58
N LEU B 12 17.28 3.06 -13.06
CA LEU B 12 16.27 3.41 -12.06
C LEU B 12 16.91 3.64 -10.70
N ARG B 13 17.74 2.69 -10.27
CA ARG B 13 18.41 2.78 -8.98
C ARG B 13 19.13 4.12 -8.84
N GLY B 14 19.65 4.63 -9.95
CA GLY B 14 20.35 5.90 -9.92
C GLY B 14 19.53 7.00 -9.27
N THR B 15 18.22 6.94 -9.44
CA THR B 15 17.33 7.94 -8.87
C THR B 15 15.87 7.62 -9.16
N ILE B 16 14.99 7.89 -8.21
CA ILE B 16 13.57 7.63 -8.38
C ILE B 16 13.03 8.30 -9.63
N SER B 17 12.10 7.63 -10.29
CA SER B 17 11.50 8.16 -11.52
C SER B 17 10.34 9.09 -11.21
N LYS B 18 10.37 10.28 -11.78
CA LYS B 18 9.32 11.27 -11.57
C LYS B 18 7.94 10.67 -11.84
N ALA B 19 7.84 9.92 -12.93
CA ALA B 19 6.58 9.28 -13.31
C ALA B 19 6.09 8.35 -12.19
N VAL B 20 6.99 7.55 -11.66
CA VAL B 20 6.65 6.62 -10.59
C VAL B 20 6.01 7.34 -9.41
N GLN B 21 6.67 8.39 -8.95
CA GLN B 21 6.16 9.17 -7.82
C GLN B 21 4.77 9.71 -8.11
N ASN B 22 4.63 10.46 -9.20
CA ASN B 22 3.35 11.02 -9.59
C ASN B 22 2.26 9.94 -9.62
N LYS B 23 2.57 8.83 -10.29
CA LYS B 23 1.63 7.71 -10.40
C LYS B 23 1.10 7.31 -9.03
N VAL B 24 2.02 7.13 -8.08
CA VAL B 24 1.65 6.74 -6.72
C VAL B 24 0.61 7.70 -6.13
N GLU B 25 0.93 9.00 -6.17
CA GLU B 25 0.02 10.01 -5.63
C GLU B 25 -1.37 9.86 -6.24
N GLY B 26 -1.42 9.49 -7.52
CA GLY B 26 -2.69 9.33 -8.19
C GLY B 26 -3.53 8.22 -7.58
N ILE B 27 -2.94 7.03 -7.47
CA ILE B 27 -3.64 5.88 -6.91
C ILE B 27 -4.22 6.22 -5.53
N LEU B 28 -3.38 6.77 -4.66
CA LEU B 28 -3.82 7.13 -3.32
C LEU B 28 -5.07 8.01 -3.37
N GLN B 29 -5.02 9.06 -4.18
CA GLN B 29 -6.15 9.97 -4.32
C GLN B 29 -7.33 9.27 -4.99
N ASP B 30 -7.03 8.25 -5.79
CA ASP B 30 -8.06 7.50 -6.51
C ASP B 30 -9.02 6.84 -5.51
N VAL B 31 -8.48 5.96 -4.68
CA VAL B 31 -9.30 5.26 -3.68
C VAL B 31 -9.74 6.21 -2.57
N GLN B 32 -8.84 7.09 -2.16
CA GLN B 32 -9.14 8.04 -1.09
C GLN B 32 -10.30 8.95 -1.50
N LYS B 33 -10.48 9.13 -2.80
CA LYS B 33 -11.54 9.99 -3.32
C LYS B 33 -12.89 9.58 -2.72
N PHE B 34 -13.06 8.29 -2.48
CA PHE B 34 -14.31 7.78 -1.91
C PHE B 34 -14.02 6.83 -0.76
N SER B 35 -15.08 6.38 -0.09
CA SER B 35 -14.95 5.47 1.04
C SER B 35 -14.54 4.08 0.56
N ASP B 36 -13.73 3.41 1.38
CA ASP B 36 -13.26 2.06 1.05
C ASP B 36 -14.22 1.00 1.58
N ASN B 37 -14.71 1.21 2.79
CA ASN B 37 -15.64 0.27 3.41
C ASN B 37 -16.88 0.08 2.55
N ASP B 38 -17.59 1.18 2.28
CA ASP B 38 -18.79 1.14 1.47
C ASP B 38 -18.53 0.44 0.13
N LYS B 39 -17.46 0.86 -0.54
CA LYS B 39 -17.09 0.28 -1.82
C LYS B 39 -16.83 -1.21 -1.70
N LEU B 40 -16.11 -1.58 -0.65
CA LEU B 40 -15.78 -3.00 -0.40
C LEU B 40 -17.05 -3.85 -0.43
N TYR B 41 -18.09 -3.41 0.27
CA TYR B 41 -19.34 -4.13 0.32
C TYR B 41 -19.97 -4.25 -1.06
N LEU B 42 -20.01 -3.13 -1.78
CA LEU B 42 -20.59 -3.10 -3.12
C LEU B 42 -19.82 -4.04 -4.05
N TYR B 43 -18.50 -4.02 -3.94
CA TYR B 43 -17.65 -4.87 -4.78
C TYR B 43 -18.05 -6.33 -4.64
N LEU B 44 -18.06 -6.82 -3.41
CA LEU B 44 -18.41 -8.22 -3.14
C LEU B 44 -19.85 -8.50 -3.60
N GLN B 45 -20.69 -7.47 -3.57
CA GLN B 45 -22.08 -7.62 -3.98
C GLN B 45 -22.17 -8.17 -5.40
N LEU B 46 -21.16 -7.88 -6.21
CA LEU B 46 -21.13 -8.35 -7.59
C LEU B 46 -21.16 -9.87 -7.65
N PRO B 47 -21.75 -10.41 -8.74
CA PRO B 47 -21.85 -11.86 -8.95
C PRO B 47 -20.49 -12.50 -9.23
N SER B 48 -19.54 -11.68 -9.63
CA SER B 48 -18.20 -12.17 -9.95
C SER B 48 -17.32 -12.20 -8.71
N GLY B 49 -16.20 -12.92 -8.80
CA GLY B 49 -15.30 -13.03 -7.66
C GLY B 49 -15.52 -14.28 -6.84
N PRO B 50 -15.18 -15.44 -7.43
CA PRO B 50 -15.34 -16.74 -6.77
C PRO B 50 -14.37 -16.92 -5.60
N THR B 51 -14.73 -17.80 -4.67
CA THR B 51 -13.89 -18.07 -3.51
C THR B 51 -13.44 -19.52 -3.47
N THR B 52 -14.39 -20.43 -3.27
CA THR B 52 -14.07 -21.86 -3.21
C THR B 52 -13.16 -22.17 -2.04
N GLY B 53 -13.69 -22.09 -0.83
CA GLY B 53 -12.91 -22.38 0.36
C GLY B 53 -11.63 -21.55 0.42
N ASP B 54 -11.76 -20.24 0.19
CA ASP B 54 -10.61 -19.35 0.22
C ASP B 54 -9.50 -19.86 -0.69
N LYS B 55 -9.88 -20.33 -1.87
CA LYS B 55 -8.91 -20.86 -2.82
C LYS B 55 -8.18 -22.08 -2.26
N SER B 56 -8.96 -23.02 -1.73
CA SER B 56 -8.39 -24.24 -1.15
C SER B 56 -9.47 -25.27 -0.90
N SER B 57 -10.29 -25.03 0.14
CA SER B 57 -11.37 -25.94 0.49
C SER B 57 -10.83 -27.34 0.75
N GLU B 58 -9.62 -27.41 1.31
CA GLU B 58 -8.99 -28.69 1.61
C GLU B 58 -7.80 -28.50 2.55
N PRO B 59 -8.09 -28.36 3.85
CA PRO B 59 -7.06 -28.16 4.88
C PRO B 59 -6.23 -29.42 5.11
N SER B 60 -6.91 -30.56 5.26
CA SER B 60 -6.24 -31.83 5.50
C SER B 60 -5.38 -31.77 6.75
N THR B 61 -6.00 -32.02 7.90
CA THR B 61 -5.30 -31.99 9.17
C THR B 61 -4.52 -33.28 9.39
N LEU B 62 -5.21 -34.41 9.35
CA LEU B 62 -4.58 -35.70 9.54
C LEU B 62 -3.86 -35.76 10.88
N SER B 63 -4.62 -35.99 11.94
CA SER B 63 -4.05 -36.07 13.29
C SER B 63 -3.41 -37.43 13.53
N ASN B 64 -3.92 -38.45 12.84
CA ASN B 64 -3.40 -39.81 12.98
C ASN B 64 -3.56 -40.31 14.41
N GLU B 65 -4.67 -40.99 14.68
CA GLU B 65 -4.94 -41.52 16.01
C GLU B 65 -5.38 -42.98 15.93
N GLU B 66 -5.36 -43.66 17.08
CA GLU B 66 -5.77 -45.05 17.13
C GLU B 66 -4.85 -45.93 16.28
N TYR B 67 -4.93 -47.24 16.48
CA TYR B 67 -4.12 -48.18 15.73
C TYR B 67 -2.63 -47.94 16.01
N MET B 68 -1.78 -48.71 15.33
CA MET B 68 -0.34 -48.58 15.50
C MET B 68 0.32 -48.05 14.22
N GLY C 1 5.49 -28.92 8.09
CA GLY C 1 5.48 -29.47 9.44
C GLY C 1 6.50 -28.78 10.33
N HIS C 2 7.60 -28.34 9.73
CA HIS C 2 8.65 -27.66 10.49
C HIS C 2 8.99 -26.30 9.88
N GLY C 3 8.64 -25.24 10.60
CA GLY C 3 8.90 -23.90 10.11
C GLY C 3 7.72 -23.31 9.37
N THR C 4 7.10 -22.29 9.96
CA THR C 4 5.95 -21.64 9.35
C THR C 4 6.16 -20.13 9.24
N GLY C 5 6.24 -19.47 10.40
CA GLY C 5 6.44 -18.03 10.42
C GLY C 5 7.90 -17.65 10.35
N SER C 6 8.43 -17.10 11.44
CA SER C 6 9.82 -16.69 11.49
C SER C 6 10.11 -15.61 10.45
N PHE C 7 9.31 -14.55 10.47
CA PHE C 7 9.47 -13.44 9.54
C PHE C 7 9.25 -12.10 10.23
N GLY C 8 8.01 -11.86 10.64
CA GLY C 8 7.69 -10.61 11.32
C GLY C 8 7.25 -9.52 10.35
N ASP C 9 6.24 -8.76 10.74
CA ASP C 9 5.72 -7.69 9.90
C ASP C 9 5.22 -6.52 10.75
N ARG C 10 5.74 -5.33 10.46
CA ARG C 10 5.35 -4.14 11.20
C ARG C 10 5.05 -2.98 10.25
N PRO C 11 4.12 -2.10 10.66
CA PRO C 11 3.72 -0.93 9.86
C PRO C 11 4.82 0.11 9.77
N ALA C 12 4.60 1.14 8.96
CA ALA C 12 5.57 2.21 8.79
C ALA C 12 4.88 3.56 8.66
N ARG C 13 5.67 4.61 8.45
CA ARG C 13 5.13 5.96 8.31
C ARG C 13 4.35 6.09 7.01
N PRO C 14 3.27 6.89 7.05
CA PRO C 14 2.42 7.13 5.88
C PRO C 14 3.12 7.96 4.81
N THR C 15 3.74 7.29 3.85
CA THR C 15 4.45 7.97 2.77
C THR C 15 4.10 7.37 1.42
N LEU C 16 4.06 8.21 0.39
CA LEU C 16 3.74 7.75 -0.96
C LEU C 16 4.66 6.62 -1.38
N LEU C 17 5.95 6.79 -1.12
CA LEU C 17 6.95 5.78 -1.47
C LEU C 17 6.64 4.45 -0.80
N GLU C 18 6.59 4.45 0.52
CA GLU C 18 6.30 3.25 1.29
C GLU C 18 4.94 2.68 0.91
N GLN C 19 4.08 3.53 0.35
CA GLN C 19 2.74 3.11 -0.05
C GLN C 19 2.80 2.15 -1.23
N VAL C 20 3.25 2.65 -2.37
CA VAL C 20 3.36 1.84 -3.58
C VAL C 20 4.18 0.58 -3.31
N LEU C 21 5.24 0.72 -2.53
CA LEU C 21 6.11 -0.40 -2.19
C LEU C 21 5.37 -1.42 -1.34
N ASN C 22 5.00 -1.02 -0.13
CA ASN C 22 4.29 -1.90 0.79
C ASN C 22 3.06 -2.51 0.12
N GLN C 23 2.47 -1.76 -0.81
CA GLN C 23 1.29 -2.23 -1.53
C GLN C 23 1.61 -3.47 -2.36
N LYS C 24 2.62 -3.36 -3.22
CA LYS C 24 3.03 -4.47 -4.07
C LYS C 24 3.35 -5.71 -3.23
N ARG C 25 4.01 -5.48 -2.09
CA ARG C 25 4.38 -6.58 -1.21
C ARG C 25 3.16 -7.39 -0.79
N LEU C 26 2.17 -6.70 -0.21
CA LEU C 26 0.94 -7.35 0.23
C LEU C 26 0.11 -7.82 -0.97
N SER C 27 0.34 -7.18 -2.12
CA SER C 27 -0.39 -7.53 -3.33
C SER C 27 -0.16 -8.99 -3.72
N LEU C 28 1.11 -9.35 -3.89
CA LEU C 28 1.47 -10.72 -4.25
C LEU C 28 1.09 -11.01 -5.70
N LEU C 29 -0.21 -11.09 -5.96
CA LEU C 29 -0.71 -11.35 -7.31
C LEU C 29 -1.03 -10.06 -8.05
N ARG C 30 -0.43 -8.97 -7.59
CA ARG C 30 -0.65 -7.67 -8.20
C ARG C 30 -2.14 -7.36 -8.32
N SER C 31 -2.86 -7.50 -7.20
CA SER C 31 -4.29 -7.25 -7.18
C SER C 31 -4.59 -5.86 -6.61
N PRO C 32 -5.10 -4.97 -7.48
CA PRO C 32 -5.44 -3.60 -7.10
C PRO C 32 -6.65 -3.54 -6.16
N GLU C 33 -7.60 -4.43 -6.39
CA GLU C 33 -8.80 -4.48 -5.58
C GLU C 33 -8.48 -4.89 -4.14
N VAL C 34 -7.72 -5.97 -4.00
CA VAL C 34 -7.34 -6.47 -2.69
C VAL C 34 -6.49 -5.44 -1.94
N VAL C 35 -5.34 -5.09 -2.52
CA VAL C 35 -4.45 -4.13 -1.90
C VAL C 35 -5.19 -2.85 -1.54
N GLN C 36 -6.17 -2.49 -2.34
CA GLN C 36 -6.97 -1.28 -2.10
C GLN C 36 -7.69 -1.37 -0.77
N PHE C 37 -8.57 -2.36 -0.64
CA PHE C 37 -9.34 -2.55 0.58
C PHE C 37 -8.42 -2.91 1.75
N LEU C 38 -7.28 -3.51 1.43
CA LEU C 38 -6.31 -3.91 2.44
C LEU C 38 -5.65 -2.68 3.07
N GLN C 39 -5.02 -1.87 2.24
CA GLN C 39 -4.33 -0.67 2.71
C GLN C 39 -5.29 0.21 3.51
N LYS C 40 -6.46 0.48 2.94
CA LYS C 40 -7.47 1.30 3.60
C LYS C 40 -7.87 0.71 4.95
N GLN C 41 -8.22 -0.58 4.94
CA GLN C 41 -8.61 -1.27 6.15
C GLN C 41 -7.51 -1.21 7.21
N GLN C 42 -6.27 -1.45 6.78
CA GLN C 42 -5.13 -1.43 7.68
C GLN C 42 -4.97 -0.05 8.31
N GLN C 43 -4.97 0.98 7.48
CA GLN C 43 -4.82 2.35 7.95
C GLN C 43 -5.83 2.66 9.06
N LEU C 44 -7.08 2.26 8.86
CA LEU C 44 -8.13 2.48 9.83
C LEU C 44 -7.78 1.81 11.17
N LEU C 45 -7.32 0.56 11.09
CA LEU C 45 -6.96 -0.18 12.28
C LEU C 45 -5.75 0.45 12.98
N ASN C 46 -4.76 0.84 12.19
CA ASN C 46 -3.55 1.45 12.73
C ASN C 46 -3.90 2.64 13.61
N GLN C 47 -4.67 3.58 13.05
CA GLN C 47 -5.07 4.77 13.78
C GLN C 47 -6.00 4.41 14.95
N GLN C 48 -6.78 3.35 14.75
CA GLN C 48 -7.72 2.90 15.78
C GLN C 48 -6.97 2.33 16.99
N VAL C 49 -5.79 1.80 16.73
CA VAL C 49 -4.97 1.21 17.79
C VAL C 49 -3.63 1.92 17.91
N LEU C 50 -3.51 2.77 18.92
CA LEU C 50 -2.28 3.52 19.16
C LEU C 50 -1.75 3.28 20.57
N GLU C 51 -0.62 3.92 20.90
CA GLU C 51 -0.02 3.77 22.21
C GLU C 51 -0.26 5.01 23.06
N GLN C 52 -0.99 4.84 24.16
CA GLN C 52 -1.29 5.94 25.06
C GLN C 52 -0.64 5.72 26.43
N ARG C 53 -0.82 6.69 27.32
CA ARG C 53 -0.25 6.61 28.66
C ARG C 53 -1.35 6.70 29.72
N GLN C 54 -1.10 6.09 30.87
CA GLN C 54 -2.06 6.10 31.97
C GLN C 54 -2.48 7.53 32.32
N GLN C 55 -3.76 7.70 32.63
CA GLN C 55 -4.29 9.00 32.98
C GLN C 55 -5.19 8.92 34.20
N GLN C 56 -5.66 10.08 34.67
CA GLN C 56 -6.54 10.14 35.84
C GLN C 56 -8.00 10.15 35.42
N PHE C 57 -8.33 10.94 34.40
CA PHE C 57 -9.69 11.04 33.91
C PHE C 57 -9.74 10.88 32.39
N PRO C 58 -9.50 9.63 31.92
CA PRO C 58 -9.51 9.31 30.49
C PRO C 58 -10.91 9.37 29.90
N GLY C 59 -10.98 9.33 28.57
CA GLY C 59 -12.27 9.38 27.90
C GLY C 59 -12.72 8.01 27.42
N THR C 60 -12.47 6.99 28.23
CA THR C 60 -12.85 5.62 27.87
C THR C 60 -13.63 4.96 29.01
N SER C 61 -14.53 4.06 28.65
CA SER C 61 -15.35 3.35 29.63
C SER C 61 -14.47 2.66 30.67
N MET C 62 -15.10 2.22 31.76
CA MET C 62 -14.37 1.55 32.83
C MET C 62 -13.88 0.17 32.37
N GLY A 1 -18.30 12.32 -29.89
CA GLY A 1 -17.97 12.62 -28.51
C GLY A 1 -18.96 12.02 -27.53
N ALA A 2 -18.92 12.49 -26.29
CA ALA A 2 -19.81 11.98 -25.25
C ALA A 2 -19.72 12.83 -23.99
N GLY A 3 -20.76 12.77 -23.16
CA GLY A 3 -20.78 13.53 -21.93
C GLY A 3 -20.65 12.66 -20.70
N GLU A 4 -21.59 11.74 -20.54
CA GLU A 4 -21.58 10.83 -19.39
C GLU A 4 -21.49 11.61 -18.08
N PRO A 5 -22.46 12.51 -17.87
CA PRO A 5 -22.51 13.34 -16.66
C PRO A 5 -22.85 12.53 -15.41
N THR A 6 -21.88 12.39 -14.53
CA THR A 6 -22.07 11.63 -13.29
C THR A 6 -20.88 11.77 -12.36
N THR A 7 -21.12 11.58 -11.06
CA THR A 7 -20.07 11.69 -10.07
C THR A 7 -19.30 10.39 -9.94
N LEU A 8 -18.05 10.48 -9.47
CA LEU A 8 -17.21 9.31 -9.31
C LEU A 8 -17.85 8.31 -8.37
N LEU A 9 -18.25 8.78 -7.19
CA LEU A 9 -18.88 7.91 -6.19
C LEU A 9 -20.10 7.22 -6.78
N GLN A 10 -20.89 7.96 -7.56
CA GLN A 10 -22.08 7.40 -8.18
C GLN A 10 -21.73 6.36 -9.24
N ARG A 11 -20.93 6.78 -10.23
CA ARG A 11 -20.51 5.90 -11.29
C ARG A 11 -19.91 4.61 -10.73
N LEU A 12 -19.29 4.71 -9.56
CA LEU A 12 -18.68 3.57 -8.91
C LEU A 12 -19.71 2.74 -8.16
N ARG A 13 -20.56 3.42 -7.39
CA ARG A 13 -21.60 2.76 -6.62
C ARG A 13 -22.42 1.83 -7.49
N GLY A 14 -22.55 2.19 -8.77
CA GLY A 14 -23.31 1.38 -9.71
C GLY A 14 -22.47 0.31 -10.37
N THR A 15 -21.17 0.57 -10.50
CA THR A 15 -20.26 -0.38 -11.13
C THR A 15 -18.84 0.15 -11.12
N ILE A 16 -17.88 -0.76 -10.95
CA ILE A 16 -16.47 -0.38 -10.93
C ILE A 16 -16.08 0.33 -12.22
N SER A 17 -15.11 1.24 -12.12
CA SER A 17 -14.63 1.99 -13.27
C SER A 17 -13.42 1.32 -13.90
N LYS A 18 -13.50 1.06 -15.20
CA LYS A 18 -12.41 0.43 -15.93
C LYS A 18 -11.10 1.17 -15.71
N ALA A 19 -11.18 2.50 -15.64
CA ALA A 19 -10.00 3.32 -15.43
C ALA A 19 -9.39 3.06 -14.07
N VAL A 20 -10.24 2.92 -13.05
CA VAL A 20 -9.76 2.67 -11.70
C VAL A 20 -8.97 1.37 -11.63
N GLN A 21 -9.56 0.28 -12.13
CA GLN A 21 -8.90 -1.02 -12.13
C GLN A 21 -7.65 -1.00 -13.01
N ASN A 22 -7.81 -0.52 -14.24
CA ASN A 22 -6.69 -0.45 -15.17
C ASN A 22 -5.57 0.42 -14.63
N LYS A 23 -5.94 1.38 -13.76
CA LYS A 23 -4.97 2.28 -13.17
C LYS A 23 -4.09 1.55 -12.16
N VAL A 24 -4.69 1.12 -11.06
CA VAL A 24 -3.97 0.40 -10.01
C VAL A 24 -3.18 -0.76 -10.60
N GLU A 25 -3.80 -1.48 -11.52
CA GLU A 25 -3.15 -2.62 -12.16
C GLU A 25 -2.00 -2.17 -13.05
N GLY A 26 -2.21 -1.07 -13.76
CA GLY A 26 -1.17 -0.56 -14.64
C GLY A 26 0.05 -0.09 -13.88
N ILE A 27 -0.13 0.92 -13.04
CA ILE A 27 0.96 1.47 -12.25
C ILE A 27 1.71 0.37 -11.50
N LEU A 28 0.94 -0.51 -10.85
CA LEU A 28 1.54 -1.61 -10.09
C LEU A 28 2.51 -2.41 -10.96
N GLN A 29 2.06 -2.80 -12.14
CA GLN A 29 2.90 -3.57 -13.06
C GLN A 29 4.05 -2.70 -13.58
N ASP A 30 3.77 -1.42 -13.82
CA ASP A 30 4.77 -0.50 -14.32
C ASP A 30 6.03 -0.54 -13.47
N VAL A 31 5.84 -0.58 -12.15
CA VAL A 31 6.96 -0.63 -11.21
C VAL A 31 7.36 -2.07 -10.91
N GLN A 32 6.40 -2.98 -10.99
CA GLN A 32 6.65 -4.39 -10.72
C GLN A 32 7.66 -4.96 -11.71
N LYS A 33 7.77 -4.32 -12.87
CA LYS A 33 8.70 -4.76 -13.90
C LYS A 33 10.11 -4.86 -13.36
N PHE A 34 10.45 -3.98 -12.41
CA PHE A 34 11.77 -3.97 -11.81
C PHE A 34 11.98 -5.21 -10.94
N SER A 35 13.08 -5.22 -10.18
CA SER A 35 13.39 -6.34 -9.31
C SER A 35 12.51 -6.31 -8.06
N ASP A 36 12.43 -7.45 -7.38
CA ASP A 36 11.62 -7.56 -6.17
C ASP A 36 12.47 -7.28 -4.94
N ASN A 37 13.60 -7.96 -4.82
CA ASN A 37 14.50 -7.78 -3.68
C ASN A 37 15.35 -6.53 -3.87
N ASP A 38 15.99 -6.42 -5.02
CA ASP A 38 16.84 -5.28 -5.31
C ASP A 38 16.08 -3.97 -5.13
N LYS A 39 14.84 -3.94 -5.60
CA LYS A 39 14.00 -2.75 -5.48
C LYS A 39 13.45 -2.61 -4.07
N LEU A 40 13.15 -3.74 -3.43
CA LEU A 40 12.62 -3.74 -2.08
C LEU A 40 13.49 -2.89 -1.15
N TYR A 41 14.79 -3.16 -1.16
CA TYR A 41 15.73 -2.42 -0.32
C TYR A 41 16.03 -1.05 -0.92
N LEU A 42 16.21 -1.02 -2.24
CA LEU A 42 16.50 0.23 -2.94
C LEU A 42 15.45 1.30 -2.62
N TYR A 43 14.22 0.85 -2.39
CA TYR A 43 13.13 1.75 -2.07
C TYR A 43 12.85 1.79 -0.57
N LEU A 44 12.26 0.72 -0.06
CA LEU A 44 11.95 0.62 1.35
C LEU A 44 13.17 0.93 2.21
N GLN A 45 14.32 0.34 1.84
CA GLN A 45 15.55 0.57 2.58
C GLN A 45 16.36 1.70 1.95
N LEU A 46 15.67 2.77 1.57
CA LEU A 46 16.31 3.92 0.96
C LEU A 46 17.46 4.43 1.83
N PRO A 47 18.54 4.89 1.19
CA PRO A 47 19.72 5.42 1.89
C PRO A 47 19.44 6.74 2.58
N SER A 48 20.48 7.33 3.15
CA SER A 48 20.36 8.60 3.85
C SER A 48 19.67 9.64 2.97
N GLY A 49 18.53 10.16 3.45
CA GLY A 49 17.80 11.15 2.69
C GLY A 49 16.42 11.40 3.26
N PRO A 50 15.76 12.47 2.78
CA PRO A 50 14.43 12.85 3.23
C PRO A 50 13.35 11.86 2.77
N THR A 51 13.06 10.87 3.61
CA THR A 51 12.06 9.86 3.28
C THR A 51 11.84 8.92 4.46
N THR A 52 11.73 9.48 5.66
CA THR A 52 11.52 8.68 6.86
C THR A 52 10.32 7.75 6.69
N GLY A 53 9.28 8.25 6.04
CA GLY A 53 8.08 7.45 5.83
C GLY A 53 8.39 6.14 5.10
N ASP A 54 9.01 6.25 3.94
CA ASP A 54 9.35 5.07 3.15
C ASP A 54 10.34 4.18 3.90
N LYS A 55 11.18 4.80 4.72
CA LYS A 55 12.17 4.07 5.50
C LYS A 55 11.50 3.04 6.40
N SER A 56 10.61 3.51 7.28
CA SER A 56 9.90 2.63 8.19
C SER A 56 8.68 3.34 8.78
N SER A 57 7.71 3.65 7.94
CA SER A 57 6.50 4.32 8.37
C SER A 57 5.70 3.45 9.34
N GLU A 58 5.26 2.29 8.86
CA GLU A 58 4.49 1.37 9.68
C GLU A 58 4.70 -0.07 9.22
N PRO A 59 4.47 -1.02 10.14
CA PRO A 59 4.62 -2.45 9.85
C PRO A 59 3.54 -2.97 8.91
N SER A 60 3.51 -4.29 8.72
CA SER A 60 2.53 -4.91 7.85
C SER A 60 1.50 -5.68 8.65
N THR A 61 1.94 -6.71 9.36
CA THR A 61 1.05 -7.54 10.17
C THR A 61 0.04 -8.26 9.30
N LEU A 62 0.51 -8.84 8.19
CA LEU A 62 -0.36 -9.57 7.27
C LEU A 62 -0.71 -10.94 7.83
N SER A 63 0.28 -11.83 7.88
CA SER A 63 0.07 -13.17 8.39
C SER A 63 -0.79 -13.99 7.45
N ASN A 64 -2.10 -13.72 7.47
CA ASN A 64 -3.04 -14.42 6.61
C ASN A 64 -3.07 -15.91 6.94
N GLU A 65 -3.96 -16.64 6.27
CA GLU A 65 -4.08 -18.08 6.50
C GLU A 65 -5.09 -18.70 5.53
N GLU A 66 -4.96 -18.36 4.26
CA GLU A 66 -5.85 -18.88 3.22
C GLU A 66 -5.43 -18.40 1.84
N TYR A 67 -6.01 -19.01 0.81
CA TYR A 67 -5.69 -18.65 -0.56
C TYR A 67 -6.76 -17.74 -1.15
N MET A 68 -6.96 -16.58 -0.52
CA MET A 68 -7.94 -15.62 -0.99
C MET A 68 -7.73 -14.25 -0.35
N GLY B 1 15.21 10.78 -17.27
CA GLY B 1 16.55 11.31 -17.38
C GLY B 1 16.90 11.72 -18.80
N ALA B 2 18.17 12.07 -19.03
CA ALA B 2 18.61 12.49 -20.36
C ALA B 2 20.06 12.07 -20.59
N GLY B 3 20.24 10.95 -21.28
CA GLY B 3 21.59 10.46 -21.56
C GLY B 3 22.10 9.52 -20.49
N GLU B 4 21.55 8.31 -20.45
CA GLU B 4 21.96 7.31 -19.47
C GLU B 4 21.80 5.90 -20.03
N PRO B 5 22.71 5.52 -20.94
CA PRO B 5 22.70 4.20 -21.56
C PRO B 5 23.07 3.09 -20.59
N THR B 6 22.06 2.35 -20.13
CA THR B 6 22.29 1.27 -19.19
C THR B 6 21.00 0.47 -18.97
N THR B 7 21.08 -0.54 -18.10
CA THR B 7 19.93 -1.38 -17.80
C THR B 7 18.80 -0.56 -17.19
N LEU B 8 17.61 -1.14 -17.14
CA LEU B 8 16.45 -0.46 -16.57
C LEU B 8 16.61 -0.26 -15.07
N LEU B 9 16.95 -1.33 -14.36
CA LEU B 9 17.14 -1.27 -12.92
C LEU B 9 18.27 -0.30 -12.56
N GLN B 10 19.25 -0.19 -13.45
CA GLN B 10 20.38 0.71 -13.22
C GLN B 10 19.95 2.17 -13.36
N ARG B 11 19.45 2.52 -14.54
CA ARG B 11 19.01 3.88 -14.80
C ARG B 11 18.05 4.36 -13.72
N LEU B 12 17.29 3.42 -13.15
CA LEU B 12 16.33 3.75 -12.11
C LEU B 12 17.01 3.82 -10.75
N ARG B 13 17.90 2.86 -10.48
CA ARG B 13 18.62 2.82 -9.21
C ARG B 13 19.28 4.17 -8.91
N GLY B 14 19.76 4.83 -9.96
CA GLY B 14 20.40 6.12 -9.78
C GLY B 14 19.55 7.09 -9.00
N THR B 15 18.23 7.04 -9.21
CA THR B 15 17.31 7.93 -8.52
C THR B 15 15.88 7.68 -8.97
N ILE B 16 14.95 7.77 -8.02
CA ILE B 16 13.53 7.56 -8.34
C ILE B 16 13.08 8.45 -9.49
N SER B 17 12.19 7.91 -10.32
CA SER B 17 11.68 8.65 -11.47
C SER B 17 10.49 9.52 -11.08
N LYS B 18 10.52 10.77 -11.51
CA LYS B 18 9.44 11.70 -11.21
C LYS B 18 8.10 11.15 -11.66
N ALA B 19 8.03 10.72 -12.91
CA ALA B 19 6.80 10.15 -13.46
C ALA B 19 6.24 9.05 -12.56
N VAL B 20 7.12 8.16 -12.12
CA VAL B 20 6.71 7.06 -11.25
C VAL B 20 6.01 7.58 -10.01
N GLN B 21 6.65 8.51 -9.31
CA GLN B 21 6.07 9.08 -8.10
C GLN B 21 4.70 9.67 -8.37
N ASN B 22 4.56 10.35 -9.50
CA ASN B 22 3.29 10.97 -9.88
C ASN B 22 2.17 9.93 -9.92
N LYS B 23 2.40 8.85 -10.68
CA LYS B 23 1.41 7.79 -10.81
C LYS B 23 0.98 7.29 -9.43
N VAL B 24 1.94 7.05 -8.56
CA VAL B 24 1.65 6.58 -7.21
C VAL B 24 0.64 7.47 -6.51
N GLU B 25 0.89 8.78 -6.52
CA GLU B 25 -0.02 9.73 -5.90
C GLU B 25 -1.43 9.62 -6.49
N GLY B 26 -1.50 9.38 -7.79
CA GLY B 26 -2.79 9.25 -8.45
C GLY B 26 -3.62 8.12 -7.88
N ILE B 27 -3.00 6.95 -7.73
CA ILE B 27 -3.70 5.78 -7.20
C ILE B 27 -4.21 6.06 -5.78
N LEU B 28 -3.34 6.58 -4.93
CA LEU B 28 -3.70 6.89 -3.55
C LEU B 28 -4.97 7.74 -3.50
N GLN B 29 -5.03 8.75 -4.36
CA GLN B 29 -6.19 9.63 -4.41
C GLN B 29 -7.35 8.96 -5.13
N ASP B 30 -7.04 8.02 -6.01
CA ASP B 30 -8.06 7.30 -6.76
C ASP B 30 -9.02 6.58 -5.82
N VAL B 31 -8.48 5.76 -4.94
CA VAL B 31 -9.29 5.02 -3.98
C VAL B 31 -9.75 5.92 -2.83
N GLN B 32 -8.81 6.67 -2.27
CA GLN B 32 -9.11 7.57 -1.15
C GLN B 32 -10.22 8.55 -1.54
N LYS B 33 -10.35 8.80 -2.84
CA LYS B 33 -11.36 9.72 -3.34
C LYS B 33 -12.74 9.37 -2.80
N PHE B 34 -13.05 8.07 -2.80
CA PHE B 34 -14.33 7.59 -2.30
C PHE B 34 -14.15 6.74 -1.05
N SER B 35 -15.18 6.70 -0.21
CA SER B 35 -15.14 5.93 1.02
C SER B 35 -14.73 4.49 0.74
N ASP B 36 -14.13 3.85 1.75
CA ASP B 36 -13.69 2.47 1.62
C ASP B 36 -14.76 1.50 2.11
N ASN B 37 -15.31 1.79 3.29
CA ASN B 37 -16.34 0.94 3.88
C ASN B 37 -17.53 0.78 2.92
N ASP B 38 -18.10 1.90 2.50
CA ASP B 38 -19.23 1.89 1.58
C ASP B 38 -18.92 1.04 0.35
N LYS B 39 -17.77 1.28 -0.25
CA LYS B 39 -17.35 0.54 -1.43
C LYS B 39 -17.20 -0.94 -1.12
N LEU B 40 -16.80 -1.25 0.11
CA LEU B 40 -16.61 -2.63 0.54
C LEU B 40 -17.92 -3.41 0.43
N TYR B 41 -18.96 -2.89 1.08
CA TYR B 41 -20.26 -3.55 1.07
C TYR B 41 -20.83 -3.61 -0.36
N LEU B 42 -20.52 -2.59 -1.14
CA LEU B 42 -20.99 -2.52 -2.52
C LEU B 42 -20.31 -3.57 -3.38
N TYR B 43 -18.99 -3.69 -3.23
CA TYR B 43 -18.21 -4.66 -3.99
C TYR B 43 -18.74 -6.07 -3.79
N LEU B 44 -18.85 -6.47 -2.53
CA LEU B 44 -19.35 -7.80 -2.18
C LEU B 44 -20.78 -8.00 -2.68
N GLN B 45 -21.57 -6.93 -2.61
CA GLN B 45 -22.96 -6.98 -3.06
C GLN B 45 -23.05 -7.51 -4.49
N LEU B 46 -22.01 -7.27 -5.28
CA LEU B 46 -21.98 -7.72 -6.66
C LEU B 46 -22.18 -9.23 -6.75
N PRO B 47 -22.72 -9.69 -7.88
CA PRO B 47 -22.97 -11.12 -8.12
C PRO B 47 -21.69 -11.92 -8.29
N SER B 48 -21.03 -12.23 -7.17
CA SER B 48 -19.79 -12.98 -7.19
C SER B 48 -19.34 -13.32 -5.77
N GLY B 49 -18.44 -14.30 -5.67
CA GLY B 49 -17.94 -14.71 -4.37
C GLY B 49 -18.41 -16.09 -3.98
N PRO B 50 -17.71 -17.12 -4.47
CA PRO B 50 -18.04 -18.52 -4.18
C PRO B 50 -17.75 -18.90 -2.73
N THR B 51 -16.56 -18.54 -2.25
CA THR B 51 -16.16 -18.85 -0.89
C THR B 51 -16.16 -20.34 -0.63
N THR B 52 -15.95 -21.12 -1.69
CA THR B 52 -15.92 -22.57 -1.59
C THR B 52 -14.68 -23.04 -0.85
N GLY B 53 -13.55 -22.41 -1.15
CA GLY B 53 -12.29 -22.77 -0.52
C GLY B 53 -12.27 -22.44 0.96
N ASP B 54 -13.04 -21.41 1.34
CA ASP B 54 -13.10 -20.99 2.73
C ASP B 54 -13.95 -21.96 3.56
N LYS B 55 -15.18 -22.18 3.12
CA LYS B 55 -16.09 -23.08 3.82
C LYS B 55 -15.56 -24.51 3.81
N SER B 56 -14.76 -24.82 2.79
CA SER B 56 -14.17 -26.16 2.68
C SER B 56 -12.96 -26.31 3.58
N SER B 57 -11.87 -25.65 3.20
CA SER B 57 -10.63 -25.72 3.97
C SER B 57 -10.21 -27.16 4.21
N GLU B 58 -10.44 -28.01 3.22
CA GLU B 58 -10.09 -29.42 3.32
C GLU B 58 -10.33 -30.14 1.99
N PRO B 59 -9.62 -29.70 0.95
CA PRO B 59 -9.73 -30.28 -0.39
C PRO B 59 -9.14 -31.69 -0.46
N SER B 60 -9.90 -32.67 0.02
CA SER B 60 -9.46 -34.06 0.01
C SER B 60 -8.14 -34.20 0.77
N THR B 61 -8.24 -34.34 2.09
CA THR B 61 -7.05 -34.49 2.93
C THR B 61 -6.53 -35.91 2.89
N LEU B 62 -7.44 -36.87 2.68
CA LEU B 62 -7.06 -38.28 2.62
C LEU B 62 -6.32 -38.70 3.89
N SER B 63 -6.59 -38.01 4.98
CA SER B 63 -5.95 -38.31 6.25
C SER B 63 -4.43 -38.35 6.11
N ASN B 64 -3.80 -37.20 6.25
CA ASN B 64 -2.35 -37.10 6.14
C ASN B 64 -1.66 -37.43 7.47
N GLU B 65 -0.67 -38.30 7.40
CA GLU B 65 0.07 -38.71 8.60
C GLU B 65 1.52 -39.04 8.26
N GLU B 66 1.72 -40.11 7.49
CA GLU B 66 3.06 -40.53 7.10
C GLU B 66 3.00 -41.49 5.92
N TYR B 67 4.16 -41.95 5.47
CA TYR B 67 4.25 -42.87 4.35
C TYR B 67 4.79 -44.22 4.79
N MET B 68 5.93 -44.20 5.49
CA MET B 68 6.56 -45.41 5.97
C MET B 68 6.75 -45.37 7.48
N GLY C 1 16.75 22.50 12.87
CA GLY C 1 17.23 21.32 12.18
C GLY C 1 16.58 21.13 10.83
N HIS C 2 17.24 20.37 9.95
CA HIS C 2 16.73 20.12 8.62
C HIS C 2 16.30 18.66 8.47
N GLY C 3 15.02 18.39 8.77
CA GLY C 3 14.52 17.04 8.66
C GLY C 3 13.12 16.99 8.09
N THR C 4 12.66 15.78 7.75
CA THR C 4 11.33 15.61 7.18
C THR C 4 10.25 16.06 8.16
N GLY C 5 10.20 15.39 9.32
CA GLY C 5 9.21 15.74 10.32
C GLY C 5 9.68 16.83 11.25
N SER C 6 8.82 17.24 12.17
CA SER C 6 9.16 18.30 13.13
C SER C 6 8.57 17.98 14.50
N PHE C 7 9.21 18.51 15.55
CA PHE C 7 8.75 18.29 16.91
C PHE C 7 8.56 16.80 17.19
N GLY C 8 9.66 16.05 17.16
CA GLY C 8 9.59 14.63 17.42
C GLY C 8 8.69 13.91 16.44
N ASP C 9 8.21 12.73 16.83
CA ASP C 9 7.32 11.94 15.98
C ASP C 9 5.88 12.42 16.11
N ARG C 10 5.08 12.14 15.08
CA ARG C 10 3.67 12.54 15.09
C ARG C 10 2.81 11.46 14.45
N PRO C 11 1.56 11.33 14.95
CA PRO C 11 0.61 10.33 14.45
C PRO C 11 0.11 10.68 13.04
N ALA C 12 -0.55 9.71 12.41
CA ALA C 12 -1.08 9.91 11.07
C ALA C 12 -0.01 10.43 10.12
N ARG C 13 0.80 9.52 9.60
CA ARG C 13 1.87 9.88 8.68
C ARG C 13 1.78 9.08 7.38
N PRO C 14 0.90 9.51 6.47
CA PRO C 14 0.69 8.85 5.19
C PRO C 14 1.88 9.02 4.24
N THR C 15 2.26 7.93 3.59
CA THR C 15 3.39 7.95 2.66
C THR C 15 3.03 7.29 1.34
N LEU C 16 2.99 8.09 0.27
CA LEU C 16 2.66 7.58 -1.05
C LEU C 16 3.69 6.56 -1.51
N LEU C 17 4.95 6.80 -1.17
CA LEU C 17 6.03 5.90 -1.54
C LEU C 17 5.84 4.52 -0.92
N GLU C 18 5.88 4.48 0.41
CA GLU C 18 5.70 3.22 1.13
C GLU C 18 4.36 2.58 0.80
N GLN C 19 3.42 3.40 0.33
CA GLN C 19 2.10 2.91 -0.03
C GLN C 19 2.16 1.97 -1.24
N VAL C 20 2.52 2.53 -2.39
CA VAL C 20 2.62 1.75 -3.62
C VAL C 20 3.52 0.53 -3.42
N LEU C 21 4.62 0.74 -2.69
CA LEU C 21 5.57 -0.34 -2.43
C LEU C 21 4.94 -1.43 -1.57
N ASN C 22 4.61 -1.08 -0.34
CA ASN C 22 3.99 -2.03 0.59
C ASN C 22 2.77 -2.69 -0.04
N GLN C 23 2.09 -1.96 -0.92
CA GLN C 23 0.91 -2.47 -1.59
C GLN C 23 1.26 -3.69 -2.45
N LYS C 24 2.22 -3.52 -3.35
CA LYS C 24 2.66 -4.60 -4.22
C LYS C 24 3.09 -5.81 -3.42
N ARG C 25 3.81 -5.57 -2.32
CA ARG C 25 4.28 -6.65 -1.47
C ARG C 25 3.13 -7.54 -1.02
N LEU C 26 2.12 -6.92 -0.41
CA LEU C 26 0.96 -7.66 0.07
C LEU C 26 0.12 -8.17 -1.09
N SER C 27 0.27 -7.53 -2.25
CA SER C 27 -0.47 -7.92 -3.45
C SER C 27 -0.16 -9.36 -3.84
N LEU C 28 1.11 -9.63 -4.13
CA LEU C 28 1.54 -10.96 -4.52
C LEU C 28 1.05 -11.32 -5.92
N LEU C 29 -0.26 -11.46 -6.06
CA LEU C 29 -0.87 -11.78 -7.36
C LEU C 29 -1.17 -10.53 -8.15
N ARG C 30 -0.71 -9.39 -7.65
CA ARG C 30 -0.93 -8.12 -8.31
C ARG C 30 -2.41 -7.78 -8.37
N SER C 31 -3.12 -8.08 -7.28
CA SER C 31 -4.56 -7.82 -7.21
C SER C 31 -4.82 -6.42 -6.66
N PRO C 32 -5.33 -5.53 -7.52
CA PRO C 32 -5.65 -4.15 -7.14
C PRO C 32 -6.84 -4.07 -6.19
N GLU C 33 -7.84 -4.91 -6.43
CA GLU C 33 -9.04 -4.92 -5.60
C GLU C 33 -8.70 -5.29 -4.15
N VAL C 34 -7.96 -6.38 -3.98
CA VAL C 34 -7.56 -6.84 -2.66
C VAL C 34 -6.68 -5.81 -1.97
N VAL C 35 -5.54 -5.52 -2.59
CA VAL C 35 -4.60 -4.55 -2.04
C VAL C 35 -5.30 -3.24 -1.70
N GLN C 36 -6.31 -2.89 -2.49
CA GLN C 36 -7.06 -1.65 -2.26
C GLN C 36 -7.77 -1.69 -0.90
N PHE C 37 -8.68 -2.64 -0.74
CA PHE C 37 -9.43 -2.77 0.51
C PHE C 37 -8.49 -3.13 1.66
N LEU C 38 -7.36 -3.74 1.33
CA LEU C 38 -6.38 -4.13 2.35
C LEU C 38 -5.75 -2.91 3.00
N GLN C 39 -5.32 -1.96 2.17
CA GLN C 39 -4.70 -0.74 2.67
C GLN C 39 -5.71 0.10 3.45
N LYS C 40 -6.88 0.30 2.87
CA LYS C 40 -7.93 1.08 3.50
C LYS C 40 -8.26 0.53 4.89
N GLN C 41 -8.55 -0.77 4.95
CA GLN C 41 -8.88 -1.42 6.21
C GLN C 41 -7.69 -1.37 7.18
N GLN C 42 -6.54 -1.83 6.71
CA GLN C 42 -5.33 -1.85 7.53
C GLN C 42 -5.07 -0.46 8.12
N GLN C 43 -5.43 0.57 7.38
CA GLN C 43 -5.23 1.95 7.84
C GLN C 43 -6.19 2.29 8.97
N LEU C 44 -7.45 1.91 8.80
CA LEU C 44 -8.47 2.19 9.81
C LEU C 44 -8.12 1.49 11.13
N LEU C 45 -7.66 0.26 11.04
CA LEU C 45 -7.28 -0.51 12.23
C LEU C 45 -5.99 0.03 12.83
N ASN C 46 -4.97 0.20 11.99
CA ASN C 46 -3.68 0.71 12.45
C ASN C 46 -3.85 2.01 13.24
N GLN C 47 -4.68 2.91 12.71
CA GLN C 47 -4.93 4.19 13.36
C GLN C 47 -5.69 3.99 14.67
N GLN C 48 -6.72 3.16 14.63
CA GLN C 48 -7.53 2.89 15.80
C GLN C 48 -6.67 2.41 16.97
N VAL C 49 -5.58 1.73 16.65
CA VAL C 49 -4.66 1.22 17.66
C VAL C 49 -3.61 2.26 18.02
N LEU C 50 -3.23 3.06 17.04
CA LEU C 50 -2.22 4.10 17.25
C LEU C 50 -0.90 3.50 17.69
N GLU C 51 0.13 4.34 17.78
CA GLU C 51 1.45 3.89 18.20
C GLU C 51 1.80 4.44 19.57
N GLN C 52 3.01 4.13 20.04
CA GLN C 52 3.47 4.59 21.34
C GLN C 52 4.61 5.60 21.20
N ARG C 53 5.18 6.01 22.32
CA ARG C 53 6.28 6.97 22.31
C ARG C 53 7.32 6.61 23.38
N GLN C 54 8.35 7.44 23.50
CA GLN C 54 9.41 7.22 24.48
C GLN C 54 10.13 5.91 24.19
N GLN C 55 11.05 5.93 23.22
CA GLN C 55 11.81 4.75 22.86
C GLN C 55 12.90 5.10 21.86
N GLN C 56 13.99 5.69 22.34
CA GLN C 56 15.11 6.08 21.49
C GLN C 56 16.43 5.62 22.08
N PHE C 57 16.86 6.29 23.15
CA PHE C 57 18.11 5.95 23.81
C PHE C 57 17.86 5.49 25.24
N PRO C 58 17.45 4.22 25.40
CA PRO C 58 17.18 3.63 26.71
C PRO C 58 18.44 3.44 27.53
N GLY C 59 18.29 2.78 28.68
CA GLY C 59 19.43 2.53 29.55
C GLY C 59 20.39 1.50 28.98
N THR C 60 21.16 0.86 29.85
CA THR C 60 22.12 -0.15 29.42
C THR C 60 21.87 -1.48 30.14
N SER C 61 21.52 -1.39 31.43
CA SER C 61 21.28 -2.58 32.22
C SER C 61 19.89 -3.14 31.93
N MET C 62 18.90 -2.25 31.81
CA MET C 62 17.53 -2.66 31.53
C MET C 62 17.16 -2.35 30.07
N GLY A 1 -15.48 20.95 -25.95
CA GLY A 1 -16.49 20.49 -25.00
C GLY A 1 -16.62 18.98 -25.00
N ALA A 2 -16.61 18.39 -23.80
CA ALA A 2 -16.72 16.95 -23.66
C ALA A 2 -17.72 16.59 -22.56
N GLY A 3 -17.53 17.18 -21.38
CA GLY A 3 -18.41 16.92 -20.26
C GLY A 3 -17.81 15.95 -19.27
N GLU A 4 -18.53 15.69 -18.18
CA GLU A 4 -18.05 14.78 -17.14
C GLU A 4 -19.15 13.83 -16.71
N PRO A 5 -18.77 12.59 -16.37
CA PRO A 5 -19.71 11.55 -15.92
C PRO A 5 -20.30 11.86 -14.54
N THR A 6 -21.05 10.91 -14.00
CA THR A 6 -21.66 11.07 -12.69
C THR A 6 -20.61 11.15 -11.60
N THR A 7 -21.06 11.16 -10.34
CA THR A 7 -20.15 11.23 -9.21
C THR A 7 -19.35 9.94 -9.05
N LEU A 8 -18.20 10.04 -8.39
CA LEU A 8 -17.35 8.88 -8.18
C LEU A 8 -18.04 7.85 -7.27
N LEU A 9 -18.53 8.32 -6.13
CA LEU A 9 -19.22 7.45 -5.19
C LEU A 9 -20.37 6.70 -5.86
N GLN A 10 -21.13 7.41 -6.67
CA GLN A 10 -22.25 6.81 -7.39
C GLN A 10 -21.76 5.87 -8.47
N ARG A 11 -20.93 6.38 -9.37
CA ARG A 11 -20.40 5.58 -10.47
C ARG A 11 -19.77 4.29 -9.94
N LEU A 12 -19.26 4.34 -8.72
CA LEU A 12 -18.63 3.18 -8.10
C LEU A 12 -19.67 2.30 -7.41
N ARG A 13 -20.58 2.94 -6.67
CA ARG A 13 -21.63 2.23 -5.96
C ARG A 13 -22.36 1.27 -6.90
N GLY A 14 -22.45 1.65 -8.17
CA GLY A 14 -23.12 0.80 -9.14
C GLY A 14 -22.22 -0.27 -9.71
N THR A 15 -20.93 0.05 -9.82
CA THR A 15 -19.96 -0.90 -10.37
C THR A 15 -18.55 -0.31 -10.35
N ILE A 16 -17.55 -1.17 -10.26
CA ILE A 16 -16.16 -0.74 -10.24
C ILE A 16 -15.85 0.14 -11.45
N SER A 17 -14.92 1.08 -11.27
CA SER A 17 -14.53 1.98 -12.35
C SER A 17 -13.36 1.41 -13.14
N LYS A 18 -13.50 1.40 -14.46
CA LYS A 18 -12.46 0.88 -15.34
C LYS A 18 -11.14 1.60 -15.09
N ALA A 19 -11.20 2.92 -14.94
CA ALA A 19 -10.01 3.72 -14.70
C ALA A 19 -9.31 3.28 -13.43
N VAL A 20 -10.09 3.03 -12.37
CA VAL A 20 -9.53 2.60 -11.10
C VAL A 20 -8.72 1.33 -11.24
N GLN A 21 -9.36 0.29 -11.79
CA GLN A 21 -8.69 -0.99 -11.98
C GLN A 21 -7.56 -0.87 -12.99
N ASN A 22 -7.73 0.04 -13.96
CA ASN A 22 -6.72 0.25 -14.99
C ASN A 22 -5.45 0.84 -14.40
N LYS A 23 -5.59 2.00 -13.74
CA LYS A 23 -4.46 2.67 -13.13
C LYS A 23 -3.69 1.71 -12.22
N VAL A 24 -4.42 1.03 -11.34
CA VAL A 24 -3.81 0.09 -10.41
C VAL A 24 -2.93 -0.92 -11.15
N GLU A 25 -3.50 -1.55 -12.17
CA GLU A 25 -2.78 -2.54 -12.95
C GLU A 25 -1.48 -1.95 -13.52
N GLY A 26 -1.57 -0.71 -13.99
CA GLY A 26 -0.40 -0.05 -14.55
C GLY A 26 0.76 0.01 -13.57
N ILE A 27 0.50 0.52 -12.38
CA ILE A 27 1.52 0.61 -11.34
C ILE A 27 2.17 -0.74 -11.08
N LEU A 28 1.35 -1.76 -10.88
CA LEU A 28 1.84 -3.10 -10.61
C LEU A 28 2.85 -3.53 -11.68
N GLN A 29 2.56 -3.20 -12.93
CA GLN A 29 3.43 -3.55 -14.04
C GLN A 29 4.69 -2.67 -14.03
N ASP A 30 4.52 -1.41 -13.66
CA ASP A 30 5.63 -0.48 -13.62
C ASP A 30 6.77 -1.02 -12.78
N VAL A 31 6.47 -1.43 -11.55
CA VAL A 31 7.47 -1.99 -10.66
C VAL A 31 7.89 -3.38 -11.10
N GLN A 32 6.94 -4.16 -11.60
CA GLN A 32 7.22 -5.52 -12.05
C GLN A 32 8.21 -5.50 -13.20
N LYS A 33 8.34 -4.36 -13.87
CA LYS A 33 9.26 -4.22 -14.99
C LYS A 33 10.66 -4.69 -14.60
N PHE A 34 11.02 -4.49 -13.34
CA PHE A 34 12.33 -4.89 -12.85
C PHE A 34 12.20 -5.84 -11.66
N SER A 35 13.34 -6.26 -11.12
CA SER A 35 13.34 -7.18 -9.98
C SER A 35 12.45 -6.66 -8.86
N ASP A 36 11.55 -7.51 -8.39
CA ASP A 36 10.63 -7.15 -7.31
C ASP A 36 11.31 -7.25 -5.96
N ASN A 37 12.22 -8.22 -5.84
CA ASN A 37 12.94 -8.44 -4.58
C ASN A 37 14.02 -7.37 -4.39
N ASP A 38 14.93 -7.27 -5.36
CA ASP A 38 16.01 -6.30 -5.29
C ASP A 38 15.46 -4.90 -5.00
N LYS A 39 14.38 -4.54 -5.67
CA LYS A 39 13.76 -3.24 -5.50
C LYS A 39 13.01 -3.17 -4.16
N LEU A 40 12.42 -4.29 -3.77
CA LEU A 40 11.67 -4.35 -2.52
C LEU A 40 12.51 -3.84 -1.36
N TYR A 41 13.77 -4.30 -1.29
CA TYR A 41 14.68 -3.89 -0.23
C TYR A 41 15.23 -2.50 -0.49
N LEU A 42 15.56 -2.23 -1.75
CA LEU A 42 16.10 -0.92 -2.14
C LEU A 42 15.11 0.19 -1.82
N TYR A 43 13.82 -0.16 -1.80
CA TYR A 43 12.77 0.82 -1.51
C TYR A 43 12.35 0.74 -0.05
N LEU A 44 11.65 -0.33 0.32
CA LEU A 44 11.19 -0.52 1.68
C LEU A 44 12.34 -0.33 2.68
N GLN A 45 13.54 -0.68 2.24
CA GLN A 45 14.72 -0.55 3.10
C GLN A 45 15.73 0.42 2.48
N LEU A 46 15.22 1.53 1.96
CA LEU A 46 16.08 2.54 1.35
C LEU A 46 17.20 2.95 2.29
N PRO A 47 18.38 3.25 1.71
CA PRO A 47 19.57 3.66 2.49
C PRO A 47 19.40 5.04 3.10
N SER A 48 18.76 5.10 4.26
CA SER A 48 18.53 6.36 4.95
C SER A 48 17.91 6.14 6.33
N GLY A 49 16.79 5.42 6.36
CA GLY A 49 16.12 5.14 7.61
C GLY A 49 15.72 3.69 7.74
N PRO A 50 15.67 3.20 8.99
CA PRO A 50 15.30 1.80 9.27
C PRO A 50 13.82 1.53 9.00
N THR A 51 13.42 0.27 9.16
CA THR A 51 12.04 -0.11 8.93
C THR A 51 11.71 -1.42 9.64
N THR A 52 12.43 -1.70 10.72
CA THR A 52 12.22 -2.93 11.49
C THR A 52 10.81 -2.97 12.06
N GLY A 53 10.36 -1.86 12.63
CA GLY A 53 9.03 -1.80 13.21
C GLY A 53 7.96 -2.25 12.24
N ASP A 54 7.99 -1.70 11.03
CA ASP A 54 7.01 -2.04 10.00
C ASP A 54 7.15 -3.50 9.60
N LYS A 55 8.38 -4.00 9.56
CA LYS A 55 8.65 -5.38 9.20
C LYS A 55 8.05 -6.34 10.22
N SER A 56 8.25 -6.02 11.50
CA SER A 56 7.73 -6.86 12.57
C SER A 56 6.21 -6.77 12.65
N SER A 57 5.66 -5.65 12.22
CA SER A 57 4.21 -5.43 12.25
C SER A 57 3.49 -6.57 11.51
N GLU A 58 3.71 -6.65 10.20
CA GLU A 58 3.07 -7.68 9.39
C GLU A 58 4.10 -8.37 8.49
N PRO A 59 4.85 -9.31 9.08
CA PRO A 59 5.88 -10.06 8.35
C PRO A 59 5.28 -11.03 7.33
N SER A 60 4.26 -11.76 7.75
CA SER A 60 3.60 -12.73 6.89
C SER A 60 4.61 -13.68 6.26
N THR A 61 5.09 -14.63 7.06
CA THR A 61 6.06 -15.61 6.59
C THR A 61 5.52 -17.03 6.68
N LEU A 62 4.95 -17.36 7.84
CA LEU A 62 4.39 -18.69 8.06
C LEU A 62 2.93 -18.59 8.49
N SER A 63 2.12 -17.90 7.68
CA SER A 63 0.71 -17.74 7.98
C SER A 63 -0.06 -19.04 7.74
N ASN A 64 0.05 -19.55 6.52
CA ASN A 64 -0.63 -20.79 6.15
C ASN A 64 -0.20 -21.26 4.77
N GLU A 65 -0.15 -22.58 4.59
CA GLU A 65 0.25 -23.15 3.30
C GLU A 65 -0.86 -24.02 2.72
N GLU A 66 -1.16 -23.80 1.44
CA GLU A 66 -2.21 -24.56 0.77
C GLU A 66 -1.63 -25.37 -0.38
N TYR A 67 -2.52 -26.02 -1.13
CA TYR A 67 -2.11 -26.84 -2.26
C TYR A 67 -2.73 -26.35 -3.56
N MET A 68 -2.26 -26.89 -4.68
CA MET A 68 -2.78 -26.49 -5.98
C MET A 68 -4.28 -26.75 -6.08
N GLY B 1 10.58 11.16 -20.87
CA GLY B 1 11.90 11.66 -21.21
C GLY B 1 13.01 10.72 -20.77
N ALA B 2 13.76 11.13 -19.76
CA ALA B 2 14.85 10.32 -19.24
C ALA B 2 15.93 10.11 -20.31
N GLY B 3 16.74 11.15 -20.54
CA GLY B 3 17.79 11.06 -21.53
C GLY B 3 19.17 11.10 -20.90
N GLU B 4 19.52 10.03 -20.18
CA GLU B 4 20.82 9.96 -19.53
C GLU B 4 21.35 8.52 -19.55
N PRO B 5 22.68 8.38 -19.39
CA PRO B 5 23.34 7.06 -19.38
C PRO B 5 22.99 6.25 -18.15
N THR B 6 21.81 5.64 -18.17
CA THR B 6 21.36 4.81 -17.05
C THR B 6 20.11 4.02 -17.42
N THR B 7 20.10 2.74 -17.05
CA THR B 7 18.97 1.87 -17.34
C THR B 7 17.81 2.14 -16.40
N LEU B 8 16.71 1.42 -16.60
CA LEU B 8 15.52 1.59 -15.77
C LEU B 8 15.78 1.14 -14.34
N LEU B 9 16.28 -0.09 -14.19
CA LEU B 9 16.59 -0.64 -12.88
C LEU B 9 17.73 0.14 -12.22
N GLN B 10 18.73 0.49 -13.01
CA GLN B 10 19.88 1.22 -12.50
C GLN B 10 19.46 2.62 -12.03
N ARG B 11 18.70 3.32 -12.87
CA ARG B 11 18.24 4.66 -12.54
C ARG B 11 17.52 4.68 -11.20
N LEU B 12 16.52 3.80 -11.07
CA LEU B 12 15.76 3.71 -9.83
C LEU B 12 16.62 3.22 -8.68
N ARG B 13 17.44 2.22 -8.95
CA ARG B 13 18.33 1.65 -7.94
C ARG B 13 19.14 2.76 -7.26
N GLY B 14 19.49 3.78 -8.02
CA GLY B 14 20.27 4.88 -7.47
C GLY B 14 19.41 5.89 -6.74
N THR B 15 18.14 5.97 -7.14
CA THR B 15 17.20 6.91 -6.52
C THR B 15 15.80 6.77 -7.12
N ILE B 16 14.79 6.84 -6.26
CA ILE B 16 13.41 6.71 -6.70
C ILE B 16 13.11 7.68 -7.85
N SER B 17 12.31 7.23 -8.80
CA SER B 17 11.94 8.04 -9.95
C SER B 17 10.75 8.93 -9.63
N LYS B 18 10.85 10.21 -10.00
CA LYS B 18 9.79 11.17 -9.75
C LYS B 18 8.48 10.70 -10.38
N ALA B 19 8.54 10.33 -11.65
CA ALA B 19 7.35 9.86 -12.37
C ALA B 19 6.67 8.73 -11.60
N VAL B 20 7.46 7.81 -11.07
CA VAL B 20 6.93 6.68 -10.32
C VAL B 20 6.11 7.16 -9.13
N GLN B 21 6.71 8.01 -8.31
CA GLN B 21 6.03 8.54 -7.13
C GLN B 21 4.75 9.27 -7.52
N ASN B 22 4.79 9.94 -8.67
CA ASN B 22 3.62 10.68 -9.16
C ASN B 22 2.42 9.75 -9.33
N LYS B 23 2.59 8.74 -10.17
CA LYS B 23 1.52 7.78 -10.43
C LYS B 23 0.97 7.21 -9.13
N VAL B 24 1.87 6.85 -8.23
CA VAL B 24 1.48 6.29 -6.94
C VAL B 24 0.45 7.18 -6.24
N GLU B 25 0.77 8.47 -6.16
CA GLU B 25 -0.12 9.43 -5.52
C GLU B 25 -1.46 9.51 -6.25
N GLY B 26 -1.42 9.31 -7.56
CA GLY B 26 -2.63 9.36 -8.36
C GLY B 26 -3.64 8.32 -7.93
N ILE B 27 -3.24 7.05 -8.00
CA ILE B 27 -4.13 5.95 -7.62
C ILE B 27 -4.45 5.99 -6.14
N LEU B 28 -3.51 6.49 -5.34
CA LEU B 28 -3.69 6.59 -3.90
C LEU B 28 -4.94 7.40 -3.56
N GLN B 29 -5.05 8.58 -4.15
CA GLN B 29 -6.20 9.45 -3.90
C GLN B 29 -7.42 8.96 -4.68
N ASP B 30 -7.17 8.24 -5.77
CA ASP B 30 -8.24 7.72 -6.59
C ASP B 30 -9.16 6.80 -5.79
N VAL B 31 -8.56 5.84 -5.08
CA VAL B 31 -9.32 4.90 -4.27
C VAL B 31 -9.73 5.54 -2.94
N GLN B 32 -8.76 6.18 -2.28
CA GLN B 32 -9.03 6.82 -0.99
C GLN B 32 -10.09 7.92 -1.14
N LYS B 33 -10.29 8.37 -2.37
CA LYS B 33 -11.28 9.41 -2.64
C LYS B 33 -12.64 9.05 -2.04
N PHE B 34 -12.95 7.76 -2.04
CA PHE B 34 -14.21 7.27 -1.49
C PHE B 34 -13.97 6.34 -0.31
N SER B 35 -14.95 6.27 0.59
CA SER B 35 -14.85 5.42 1.76
C SER B 35 -14.49 3.99 1.36
N ASP B 36 -13.90 3.24 2.30
CA ASP B 36 -13.52 1.86 2.04
C ASP B 36 -14.58 0.90 2.56
N ASN B 37 -15.14 1.20 3.72
CA ASN B 37 -16.17 0.36 4.33
C ASN B 37 -17.37 0.23 3.40
N ASP B 38 -17.92 1.38 3.00
CA ASP B 38 -19.08 1.39 2.12
C ASP B 38 -18.83 0.53 0.88
N LYS B 39 -17.71 0.76 0.21
CA LYS B 39 -17.36 0.02 -0.99
C LYS B 39 -17.09 -1.44 -0.65
N LEU B 40 -16.70 -1.70 0.59
CA LEU B 40 -16.41 -3.06 1.03
C LEU B 40 -17.66 -3.94 0.94
N TYR B 41 -18.73 -3.50 1.60
CA TYR B 41 -19.98 -4.25 1.59
C TYR B 41 -20.59 -4.27 0.19
N LEU B 42 -20.44 -3.17 -0.54
CA LEU B 42 -20.96 -3.06 -1.89
C LEU B 42 -20.26 -4.03 -2.83
N TYR B 43 -18.94 -4.12 -2.71
CA TYR B 43 -18.14 -4.99 -3.55
C TYR B 43 -18.55 -6.45 -3.34
N LEU B 44 -18.52 -6.90 -2.09
CA LEU B 44 -18.89 -8.27 -1.76
C LEU B 44 -20.28 -8.60 -2.28
N GLN B 45 -21.19 -7.63 -2.19
CA GLN B 45 -22.56 -7.83 -2.64
C GLN B 45 -22.59 -8.27 -4.11
N LEU B 46 -21.57 -7.85 -4.87
CA LEU B 46 -21.48 -8.20 -6.27
C LEU B 46 -21.61 -9.71 -6.47
N PRO B 47 -22.09 -10.12 -7.66
CA PRO B 47 -22.26 -11.53 -8.00
C PRO B 47 -20.93 -12.26 -8.17
N SER B 48 -20.82 -13.44 -7.56
CA SER B 48 -19.59 -14.22 -7.66
C SER B 48 -18.42 -13.48 -7.03
N GLY B 49 -18.24 -13.64 -5.73
CA GLY B 49 -17.15 -12.98 -5.03
C GLY B 49 -16.11 -13.95 -4.52
N PRO B 50 -14.88 -13.46 -4.35
CA PRO B 50 -13.76 -14.28 -3.86
C PRO B 50 -13.92 -14.67 -2.40
N THR B 51 -12.92 -15.36 -1.86
CA THR B 51 -12.95 -15.78 -0.46
C THR B 51 -11.83 -15.14 0.33
N THR B 52 -10.75 -14.78 -0.37
CA THR B 52 -9.60 -14.15 0.28
C THR B 52 -8.94 -15.10 1.27
N GLY B 53 -8.75 -16.35 0.85
CA GLY B 53 -8.13 -17.33 1.71
C GLY B 53 -8.86 -17.51 3.02
N ASP B 54 -10.19 -17.62 2.96
CA ASP B 54 -11.01 -17.79 4.14
C ASP B 54 -10.84 -16.60 5.08
N LYS B 55 -10.98 -15.39 4.54
CA LYS B 55 -10.84 -14.18 5.34
C LYS B 55 -9.48 -14.11 6.01
N SER B 56 -8.42 -14.18 5.21
CA SER B 56 -7.07 -14.13 5.73
C SER B 56 -6.85 -15.21 6.78
N SER B 57 -7.60 -16.30 6.67
CA SER B 57 -7.50 -17.41 7.61
C SER B 57 -7.63 -16.92 9.05
N GLU B 58 -8.41 -15.86 9.23
CA GLU B 58 -8.62 -15.28 10.55
C GLU B 58 -7.32 -14.71 11.12
N PRO B 59 -7.44 -13.71 11.99
CA PRO B 59 -6.29 -13.06 12.62
C PRO B 59 -5.59 -13.97 13.61
N SER B 60 -4.64 -13.39 14.36
CA SER B 60 -3.89 -14.16 15.36
C SER B 60 -2.97 -13.25 16.15
N THR B 61 -3.50 -12.66 17.23
CA THR B 61 -2.72 -11.77 18.08
C THR B 61 -2.14 -12.51 19.27
N LEU B 62 -3.00 -13.19 20.01
CA LEU B 62 -2.56 -13.95 21.18
C LEU B 62 -1.92 -13.04 22.21
N SER B 63 -2.75 -12.30 22.96
CA SER B 63 -2.26 -11.39 23.97
C SER B 63 -3.42 -10.84 24.81
N ASN B 64 -3.12 -10.50 26.06
CA ASN B 64 -4.14 -9.96 26.96
C ASN B 64 -3.50 -9.19 28.11
N GLU B 65 -3.94 -7.95 28.31
CA GLU B 65 -3.40 -7.11 29.37
C GLU B 65 -4.30 -5.90 29.61
N GLU B 66 -5.61 -6.14 29.57
CA GLU B 66 -6.58 -5.06 29.79
C GLU B 66 -7.47 -5.36 30.99
N TYR B 67 -7.66 -4.35 31.84
CA TYR B 67 -8.48 -4.51 33.03
C TYR B 67 -9.76 -3.68 32.92
N MET B 68 -9.60 -2.40 32.62
CA MET B 68 -10.74 -1.50 32.48
C MET B 68 -11.63 -1.56 33.72
N GLY C 1 14.20 18.32 -3.85
CA GLY C 1 14.03 19.65 -4.43
C GLY C 1 12.66 19.84 -5.05
N HIS C 2 12.17 21.08 -5.02
CA HIS C 2 10.86 21.39 -5.59
C HIS C 2 9.76 20.59 -4.90
N GLY C 3 9.77 20.60 -3.56
CA GLY C 3 8.77 19.87 -2.81
C GLY C 3 8.63 20.39 -1.39
N THR C 4 9.04 19.56 -0.43
CA THR C 4 8.96 19.94 0.99
C THR C 4 10.27 19.64 1.71
N GLY C 5 10.64 18.37 1.76
CA GLY C 5 11.87 17.98 2.42
C GLY C 5 11.87 16.51 2.81
N SER C 6 12.72 16.15 3.76
CA SER C 6 12.83 14.77 4.22
C SER C 6 13.79 14.66 5.41
N PHE C 7 13.53 15.44 6.45
CA PHE C 7 14.37 15.43 7.64
C PHE C 7 13.55 15.10 8.89
N GLY C 8 14.05 14.17 9.68
CA GLY C 8 13.35 13.77 10.89
C GLY C 8 13.21 12.26 11.02
N ASP C 9 12.16 11.83 11.71
CA ASP C 9 11.93 10.41 11.90
C ASP C 9 10.79 9.91 11.01
N ARG C 10 10.87 8.65 10.62
CA ARG C 10 9.85 8.05 9.76
C ARG C 10 9.16 6.88 10.45
N PRO C 11 8.34 7.19 11.47
CA PRO C 11 7.62 6.17 12.23
C PRO C 11 6.51 5.52 11.42
N ALA C 12 5.81 4.57 12.03
CA ALA C 12 4.72 3.87 11.35
C ALA C 12 3.68 4.86 10.82
N ARG C 13 3.74 5.12 9.51
CA ARG C 13 2.81 6.04 8.88
C ARG C 13 2.63 5.70 7.41
N PRO C 14 1.41 5.92 6.89
CA PRO C 14 1.07 5.64 5.49
C PRO C 14 1.75 6.61 4.53
N THR C 15 2.60 6.08 3.65
CA THR C 15 3.31 6.91 2.69
C THR C 15 3.12 6.39 1.27
N LEU C 16 3.18 7.29 0.29
CA LEU C 16 3.01 6.92 -1.11
C LEU C 16 3.98 5.80 -1.50
N LEU C 17 5.22 5.93 -1.06
CA LEU C 17 6.25 4.93 -1.35
C LEU C 17 5.85 3.56 -0.80
N GLU C 18 5.67 3.49 0.51
CA GLU C 18 5.28 2.24 1.16
C GLU C 18 3.94 1.75 0.64
N GLN C 19 3.18 2.66 0.03
CA GLN C 19 1.86 2.31 -0.51
C GLN C 19 2.00 1.43 -1.75
N VAL C 20 2.60 1.99 -2.80
CA VAL C 20 2.79 1.26 -4.05
C VAL C 20 3.54 -0.04 -3.81
N LEU C 21 4.55 0.00 -2.94
CA LEU C 21 5.34 -1.16 -2.62
C LEU C 21 4.50 -2.22 -1.91
N ASN C 22 4.05 -1.90 -0.71
CA ASN C 22 3.23 -2.81 0.08
C ASN C 22 2.05 -3.32 -0.75
N GLN C 23 1.50 -2.46 -1.59
CA GLN C 23 0.37 -2.82 -2.43
C GLN C 23 0.71 -4.03 -3.30
N LYS C 24 1.76 -3.89 -4.10
CA LYS C 24 2.19 -4.96 -4.99
C LYS C 24 2.39 -6.27 -4.22
N ARG C 25 3.02 -6.17 -3.06
CA ARG C 25 3.27 -7.34 -2.21
C ARG C 25 1.98 -8.12 -1.99
N LEU C 26 0.94 -7.42 -1.56
CA LEU C 26 -0.35 -8.06 -1.31
C LEU C 26 -1.06 -8.40 -2.62
N SER C 27 -0.74 -7.66 -3.67
CA SER C 27 -1.34 -7.89 -4.98
C SER C 27 -1.15 -9.32 -5.44
N LEU C 28 0.10 -9.79 -5.36
CA LEU C 28 0.43 -11.15 -5.76
C LEU C 28 0.35 -11.31 -7.29
N LEU C 29 -0.87 -11.27 -7.81
CA LEU C 29 -1.09 -11.41 -9.25
C LEU C 29 -1.34 -10.04 -9.88
N ARG C 30 -2.55 -9.52 -9.69
CA ARG C 30 -2.92 -8.23 -10.25
C ARG C 30 -4.37 -7.89 -9.92
N SER C 31 -4.73 -8.03 -8.64
CA SER C 31 -6.09 -7.74 -8.20
C SER C 31 -6.15 -6.37 -7.52
N PRO C 32 -6.70 -5.39 -8.25
CA PRO C 32 -6.83 -4.02 -7.75
C PRO C 32 -7.87 -3.90 -6.64
N GLU C 33 -8.71 -4.93 -6.53
CA GLU C 33 -9.76 -4.94 -5.51
C GLU C 33 -9.17 -5.19 -4.13
N VAL C 34 -8.30 -6.19 -4.03
CA VAL C 34 -7.66 -6.53 -2.76
C VAL C 34 -6.54 -5.55 -2.43
N VAL C 35 -5.81 -5.13 -3.46
CA VAL C 35 -4.70 -4.20 -3.28
C VAL C 35 -5.21 -2.85 -2.77
N GLN C 36 -6.33 -2.40 -3.31
CA GLN C 36 -6.92 -1.12 -2.92
C GLN C 36 -7.66 -1.26 -1.58
N PHE C 37 -8.21 -2.44 -1.34
CA PHE C 37 -8.94 -2.69 -0.10
C PHE C 37 -8.00 -2.69 1.10
N LEU C 38 -6.95 -3.50 1.01
CA LEU C 38 -5.98 -3.59 2.10
C LEU C 38 -5.21 -2.28 2.26
N GLN C 39 -4.80 -1.71 1.13
CA GLN C 39 -4.06 -0.45 1.14
C GLN C 39 -4.79 0.61 1.95
N LYS C 40 -6.08 0.79 1.65
CA LYS C 40 -6.91 1.77 2.35
C LYS C 40 -7.21 1.30 3.78
N GLN C 41 -7.29 -0.01 3.97
CA GLN C 41 -7.57 -0.58 5.28
C GLN C 41 -6.44 -0.28 6.26
N GLN C 42 -5.22 -0.53 5.82
CA GLN C 42 -4.04 -0.30 6.66
C GLN C 42 -3.85 1.20 6.92
N GLN C 43 -4.01 2.00 5.87
CA GLN C 43 -3.86 3.45 5.98
C GLN C 43 -4.80 4.01 7.04
N LEU C 44 -6.03 3.51 7.06
CA LEU C 44 -7.03 3.97 8.03
C LEU C 44 -6.71 3.45 9.42
N LEU C 45 -6.42 2.16 9.52
CA LEU C 45 -6.10 1.54 10.79
C LEU C 45 -4.92 2.24 11.45
N ASN C 46 -3.91 2.58 10.66
CA ASN C 46 -2.72 3.25 11.16
C ASN C 46 -3.06 4.68 11.61
N GLN C 47 -3.89 5.35 10.82
CA GLN C 47 -4.28 6.72 11.13
C GLN C 47 -5.07 6.78 12.44
N GLN C 48 -5.82 5.71 12.72
CA GLN C 48 -6.62 5.64 13.93
C GLN C 48 -5.74 5.41 15.16
N VAL C 49 -4.92 4.35 15.09
CA VAL C 49 -4.03 4.03 16.20
C VAL C 49 -3.11 5.19 16.54
N LEU C 50 -2.80 6.00 15.53
CA LEU C 50 -1.92 7.15 15.72
C LEU C 50 -2.51 8.10 16.76
N GLU C 51 -1.80 9.22 17.00
CA GLU C 51 -2.25 10.21 17.98
C GLU C 51 -2.39 9.58 19.35
N GLN C 52 -1.36 8.84 19.77
CA GLN C 52 -1.37 8.19 21.07
C GLN C 52 0.06 7.96 21.57
N ARG C 53 0.69 9.03 22.04
CA ARG C 53 2.05 8.94 22.54
C ARG C 53 2.36 10.12 23.45
N GLN C 54 3.10 9.85 24.53
CA GLN C 54 3.48 10.90 25.49
C GLN C 54 4.99 10.96 25.66
N GLN C 55 5.43 11.76 26.63
CA GLN C 55 6.86 11.91 26.89
C GLN C 55 7.58 12.50 25.68
N GLN C 56 7.66 13.82 25.63
CA GLN C 56 8.32 14.51 24.53
C GLN C 56 9.75 14.89 24.90
N PHE C 57 10.48 15.46 23.94
CA PHE C 57 11.85 15.87 24.16
C PHE C 57 11.91 17.06 25.13
N PRO C 58 12.99 17.10 25.93
CA PRO C 58 13.19 18.17 26.91
C PRO C 58 13.49 19.51 26.25
N GLY C 59 14.22 19.47 25.14
CA GLY C 59 14.58 20.69 24.44
C GLY C 59 16.05 21.02 24.54
N THR C 60 16.51 21.93 23.69
CA THR C 60 17.91 22.33 23.69
C THR C 60 18.05 23.85 23.62
N SER C 61 19.25 24.34 23.90
CA SER C 61 19.51 25.77 23.87
C SER C 61 20.98 26.05 23.56
N MET C 62 21.22 26.88 22.54
CA MET C 62 22.58 27.22 22.14
C MET C 62 23.40 25.96 21.87
N GLY A 1 -15.96 10.76 -30.26
CA GLY A 1 -16.30 11.59 -29.11
C GLY A 1 -17.33 10.95 -28.22
N ALA A 2 -17.12 11.03 -26.92
CA ALA A 2 -18.04 10.45 -25.94
C ALA A 2 -17.94 11.15 -24.59
N GLY A 3 -18.84 10.79 -23.68
CA GLY A 3 -18.84 11.39 -22.37
C GLY A 3 -20.23 11.67 -21.84
N GLU A 4 -20.39 11.62 -20.53
CA GLU A 4 -21.69 11.87 -19.91
C GLU A 4 -21.52 12.42 -18.49
N PRO A 5 -22.46 13.28 -18.08
CA PRO A 5 -22.44 13.89 -16.75
C PRO A 5 -22.72 12.89 -15.64
N THR A 6 -21.73 12.68 -14.77
CA THR A 6 -21.87 11.74 -13.67
C THR A 6 -20.76 11.93 -12.65
N THR A 7 -21.08 11.71 -11.37
CA THR A 7 -20.10 11.86 -10.30
C THR A 7 -19.23 10.61 -10.18
N LEU A 8 -18.11 10.75 -9.48
CA LEU A 8 -17.18 9.64 -9.30
C LEU A 8 -17.83 8.52 -8.49
N LEU A 9 -18.40 8.88 -7.35
CA LEU A 9 -19.06 7.91 -6.48
C LEU A 9 -20.21 7.22 -7.21
N GLN A 10 -20.86 7.96 -8.10
CA GLN A 10 -21.98 7.42 -8.86
C GLN A 10 -21.52 6.27 -9.76
N ARG A 11 -20.65 6.57 -10.71
CA ARG A 11 -20.13 5.56 -11.62
C ARG A 11 -19.56 4.37 -10.87
N LEU A 12 -18.99 4.65 -9.69
CA LEU A 12 -18.41 3.61 -8.86
C LEU A 12 -19.49 2.73 -8.24
N ARG A 13 -20.43 3.35 -7.54
CA ARG A 13 -21.52 2.63 -6.90
C ARG A 13 -22.22 1.71 -7.89
N GLY A 14 -22.21 2.10 -9.16
CA GLY A 14 -22.85 1.29 -10.18
C GLY A 14 -21.96 0.17 -10.68
N THR A 15 -20.65 0.43 -10.70
CA THR A 15 -19.68 -0.56 -11.16
C THR A 15 -18.26 -0.02 -11.06
N ILE A 16 -17.29 -0.94 -11.06
CA ILE A 16 -15.89 -0.55 -10.97
C ILE A 16 -15.54 0.51 -12.02
N SER A 17 -14.61 1.39 -11.67
CA SER A 17 -14.18 2.45 -12.57
C SER A 17 -12.98 2.00 -13.41
N LYS A 18 -13.11 2.13 -14.72
CA LYS A 18 -12.04 1.74 -15.64
C LYS A 18 -10.72 2.40 -15.24
N ALA A 19 -10.78 3.68 -14.88
CA ALA A 19 -9.60 4.42 -14.48
C ALA A 19 -8.94 3.78 -13.26
N VAL A 20 -9.75 3.38 -12.28
CA VAL A 20 -9.24 2.76 -11.07
C VAL A 20 -8.44 1.50 -11.40
N GLN A 21 -9.02 0.63 -12.22
CA GLN A 21 -8.36 -0.61 -12.62
C GLN A 21 -7.12 -0.32 -13.46
N ASN A 22 -7.32 0.39 -14.57
CA ASN A 22 -6.22 0.73 -15.45
C ASN A 22 -5.09 1.42 -14.69
N LYS A 23 -5.45 2.14 -13.64
CA LYS A 23 -4.47 2.84 -12.83
C LYS A 23 -3.58 1.85 -12.08
N VAL A 24 -4.17 1.12 -11.15
CA VAL A 24 -3.44 0.13 -10.36
C VAL A 24 -2.63 -0.79 -11.25
N GLU A 25 -3.28 -1.30 -12.31
CA GLU A 25 -2.61 -2.20 -13.24
C GLU A 25 -1.44 -1.51 -13.93
N GLY A 26 -1.58 -0.21 -14.15
CA GLY A 26 -0.52 0.55 -14.80
C GLY A 26 0.76 0.58 -13.99
N ILE A 27 0.68 1.09 -12.77
CA ILE A 27 1.84 1.17 -11.89
C ILE A 27 2.38 -0.21 -11.56
N LEU A 28 1.47 -1.16 -11.30
CA LEU A 28 1.87 -2.52 -10.98
C LEU A 28 2.82 -3.08 -12.04
N GLN A 29 2.45 -2.91 -13.30
CA GLN A 29 3.27 -3.41 -14.41
C GLN A 29 4.61 -2.67 -14.44
N ASP A 30 4.57 -1.36 -14.24
CA ASP A 30 5.79 -0.55 -14.26
C ASP A 30 6.84 -1.12 -13.32
N VAL A 31 6.39 -1.61 -12.17
CA VAL A 31 7.30 -2.19 -11.18
C VAL A 31 7.80 -3.56 -11.63
N GLN A 32 6.89 -4.37 -12.16
CA GLN A 32 7.24 -5.71 -12.63
C GLN A 32 8.28 -5.63 -13.75
N LYS A 33 8.36 -4.48 -14.40
CA LYS A 33 9.32 -4.27 -15.48
C LYS A 33 10.72 -4.68 -15.05
N PHE A 34 11.05 -4.39 -13.80
CA PHE A 34 12.37 -4.72 -13.25
C PHE A 34 12.25 -5.68 -12.08
N SER A 35 13.39 -6.07 -11.53
CA SER A 35 13.42 -7.00 -10.39
C SER A 35 12.49 -6.52 -9.29
N ASP A 36 12.04 -7.46 -8.46
CA ASP A 36 11.14 -7.14 -7.35
C ASP A 36 11.90 -7.06 -6.04
N ASN A 37 12.84 -7.98 -5.84
CA ASN A 37 13.65 -8.02 -4.63
C ASN A 37 14.73 -6.94 -4.65
N ASP A 38 15.51 -6.92 -5.73
CA ASP A 38 16.58 -5.93 -5.88
C ASP A 38 16.03 -4.52 -5.74
N LYS A 39 14.96 -4.23 -6.46
CA LYS A 39 14.34 -2.91 -6.42
C LYS A 39 13.73 -2.64 -5.04
N LEU A 40 13.12 -3.66 -4.46
CA LEU A 40 12.50 -3.53 -3.15
C LEU A 40 13.48 -2.95 -2.14
N TYR A 41 14.71 -3.42 -2.17
CA TYR A 41 15.74 -2.95 -1.25
C TYR A 41 16.17 -1.53 -1.62
N LEU A 42 16.39 -1.30 -2.91
CA LEU A 42 16.80 0.01 -3.39
C LEU A 42 15.72 1.06 -3.12
N TYR A 43 14.49 0.61 -2.96
CA TYR A 43 13.37 1.50 -2.69
C TYR A 43 13.06 1.56 -1.20
N LEU A 44 12.44 0.51 -0.69
CA LEU A 44 12.08 0.43 0.73
C LEU A 44 13.28 0.75 1.60
N GLN A 45 14.45 0.27 1.19
CA GLN A 45 15.68 0.49 1.94
C GLN A 45 16.56 1.52 1.24
N LEU A 46 15.95 2.54 0.67
CA LEU A 46 16.68 3.58 -0.04
C LEU A 46 17.80 4.15 0.83
N PRO A 47 18.92 4.48 0.19
CA PRO A 47 20.09 5.03 0.88
C PRO A 47 19.84 6.46 1.39
N SER A 48 19.26 6.56 2.59
CA SER A 48 18.96 7.85 3.18
C SER A 48 19.20 7.82 4.69
N GLY A 49 19.01 8.97 5.34
CA GLY A 49 19.20 9.05 6.78
C GLY A 49 18.03 8.47 7.56
N PRO A 50 18.30 8.00 8.77
CA PRO A 50 17.27 7.41 9.64
C PRO A 50 16.30 8.46 10.17
N THR A 51 15.36 8.02 11.01
CA THR A 51 14.37 8.92 11.58
C THR A 51 13.65 8.27 12.75
N THR A 52 12.82 7.28 12.45
CA THR A 52 12.06 6.57 13.47
C THR A 52 11.18 7.52 14.26
N GLY A 53 10.07 7.94 13.65
CA GLY A 53 9.16 8.85 14.30
C GLY A 53 9.83 10.11 14.78
N ASP A 54 10.83 10.57 14.04
CA ASP A 54 11.57 11.77 14.39
C ASP A 54 12.11 11.67 15.82
N LYS A 55 12.95 10.68 16.06
CA LYS A 55 13.54 10.48 17.38
C LYS A 55 12.45 10.23 18.42
N SER A 56 11.43 9.47 18.04
CA SER A 56 10.32 9.16 18.95
C SER A 56 9.64 10.44 19.42
N SER A 57 8.77 10.98 18.57
CA SER A 57 8.04 12.20 18.88
C SER A 57 6.57 12.08 18.48
N GLU A 58 5.86 11.17 19.15
CA GLU A 58 4.44 10.95 18.86
C GLU A 58 3.81 10.02 19.88
N PRO A 59 3.89 10.42 21.17
CA PRO A 59 3.33 9.63 22.27
C PRO A 59 1.81 9.62 22.27
N SER A 60 1.22 9.05 23.32
CA SER A 60 -0.23 8.97 23.43
C SER A 60 -0.70 9.51 24.78
N THR A 61 -0.45 8.74 25.83
CA THR A 61 -0.86 9.13 27.17
C THR A 61 -2.36 9.32 27.27
N LEU A 62 -3.10 8.41 26.64
CA LEU A 62 -4.57 8.47 26.65
C LEU A 62 -5.16 7.11 27.00
N SER A 63 -4.41 6.33 27.78
CA SER A 63 -4.87 5.01 28.20
C SER A 63 -3.88 4.37 29.17
N ASN A 64 -4.12 4.59 30.47
CA ASN A 64 -3.25 4.04 31.50
C ASN A 64 -3.73 2.65 31.93
N GLU A 65 -4.94 2.60 32.48
CA GLU A 65 -5.51 1.33 32.94
C GLU A 65 -6.97 1.51 33.36
N GLU A 66 -7.84 0.64 32.85
CA GLU A 66 -9.26 0.72 33.17
C GLU A 66 -9.84 -0.69 33.37
N TYR A 67 -10.10 -1.05 34.62
CA TYR A 67 -10.65 -2.35 34.95
C TYR A 67 -11.47 -2.30 36.23
N MET A 68 -12.05 -1.14 36.51
CA MET A 68 -12.86 -0.95 37.70
C MET A 68 -12.07 -1.30 38.95
N GLY B 1 5.60 5.96 -22.46
CA GLY B 1 5.75 5.28 -23.73
C GLY B 1 6.46 6.13 -24.77
N ALA B 2 7.72 6.49 -24.48
CA ALA B 2 8.51 7.30 -25.40
C ALA B 2 9.95 7.38 -24.94
N GLY B 3 10.74 6.35 -25.29
CA GLY B 3 12.14 6.34 -24.91
C GLY B 3 12.38 5.52 -23.65
N GLU B 4 13.42 4.69 -23.68
CA GLU B 4 13.76 3.85 -22.54
C GLU B 4 15.21 3.37 -22.62
N PRO B 5 16.16 4.32 -22.55
CA PRO B 5 17.58 4.02 -22.63
C PRO B 5 18.09 3.29 -21.38
N THR B 6 19.21 2.60 -21.51
CA THR B 6 19.79 1.86 -20.41
C THR B 6 18.82 0.83 -19.85
N THR B 7 19.27 0.05 -18.88
CA THR B 7 18.42 -0.98 -18.26
C THR B 7 17.40 -0.36 -17.33
N LEU B 8 16.25 -1.00 -17.22
CA LEU B 8 15.17 -0.51 -16.35
C LEU B 8 15.60 -0.55 -14.89
N LEU B 9 16.29 -1.61 -14.51
CA LEU B 9 16.75 -1.77 -13.13
C LEU B 9 17.68 -0.63 -12.74
N GLN B 10 18.74 -0.43 -13.51
CA GLN B 10 19.70 0.63 -13.23
C GLN B 10 19.05 2.00 -13.41
N ARG B 11 18.17 2.11 -14.40
CA ARG B 11 17.48 3.36 -14.68
C ARG B 11 16.84 3.92 -13.42
N LEU B 12 16.07 3.07 -12.72
CA LEU B 12 15.41 3.47 -11.49
C LEU B 12 16.36 3.49 -10.32
N ARG B 13 17.37 2.62 -10.37
CA ARG B 13 18.37 2.53 -9.30
C ARG B 13 18.97 3.91 -9.00
N GLY B 14 19.27 4.65 -10.06
CA GLY B 14 19.83 5.98 -9.89
C GLY B 14 18.97 6.88 -9.04
N THR B 15 17.65 6.77 -9.21
CA THR B 15 16.71 7.58 -8.44
C THR B 15 15.27 7.27 -8.84
N ILE B 16 14.36 7.43 -7.90
CA ILE B 16 12.94 7.16 -8.15
C ILE B 16 12.41 8.06 -9.26
N SER B 17 11.59 7.49 -10.14
CA SER B 17 11.01 8.23 -11.24
C SER B 17 9.87 9.12 -10.76
N LYS B 18 9.89 10.38 -11.18
CA LYS B 18 8.85 11.33 -10.80
C LYS B 18 7.46 10.78 -11.11
N ALA B 19 7.33 10.16 -12.28
CA ALA B 19 6.06 9.58 -12.69
C ALA B 19 5.59 8.50 -11.72
N VAL B 20 6.52 7.64 -11.31
CA VAL B 20 6.20 6.56 -10.38
C VAL B 20 5.59 7.11 -9.10
N GLN B 21 6.28 8.09 -8.49
CA GLN B 21 5.80 8.69 -7.26
C GLN B 21 4.45 9.37 -7.47
N ASN B 22 4.37 10.23 -8.48
CA ASN B 22 3.14 10.94 -8.78
C ASN B 22 1.97 9.98 -8.91
N LYS B 23 2.16 8.92 -9.69
CA LYS B 23 1.12 7.93 -9.90
C LYS B 23 0.61 7.38 -8.57
N VAL B 24 1.55 7.00 -7.70
CA VAL B 24 1.19 6.47 -6.38
C VAL B 24 0.22 7.40 -5.66
N GLU B 25 0.56 8.68 -5.60
CA GLU B 25 -0.27 9.67 -4.94
C GLU B 25 -1.67 9.68 -5.53
N GLY B 26 -1.75 9.53 -6.85
CA GLY B 26 -3.04 9.52 -7.53
C GLY B 26 -3.95 8.42 -7.03
N ILE B 27 -3.41 7.20 -6.96
CA ILE B 27 -4.19 6.05 -6.50
C ILE B 27 -4.71 6.28 -5.08
N LEU B 28 -3.84 6.73 -4.20
CA LEU B 28 -4.21 6.99 -2.81
C LEU B 28 -5.44 7.88 -2.73
N GLN B 29 -5.40 8.99 -3.45
CA GLN B 29 -6.53 9.93 -3.47
C GLN B 29 -7.73 9.33 -4.18
N ASP B 30 -7.47 8.42 -5.12
CA ASP B 30 -8.53 7.77 -5.88
C ASP B 30 -9.45 6.99 -4.95
N VAL B 31 -8.87 6.05 -4.20
CA VAL B 31 -9.65 5.23 -3.28
C VAL B 31 -10.28 6.09 -2.18
N GLN B 32 -9.47 6.93 -1.55
CA GLN B 32 -9.94 7.80 -0.49
C GLN B 32 -11.10 8.67 -0.97
N LYS B 33 -11.14 8.91 -2.28
CA LYS B 33 -12.20 9.72 -2.87
C LYS B 33 -13.58 9.22 -2.45
N PHE B 34 -13.76 7.90 -2.48
CA PHE B 34 -15.03 7.30 -2.09
C PHE B 34 -14.86 6.43 -0.85
N SER B 35 -15.98 6.16 -0.17
CA SER B 35 -15.96 5.34 1.04
C SER B 35 -15.36 3.97 0.76
N ASP B 36 -15.06 3.23 1.82
CA ASP B 36 -14.49 1.90 1.69
C ASP B 36 -15.55 0.83 1.86
N ASN B 37 -16.40 1.00 2.87
CA ASN B 37 -17.47 0.04 3.14
C ASN B 37 -18.38 -0.12 1.91
N ASP B 38 -18.85 1.00 1.38
CA ASP B 38 -19.73 0.99 0.23
C ASP B 38 -19.11 0.17 -0.91
N LYS B 39 -17.86 0.46 -1.23
CA LYS B 39 -17.16 -0.26 -2.29
C LYS B 39 -16.90 -1.69 -1.90
N LEU B 40 -16.81 -1.95 -0.60
CA LEU B 40 -16.56 -3.29 -0.09
C LEU B 40 -17.66 -4.25 -0.51
N TYR B 41 -18.91 -3.88 -0.23
CA TYR B 41 -20.06 -4.70 -0.58
C TYR B 41 -20.29 -4.69 -2.09
N LEU B 42 -20.01 -3.55 -2.72
CA LEU B 42 -20.19 -3.40 -4.15
C LEU B 42 -19.23 -4.32 -4.92
N TYR B 43 -17.94 -4.07 -4.75
CA TYR B 43 -16.92 -4.87 -5.43
C TYR B 43 -17.12 -6.35 -5.15
N LEU B 44 -17.29 -6.69 -3.88
CA LEU B 44 -17.50 -8.08 -3.48
C LEU B 44 -18.70 -8.68 -4.20
N GLN B 45 -19.72 -7.86 -4.44
CA GLN B 45 -20.93 -8.31 -5.12
C GLN B 45 -20.58 -9.01 -6.43
N LEU B 46 -19.48 -8.60 -7.04
CA LEU B 46 -19.04 -9.19 -8.31
C LEU B 46 -18.96 -10.71 -8.19
N PRO B 47 -19.09 -11.39 -9.34
CA PRO B 47 -19.03 -12.85 -9.41
C PRO B 47 -17.63 -13.39 -9.13
N SER B 48 -16.64 -12.52 -9.23
CA SER B 48 -15.26 -12.91 -8.98
C SER B 48 -15.12 -13.63 -7.63
N GLY B 49 -15.40 -12.90 -6.56
CA GLY B 49 -15.30 -13.48 -5.23
C GLY B 49 -13.87 -13.55 -4.73
N PRO B 50 -13.37 -12.44 -4.18
CA PRO B 50 -12.00 -12.36 -3.66
C PRO B 50 -11.82 -13.18 -2.39
N THR B 51 -12.88 -13.28 -1.60
CA THR B 51 -12.83 -14.04 -0.35
C THR B 51 -11.86 -13.41 0.63
N THR B 52 -11.79 -12.09 0.64
CA THR B 52 -10.89 -11.37 1.52
C THR B 52 -11.29 -11.57 2.98
N GLY B 53 -12.57 -11.35 3.27
CA GLY B 53 -13.07 -11.52 4.63
C GLY B 53 -12.70 -12.86 5.22
N ASP B 54 -13.10 -13.94 4.54
CA ASP B 54 -12.80 -15.28 5.01
C ASP B 54 -11.32 -15.46 5.28
N LYS B 55 -10.49 -15.05 4.32
CA LYS B 55 -9.05 -15.15 4.45
C LYS B 55 -8.56 -14.50 5.73
N SER B 56 -9.21 -13.40 6.11
CA SER B 56 -8.85 -12.66 7.31
C SER B 56 -9.23 -13.46 8.56
N SER B 57 -10.52 -13.50 8.86
CA SER B 57 -11.01 -14.22 10.03
C SER B 57 -10.31 -13.75 11.29
N GLU B 58 -10.79 -12.64 11.85
CA GLU B 58 -10.20 -12.09 13.06
C GLU B 58 -10.80 -12.73 14.31
N PRO B 59 -10.01 -12.77 15.40
CA PRO B 59 -10.45 -13.37 16.67
C PRO B 59 -11.52 -12.53 17.35
N SER B 60 -11.86 -12.90 18.58
CA SER B 60 -12.88 -12.19 19.35
C SER B 60 -13.01 -12.78 20.75
N THR B 61 -12.19 -12.29 21.67
CA THR B 61 -12.21 -12.76 23.05
C THR B 61 -12.56 -11.63 24.01
N LEU B 62 -11.70 -10.63 24.08
CA LEU B 62 -11.92 -9.49 24.96
C LEU B 62 -12.01 -9.93 26.42
N SER B 63 -10.85 -10.08 27.05
CA SER B 63 -10.79 -10.50 28.45
C SER B 63 -10.43 -9.34 29.36
N ASN B 64 -11.31 -9.04 30.30
CA ASN B 64 -11.09 -7.94 31.24
C ASN B 64 -11.38 -8.38 32.67
N GLU B 65 -10.42 -8.16 33.57
CA GLU B 65 -10.58 -8.53 34.97
C GLU B 65 -11.17 -7.37 35.77
N GLU B 66 -11.20 -7.53 37.09
CA GLU B 66 -11.72 -6.50 37.97
C GLU B 66 -11.01 -6.51 39.32
N TYR B 67 -10.88 -7.68 39.92
CA TYR B 67 -10.22 -7.82 41.21
C TYR B 67 -8.72 -7.51 41.08
N MET B 68 -8.26 -6.56 41.88
CA MET B 68 -6.85 -6.18 41.86
C MET B 68 -6.55 -5.20 42.99
N GLY C 1 30.16 5.02 21.98
CA GLY C 1 29.17 5.78 21.24
C GLY C 1 28.67 5.03 20.02
N HIS C 2 28.18 3.81 20.23
CA HIS C 2 27.67 2.99 19.14
C HIS C 2 26.45 2.19 19.59
N GLY C 3 25.91 1.39 18.69
CA GLY C 3 24.74 0.58 19.01
C GLY C 3 23.95 0.18 17.78
N THR C 4 23.26 -0.95 17.86
CA THR C 4 22.47 -1.44 16.74
C THR C 4 21.16 -2.06 17.22
N GLY C 5 20.22 -1.21 17.63
CA GLY C 5 18.94 -1.68 18.11
C GLY C 5 18.54 -1.04 19.43
N SER C 6 17.89 0.10 19.35
CA SER C 6 17.45 0.82 20.54
C SER C 6 16.30 1.77 20.23
N PHE C 7 15.19 1.58 20.91
CA PHE C 7 14.01 2.42 20.71
C PHE C 7 13.55 2.36 19.25
N GLY C 8 12.84 1.30 18.90
CA GLY C 8 12.35 1.15 17.54
C GLY C 8 10.94 0.62 17.48
N ASP C 9 9.97 1.52 17.55
CA ASP C 9 8.56 1.14 17.50
C ASP C 9 7.66 2.37 17.40
N ARG C 10 7.82 3.12 16.31
CA ARG C 10 7.03 4.32 16.08
C ARG C 10 7.28 4.89 14.69
N PRO C 11 6.77 4.20 13.66
CA PRO C 11 6.94 4.62 12.27
C PRO C 11 6.14 5.87 11.94
N ALA C 12 6.68 6.70 11.05
CA ALA C 12 6.01 7.93 10.65
C ALA C 12 4.93 7.66 9.62
N ARG C 13 4.33 8.73 9.11
CA ARG C 13 3.27 8.61 8.10
C ARG C 13 3.75 7.79 6.91
N PRO C 14 2.80 7.12 6.23
CA PRO C 14 3.10 6.29 5.07
C PRO C 14 3.52 7.12 3.85
N THR C 15 4.70 6.84 3.33
CA THR C 15 5.22 7.56 2.17
C THR C 15 4.66 6.98 0.88
N LEU C 16 4.72 7.77 -0.19
CA LEU C 16 4.23 7.33 -1.49
C LEU C 16 4.92 6.05 -1.93
N LEU C 17 6.24 6.09 -2.00
CA LEU C 17 7.02 4.92 -2.42
C LEU C 17 6.69 3.71 -1.55
N GLU C 18 6.79 3.88 -0.24
CA GLU C 18 6.49 2.80 0.69
C GLU C 18 5.07 2.29 0.49
N GLN C 19 4.21 3.13 -0.07
CA GLN C 19 2.82 2.76 -0.32
C GLN C 19 2.72 1.74 -1.45
N VAL C 20 3.10 2.15 -2.65
CA VAL C 20 3.05 1.26 -3.80
C VAL C 20 3.81 -0.03 -3.54
N LEU C 21 4.96 0.08 -2.88
CA LEU C 21 5.77 -1.08 -2.57
C LEU C 21 5.07 -2.00 -1.58
N ASN C 22 4.84 -1.50 -0.37
CA ASN C 22 4.17 -2.28 0.66
C ASN C 22 2.85 -2.84 0.15
N GLN C 23 2.22 -2.12 -0.78
CA GLN C 23 0.95 -2.55 -1.36
C GLN C 23 1.12 -3.87 -2.11
N LYS C 24 2.04 -3.89 -3.07
CA LYS C 24 2.29 -5.09 -3.86
C LYS C 24 2.63 -6.27 -2.97
N ARG C 25 3.43 -6.02 -1.93
CA ARG C 25 3.81 -7.06 -0.99
C ARG C 25 2.59 -7.77 -0.41
N LEU C 26 1.69 -6.98 0.18
CA LEU C 26 0.48 -7.52 0.77
C LEU C 26 -0.48 -8.02 -0.31
N SER C 27 -0.31 -7.51 -1.52
CA SER C 27 -1.16 -7.92 -2.64
C SER C 27 -1.00 -9.40 -2.95
N LEU C 28 0.25 -9.85 -2.98
CA LEU C 28 0.55 -11.25 -3.26
C LEU C 28 0.22 -11.60 -4.71
N LEU C 29 -1.06 -11.72 -5.02
CA LEU C 29 -1.50 -12.04 -6.36
C LEU C 29 -1.84 -10.77 -7.15
N ARG C 30 -1.24 -9.66 -6.75
CA ARG C 30 -1.48 -8.38 -7.40
C ARG C 30 -2.97 -8.08 -7.48
N SER C 31 -3.63 -8.14 -6.33
CA SER C 31 -5.07 -7.86 -6.26
C SER C 31 -5.33 -6.42 -5.85
N PRO C 32 -5.85 -5.62 -6.80
CA PRO C 32 -6.16 -4.21 -6.56
C PRO C 32 -7.35 -4.03 -5.62
N GLU C 33 -8.31 -4.95 -5.70
CA GLU C 33 -9.49 -4.88 -4.85
C GLU C 33 -9.14 -5.16 -3.40
N VAL C 34 -8.44 -6.27 -3.17
CA VAL C 34 -8.04 -6.65 -1.83
C VAL C 34 -7.15 -5.59 -1.18
N VAL C 35 -6.01 -5.31 -1.82
CA VAL C 35 -5.09 -4.30 -1.32
C VAL C 35 -5.80 -2.99 -1.05
N GLN C 36 -6.73 -2.63 -1.92
CA GLN C 36 -7.47 -1.39 -1.77
C GLN C 36 -8.17 -1.33 -0.42
N PHE C 37 -8.99 -2.34 -0.14
CA PHE C 37 -9.71 -2.40 1.12
C PHE C 37 -8.76 -2.67 2.29
N LEU C 38 -7.64 -3.29 1.99
CA LEU C 38 -6.64 -3.60 3.01
C LEU C 38 -5.98 -2.34 3.53
N GLN C 39 -5.61 -1.45 2.61
CA GLN C 39 -4.97 -0.19 2.97
C GLN C 39 -5.96 0.75 3.67
N LYS C 40 -7.18 0.80 3.16
CA LYS C 40 -8.21 1.66 3.74
C LYS C 40 -8.49 1.27 5.19
N GLN C 41 -8.84 0.00 5.40
CA GLN C 41 -9.13 -0.49 6.74
C GLN C 41 -7.91 -0.36 7.65
N GLN C 42 -6.79 -0.94 7.22
CA GLN C 42 -5.55 -0.88 7.99
C GLN C 42 -5.21 0.54 8.37
N GLN C 43 -5.55 1.49 7.49
CA GLN C 43 -5.28 2.90 7.74
C GLN C 43 -6.10 3.42 8.91
N LEU C 44 -7.41 3.14 8.88
CA LEU C 44 -8.30 3.58 9.95
C LEU C 44 -7.83 3.07 11.30
N LEU C 45 -7.67 1.75 11.42
CA LEU C 45 -7.21 1.13 12.66
C LEU C 45 -5.90 1.76 13.12
N ASN C 46 -4.92 1.81 12.22
CA ASN C 46 -3.61 2.37 12.54
C ASN C 46 -3.76 3.77 13.14
N GLN C 47 -4.74 4.52 12.66
CA GLN C 47 -4.99 5.86 13.15
C GLN C 47 -5.45 5.84 14.60
N GLN C 48 -6.42 4.96 14.89
CA GLN C 48 -6.94 4.84 16.25
C GLN C 48 -5.85 4.46 17.23
N VAL C 49 -4.86 3.71 16.74
CA VAL C 49 -3.74 3.27 17.58
C VAL C 49 -4.19 2.20 18.56
N LEU C 50 -5.00 2.59 19.54
CA LEU C 50 -5.50 1.66 20.55
C LEU C 50 -4.36 0.89 21.19
N GLU C 51 -3.34 1.62 21.65
CA GLU C 51 -2.19 1.00 22.29
C GLU C 51 -1.73 1.83 23.49
N GLN C 52 -0.74 1.30 24.21
CA GLN C 52 -0.21 1.99 25.39
C GLN C 52 1.07 1.32 25.88
N ARG C 53 1.73 1.95 26.84
CA ARG C 53 2.97 1.42 27.39
C ARG C 53 4.05 1.35 26.32
N GLN C 54 4.99 2.30 26.37
CA GLN C 54 6.07 2.34 25.40
C GLN C 54 7.34 2.92 26.03
N GLN C 55 8.29 2.03 26.32
CA GLN C 55 9.56 2.45 26.91
C GLN C 55 10.65 1.43 26.64
N GLN C 56 11.90 1.90 26.67
CA GLN C 56 13.04 1.02 26.41
C GLN C 56 14.27 1.50 27.18
N PHE C 57 15.27 0.63 27.27
CA PHE C 57 16.51 0.97 27.98
C PHE C 57 17.65 1.21 26.99
N PRO C 58 18.56 2.12 27.36
CA PRO C 58 19.72 2.46 26.53
C PRO C 58 20.73 1.33 26.44
N GLY C 59 21.88 1.60 25.81
CA GLY C 59 22.91 0.59 25.68
C GLY C 59 24.15 1.13 25.00
N THR C 60 25.31 0.85 25.60
CA THR C 60 26.58 1.32 25.05
C THR C 60 27.44 0.14 24.59
N SER C 61 28.53 0.44 23.90
CA SER C 61 29.44 -0.58 23.39
C SER C 61 30.71 -0.64 24.23
N MET C 62 31.42 0.48 24.30
CA MET C 62 32.65 0.56 25.07
C MET C 62 32.41 1.16 26.44
N GLY A 1 -16.12 16.18 -29.49
CA GLY A 1 -16.31 15.42 -28.27
C GLY A 1 -17.64 15.73 -27.60
N ALA A 2 -17.85 15.16 -26.43
CA ALA A 2 -19.09 15.37 -25.69
C ALA A 2 -19.00 14.79 -24.28
N GLY A 3 -20.10 14.83 -23.55
CA GLY A 3 -20.13 14.31 -22.20
C GLY A 3 -21.48 13.74 -21.81
N GLU A 4 -21.63 13.37 -20.54
CA GLU A 4 -22.88 12.80 -20.06
C GLU A 4 -23.04 13.07 -18.57
N PRO A 5 -24.30 13.27 -18.14
CA PRO A 5 -24.63 13.53 -16.74
C PRO A 5 -24.43 12.31 -15.85
N THR A 6 -23.46 12.39 -14.95
CA THR A 6 -23.17 11.29 -14.05
C THR A 6 -22.00 11.63 -13.11
N THR A 7 -22.17 11.31 -11.83
CA THR A 7 -21.12 11.59 -10.84
C THR A 7 -20.02 10.55 -10.90
N LEU A 8 -18.92 10.82 -10.20
CA LEU A 8 -17.79 9.89 -10.17
C LEU A 8 -18.14 8.62 -9.42
N LEU A 9 -18.69 8.78 -8.22
CA LEU A 9 -19.07 7.64 -7.40
C LEU A 9 -20.17 6.83 -8.07
N GLN A 10 -20.98 7.49 -8.90
CA GLN A 10 -22.07 6.83 -9.61
C GLN A 10 -21.52 5.88 -10.67
N ARG A 11 -20.87 6.43 -11.67
CA ARG A 11 -20.30 5.63 -12.75
C ARG A 11 -19.44 4.50 -12.19
N LEU A 12 -18.76 4.77 -11.09
CA LEU A 12 -17.90 3.78 -10.45
C LEU A 12 -18.72 2.72 -9.73
N ARG A 13 -19.65 3.17 -8.90
CA ARG A 13 -20.50 2.26 -8.15
C ARG A 13 -21.17 1.24 -9.07
N GLY A 14 -21.37 1.64 -10.32
CA GLY A 14 -21.99 0.75 -11.29
C GLY A 14 -21.31 -0.60 -11.36
N THR A 15 -19.98 -0.59 -11.46
CA THR A 15 -19.21 -1.82 -11.54
C THR A 15 -17.71 -1.53 -11.61
N ILE A 16 -17.21 -0.78 -10.64
CA ILE A 16 -15.79 -0.42 -10.60
C ILE A 16 -15.41 0.46 -11.77
N SER A 17 -14.39 1.29 -11.57
CA SER A 17 -13.93 2.19 -12.62
C SER A 17 -12.76 1.58 -13.38
N LYS A 18 -12.86 1.57 -14.70
CA LYS A 18 -11.81 1.02 -15.55
C LYS A 18 -10.48 1.69 -15.27
N ALA A 19 -10.51 2.99 -15.02
CA ALA A 19 -9.31 3.76 -14.74
C ALA A 19 -8.66 3.29 -13.44
N VAL A 20 -9.48 3.02 -12.43
CA VAL A 20 -8.98 2.57 -11.14
C VAL A 20 -8.22 1.26 -11.28
N GLN A 21 -8.86 0.27 -11.89
CA GLN A 21 -8.24 -1.03 -12.09
C GLN A 21 -7.06 -0.94 -13.06
N ASN A 22 -7.29 -0.32 -14.21
CA ASN A 22 -6.26 -0.17 -15.22
C ASN A 22 -5.02 0.51 -14.63
N LYS A 23 -5.24 1.60 -13.90
CA LYS A 23 -4.14 2.34 -13.28
C LYS A 23 -3.31 1.42 -12.37
N VAL A 24 -3.99 0.77 -11.42
CA VAL A 24 -3.31 -0.14 -10.50
C VAL A 24 -2.46 -1.16 -11.25
N GLU A 25 -2.99 -1.63 -12.37
CA GLU A 25 -2.28 -2.62 -13.19
C GLU A 25 -1.00 -2.03 -13.77
N GLY A 26 -1.05 -0.74 -14.11
CA GLY A 26 0.12 -0.08 -14.67
C GLY A 26 1.25 0.02 -13.68
N ILE A 27 0.94 0.51 -12.48
CA ILE A 27 1.95 0.67 -11.44
C ILE A 27 2.58 -0.67 -11.07
N LEU A 28 1.74 -1.63 -10.69
CA LEU A 28 2.21 -2.96 -10.32
C LEU A 28 3.12 -3.54 -11.40
N GLN A 29 2.70 -3.39 -12.66
CA GLN A 29 3.47 -3.90 -13.78
C GLN A 29 4.78 -3.13 -13.93
N ASP A 30 4.70 -1.80 -13.89
CA ASP A 30 5.88 -0.96 -14.02
C ASP A 30 6.98 -1.40 -13.04
N VAL A 31 6.56 -1.90 -11.89
CA VAL A 31 7.50 -2.37 -10.86
C VAL A 31 8.04 -3.75 -11.20
N GLN A 32 7.17 -4.62 -11.69
CA GLN A 32 7.57 -5.98 -12.06
C GLN A 32 8.60 -5.96 -13.18
N LYS A 33 8.62 -4.87 -13.93
CA LYS A 33 9.57 -4.73 -15.04
C LYS A 33 11.00 -5.02 -14.57
N PHE A 34 11.28 -4.73 -13.32
CA PHE A 34 12.60 -4.96 -12.74
C PHE A 34 12.52 -5.85 -11.51
N SER A 35 13.67 -6.12 -10.91
CA SER A 35 13.73 -6.96 -9.71
C SER A 35 12.74 -6.48 -8.66
N ASP A 36 12.10 -7.43 -7.98
CA ASP A 36 11.13 -7.10 -6.94
C ASP A 36 11.81 -6.95 -5.59
N ASN A 37 12.84 -7.77 -5.36
CA ASN A 37 13.57 -7.73 -4.09
C ASN A 37 14.56 -6.58 -4.08
N ASP A 38 15.45 -6.54 -5.07
CA ASP A 38 16.45 -5.49 -5.16
C ASP A 38 15.79 -4.11 -5.14
N LYS A 39 14.69 -3.97 -5.88
CA LYS A 39 13.96 -2.71 -5.93
C LYS A 39 13.23 -2.44 -4.62
N LEU A 40 12.66 -3.48 -4.03
CA LEU A 40 11.94 -3.36 -2.78
C LEU A 40 12.78 -2.62 -1.74
N TYR A 41 14.03 -3.03 -1.61
CA TYR A 41 14.94 -2.40 -0.65
C TYR A 41 15.35 -1.01 -1.11
N LEU A 42 15.65 -0.88 -2.40
CA LEU A 42 16.06 0.39 -2.97
C LEU A 42 14.94 1.42 -2.84
N TYR A 43 13.71 0.95 -2.67
CA TYR A 43 12.56 1.83 -2.53
C TYR A 43 12.15 1.97 -1.07
N LEU A 44 11.60 0.90 -0.50
CA LEU A 44 11.17 0.90 0.89
C LEU A 44 12.28 1.42 1.80
N GLN A 45 13.52 1.00 1.52
CA GLN A 45 14.66 1.44 2.32
C GLN A 45 15.39 2.58 1.63
N LEU A 46 14.64 3.46 0.98
CA LEU A 46 15.22 4.60 0.29
C LEU A 46 16.15 5.38 1.21
N PRO A 47 17.25 5.90 0.64
CA PRO A 47 18.24 6.68 1.39
C PRO A 47 17.70 8.04 1.82
N SER A 48 17.40 8.17 3.11
CA SER A 48 16.88 9.43 3.65
C SER A 48 15.59 9.82 2.94
N GLY A 49 15.11 11.03 3.21
CA GLY A 49 13.88 11.50 2.61
C GLY A 49 12.71 11.48 3.56
N PRO A 50 12.75 12.37 4.57
CA PRO A 50 11.69 12.48 5.57
C PRO A 50 10.39 13.03 4.99
N THR A 51 9.44 13.34 5.87
CA THR A 51 8.16 13.89 5.45
C THR A 51 7.53 14.72 6.55
N THR A 52 8.37 15.32 7.39
CA THR A 52 7.89 16.15 8.49
C THR A 52 6.86 15.40 9.34
N GLY A 53 7.34 14.40 10.07
CA GLY A 53 6.45 13.62 10.92
C GLY A 53 5.27 13.06 10.16
N ASP A 54 5.45 12.84 8.86
CA ASP A 54 4.39 12.30 8.02
C ASP A 54 3.19 13.24 7.98
N LYS A 55 3.43 14.49 7.57
CA LYS A 55 2.38 15.49 7.49
C LYS A 55 1.76 15.74 8.86
N SER A 56 2.60 15.71 9.89
CA SER A 56 2.14 15.92 11.26
C SER A 56 1.00 14.96 11.61
N SER A 57 1.27 13.67 11.46
CA SER A 57 0.28 12.64 11.77
C SER A 57 0.17 12.42 13.27
N GLU A 58 1.30 12.58 13.96
CA GLU A 58 1.32 12.39 15.41
C GLU A 58 0.24 13.22 16.09
N PRO A 59 -0.19 12.77 17.28
CA PRO A 59 -1.23 13.45 18.06
C PRO A 59 -0.74 14.78 18.63
N SER A 60 -1.67 15.56 19.18
CA SER A 60 -1.34 16.85 19.75
C SER A 60 -2.38 17.28 20.78
N THR A 61 -3.65 17.28 20.37
CA THR A 61 -4.73 17.66 21.26
C THR A 61 -5.23 16.46 22.07
N LEU A 62 -5.16 15.27 21.47
CA LEU A 62 -5.60 14.05 22.13
C LEU A 62 -7.06 14.16 22.54
N SER A 63 -7.96 13.95 21.58
CA SER A 63 -9.39 14.03 21.85
C SER A 63 -9.80 13.01 22.91
N ASN A 64 -9.84 11.73 22.52
CA ASN A 64 -10.20 10.67 23.43
C ASN A 64 -9.29 9.46 23.26
N GLU A 65 -9.49 8.44 24.10
CA GLU A 65 -8.68 7.23 24.04
C GLU A 65 -9.24 6.16 24.96
N GLU A 66 -10.56 6.01 24.95
CA GLU A 66 -11.22 5.02 25.78
C GLU A 66 -12.33 4.32 25.01
N TYR A 67 -13.04 3.41 25.69
CA TYR A 67 -14.13 2.67 25.07
C TYR A 67 -15.48 3.21 25.50
N MET A 68 -15.87 4.35 24.93
CA MET A 68 -17.14 4.99 25.26
C MET A 68 -17.25 5.25 26.76
N GLY B 1 9.12 3.04 -26.71
CA GLY B 1 10.49 2.86 -26.26
C GLY B 1 11.20 4.16 -26.03
N ALA B 2 12.35 4.34 -26.67
CA ALA B 2 13.13 5.57 -26.53
C ALA B 2 13.63 5.73 -25.10
N GLY B 3 14.88 5.36 -24.88
CA GLY B 3 15.46 5.48 -23.55
C GLY B 3 16.96 5.71 -23.58
N GLU B 4 17.55 5.98 -22.43
CA GLU B 4 18.98 6.23 -22.33
C GLU B 4 19.75 4.92 -22.21
N PRO B 5 21.04 4.96 -22.54
CA PRO B 5 21.91 3.79 -22.47
C PRO B 5 22.21 3.37 -21.03
N THR B 6 21.27 2.62 -20.44
CA THR B 6 21.44 2.16 -19.07
C THR B 6 20.36 1.14 -18.70
N THR B 7 20.69 0.25 -17.78
CA THR B 7 19.76 -0.78 -17.34
C THR B 7 18.56 -0.16 -16.62
N LEU B 8 17.49 -0.94 -16.50
CA LEU B 8 16.28 -0.47 -15.83
C LEU B 8 16.51 -0.31 -14.34
N LEU B 9 17.06 -1.34 -13.71
CA LEU B 9 17.34 -1.30 -12.28
C LEU B 9 18.21 -0.10 -11.91
N GLN B 10 19.24 0.14 -12.73
CA GLN B 10 20.14 1.27 -12.49
C GLN B 10 19.47 2.59 -12.84
N ARG B 11 18.81 2.62 -13.99
CA ARG B 11 18.12 3.83 -14.44
C ARG B 11 17.19 4.36 -13.35
N LEU B 12 16.67 3.46 -12.53
CA LEU B 12 15.76 3.84 -11.46
C LEU B 12 16.52 3.97 -10.14
N ARG B 13 17.50 3.11 -9.94
CA ARG B 13 18.31 3.14 -8.72
C ARG B 13 18.84 4.54 -8.45
N GLY B 14 19.16 5.26 -9.51
CA GLY B 14 19.67 6.61 -9.36
C GLY B 14 18.70 7.54 -8.66
N THR B 15 17.42 7.37 -8.96
CA THR B 15 16.37 8.20 -8.35
C THR B 15 14.99 7.78 -8.83
N ILE B 16 13.99 8.01 -7.99
CA ILE B 16 12.61 7.65 -8.33
C ILE B 16 12.17 8.36 -9.60
N SER B 17 11.34 7.69 -10.39
CA SER B 17 10.83 8.26 -11.63
C SER B 17 9.65 9.20 -11.36
N LYS B 18 9.71 10.39 -11.96
CA LYS B 18 8.65 11.37 -11.79
C LYS B 18 7.28 10.77 -12.11
N ALA B 19 7.20 10.09 -13.25
CA ALA B 19 5.96 9.46 -13.68
C ALA B 19 5.41 8.53 -12.61
N VAL B 20 6.28 7.69 -12.06
CA VAL B 20 5.90 6.75 -11.03
C VAL B 20 5.21 7.46 -9.86
N GLN B 21 5.86 8.49 -9.34
CA GLN B 21 5.31 9.26 -8.22
C GLN B 21 3.89 9.71 -8.52
N ASN B 22 3.70 10.32 -9.70
CA ASN B 22 2.38 10.80 -10.11
C ASN B 22 1.34 9.69 -9.97
N LYS B 23 1.67 8.51 -10.45
CA LYS B 23 0.76 7.36 -10.38
C LYS B 23 0.38 7.06 -8.94
N VAL B 24 1.35 7.16 -8.03
CA VAL B 24 1.11 6.91 -6.62
C VAL B 24 0.03 7.83 -6.07
N GLU B 25 0.27 9.13 -6.17
CA GLU B 25 -0.70 10.11 -5.68
C GLU B 25 -2.07 9.91 -6.31
N GLY B 26 -2.06 9.40 -7.55
CA GLY B 26 -3.31 9.17 -8.25
C GLY B 26 -4.18 8.14 -7.55
N ILE B 27 -3.67 6.92 -7.42
CA ILE B 27 -4.42 5.85 -6.77
C ILE B 27 -4.88 6.26 -5.38
N LEU B 28 -3.99 6.91 -4.63
CA LEU B 28 -4.31 7.36 -3.27
C LEU B 28 -5.59 8.19 -3.27
N GLN B 29 -5.64 9.19 -4.14
CA GLN B 29 -6.80 10.07 -4.24
C GLN B 29 -7.97 9.34 -4.90
N ASP B 30 -7.65 8.34 -5.72
CA ASP B 30 -8.68 7.57 -6.41
C ASP B 30 -9.65 6.94 -5.42
N VAL B 31 -9.11 6.22 -4.44
CA VAL B 31 -9.95 5.58 -3.43
C VAL B 31 -10.44 6.58 -2.39
N GLN B 32 -9.52 7.39 -1.87
CA GLN B 32 -9.87 8.39 -0.87
C GLN B 32 -10.97 9.31 -1.39
N LYS B 33 -11.03 9.45 -2.71
CA LYS B 33 -12.04 10.31 -3.33
C LYS B 33 -13.44 9.95 -2.84
N PHE B 34 -13.73 8.66 -2.77
CA PHE B 34 -15.04 8.19 -2.31
C PHE B 34 -14.90 7.39 -1.02
N SER B 35 -15.99 7.30 -0.27
CA SER B 35 -15.99 6.55 0.99
C SER B 35 -15.48 5.14 0.77
N ASP B 36 -14.95 4.54 1.84
CA ASP B 36 -14.42 3.18 1.78
C ASP B 36 -15.54 2.15 1.99
N ASN B 37 -16.33 2.36 3.04
CA ASN B 37 -17.43 1.44 3.34
C ASN B 37 -18.31 1.23 2.12
N ASP B 38 -18.64 2.31 1.43
CA ASP B 38 -19.49 2.24 0.24
C ASP B 38 -18.94 1.21 -0.74
N LYS B 39 -17.62 1.20 -0.91
CA LYS B 39 -16.97 0.28 -1.82
C LYS B 39 -16.96 -1.14 -1.26
N LEU B 40 -16.93 -1.25 0.08
CA LEU B 40 -16.93 -2.54 0.75
C LEU B 40 -18.19 -3.34 0.38
N TYR B 41 -19.34 -2.76 0.66
CA TYR B 41 -20.62 -3.41 0.37
C TYR B 41 -20.87 -3.47 -1.13
N LEU B 42 -20.37 -2.46 -1.84
CA LEU B 42 -20.54 -2.38 -3.29
C LEU B 42 -19.79 -3.51 -3.99
N TYR B 43 -18.47 -3.47 -3.90
CA TYR B 43 -17.63 -4.49 -4.52
C TYR B 43 -18.05 -5.89 -4.07
N LEU B 44 -18.26 -6.05 -2.77
CA LEU B 44 -18.67 -7.34 -2.22
C LEU B 44 -19.91 -7.87 -2.94
N GLN B 45 -20.88 -7.00 -3.16
CA GLN B 45 -22.11 -7.39 -3.84
C GLN B 45 -21.80 -8.08 -5.16
N LEU B 46 -20.74 -7.65 -5.82
CA LEU B 46 -20.33 -8.24 -7.10
C LEU B 46 -20.23 -9.75 -6.99
N PRO B 47 -20.45 -10.44 -8.12
CA PRO B 47 -20.38 -11.91 -8.18
C PRO B 47 -18.95 -12.43 -8.02
N SER B 48 -18.82 -13.73 -7.87
CA SER B 48 -17.51 -14.37 -7.69
C SER B 48 -16.84 -13.88 -6.42
N GLY B 49 -16.83 -14.74 -5.41
CA GLY B 49 -16.21 -14.38 -4.14
C GLY B 49 -15.64 -15.59 -3.41
N PRO B 50 -14.43 -16.01 -3.81
CA PRO B 50 -13.75 -17.15 -3.21
C PRO B 50 -13.28 -16.87 -1.79
N THR B 51 -12.78 -17.90 -1.11
CA THR B 51 -12.30 -17.76 0.26
C THR B 51 -10.81 -18.05 0.34
N THR B 52 -10.32 -18.86 -0.59
CA THR B 52 -8.90 -19.23 -0.61
C THR B 52 -8.51 -20.00 0.63
N GLY B 53 -9.35 -20.96 1.01
CA GLY B 53 -9.08 -21.76 2.19
C GLY B 53 -8.79 -20.92 3.42
N ASP B 54 -9.75 -20.08 3.79
CA ASP B 54 -9.59 -19.21 4.95
C ASP B 54 -8.32 -18.37 4.84
N LYS B 55 -8.12 -17.76 3.68
CA LYS B 55 -6.94 -16.93 3.43
C LYS B 55 -5.66 -17.73 3.63
N SER B 56 -5.69 -18.99 3.19
CA SER B 56 -4.53 -19.87 3.32
C SER B 56 -4.19 -20.10 4.79
N SER B 57 -5.00 -20.91 5.46
CA SER B 57 -4.79 -21.21 6.87
C SER B 57 -4.05 -22.54 7.03
N GLU B 58 -2.91 -22.66 6.34
CA GLU B 58 -2.12 -23.88 6.41
C GLU B 58 -0.63 -23.54 6.50
N PRO B 59 -0.17 -23.21 7.71
CA PRO B 59 1.23 -22.87 7.97
C PRO B 59 2.16 -24.07 7.84
N SER B 60 3.41 -23.88 8.23
CA SER B 60 4.41 -24.95 8.16
C SER B 60 5.17 -25.08 9.47
N THR B 61 6.07 -24.12 9.71
CA THR B 61 6.87 -24.12 10.93
C THR B 61 7.82 -22.93 10.96
N LEU B 62 8.42 -22.62 9.82
CA LEU B 62 9.35 -21.50 9.72
C LEU B 62 10.57 -21.72 10.60
N SER B 63 11.58 -22.38 10.04
CA SER B 63 12.81 -22.67 10.78
C SER B 63 13.53 -21.36 11.15
N ASN B 64 14.76 -21.50 11.64
CA ASN B 64 15.55 -20.34 12.03
C ASN B 64 17.03 -20.69 12.09
N GLU B 65 17.38 -21.62 12.98
CA GLU B 65 18.77 -22.05 13.13
C GLU B 65 19.37 -22.45 11.80
N GLU B 66 20.65 -22.18 11.62
CA GLU B 66 21.35 -22.51 10.38
C GLU B 66 22.82 -22.12 10.46
N TYR B 67 23.65 -22.78 9.66
CA TYR B 67 25.08 -22.50 9.63
C TYR B 67 25.36 -21.18 8.93
N MET B 68 26.47 -20.55 9.30
CA MET B 68 26.86 -19.27 8.70
C MET B 68 28.27 -18.88 9.14
N GLY C 1 37.74 -5.18 14.74
CA GLY C 1 38.25 -3.83 14.97
C GLY C 1 37.23 -2.77 14.62
N HIS C 2 36.32 -2.49 15.55
CA HIS C 2 35.29 -1.49 15.33
C HIS C 2 34.50 -1.79 14.06
N GLY C 3 33.45 -2.58 14.20
CA GLY C 3 32.64 -2.94 13.04
C GLY C 3 31.58 -3.98 13.38
N THR C 4 30.63 -3.60 14.22
CA THR C 4 29.56 -4.51 14.63
C THR C 4 28.33 -3.74 15.10
N GLY C 5 27.18 -4.39 15.04
CA GLY C 5 25.94 -3.75 15.46
C GLY C 5 25.08 -3.33 14.28
N SER C 6 24.42 -2.19 14.42
CA SER C 6 23.54 -1.68 13.36
C SER C 6 22.42 -2.66 13.06
N PHE C 7 21.47 -2.76 13.98
CA PHE C 7 20.33 -3.65 13.82
C PHE C 7 19.31 -3.46 14.94
N GLY C 8 18.08 -3.11 14.55
CA GLY C 8 17.03 -2.90 15.52
C GLY C 8 15.96 -1.95 15.03
N ASP C 9 16.37 -0.76 14.61
CA ASP C 9 15.44 0.24 14.12
C ASP C 9 14.65 -0.29 12.92
N ARG C 10 13.34 -0.05 12.94
CA ARG C 10 12.48 -0.52 11.86
C ARG C 10 11.08 0.07 12.00
N PRO C 11 10.98 1.40 11.86
CA PRO C 11 9.70 2.12 11.97
C PRO C 11 8.78 1.82 10.80
N ALA C 12 7.67 2.57 10.71
CA ALA C 12 6.71 2.39 9.65
C ALA C 12 6.96 3.37 8.51
N ARG C 13 6.99 4.66 8.84
CA ARG C 13 7.23 5.69 7.85
C ARG C 13 6.18 5.64 6.74
N PRO C 14 4.97 6.14 7.04
CA PRO C 14 3.86 6.16 6.09
C PRO C 14 4.08 7.15 4.95
N THR C 15 4.77 6.69 3.90
CA THR C 15 5.05 7.53 2.75
C THR C 15 4.37 6.99 1.49
N LEU C 16 4.36 7.81 0.45
CA LEU C 16 3.73 7.42 -0.81
C LEU C 16 4.35 6.13 -1.35
N LEU C 17 5.66 6.17 -1.57
CA LEU C 17 6.38 5.00 -2.08
C LEU C 17 6.17 3.79 -1.18
N GLU C 18 6.28 4.00 0.13
CA GLU C 18 6.09 2.92 1.09
C GLU C 18 4.78 2.19 0.85
N GLN C 19 3.74 2.95 0.51
CA GLN C 19 2.43 2.38 0.26
C GLN C 19 2.40 1.67 -1.09
N VAL C 20 3.18 2.17 -2.03
CA VAL C 20 3.25 1.59 -3.37
C VAL C 20 3.70 0.14 -3.31
N LEU C 21 4.90 -0.09 -2.78
CA LEU C 21 5.45 -1.44 -2.67
C LEU C 21 4.63 -2.28 -1.69
N ASN C 22 4.39 -1.71 -0.51
CA ASN C 22 3.62 -2.41 0.52
C ASN C 22 2.31 -2.93 -0.04
N GLN C 23 1.65 -2.11 -0.86
CA GLN C 23 0.38 -2.50 -1.47
C GLN C 23 0.57 -3.69 -2.41
N LYS C 24 1.53 -3.58 -3.31
CA LYS C 24 1.81 -4.65 -4.26
C LYS C 24 2.17 -5.94 -3.55
N ARG C 25 2.99 -5.82 -2.50
CA ARG C 25 3.41 -6.98 -1.73
C ARG C 25 2.20 -7.77 -1.23
N LEU C 26 1.31 -7.10 -0.52
CA LEU C 26 0.12 -7.73 0.02
C LEU C 26 -0.84 -8.12 -1.10
N SER C 27 -0.72 -7.46 -2.23
CA SER C 27 -1.57 -7.73 -3.38
C SER C 27 -1.41 -9.18 -3.84
N LEU C 28 -0.19 -9.55 -4.20
CA LEU C 28 0.10 -10.90 -4.66
C LEU C 28 -0.48 -11.14 -6.06
N LEU C 29 -1.82 -11.17 -6.14
CA LEU C 29 -2.49 -11.40 -7.41
C LEU C 29 -2.74 -10.07 -8.12
N ARG C 30 -2.15 -9.00 -7.61
CA ARG C 30 -2.31 -7.68 -8.20
C ARG C 30 -3.76 -7.22 -8.14
N SER C 31 -4.43 -7.53 -7.03
CA SER C 31 -5.83 -7.15 -6.86
C SER C 31 -5.95 -5.76 -6.25
N PRO C 32 -6.46 -4.81 -7.05
CA PRO C 32 -6.63 -3.42 -6.63
C PRO C 32 -7.74 -3.27 -5.59
N GLU C 33 -8.79 -4.08 -5.72
CA GLU C 33 -9.91 -4.04 -4.80
C GLU C 33 -9.49 -4.51 -3.41
N VAL C 34 -8.88 -5.68 -3.35
CA VAL C 34 -8.42 -6.24 -2.08
C VAL C 34 -7.42 -5.31 -1.39
N VAL C 35 -6.32 -5.01 -2.08
CA VAL C 35 -5.30 -4.13 -1.55
C VAL C 35 -5.89 -2.80 -1.09
N GLN C 36 -6.87 -2.31 -1.85
CA GLN C 36 -7.52 -1.05 -1.52
C GLN C 36 -8.13 -1.10 -0.12
N PHE C 37 -9.04 -2.05 0.08
CA PHE C 37 -9.71 -2.21 1.37
C PHE C 37 -8.72 -2.67 2.44
N LEU C 38 -7.66 -3.33 2.01
CA LEU C 38 -6.64 -3.83 2.93
C LEU C 38 -5.78 -2.68 3.45
N GLN C 39 -5.59 -1.66 2.62
CA GLN C 39 -4.78 -0.51 2.99
C GLN C 39 -5.55 0.41 3.94
N LYS C 40 -6.80 0.70 3.59
CA LYS C 40 -7.64 1.55 4.40
C LYS C 40 -7.87 0.95 5.79
N GLN C 41 -8.19 -0.34 5.81
CA GLN C 41 -8.42 -1.04 7.08
C GLN C 41 -7.13 -1.12 7.90
N GLN C 42 -6.10 -1.71 7.31
CA GLN C 42 -4.82 -1.86 8.00
C GLN C 42 -4.34 -0.52 8.54
N GLN C 43 -4.62 0.55 7.80
CA GLN C 43 -4.22 1.89 8.20
C GLN C 43 -4.89 2.29 9.51
N LEU C 44 -6.22 2.25 9.52
CA LEU C 44 -6.99 2.61 10.71
C LEU C 44 -6.53 1.81 11.91
N LEU C 45 -6.32 0.51 11.72
CA LEU C 45 -5.87 -0.37 12.79
C LEU C 45 -4.49 0.04 13.29
N ASN C 46 -3.56 0.24 12.36
CA ASN C 46 -2.21 0.63 12.71
C ASN C 46 -2.21 1.86 13.62
N GLN C 47 -3.15 2.77 13.37
CA GLN C 47 -3.25 3.98 14.17
C GLN C 47 -3.82 3.68 15.56
N GLN C 48 -4.79 2.77 15.60
CA GLN C 48 -5.42 2.38 16.86
C GLN C 48 -4.40 1.78 17.81
N VAL C 49 -3.67 0.77 17.35
CA VAL C 49 -2.67 0.10 18.18
C VAL C 49 -1.58 1.08 18.59
N LEU C 50 -1.38 2.12 17.79
CA LEU C 50 -0.37 3.13 18.08
C LEU C 50 -0.53 3.68 19.49
N GLU C 51 0.57 3.68 20.24
CA GLU C 51 0.55 4.18 21.62
C GLU C 51 1.20 5.55 21.70
N GLN C 52 1.37 6.04 22.93
CA GLN C 52 1.98 7.35 23.16
C GLN C 52 3.33 7.21 23.84
N ARG C 53 3.90 8.34 24.24
CA ARG C 53 5.19 8.34 24.91
C ARG C 53 5.32 9.54 25.85
N GLN C 54 6.52 9.74 26.39
CA GLN C 54 6.77 10.86 27.30
C GLN C 54 7.65 11.92 26.64
N GLN C 55 7.42 13.17 27.01
CA GLN C 55 8.20 14.28 26.45
C GLN C 55 8.04 15.53 27.30
N GLN C 56 9.13 16.28 27.45
CA GLN C 56 9.12 17.51 28.23
C GLN C 56 9.02 18.73 27.33
N PHE C 57 9.09 19.91 27.94
CA PHE C 57 9.01 21.16 27.19
C PHE C 57 9.93 22.22 27.80
N PRO C 58 10.52 23.06 26.93
CA PRO C 58 11.43 24.12 27.35
C PRO C 58 10.71 25.24 28.09
N GLY C 59 11.45 26.25 28.50
CA GLY C 59 10.86 27.38 29.21
C GLY C 59 11.25 27.40 30.67
N THR C 60 11.45 28.60 31.22
CA THR C 60 11.82 28.76 32.61
C THR C 60 10.73 29.47 33.39
N SER C 61 9.95 30.29 32.70
CA SER C 61 8.88 31.04 33.33
C SER C 61 7.66 31.13 32.41
N MET C 62 6.82 30.11 32.44
CA MET C 62 5.62 30.08 31.61
C MET C 62 4.57 31.05 32.13
N GLY A 1 -10.50 21.25 -22.33
CA GLY A 1 -10.84 20.12 -21.49
C GLY A 1 -12.32 20.07 -21.14
N ALA A 2 -12.85 18.86 -21.02
CA ALA A 2 -14.26 18.68 -20.69
C ALA A 2 -14.53 17.28 -20.15
N GLY A 3 -15.80 16.94 -19.98
CA GLY A 3 -16.16 15.64 -19.47
C GLY A 3 -16.77 15.70 -18.09
N GLU A 4 -18.01 15.26 -17.96
CA GLU A 4 -18.71 15.27 -16.68
C GLU A 4 -20.06 14.59 -16.79
N PRO A 5 -20.06 13.32 -17.21
CA PRO A 5 -21.29 12.53 -17.36
C PRO A 5 -21.93 12.19 -16.03
N THR A 6 -21.13 11.70 -15.10
CA THR A 6 -21.62 11.33 -13.77
C THR A 6 -20.53 11.47 -12.72
N THR A 7 -20.91 11.29 -11.45
CA THR A 7 -19.95 11.40 -10.36
C THR A 7 -19.20 10.09 -10.14
N LEU A 8 -18.01 10.18 -9.57
CA LEU A 8 -17.20 9.00 -9.30
C LEU A 8 -17.90 8.05 -8.35
N LEU A 9 -18.37 8.57 -7.23
CA LEU A 9 -19.08 7.76 -6.24
C LEU A 9 -20.25 7.03 -6.87
N GLN A 10 -21.02 7.74 -7.70
CA GLN A 10 -22.16 7.15 -8.37
C GLN A 10 -21.72 6.11 -9.39
N ARG A 11 -20.87 6.52 -10.33
CA ARG A 11 -20.38 5.63 -11.36
C ARG A 11 -19.81 4.35 -10.75
N LEU A 12 -19.28 4.47 -9.53
CA LEU A 12 -18.70 3.32 -8.84
C LEU A 12 -19.78 2.53 -8.12
N ARG A 13 -20.69 3.24 -7.46
CA ARG A 13 -21.78 2.59 -6.73
C ARG A 13 -22.51 1.59 -7.61
N GLY A 14 -22.63 1.91 -8.90
CA GLY A 14 -23.31 1.03 -9.83
C GLY A 14 -22.44 -0.13 -10.26
N THR A 15 -21.12 0.10 -10.33
CA THR A 15 -20.19 -0.94 -10.73
C THR A 15 -18.76 -0.42 -10.73
N ILE A 16 -17.81 -1.32 -10.55
CA ILE A 16 -16.39 -0.95 -10.54
C ILE A 16 -16.02 -0.12 -11.77
N SER A 17 -15.13 0.83 -11.60
CA SER A 17 -14.69 1.69 -12.69
C SER A 17 -13.52 1.06 -13.44
N LYS A 18 -13.63 1.02 -14.76
CA LYS A 18 -12.58 0.43 -15.60
C LYS A 18 -11.24 1.10 -15.32
N ALA A 19 -11.25 2.43 -15.21
CA ALA A 19 -10.04 3.18 -14.94
C ALA A 19 -9.38 2.73 -13.64
N VAL A 20 -10.21 2.51 -12.62
CA VAL A 20 -9.70 2.08 -11.32
C VAL A 20 -8.95 0.77 -11.43
N GLN A 21 -9.60 -0.24 -12.02
CA GLN A 21 -8.99 -1.55 -12.19
C GLN A 21 -7.70 -1.45 -13.00
N ASN A 22 -7.81 -0.89 -14.20
CA ASN A 22 -6.65 -0.73 -15.07
C ASN A 22 -5.52 0.01 -14.35
N LYS A 23 -5.88 1.06 -13.63
CA LYS A 23 -4.91 1.85 -12.89
C LYS A 23 -4.04 0.96 -12.00
N VAL A 24 -4.69 0.13 -11.19
CA VAL A 24 -3.99 -0.77 -10.29
C VAL A 24 -3.02 -1.66 -11.05
N GLU A 25 -3.55 -2.39 -12.03
CA GLU A 25 -2.73 -3.29 -12.83
C GLU A 25 -1.57 -2.54 -13.47
N GLY A 26 -1.83 -1.31 -13.91
CA GLY A 26 -0.79 -0.51 -14.53
C GLY A 26 0.42 -0.33 -13.65
N ILE A 27 0.17 0.10 -12.41
CA ILE A 27 1.26 0.31 -11.45
C ILE A 27 2.04 -0.98 -11.21
N LEU A 28 1.32 -2.07 -11.00
CA LEU A 28 1.95 -3.37 -10.75
C LEU A 28 2.97 -3.69 -11.85
N GLN A 29 2.61 -3.39 -13.09
CA GLN A 29 3.48 -3.66 -14.23
C GLN A 29 4.66 -2.68 -14.24
N ASP A 30 4.39 -1.42 -13.91
CA ASP A 30 5.42 -0.40 -13.87
C ASP A 30 6.62 -0.85 -13.04
N VAL A 31 6.33 -1.41 -11.86
CA VAL A 31 7.37 -1.89 -10.97
C VAL A 31 7.98 -3.19 -11.47
N GLN A 32 7.12 -4.06 -12.00
CA GLN A 32 7.56 -5.35 -12.52
C GLN A 32 8.55 -5.17 -13.67
N LYS A 33 8.54 -3.98 -14.27
CA LYS A 33 9.44 -3.67 -15.37
C LYS A 33 10.88 -4.01 -15.01
N PHE A 34 11.23 -3.84 -13.75
CA PHE A 34 12.58 -4.13 -13.27
C PHE A 34 12.56 -5.19 -12.18
N SER A 35 13.75 -5.60 -11.73
CA SER A 35 13.87 -6.62 -10.69
C SER A 35 13.00 -6.26 -9.48
N ASP A 36 11.89 -6.96 -9.32
CA ASP A 36 10.98 -6.72 -8.21
C ASP A 36 11.67 -7.00 -6.87
N ASN A 37 12.63 -7.93 -6.89
CA ASN A 37 13.35 -8.29 -5.68
C ASN A 37 14.40 -7.23 -5.34
N ASP A 38 15.34 -7.02 -6.24
CA ASP A 38 16.39 -6.02 -6.05
C ASP A 38 15.80 -4.67 -5.68
N LYS A 39 14.74 -4.29 -6.38
CA LYS A 39 14.07 -3.01 -6.14
C LYS A 39 13.34 -3.04 -4.80
N LEU A 40 12.76 -4.18 -4.46
CA LEU A 40 12.03 -4.34 -3.21
C LEU A 40 12.89 -3.91 -2.02
N TYR A 41 14.08 -4.49 -1.92
CA TYR A 41 14.99 -4.18 -0.83
C TYR A 41 15.50 -2.74 -0.95
N LEU A 42 15.76 -2.32 -2.18
CA LEU A 42 16.25 -0.96 -2.42
C LEU A 42 15.21 0.08 -2.05
N TYR A 43 13.94 -0.35 -2.04
CA TYR A 43 12.84 0.55 -1.70
C TYR A 43 12.43 0.38 -0.24
N LEU A 44 11.79 -0.76 0.06
CA LEU A 44 11.33 -1.04 1.41
C LEU A 44 12.46 -0.83 2.42
N GLN A 45 13.69 -1.09 1.99
CA GLN A 45 14.86 -0.92 2.84
C GLN A 45 15.77 0.18 2.33
N LEU A 46 15.17 1.26 1.84
CA LEU A 46 15.92 2.39 1.31
C LEU A 46 16.98 2.85 2.30
N PRO A 47 18.13 3.30 1.79
CA PRO A 47 19.23 3.79 2.62
C PRO A 47 18.91 5.13 3.30
N SER A 48 18.34 6.05 2.52
CA SER A 48 17.97 7.36 3.05
C SER A 48 19.17 8.01 3.75
N GLY A 49 20.36 7.70 3.27
CA GLY A 49 21.57 8.27 3.85
C GLY A 49 22.68 7.25 3.97
N PRO A 50 23.67 7.54 4.84
CA PRO A 50 24.82 6.66 5.07
C PRO A 50 24.42 5.37 5.78
N THR A 51 24.13 4.34 5.01
CA THR A 51 23.73 3.05 5.58
C THR A 51 23.60 1.98 4.50
N THR A 52 24.49 2.03 3.51
CA THR A 52 24.46 1.08 2.41
C THR A 52 24.49 -0.36 2.93
N GLY A 53 25.10 -0.54 4.10
CA GLY A 53 25.18 -1.87 4.67
C GLY A 53 23.82 -2.48 4.95
N ASP A 54 23.09 -1.87 5.89
CA ASP A 54 21.76 -2.35 6.25
C ASP A 54 20.84 -2.37 5.03
N LYS A 55 21.07 -1.45 4.11
CA LYS A 55 20.26 -1.36 2.90
C LYS A 55 20.29 -2.69 2.13
N SER A 56 21.47 -3.05 1.65
CA SER A 56 21.64 -4.30 0.90
C SER A 56 21.13 -5.48 1.70
N SER A 57 21.58 -5.58 2.95
CA SER A 57 21.18 -6.68 3.83
C SER A 57 21.53 -8.03 3.20
N GLU A 58 22.56 -8.04 2.35
CA GLU A 58 22.99 -9.26 1.69
C GLU A 58 21.83 -9.93 0.97
N PRO A 59 21.48 -9.40 -0.22
CA PRO A 59 20.38 -9.93 -1.02
C PRO A 59 20.71 -11.30 -1.62
N SER A 60 19.69 -12.16 -1.72
CA SER A 60 19.87 -13.50 -2.27
C SER A 60 18.53 -14.17 -2.50
N THR A 61 17.89 -13.86 -3.62
CA THR A 61 16.60 -14.44 -3.95
C THR A 61 16.69 -15.32 -5.19
N LEU A 62 17.22 -14.77 -6.27
CA LEU A 62 17.38 -15.51 -7.52
C LEU A 62 16.05 -16.12 -7.95
N SER A 63 15.22 -15.31 -8.61
CA SER A 63 13.92 -15.75 -9.08
C SER A 63 13.48 -14.96 -10.32
N ASN A 64 13.72 -15.53 -11.49
CA ASN A 64 13.35 -14.88 -12.74
C ASN A 64 11.88 -15.14 -13.08
N GLU A 65 11.51 -16.40 -13.21
CA GLU A 65 10.14 -16.77 -13.53
C GLU A 65 9.70 -17.96 -12.68
N GLU A 66 8.38 -18.14 -12.56
CA GLU A 66 7.81 -19.23 -11.77
C GLU A 66 6.68 -19.90 -12.52
N TYR A 67 5.57 -19.18 -12.69
CA TYR A 67 4.41 -19.70 -13.38
C TYR A 67 3.50 -18.57 -13.87
N MET A 68 2.56 -18.91 -14.74
CA MET A 68 1.63 -17.93 -15.28
C MET A 68 0.21 -18.20 -14.80
N GLY B 1 11.63 12.67 -17.15
CA GLY B 1 13.05 12.42 -16.99
C GLY B 1 13.71 12.06 -18.31
N ALA B 2 13.83 13.04 -19.19
CA ALA B 2 14.46 12.82 -20.50
C ALA B 2 15.97 12.64 -20.36
N GLY B 3 16.52 11.66 -21.07
CA GLY B 3 17.93 11.40 -21.01
C GLY B 3 18.26 9.91 -20.99
N GLU B 4 18.01 9.27 -19.85
CA GLU B 4 18.28 7.85 -19.71
C GLU B 4 19.76 7.56 -19.89
N PRO B 5 20.60 8.14 -19.03
CA PRO B 5 22.05 7.95 -19.07
C PRO B 5 22.47 6.54 -18.68
N THR B 6 21.91 6.05 -17.58
CA THR B 6 22.23 4.71 -17.08
C THR B 6 21.08 3.75 -17.33
N THR B 7 21.21 2.52 -16.84
CA THR B 7 20.18 1.52 -17.01
C THR B 7 18.92 1.88 -16.24
N LEU B 8 17.82 1.19 -16.54
CA LEU B 8 16.55 1.45 -15.87
C LEU B 8 16.64 1.13 -14.38
N LEU B 9 17.10 -0.08 -14.07
CA LEU B 9 17.22 -0.51 -12.68
C LEU B 9 18.16 0.42 -11.91
N GLN B 10 19.36 0.63 -12.45
CA GLN B 10 20.35 1.50 -11.82
C GLN B 10 19.81 2.92 -11.67
N ARG B 11 19.13 3.40 -12.72
CA ARG B 11 18.56 4.75 -12.70
C ARG B 11 17.70 4.96 -11.45
N LEU B 12 16.81 4.02 -11.18
CA LEU B 12 15.94 4.10 -10.02
C LEU B 12 16.70 3.82 -8.73
N ARG B 13 17.67 2.92 -8.82
CA ARG B 13 18.48 2.57 -7.66
C ARG B 13 19.06 3.82 -7.00
N GLY B 14 19.51 4.76 -7.82
CA GLY B 14 20.08 5.98 -7.30
C GLY B 14 19.10 6.78 -6.46
N THR B 15 17.83 6.73 -6.85
CA THR B 15 16.77 7.45 -6.13
C THR B 15 15.42 7.24 -6.78
N ILE B 16 14.38 7.12 -5.96
CA ILE B 16 13.02 6.93 -6.46
C ILE B 16 12.67 7.98 -7.51
N SER B 17 11.88 7.58 -8.50
CA SER B 17 11.47 8.49 -9.56
C SER B 17 10.25 9.31 -9.12
N LYS B 18 10.29 10.61 -9.41
CA LYS B 18 9.20 11.51 -9.06
C LYS B 18 7.88 11.05 -9.70
N ALA B 19 7.92 10.82 -11.00
CA ALA B 19 6.73 10.39 -11.74
C ALA B 19 6.10 9.16 -11.06
N VAL B 20 6.95 8.23 -10.63
CA VAL B 20 6.47 7.02 -9.97
C VAL B 20 5.67 7.35 -8.73
N GLN B 21 6.31 8.03 -7.78
CA GLN B 21 5.66 8.41 -6.54
C GLN B 21 4.39 9.22 -6.80
N ASN B 22 4.49 10.16 -7.73
CA ASN B 22 3.35 11.01 -8.09
C ASN B 22 2.15 10.16 -8.51
N LYS B 23 2.36 9.30 -9.49
CA LYS B 23 1.29 8.43 -9.97
C LYS B 23 0.64 7.68 -8.82
N VAL B 24 1.45 7.21 -7.89
CA VAL B 24 0.96 6.47 -6.73
C VAL B 24 -0.08 7.28 -5.97
N GLU B 25 0.29 8.51 -5.61
CA GLU B 25 -0.62 9.39 -4.87
C GLU B 25 -1.89 9.65 -5.67
N GLY B 26 -1.78 9.62 -6.99
CA GLY B 26 -2.93 9.86 -7.84
C GLY B 26 -4.00 8.80 -7.68
N ILE B 27 -3.64 7.56 -7.99
CA ILE B 27 -4.58 6.44 -7.88
C ILE B 27 -5.07 6.29 -6.44
N LEU B 28 -4.14 6.25 -5.50
CA LEU B 28 -4.48 6.11 -4.09
C LEU B 28 -5.52 7.14 -3.67
N GLN B 29 -5.36 8.37 -4.14
CA GLN B 29 -6.29 9.44 -3.82
C GLN B 29 -7.64 9.22 -4.49
N ASP B 30 -7.61 8.58 -5.66
CA ASP B 30 -8.83 8.30 -6.40
C ASP B 30 -9.75 7.37 -5.61
N VAL B 31 -9.17 6.34 -5.01
CA VAL B 31 -9.93 5.38 -4.23
C VAL B 31 -10.44 6.00 -2.94
N GLN B 32 -9.53 6.58 -2.16
CA GLN B 32 -9.90 7.21 -0.90
C GLN B 32 -10.85 8.38 -1.13
N LYS B 33 -10.89 8.86 -2.38
CA LYS B 33 -11.76 9.98 -2.73
C LYS B 33 -13.19 9.72 -2.28
N PHE B 34 -13.58 8.45 -2.24
CA PHE B 34 -14.92 8.06 -1.82
C PHE B 34 -14.87 7.20 -0.57
N SER B 35 -15.98 7.18 0.18
CA SER B 35 -16.06 6.39 1.40
C SER B 35 -15.66 4.94 1.13
N ASP B 36 -15.13 4.29 2.17
CA ASP B 36 -14.70 2.90 2.05
C ASP B 36 -15.82 1.95 2.47
N ASN B 37 -16.47 2.26 3.59
CA ASN B 37 -17.56 1.44 4.09
C ASN B 37 -18.62 1.22 3.02
N ASP B 38 -19.10 2.31 2.44
CA ASP B 38 -20.12 2.23 1.39
C ASP B 38 -19.69 1.27 0.29
N LYS B 39 -18.41 1.31 -0.06
CA LYS B 39 -17.87 0.43 -1.10
C LYS B 39 -17.79 -1.01 -0.61
N LEU B 40 -17.54 -1.18 0.68
CA LEU B 40 -17.44 -2.51 1.28
C LEU B 40 -18.73 -3.29 1.08
N TYR B 41 -19.84 -2.70 1.50
CA TYR B 41 -21.14 -3.34 1.37
C TYR B 41 -21.55 -3.47 -0.08
N LEU B 42 -21.26 -2.44 -0.87
CA LEU B 42 -21.59 -2.44 -2.30
C LEU B 42 -20.88 -3.56 -3.02
N TYR B 43 -19.55 -3.57 -2.94
CA TYR B 43 -18.75 -4.60 -3.59
C TYR B 43 -19.23 -5.99 -3.21
N LEU B 44 -19.38 -6.23 -1.92
CA LEU B 44 -19.85 -7.53 -1.43
C LEU B 44 -21.14 -7.94 -2.11
N GLN B 45 -22.04 -6.97 -2.30
CA GLN B 45 -23.31 -7.24 -2.95
C GLN B 45 -23.12 -7.94 -4.28
N LEU B 46 -22.00 -7.63 -4.95
CA LEU B 46 -21.69 -8.22 -6.24
C LEU B 46 -21.78 -9.75 -6.17
N PRO B 47 -22.07 -10.37 -7.32
CA PRO B 47 -22.19 -11.84 -7.42
C PRO B 47 -20.85 -12.53 -7.27
N SER B 48 -20.89 -13.84 -7.03
CA SER B 48 -19.66 -14.62 -6.87
C SER B 48 -18.89 -14.16 -5.64
N GLY B 49 -18.95 -14.94 -4.57
CA GLY B 49 -18.24 -14.60 -3.36
C GLY B 49 -17.11 -15.55 -3.05
N PRO B 50 -16.32 -15.22 -2.00
CA PRO B 50 -15.19 -16.05 -1.59
C PRO B 50 -15.62 -17.38 -0.98
N THR B 51 -14.65 -18.14 -0.48
CA THR B 51 -14.94 -19.43 0.13
C THR B 51 -13.65 -20.11 0.60
N THR B 52 -12.57 -19.89 -0.13
CA THR B 52 -11.28 -20.48 0.22
C THR B 52 -10.92 -20.20 1.67
N GLY B 53 -11.21 -18.98 2.12
CA GLY B 53 -10.90 -18.60 3.48
C GLY B 53 -11.46 -19.58 4.49
N ASP B 54 -12.78 -19.65 4.59
CA ASP B 54 -13.44 -20.57 5.52
C ASP B 54 -13.03 -22.01 5.25
N LYS B 55 -12.90 -22.35 3.97
CA LYS B 55 -12.52 -23.69 3.57
C LYS B 55 -11.25 -24.15 4.30
N SER B 56 -10.33 -23.22 4.50
CA SER B 56 -9.08 -23.53 5.19
C SER B 56 -9.19 -23.22 6.68
N SER B 57 -9.17 -21.93 7.01
CA SER B 57 -9.26 -21.51 8.40
C SER B 57 -8.24 -22.23 9.26
N GLU B 58 -7.00 -21.73 9.23
CA GLU B 58 -5.92 -22.33 10.02
C GLU B 58 -5.00 -21.26 10.58
N PRO B 59 -5.59 -20.33 11.36
CA PRO B 59 -4.84 -19.23 11.98
C PRO B 59 -3.91 -19.72 13.08
N SER B 60 -2.60 -19.59 12.86
CA SER B 60 -1.61 -20.03 13.84
C SER B 60 -0.20 -19.70 13.35
N THR B 61 0.18 -18.43 13.49
CA THR B 61 1.51 -17.98 13.07
C THR B 61 2.32 -17.45 14.25
N LEU B 62 1.61 -16.94 15.25
CA LEU B 62 2.26 -16.39 16.43
C LEU B 62 3.24 -17.40 17.03
N SER B 63 2.69 -18.43 17.68
CA SER B 63 3.52 -19.46 18.29
C SER B 63 4.57 -18.83 19.22
N ASN B 64 4.18 -18.58 20.46
CA ASN B 64 5.09 -17.98 21.44
C ASN B 64 5.98 -19.05 22.07
N GLU B 65 6.83 -18.62 22.99
CA GLU B 65 7.74 -19.54 23.67
C GLU B 65 7.89 -19.16 25.15
N GLU B 66 8.85 -19.80 25.81
CA GLU B 66 9.09 -19.53 27.23
C GLU B 66 10.06 -18.35 27.40
N TYR B 67 10.34 -18.01 28.65
CA TYR B 67 11.25 -16.91 28.94
C TYR B 67 12.06 -17.18 30.21
N MET B 68 11.36 -17.56 31.27
CA MET B 68 12.01 -17.86 32.55
C MET B 68 13.14 -18.87 32.35
N GLY C 1 21.54 6.86 13.93
CA GLY C 1 20.91 8.17 13.84
C GLY C 1 21.86 9.29 14.19
N HIS C 2 21.41 10.18 15.07
CA HIS C 2 22.24 11.32 15.49
C HIS C 2 23.43 10.85 16.32
N GLY C 3 23.14 10.18 17.44
CA GLY C 3 24.20 9.69 18.30
C GLY C 3 24.42 8.20 18.15
N THR C 4 23.67 7.41 18.91
CA THR C 4 23.79 5.96 18.86
C THR C 4 22.85 5.36 17.82
N GLY C 5 23.41 4.56 16.91
CA GLY C 5 22.61 3.95 15.88
C GLY C 5 21.42 3.18 16.44
N SER C 6 21.69 2.24 17.33
CA SER C 6 20.64 1.44 17.95
C SER C 6 19.86 0.66 16.89
N PHE C 7 18.97 -0.22 17.34
CA PHE C 7 18.17 -1.02 16.43
C PHE C 7 17.17 -0.16 15.66
N GLY C 8 16.57 0.79 16.36
CA GLY C 8 15.60 1.68 15.74
C GLY C 8 16.23 2.60 14.71
N ASP C 9 15.69 2.60 13.50
CA ASP C 9 16.22 3.44 12.43
C ASP C 9 15.15 4.41 11.93
N ARG C 10 14.04 3.86 11.45
CA ARG C 10 12.94 4.67 10.94
C ARG C 10 11.61 4.21 11.51
N PRO C 11 10.68 5.17 11.68
CA PRO C 11 9.35 4.88 12.23
C PRO C 11 8.48 4.08 11.26
N ALA C 12 7.25 3.80 11.68
CA ALA C 12 6.32 3.05 10.84
C ALA C 12 5.05 3.84 10.57
N ARG C 13 4.98 4.48 9.42
CA ARG C 13 3.81 5.27 9.04
C ARG C 13 3.46 5.06 7.57
N PRO C 14 2.16 5.19 7.26
CA PRO C 14 1.66 5.02 5.89
C PRO C 14 2.10 6.15 4.96
N THR C 15 2.72 5.77 3.84
CA THR C 15 3.20 6.75 2.87
C THR C 15 2.89 6.30 1.45
N LEU C 16 2.93 7.25 0.52
CA LEU C 16 2.65 6.95 -0.88
C LEU C 16 3.57 5.84 -1.40
N LEU C 17 4.88 6.04 -1.26
CA LEU C 17 5.86 5.06 -1.70
C LEU C 17 5.60 3.71 -1.05
N GLU C 18 5.49 3.70 0.28
CA GLU C 18 5.24 2.47 1.01
C GLU C 18 3.91 1.85 0.61
N GLN C 19 3.06 2.64 -0.03
CA GLN C 19 1.75 2.17 -0.47
C GLN C 19 1.88 1.29 -1.71
N VAL C 20 2.37 1.88 -2.79
CA VAL C 20 2.55 1.16 -4.05
C VAL C 20 3.38 -0.10 -3.84
N LEU C 21 4.42 0.01 -3.03
CA LEU C 21 5.29 -1.13 -2.74
C LEU C 21 4.55 -2.20 -1.95
N ASN C 22 4.18 -1.87 -0.72
CA ASN C 22 3.46 -2.81 0.14
C ASN C 22 2.27 -3.41 -0.59
N GLN C 23 1.67 -2.62 -1.48
CA GLN C 23 0.52 -3.08 -2.24
C GLN C 23 0.87 -4.27 -3.12
N LYS C 24 1.87 -4.09 -3.98
CA LYS C 24 2.31 -5.15 -4.88
C LYS C 24 2.62 -6.43 -4.10
N ARG C 25 3.28 -6.28 -2.96
CA ARG C 25 3.63 -7.41 -2.12
C ARG C 25 2.39 -8.25 -1.79
N LEU C 26 1.38 -7.58 -1.24
CA LEU C 26 0.14 -8.26 -0.87
C LEU C 26 -0.65 -8.68 -2.11
N SER C 27 -0.38 -8.00 -3.22
CA SER C 27 -1.06 -8.30 -4.48
C SER C 27 -0.80 -9.74 -4.91
N LEU C 28 0.47 -10.11 -4.94
CA LEU C 28 0.86 -11.46 -5.33
C LEU C 28 0.66 -11.67 -6.83
N LEU C 29 -0.59 -11.70 -7.26
CA LEU C 29 -0.92 -11.89 -8.67
C LEU C 29 -1.30 -10.57 -9.32
N ARG C 30 -2.53 -10.11 -9.05
CA ARG C 30 -3.02 -8.86 -9.61
C ARG C 30 -4.46 -8.61 -9.18
N SER C 31 -4.67 -8.52 -7.87
CA SER C 31 -6.00 -8.27 -7.33
C SER C 31 -6.15 -6.83 -6.85
N PRO C 32 -6.77 -5.99 -7.70
CA PRO C 32 -6.98 -4.57 -7.38
C PRO C 32 -8.00 -4.38 -6.26
N GLU C 33 -8.95 -5.30 -6.17
CA GLU C 33 -9.99 -5.22 -5.14
C GLU C 33 -9.39 -5.43 -3.76
N VAL C 34 -8.47 -6.39 -3.65
CA VAL C 34 -7.83 -6.69 -2.37
C VAL C 34 -6.71 -5.70 -2.07
N VAL C 35 -5.79 -5.54 -3.02
CA VAL C 35 -4.67 -4.62 -2.85
C VAL C 35 -5.16 -3.23 -2.45
N GLN C 36 -6.31 -2.83 -2.99
CA GLN C 36 -6.89 -1.53 -2.69
C GLN C 36 -7.54 -1.53 -1.30
N PHE C 37 -8.53 -2.39 -1.12
CA PHE C 37 -9.24 -2.49 0.15
C PHE C 37 -8.25 -2.66 1.30
N LEU C 38 -7.12 -3.29 1.01
CA LEU C 38 -6.09 -3.52 2.03
C LEU C 38 -5.24 -2.28 2.23
N GLN C 39 -4.90 -1.61 1.14
CA GLN C 39 -4.08 -0.40 1.21
C GLN C 39 -4.75 0.65 2.09
N LYS C 40 -6.07 0.74 2.00
CA LYS C 40 -6.83 1.71 2.79
C LYS C 40 -7.01 1.21 4.23
N GLN C 41 -7.48 -0.02 4.36
CA GLN C 41 -7.71 -0.61 5.67
C GLN C 41 -6.45 -0.53 6.53
N GLN C 42 -5.30 -0.85 5.93
CA GLN C 42 -4.03 -0.80 6.64
C GLN C 42 -3.61 0.64 6.91
N GLN C 43 -3.66 1.47 5.88
CA GLN C 43 -3.29 2.88 6.01
C GLN C 43 -4.09 3.55 7.12
N LEU C 44 -5.35 3.18 7.25
CA LEU C 44 -6.22 3.75 8.27
C LEU C 44 -5.80 3.30 9.66
N LEU C 45 -5.67 1.99 9.84
CA LEU C 45 -5.27 1.43 11.13
C LEU C 45 -3.92 2.01 11.57
N ASN C 46 -2.96 2.03 10.66
CA ASN C 46 -1.63 2.55 10.96
C ASN C 46 -1.71 4.01 11.38
N GLN C 47 -2.57 4.78 10.72
CA GLN C 47 -2.74 6.19 11.02
C GLN C 47 -3.50 6.38 12.35
N GLN C 48 -4.35 5.41 12.67
CA GLN C 48 -5.13 5.46 13.89
C GLN C 48 -4.22 5.39 15.11
N VAL C 49 -3.40 4.35 15.18
CA VAL C 49 -2.49 4.17 16.30
C VAL C 49 -1.56 5.36 16.45
N LEU C 50 -1.12 5.62 17.68
CA LEU C 50 -0.22 6.74 17.96
C LEU C 50 1.06 6.63 17.13
N GLU C 51 1.75 7.75 16.97
CA GLU C 51 2.98 7.78 16.20
C GLU C 51 4.07 8.55 16.95
N GLN C 52 5.22 8.73 16.30
CA GLN C 52 6.33 9.45 16.91
C GLN C 52 6.02 10.93 17.02
N ARG C 53 5.89 11.60 15.87
CA ARG C 53 5.59 13.02 15.85
C ARG C 53 6.68 13.81 16.56
N GLN C 54 7.64 14.33 15.79
CA GLN C 54 8.73 15.11 16.36
C GLN C 54 8.88 16.44 15.63
N GLN C 55 8.92 16.39 14.30
CA GLN C 55 9.07 17.58 13.49
C GLN C 55 7.79 18.42 13.52
N GLN C 56 7.92 19.71 13.26
CA GLN C 56 6.78 20.61 13.25
C GLN C 56 6.38 20.98 11.82
N PHE C 57 5.21 21.57 11.68
CA PHE C 57 4.70 21.97 10.37
C PHE C 57 3.61 23.04 10.49
N PRO C 58 4.03 24.26 10.84
CA PRO C 58 3.11 25.39 11.00
C PRO C 58 2.52 25.86 9.68
N GLY C 59 1.56 26.78 9.75
CA GLY C 59 0.93 27.29 8.55
C GLY C 59 0.34 28.67 8.75
N THR C 60 -0.89 28.86 8.27
CA THR C 60 -1.57 30.14 8.40
C THR C 60 -1.62 30.61 9.85
N SER C 61 -2.09 31.82 10.07
CA SER C 61 -2.19 32.37 11.41
C SER C 61 -3.16 33.55 11.45
N MET C 62 -2.81 34.63 10.75
CA MET C 62 -3.66 35.81 10.69
C MET C 62 -3.90 36.37 12.10
N GLY A 1 -27.59 11.13 -26.32
CA GLY A 1 -28.40 9.95 -26.53
C GLY A 1 -28.80 9.28 -25.22
N ALA A 2 -28.79 10.05 -24.14
CA ALA A 2 -29.15 9.53 -22.82
C ALA A 2 -28.21 8.41 -22.41
N GLY A 3 -28.42 7.89 -21.20
CA GLY A 3 -27.57 6.82 -20.70
C GLY A 3 -26.13 7.25 -20.53
N GLU A 4 -25.82 7.89 -19.41
CA GLU A 4 -24.47 8.36 -19.14
C GLU A 4 -24.31 8.74 -17.67
N PRO A 5 -23.07 8.62 -17.17
CA PRO A 5 -22.75 8.94 -15.77
C PRO A 5 -22.84 10.44 -15.49
N THR A 6 -23.00 10.79 -14.22
CA THR A 6 -23.10 12.19 -13.82
C THR A 6 -22.01 12.54 -12.81
N THR A 7 -21.66 11.59 -11.96
CA THR A 7 -20.63 11.80 -10.94
C THR A 7 -19.63 10.66 -10.94
N LEU A 8 -18.48 10.90 -10.30
CA LEU A 8 -17.43 9.88 -10.22
C LEU A 8 -17.90 8.68 -9.42
N LEU A 9 -18.45 8.93 -8.24
CA LEU A 9 -18.94 7.86 -7.38
C LEU A 9 -20.10 7.12 -8.03
N GLN A 10 -20.81 7.81 -8.91
CA GLN A 10 -21.94 7.22 -9.62
C GLN A 10 -21.48 6.14 -10.59
N ARG A 11 -20.77 6.55 -11.63
CA ARG A 11 -20.27 5.63 -12.63
C ARG A 11 -19.47 4.50 -11.97
N LEU A 12 -18.78 4.82 -10.89
CA LEU A 12 -17.98 3.84 -10.17
C LEU A 12 -18.87 2.85 -9.42
N ARG A 13 -19.76 3.40 -8.58
CA ARG A 13 -20.67 2.57 -7.80
C ARG A 13 -21.37 1.54 -8.69
N GLY A 14 -21.60 1.91 -9.94
CA GLY A 14 -22.25 1.01 -10.88
C GLY A 14 -21.60 -0.36 -10.93
N THR A 15 -20.28 -0.38 -11.13
CA THR A 15 -19.53 -1.63 -11.20
C THR A 15 -18.06 -1.37 -11.46
N ILE A 16 -17.35 -0.90 -10.45
CA ILE A 16 -15.93 -0.61 -10.58
C ILE A 16 -15.67 0.49 -11.60
N SER A 17 -14.54 1.17 -11.47
CA SER A 17 -14.18 2.25 -12.37
C SER A 17 -13.03 1.83 -13.28
N LYS A 18 -13.22 2.00 -14.58
CA LYS A 18 -12.20 1.64 -15.56
C LYS A 18 -10.86 2.27 -15.22
N ALA A 19 -10.93 3.44 -14.57
CA ALA A 19 -9.71 4.15 -14.18
C ALA A 19 -9.03 3.47 -13.00
N VAL A 20 -9.83 3.04 -12.03
CA VAL A 20 -9.31 2.37 -10.85
C VAL A 20 -8.51 1.13 -11.23
N GLN A 21 -9.09 0.31 -12.09
CA GLN A 21 -8.42 -0.92 -12.54
C GLN A 21 -7.17 -0.60 -13.35
N ASN A 22 -7.33 0.17 -14.41
CA ASN A 22 -6.21 0.54 -15.27
C ASN A 22 -5.12 1.23 -14.46
N LYS A 23 -5.52 1.87 -13.36
CA LYS A 23 -4.58 2.56 -12.49
C LYS A 23 -3.67 1.58 -11.77
N VAL A 24 -4.24 0.79 -10.87
CA VAL A 24 -3.47 -0.20 -10.11
C VAL A 24 -2.70 -1.13 -11.05
N GLU A 25 -3.40 -1.64 -12.06
CA GLU A 25 -2.78 -2.54 -13.03
C GLU A 25 -1.56 -1.89 -13.67
N GLY A 26 -1.68 -0.61 -14.00
CA GLY A 26 -0.58 0.10 -14.62
C GLY A 26 0.66 0.15 -13.75
N ILE A 27 0.51 0.70 -12.55
CA ILE A 27 1.62 0.80 -11.60
C ILE A 27 2.24 -0.57 -11.34
N LEU A 28 1.39 -1.57 -11.14
CA LEU A 28 1.85 -2.92 -10.88
C LEU A 28 2.85 -3.38 -11.94
N GLN A 29 2.47 -3.22 -13.20
CA GLN A 29 3.34 -3.61 -14.31
C GLN A 29 4.59 -2.74 -14.35
N ASP A 30 4.42 -1.46 -14.04
CA ASP A 30 5.54 -0.53 -14.05
C ASP A 30 6.71 -1.06 -13.21
N VAL A 31 6.39 -1.57 -12.02
CA VAL A 31 7.39 -2.12 -11.13
C VAL A 31 7.93 -3.45 -11.64
N GLN A 32 7.01 -4.29 -12.13
CA GLN A 32 7.39 -5.60 -12.65
C GLN A 32 8.35 -5.46 -13.82
N LYS A 33 8.37 -4.28 -14.43
CA LYS A 33 9.24 -4.03 -15.57
C LYS A 33 10.68 -4.41 -15.25
N PHE A 34 11.09 -4.19 -14.00
CA PHE A 34 12.44 -4.51 -13.56
C PHE A 34 12.42 -5.48 -12.38
N SER A 35 13.59 -5.82 -11.88
CA SER A 35 13.71 -6.73 -10.74
C SER A 35 12.80 -6.30 -9.60
N ASP A 36 12.36 -7.26 -8.80
CA ASP A 36 11.50 -6.98 -7.66
C ASP A 36 12.29 -6.90 -6.37
N ASN A 37 13.23 -7.84 -6.20
CA ASN A 37 14.06 -7.88 -5.01
C ASN A 37 15.02 -6.70 -4.98
N ASP A 38 15.78 -6.53 -6.05
CA ASP A 38 16.75 -5.43 -6.16
C ASP A 38 16.08 -4.10 -5.82
N LYS A 39 14.94 -3.84 -6.45
CA LYS A 39 14.20 -2.61 -6.24
C LYS A 39 13.57 -2.59 -4.85
N LEU A 40 13.12 -3.76 -4.39
CA LEU A 40 12.49 -3.87 -3.09
C LEU A 40 13.35 -3.23 -2.00
N TYR A 41 14.64 -3.52 -2.03
CA TYR A 41 15.58 -2.97 -1.05
C TYR A 41 15.92 -1.52 -1.39
N LEU A 42 16.12 -1.25 -2.67
CA LEU A 42 16.45 0.09 -3.13
C LEU A 42 15.34 1.08 -2.78
N TYR A 43 14.14 0.55 -2.58
CA TYR A 43 12.99 1.39 -2.24
C TYR A 43 12.68 1.31 -0.75
N LEU A 44 12.08 0.20 -0.33
CA LEU A 44 11.73 0.00 1.07
C LEU A 44 12.93 0.26 1.97
N GLN A 45 14.11 -0.21 1.55
CA GLN A 45 15.33 -0.02 2.32
C GLN A 45 16.21 1.06 1.69
N LEU A 46 15.58 2.12 1.20
CA LEU A 46 16.30 3.22 0.58
C LEU A 46 17.42 3.71 1.48
N PRO A 47 18.56 4.09 0.87
CA PRO A 47 19.73 4.60 1.60
C PRO A 47 19.48 5.97 2.20
N SER A 48 18.75 6.81 1.49
CA SER A 48 18.44 8.16 1.95
C SER A 48 17.08 8.62 1.45
N GLY A 49 16.11 8.66 2.35
CA GLY A 49 14.77 9.08 1.97
C GLY A 49 14.15 10.01 2.99
N PRO A 50 14.49 11.31 2.89
CA PRO A 50 13.99 12.34 3.80
C PRO A 50 12.50 12.61 3.59
N THR A 51 11.66 12.05 4.45
CA THR A 51 10.22 12.23 4.36
C THR A 51 9.50 11.57 5.52
N THR A 52 9.99 10.40 5.93
CA THR A 52 9.39 9.68 7.04
C THR A 52 9.30 10.55 8.29
N GLY A 53 10.30 11.40 8.49
CA GLY A 53 10.32 12.28 9.65
C GLY A 53 9.31 13.41 9.53
N ASP A 54 9.36 14.12 8.41
CA ASP A 54 8.44 15.23 8.17
C ASP A 54 6.99 14.80 8.39
N LYS A 55 6.72 13.54 8.08
CA LYS A 55 5.37 13.00 8.24
C LYS A 55 5.19 12.40 9.63
N SER A 56 6.26 11.88 10.20
CA SER A 56 6.22 11.27 11.52
C SER A 56 5.75 12.29 12.56
N SER A 57 6.11 13.56 12.34
CA SER A 57 5.73 14.62 13.26
C SER A 57 4.24 14.60 13.55
N GLU A 58 3.44 14.97 12.55
CA GLU A 58 1.99 15.00 12.70
C GLU A 58 1.58 15.82 13.92
N PRO A 59 1.72 17.14 13.82
CA PRO A 59 1.37 18.06 14.90
C PRO A 59 -0.15 18.14 15.13
N SER A 60 -0.60 17.54 16.22
CA SER A 60 -2.03 17.53 16.55
C SER A 60 -2.27 18.23 17.88
N THR A 61 -1.92 17.55 18.97
CA THR A 61 -2.11 18.10 20.31
C THR A 61 -1.50 17.18 21.36
N LEU A 62 -1.98 15.95 21.42
CA LEU A 62 -1.48 14.98 22.38
C LEU A 62 -2.12 13.61 22.15
N SER A 63 -3.43 13.60 21.91
CA SER A 63 -4.15 12.36 21.68
C SER A 63 -3.89 11.36 22.79
N ASN A 64 -4.70 11.43 23.84
CA ASN A 64 -4.57 10.52 24.98
C ASN A 64 -5.82 9.68 25.17
N GLU A 65 -5.64 8.48 25.69
CA GLU A 65 -6.77 7.58 25.93
C GLU A 65 -6.35 6.39 26.80
N GLU A 66 -5.43 6.65 27.73
CA GLU A 66 -4.94 5.61 28.62
C GLU A 66 -5.86 5.46 29.83
N TYR A 67 -6.51 6.56 30.20
CA TYR A 67 -7.41 6.56 31.35
C TYR A 67 -8.45 5.45 31.22
N MET A 68 -8.66 4.72 32.32
CA MET A 68 -9.63 3.63 32.34
C MET A 68 -10.49 3.68 33.59
N GLY B 1 4.86 5.83 -24.68
CA GLY B 1 5.68 4.93 -23.89
C GLY B 1 7.17 5.12 -24.14
N ALA B 2 7.61 4.65 -25.31
CA ALA B 2 9.02 4.77 -25.69
C ALA B 2 9.90 3.98 -24.74
N GLY B 3 11.20 3.95 -25.03
CA GLY B 3 12.13 3.22 -24.19
C GLY B 3 13.51 3.86 -24.15
N GLU B 4 14.25 3.59 -23.08
CA GLU B 4 15.59 4.16 -22.93
C GLU B 4 16.66 3.10 -23.20
N PRO B 5 17.86 3.57 -23.57
CA PRO B 5 19.00 2.68 -23.87
C PRO B 5 19.53 1.99 -22.62
N THR B 6 19.75 2.77 -21.56
CA THR B 6 20.26 2.22 -20.31
C THR B 6 19.30 1.21 -19.72
N THR B 7 19.76 0.46 -18.71
CA THR B 7 18.94 -0.54 -18.05
C THR B 7 17.90 0.10 -17.16
N LEU B 8 16.66 -0.38 -17.25
CA LEU B 8 15.57 0.15 -16.44
C LEU B 8 15.90 0.06 -14.96
N LEU B 9 16.57 -1.02 -14.57
CA LEU B 9 16.94 -1.23 -13.17
C LEU B 9 17.86 -0.12 -12.69
N GLN B 10 18.96 0.08 -13.41
CA GLN B 10 19.94 1.12 -13.05
C GLN B 10 19.32 2.50 -13.18
N ARG B 11 18.55 2.70 -14.24
CA ARG B 11 17.90 3.98 -14.49
C ARG B 11 17.13 4.45 -13.25
N LEU B 12 16.39 3.53 -12.65
CA LEU B 12 15.61 3.84 -11.46
C LEU B 12 16.47 3.79 -10.20
N ARG B 13 17.43 2.88 -10.20
CA ARG B 13 18.32 2.71 -9.06
C ARG B 13 18.95 4.06 -8.66
N GLY B 14 19.24 4.88 -9.66
CA GLY B 14 19.84 6.18 -9.40
C GLY B 14 19.01 7.02 -8.45
N THR B 15 17.69 7.01 -8.65
CA THR B 15 16.79 7.77 -7.81
C THR B 15 15.34 7.55 -8.22
N ILE B 16 14.44 7.55 -7.24
CA ILE B 16 13.02 7.35 -7.50
C ILE B 16 12.53 8.31 -8.58
N SER B 17 11.65 7.82 -9.45
CA SER B 17 11.10 8.63 -10.52
C SER B 17 9.94 9.47 -10.02
N LYS B 18 9.90 10.74 -10.44
CA LYS B 18 8.83 11.65 -10.04
C LYS B 18 7.47 11.10 -10.44
N ALA B 19 7.38 10.56 -11.65
CA ALA B 19 6.13 9.99 -12.14
C ALA B 19 5.65 8.86 -11.24
N VAL B 20 6.56 7.98 -10.86
CA VAL B 20 6.22 6.85 -10.00
C VAL B 20 5.58 7.32 -8.70
N GLN B 21 6.29 8.18 -7.98
CA GLN B 21 5.79 8.71 -6.72
C GLN B 21 4.47 9.44 -6.91
N ASN B 22 4.41 10.30 -7.91
CA ASN B 22 3.20 11.05 -8.21
C ASN B 22 2.02 10.11 -8.45
N LYS B 23 2.24 9.07 -9.25
CA LYS B 23 1.21 8.10 -9.56
C LYS B 23 0.59 7.54 -8.28
N VAL B 24 1.45 7.03 -7.40
CA VAL B 24 0.99 6.45 -6.14
C VAL B 24 0.08 7.42 -5.40
N GLU B 25 0.52 8.67 -5.27
CA GLU B 25 -0.25 9.69 -4.58
C GLU B 25 -1.67 9.76 -5.14
N GLY B 26 -1.79 9.74 -6.45
CA GLY B 26 -3.09 9.80 -7.09
C GLY B 26 -3.99 8.66 -6.68
N ILE B 27 -3.48 7.44 -6.75
CA ILE B 27 -4.25 6.27 -6.37
C ILE B 27 -4.86 6.43 -4.99
N LEU B 28 -4.03 6.80 -4.02
CA LEU B 28 -4.48 6.99 -2.65
C LEU B 28 -5.67 7.95 -2.61
N GLN B 29 -5.51 9.12 -3.21
CA GLN B 29 -6.57 10.12 -3.24
C GLN B 29 -7.78 9.61 -4.01
N ASP B 30 -7.54 8.72 -4.96
CA ASP B 30 -8.62 8.15 -5.77
C ASP B 30 -9.63 7.42 -4.89
N VAL B 31 -9.14 6.41 -4.17
CA VAL B 31 -9.99 5.63 -3.29
C VAL B 31 -10.60 6.50 -2.18
N GLN B 32 -9.75 7.27 -1.52
CA GLN B 32 -10.20 8.15 -0.45
C GLN B 32 -11.31 9.08 -0.92
N LYS B 33 -11.31 9.36 -2.22
CA LYS B 33 -12.32 10.23 -2.82
C LYS B 33 -13.73 9.79 -2.44
N PHE B 34 -13.96 8.48 -2.52
CA PHE B 34 -15.27 7.93 -2.18
C PHE B 34 -15.18 7.04 -0.95
N SER B 35 -16.31 6.83 -0.29
CA SER B 35 -16.36 5.99 0.91
C SER B 35 -15.71 4.64 0.66
N ASP B 36 -15.16 4.05 1.71
CA ASP B 36 -14.50 2.75 1.61
C ASP B 36 -15.52 1.62 1.79
N ASN B 37 -16.27 1.69 2.87
CA ASN B 37 -17.28 0.67 3.16
C ASN B 37 -18.19 0.45 1.96
N ASP B 38 -18.66 1.54 1.37
CA ASP B 38 -19.54 1.48 0.21
C ASP B 38 -18.95 0.58 -0.87
N LYS B 39 -17.67 0.79 -1.17
CA LYS B 39 -16.99 -0.01 -2.18
C LYS B 39 -16.92 -1.47 -1.78
N LEU B 40 -16.71 -1.72 -0.49
CA LEU B 40 -16.63 -3.08 0.03
C LEU B 40 -17.86 -3.88 -0.35
N TYR B 41 -19.03 -3.36 -0.02
CA TYR B 41 -20.29 -4.03 -0.33
C TYR B 41 -20.55 -4.02 -1.84
N LEU B 42 -19.99 -3.05 -2.52
CA LEU B 42 -20.15 -2.93 -3.97
C LEU B 42 -19.39 -4.04 -4.70
N TYR B 43 -18.07 -4.04 -4.55
CA TYR B 43 -17.23 -5.04 -5.20
C TYR B 43 -17.69 -6.45 -4.84
N LEU B 44 -17.95 -6.68 -3.55
CA LEU B 44 -18.40 -7.98 -3.08
C LEU B 44 -19.70 -8.39 -3.77
N GLN B 45 -20.62 -7.44 -3.90
CA GLN B 45 -21.90 -7.70 -4.55
C GLN B 45 -21.70 -8.32 -5.92
N LEU B 46 -20.60 -7.97 -6.58
CA LEU B 46 -20.30 -8.49 -7.91
C LEU B 46 -20.36 -10.01 -7.92
N PRO B 47 -20.71 -10.58 -9.08
CA PRO B 47 -20.82 -12.03 -9.25
C PRO B 47 -19.45 -12.72 -9.22
N SER B 48 -19.44 -13.96 -8.76
CA SER B 48 -18.20 -14.73 -8.68
C SER B 48 -17.22 -14.08 -7.69
N GLY B 49 -17.10 -14.68 -6.51
CA GLY B 49 -16.21 -14.15 -5.50
C GLY B 49 -14.78 -14.01 -6.01
N PRO B 50 -13.99 -13.18 -5.32
CA PRO B 50 -12.60 -12.92 -5.68
C PRO B 50 -11.70 -14.14 -5.43
N THR B 51 -11.82 -14.72 -4.24
CA THR B 51 -11.04 -15.89 -3.88
C THR B 51 -11.35 -16.34 -2.46
N THR B 52 -11.57 -15.38 -1.57
CA THR B 52 -11.88 -15.69 -0.18
C THR B 52 -10.74 -16.46 0.48
N GLY B 53 -9.51 -16.01 0.25
CA GLY B 53 -8.37 -16.66 0.83
C GLY B 53 -8.31 -18.15 0.50
N ASP B 54 -8.53 -18.47 -0.77
CA ASP B 54 -8.49 -19.86 -1.21
C ASP B 54 -9.61 -20.67 -0.54
N LYS B 55 -10.78 -20.05 -0.40
CA LYS B 55 -11.92 -20.71 0.21
C LYS B 55 -11.56 -21.23 1.60
N SER B 56 -11.01 -20.34 2.43
CA SER B 56 -10.62 -20.71 3.79
C SER B 56 -10.03 -19.51 4.52
N SER B 57 -8.95 -18.97 3.99
CA SER B 57 -8.27 -17.82 4.60
C SER B 57 -7.98 -18.09 6.07
N GLU B 58 -7.61 -19.32 6.38
CA GLU B 58 -7.30 -19.70 7.76
C GLU B 58 -5.86 -20.21 7.87
N PRO B 59 -4.90 -19.28 7.79
CA PRO B 59 -3.48 -19.61 7.87
C PRO B 59 -3.07 -20.04 9.28
N SER B 60 -2.12 -20.97 9.35
CA SER B 60 -1.65 -21.48 10.64
C SER B 60 -0.55 -22.53 10.43
N THR B 61 0.70 -22.07 10.44
CA THR B 61 1.84 -22.96 10.25
C THR B 61 3.15 -22.21 10.44
N LEU B 62 3.23 -21.39 11.48
CA LEU B 62 4.43 -20.62 11.76
C LEU B 62 5.64 -21.54 11.92
N SER B 63 5.70 -22.23 13.06
CA SER B 63 6.80 -23.14 13.33
C SER B 63 8.13 -22.39 13.42
N ASN B 64 8.62 -22.21 14.63
CA ASN B 64 9.88 -21.50 14.85
C ASN B 64 10.81 -22.29 15.76
N GLU B 65 12.09 -21.94 15.74
CA GLU B 65 13.08 -22.64 16.56
C GLU B 65 14.44 -21.96 16.45
N GLU B 66 15.36 -22.34 17.33
CA GLU B 66 16.70 -21.78 17.34
C GLU B 66 17.64 -22.58 18.23
N TYR B 67 18.90 -22.64 17.86
CA TYR B 67 19.90 -23.38 18.63
C TYR B 67 21.25 -22.66 18.62
N MET B 68 21.87 -22.61 17.45
CA MET B 68 23.17 -21.95 17.31
C MET B 68 23.44 -21.60 15.85
N GLY C 1 30.25 -16.28 0.15
CA GLY C 1 29.52 -15.09 -0.24
C GLY C 1 28.77 -14.47 0.92
N HIS C 2 29.31 -14.61 2.12
CA HIS C 2 28.68 -14.06 3.33
C HIS C 2 29.06 -12.60 3.51
N GLY C 3 28.57 -12.00 4.59
CA GLY C 3 28.87 -10.60 4.87
C GLY C 3 27.70 -9.69 4.56
N THR C 4 26.81 -10.15 3.68
CA THR C 4 25.64 -9.37 3.30
C THR C 4 24.69 -9.18 4.47
N GLY C 5 23.53 -8.60 4.20
CA GLY C 5 22.55 -8.37 5.25
C GLY C 5 21.13 -8.67 4.79
N SER C 6 20.34 -9.28 5.66
CA SER C 6 18.96 -9.60 5.35
C SER C 6 17.99 -8.68 6.06
N PHE C 7 18.23 -8.47 7.36
CA PHE C 7 17.38 -7.61 8.16
C PHE C 7 17.43 -6.17 7.67
N GLY C 8 16.51 -5.35 8.16
CA GLY C 8 16.46 -3.95 7.75
C GLY C 8 15.05 -3.44 7.59
N ASP C 9 14.66 -2.51 8.45
CA ASP C 9 13.32 -1.94 8.42
C ASP C 9 13.26 -0.66 9.25
N ARG C 10 12.68 0.39 8.67
CA ARG C 10 12.56 1.67 9.36
C ARG C 10 11.20 2.31 9.07
N PRO C 11 10.13 1.58 9.39
CA PRO C 11 8.76 2.07 9.17
C PRO C 11 8.38 3.20 10.11
N ALA C 12 7.47 4.06 9.66
CA ALA C 12 7.02 5.19 10.47
C ALA C 12 5.62 5.63 10.08
N ARG C 13 5.51 6.25 8.91
CA ARG C 13 4.22 6.73 8.42
C ARG C 13 3.93 6.17 7.03
N PRO C 14 2.64 6.10 6.67
CA PRO C 14 2.19 5.58 5.37
C PRO C 14 2.57 6.52 4.23
N THR C 15 3.74 6.27 3.64
CA THR C 15 4.21 7.09 2.52
C THR C 15 3.78 6.50 1.19
N LEU C 16 3.76 7.33 0.16
CA LEU C 16 3.37 6.90 -1.18
C LEU C 16 4.21 5.71 -1.64
N LEU C 17 5.53 5.88 -1.62
CA LEU C 17 6.44 4.80 -2.03
C LEU C 17 6.17 3.53 -1.24
N GLU C 18 6.16 3.65 0.08
CA GLU C 18 5.91 2.50 0.95
C GLU C 18 4.52 1.91 0.69
N GLN C 19 3.66 2.71 0.06
CA GLN C 19 2.30 2.28 -0.24
C GLN C 19 2.28 1.29 -1.40
N VAL C 20 2.72 1.76 -2.57
CA VAL C 20 2.75 0.92 -3.76
C VAL C 20 3.54 -0.36 -3.51
N LEU C 21 4.64 -0.24 -2.78
CA LEU C 21 5.48 -1.38 -2.47
C LEU C 21 4.75 -2.35 -1.53
N ASN C 22 4.49 -1.89 -0.31
CA ASN C 22 3.80 -2.71 0.68
C ASN C 22 2.52 -3.30 0.09
N GLN C 23 1.90 -2.57 -0.82
CA GLN C 23 0.67 -3.03 -1.46
C GLN C 23 0.90 -4.31 -2.25
N LYS C 24 1.83 -4.25 -3.21
CA LYS C 24 2.16 -5.40 -4.04
C LYS C 24 2.49 -6.61 -3.17
N ARG C 25 3.21 -6.38 -2.09
CA ARG C 25 3.60 -7.46 -1.18
C ARG C 25 2.37 -8.20 -0.67
N LEU C 26 1.46 -7.47 -0.05
CA LEU C 26 0.24 -8.06 0.49
C LEU C 26 -0.67 -8.55 -0.63
N SER C 27 -0.49 -7.99 -1.82
CA SER C 27 -1.30 -8.36 -2.98
C SER C 27 -1.12 -9.83 -3.30
N LEU C 28 0.12 -10.23 -3.59
CA LEU C 28 0.43 -11.62 -3.92
C LEU C 28 -0.10 -11.97 -5.31
N LEU C 29 -1.42 -12.01 -5.44
CA LEU C 29 -2.04 -12.33 -6.72
C LEU C 29 -2.32 -11.07 -7.54
N ARG C 30 -1.69 -9.97 -7.13
CA ARG C 30 -1.87 -8.70 -7.82
C ARG C 30 -3.34 -8.29 -7.84
N SER C 31 -4.00 -8.42 -6.70
CA SER C 31 -5.41 -8.07 -6.59
C SER C 31 -5.58 -6.62 -6.14
N PRO C 32 -6.07 -5.78 -7.06
CA PRO C 32 -6.28 -4.35 -6.79
C PRO C 32 -7.44 -4.11 -5.82
N GLU C 33 -8.45 -4.97 -5.90
CA GLU C 33 -9.62 -4.85 -5.04
C GLU C 33 -9.25 -5.18 -3.59
N VAL C 34 -8.63 -6.34 -3.40
CA VAL C 34 -8.23 -6.77 -2.06
C VAL C 34 -7.25 -5.78 -1.43
N VAL C 35 -6.12 -5.57 -2.09
CA VAL C 35 -5.11 -4.64 -1.59
C VAL C 35 -5.72 -3.28 -1.27
N GLN C 36 -6.66 -2.84 -2.12
CA GLN C 36 -7.31 -1.56 -1.92
C GLN C 36 -7.97 -1.49 -0.55
N PHE C 37 -8.86 -2.45 -0.28
CA PHE C 37 -9.57 -2.49 1.01
C PHE C 37 -8.61 -2.84 2.14
N LEU C 38 -7.52 -3.53 1.80
CA LEU C 38 -6.53 -3.94 2.78
C LEU C 38 -5.68 -2.75 3.23
N GLN C 39 -5.51 -1.79 2.32
CA GLN C 39 -4.73 -0.59 2.62
C GLN C 39 -5.54 0.40 3.43
N LYS C 40 -6.79 0.62 3.03
CA LYS C 40 -7.67 1.56 3.72
C LYS C 40 -7.97 1.06 5.13
N GLN C 41 -8.15 -0.25 5.27
CA GLN C 41 -8.45 -0.85 6.57
C GLN C 41 -7.21 -0.84 7.46
N GLN C 42 -6.13 -1.44 6.99
CA GLN C 42 -4.90 -1.51 7.75
C GLN C 42 -4.44 -0.12 8.17
N GLN C 43 -4.70 0.87 7.33
CA GLN C 43 -4.33 2.25 7.61
C GLN C 43 -5.16 2.82 8.75
N LEU C 44 -6.48 2.65 8.65
CA LEU C 44 -7.40 3.16 9.66
C LEU C 44 -6.98 2.68 11.05
N LEU C 45 -6.68 1.39 11.17
CA LEU C 45 -6.27 0.82 12.44
C LEU C 45 -4.97 1.45 12.92
N ASN C 46 -3.96 1.46 12.06
CA ASN C 46 -2.66 2.04 12.40
C ASN C 46 -2.82 3.45 12.93
N GLN C 47 -3.77 4.19 12.37
CA GLN C 47 -4.04 5.56 12.78
C GLN C 47 -4.59 5.61 14.21
N GLN C 48 -5.54 4.72 14.49
CA GLN C 48 -6.15 4.66 15.81
C GLN C 48 -5.09 4.48 16.89
N VAL C 49 -4.18 3.55 16.68
CA VAL C 49 -3.11 3.27 17.64
C VAL C 49 -2.02 4.33 17.56
N LEU C 50 -2.05 5.28 18.49
CA LEU C 50 -1.07 6.36 18.53
C LEU C 50 0.06 6.02 19.50
N GLU C 51 1.11 6.83 19.48
CA GLU C 51 2.26 6.63 20.35
C GLU C 51 2.32 7.72 21.43
N GLN C 52 1.76 8.89 21.11
CA GLN C 52 1.75 10.00 22.05
C GLN C 52 3.17 10.47 22.36
N ARG C 53 3.57 11.58 21.75
CA ARG C 53 4.91 12.13 21.96
C ARG C 53 5.06 13.47 21.24
N GLN C 54 5.11 14.55 22.02
CA GLN C 54 5.25 15.89 21.46
C GLN C 54 5.62 16.89 22.55
N GLN C 55 6.05 18.08 22.13
CA GLN C 55 6.44 19.13 23.06
C GLN C 55 6.31 20.51 22.43
N GLN C 56 5.24 21.21 22.77
CA GLN C 56 5.00 22.55 22.23
C GLN C 56 4.14 23.37 23.19
N PHE C 57 4.33 24.68 23.16
CA PHE C 57 3.57 25.59 24.02
C PHE C 57 2.36 26.15 23.29
N PRO C 58 1.28 26.40 24.04
CA PRO C 58 0.04 26.94 23.49
C PRO C 58 0.18 28.39 23.04
N GLY C 59 -0.84 28.90 22.34
CA GLY C 59 -0.80 30.27 21.87
C GLY C 59 -1.78 31.16 22.61
N THR C 60 -1.29 31.84 23.64
CA THR C 60 -2.13 32.73 24.44
C THR C 60 -2.33 34.06 23.73
N SER C 61 -3.58 34.37 23.41
CA SER C 61 -3.92 35.61 22.73
C SER C 61 -5.31 36.10 23.13
N MET C 62 -5.41 37.38 23.48
CA MET C 62 -6.68 37.97 23.89
C MET C 62 -7.57 38.22 22.67
N GLY A 1 -16.55 6.12 -30.36
CA GLY A 1 -15.31 6.25 -29.62
C GLY A 1 -15.07 5.09 -28.67
N ALA A 2 -14.40 5.37 -27.56
CA ALA A 2 -14.10 4.34 -26.57
C ALA A 2 -14.12 4.92 -25.16
N GLY A 3 -14.71 4.18 -24.23
CA GLY A 3 -14.77 4.63 -22.85
C GLY A 3 -15.70 5.81 -22.68
N GLU A 4 -16.43 5.84 -21.56
CA GLU A 4 -17.36 6.93 -21.28
C GLU A 4 -17.36 7.27 -19.79
N PRO A 5 -16.26 7.87 -19.33
CA PRO A 5 -16.12 8.27 -17.92
C PRO A 5 -17.04 9.43 -17.54
N THR A 6 -17.75 9.27 -16.43
CA THR A 6 -18.66 10.30 -15.95
C THR A 6 -18.29 10.77 -14.56
N THR A 7 -18.53 9.92 -13.56
CA THR A 7 -18.22 10.25 -12.17
C THR A 7 -17.67 9.03 -11.44
N LEU A 8 -16.85 9.29 -10.42
CA LEU A 8 -16.26 8.22 -9.62
C LEU A 8 -17.34 7.43 -8.87
N LEU A 9 -18.25 8.15 -8.23
CA LEU A 9 -19.33 7.54 -7.48
C LEU A 9 -20.12 6.57 -8.36
N GLN A 10 -20.39 6.98 -9.59
CA GLN A 10 -21.15 6.16 -10.52
C GLN A 10 -20.27 5.03 -11.07
N ARG A 11 -19.12 5.40 -11.63
CA ARG A 11 -18.20 4.41 -12.18
C ARG A 11 -17.95 3.28 -11.18
N LEU A 12 -17.97 3.61 -9.90
CA LEU A 12 -17.74 2.62 -8.85
C LEU A 12 -19.05 1.98 -8.41
N ARG A 13 -20.11 2.78 -8.36
CA ARG A 13 -21.43 2.29 -7.96
C ARG A 13 -21.81 1.07 -8.77
N GLY A 14 -21.29 0.97 -10.00
CA GLY A 14 -21.60 -0.15 -10.86
C GLY A 14 -20.62 -1.29 -10.69
N THR A 15 -20.16 -1.51 -9.47
CA THR A 15 -19.20 -2.56 -9.18
C THR A 15 -17.85 -2.28 -9.83
N ILE A 16 -16.98 -1.60 -9.09
CA ILE A 16 -15.65 -1.27 -9.59
C ILE A 16 -15.74 -0.31 -10.78
N SER A 17 -14.68 0.48 -10.96
CA SER A 17 -14.64 1.44 -12.06
C SER A 17 -13.60 1.03 -13.11
N LYS A 18 -14.03 1.01 -14.37
CA LYS A 18 -13.15 0.64 -15.47
C LYS A 18 -11.85 1.44 -15.42
N ALA A 19 -11.95 2.69 -14.99
CA ALA A 19 -10.78 3.57 -14.89
C ALA A 19 -9.85 3.11 -13.77
N VAL A 20 -10.42 2.71 -12.64
CA VAL A 20 -9.64 2.25 -11.51
C VAL A 20 -8.77 1.07 -11.89
N GLN A 21 -9.38 0.07 -12.52
CA GLN A 21 -8.66 -1.13 -12.93
C GLN A 21 -7.54 -0.77 -13.92
N ASN A 22 -7.92 -0.18 -15.05
CA ASN A 22 -6.95 0.21 -16.07
C ASN A 22 -5.84 1.05 -15.47
N LYS A 23 -6.22 1.99 -14.60
CA LYS A 23 -5.25 2.87 -13.96
C LYS A 23 -4.28 2.07 -13.09
N VAL A 24 -4.82 1.41 -12.07
CA VAL A 24 -4.00 0.60 -11.17
C VAL A 24 -3.13 -0.37 -11.94
N GLU A 25 -3.75 -1.14 -12.83
CA GLU A 25 -3.03 -2.11 -13.63
C GLU A 25 -1.89 -1.46 -14.41
N GLY A 26 -2.11 -0.22 -14.84
CA GLY A 26 -1.10 0.50 -15.58
C GLY A 26 0.09 0.87 -14.72
N ILE A 27 -0.17 1.58 -13.63
CA ILE A 27 0.89 2.00 -12.72
C ILE A 27 1.60 0.79 -12.11
N LEU A 28 0.82 -0.14 -11.59
CA LEU A 28 1.37 -1.34 -10.97
C LEU A 28 2.35 -2.03 -11.91
N GLN A 29 1.93 -2.26 -13.15
CA GLN A 29 2.78 -2.92 -14.13
C GLN A 29 3.92 -1.99 -14.57
N ASP A 30 3.64 -0.69 -14.59
CA ASP A 30 4.64 0.30 -14.98
C ASP A 30 5.93 0.10 -14.19
N VAL A 31 5.80 0.02 -12.86
CA VAL A 31 6.95 -0.15 -11.99
C VAL A 31 7.37 -1.62 -11.93
N GLN A 32 6.40 -2.51 -12.09
CA GLN A 32 6.66 -3.95 -12.05
C GLN A 32 7.61 -4.36 -13.17
N LYS A 33 7.67 -3.55 -14.22
CA LYS A 33 8.53 -3.83 -15.36
C LYS A 33 9.98 -4.02 -14.89
N PHE A 34 10.37 -3.31 -13.85
CA PHE A 34 11.72 -3.40 -13.31
C PHE A 34 11.93 -4.73 -12.61
N SER A 35 13.11 -4.90 -12.02
CA SER A 35 13.44 -6.13 -11.31
C SER A 35 12.58 -6.29 -10.06
N ASP A 36 12.54 -7.51 -9.53
CA ASP A 36 11.76 -7.80 -8.34
C ASP A 36 12.60 -7.59 -7.07
N ASN A 37 13.70 -8.31 -6.97
CA ASN A 37 14.58 -8.20 -5.82
C ASN A 37 15.43 -6.93 -5.90
N ASP A 38 16.03 -6.71 -7.06
CA ASP A 38 16.87 -5.53 -7.26
C ASP A 38 16.13 -4.26 -6.86
N LYS A 39 14.88 -4.15 -7.29
CA LYS A 39 14.07 -2.98 -6.96
C LYS A 39 13.58 -3.03 -5.53
N LEU A 40 13.35 -4.24 -5.02
CA LEU A 40 12.88 -4.44 -3.66
C LEU A 40 13.76 -3.67 -2.68
N TYR A 41 15.06 -3.91 -2.74
CA TYR A 41 16.01 -3.25 -1.85
C TYR A 41 16.28 -1.82 -2.31
N LEU A 42 16.45 -1.65 -3.63
CA LEU A 42 16.71 -0.33 -4.19
C LEU A 42 15.67 0.69 -3.72
N TYR A 43 14.46 0.21 -3.46
CA TYR A 43 13.39 1.07 -3.00
C TYR A 43 13.14 0.88 -1.50
N LEU A 44 12.53 -0.25 -1.14
CA LEU A 44 12.23 -0.54 0.25
C LEU A 44 13.48 -0.37 1.12
N GLN A 45 14.60 -0.88 0.64
CA GLN A 45 15.86 -0.77 1.37
C GLN A 45 16.66 0.44 0.92
N LEU A 46 15.95 1.54 0.67
CA LEU A 46 16.60 2.78 0.22
C LEU A 46 17.74 3.16 1.16
N PRO A 47 18.83 3.70 0.58
CA PRO A 47 20.01 4.12 1.34
C PRO A 47 19.73 5.35 2.20
N SER A 48 18.68 6.09 1.85
CA SER A 48 18.32 7.29 2.59
C SER A 48 16.89 7.72 2.25
N GLY A 49 16.40 8.74 2.95
CA GLY A 49 15.06 9.24 2.71
C GLY A 49 14.50 10.00 3.90
N PRO A 50 14.97 11.23 4.10
CA PRO A 50 14.53 12.08 5.20
C PRO A 50 13.09 12.55 5.03
N THR A 51 12.61 12.53 3.79
CA THR A 51 11.25 12.96 3.48
C THR A 51 10.23 12.22 4.35
N THR A 52 10.44 10.91 4.51
CA THR A 52 9.54 10.10 5.32
C THR A 52 8.14 10.06 4.73
N GLY A 53 8.06 10.19 3.40
CA GLY A 53 6.78 10.17 2.73
C GLY A 53 5.97 11.42 2.97
N ASP A 54 6.56 12.58 2.68
CA ASP A 54 5.89 13.86 2.86
C ASP A 54 5.40 14.00 4.30
N LYS A 55 6.31 13.81 5.25
CA LYS A 55 5.97 13.91 6.67
C LYS A 55 4.92 12.89 7.05
N SER A 56 5.08 11.66 6.58
CA SER A 56 4.13 10.59 6.87
C SER A 56 2.75 10.93 6.35
N SER A 57 2.70 11.76 5.30
CA SER A 57 1.44 12.16 4.70
C SER A 57 0.48 12.72 5.76
N GLU A 58 0.77 13.93 6.23
CA GLU A 58 -0.05 14.57 7.24
C GLU A 58 -0.46 15.97 6.81
N PRO A 59 -1.14 16.06 5.66
CA PRO A 59 -1.60 17.33 5.11
C PRO A 59 -2.73 17.94 5.92
N SER A 60 -2.37 18.63 7.00
CA SER A 60 -3.35 19.26 7.88
C SER A 60 -2.82 20.58 8.42
N THR A 61 -1.82 20.50 9.29
CA THR A 61 -1.22 21.70 9.88
C THR A 61 0.28 21.76 9.61
N LEU A 62 1.00 20.77 10.11
CA LEU A 62 2.45 20.69 9.93
C LEU A 62 3.02 19.41 10.50
N SER A 63 2.69 19.13 11.76
CA SER A 63 3.17 17.92 12.42
C SER A 63 2.45 17.71 13.75
N ASN A 64 1.20 18.15 13.82
CA ASN A 64 0.41 18.02 15.03
C ASN A 64 1.05 18.78 16.19
N GLU A 65 0.56 19.99 16.45
CA GLU A 65 1.09 20.81 17.53
C GLU A 65 -0.04 21.40 18.36
N GLU A 66 0.22 21.61 19.65
CA GLU A 66 -0.77 22.16 20.56
C GLU A 66 -2.02 21.30 20.58
N TYR A 67 -1.89 20.09 21.08
CA TYR A 67 -3.02 19.15 21.15
C TYR A 67 -2.61 17.87 21.87
N MET A 68 -1.85 18.01 22.94
CA MET A 68 -1.40 16.86 23.71
C MET A 68 -1.42 17.17 25.20
N GLY B 1 23.78 5.24 -15.03
CA GLY B 1 24.02 5.87 -16.32
C GLY B 1 23.22 7.13 -16.50
N ALA B 2 23.54 8.16 -15.72
CA ALA B 2 22.85 9.44 -15.80
C ALA B 2 23.10 10.11 -17.14
N GLY B 3 24.33 10.03 -17.63
CA GLY B 3 24.67 10.63 -18.90
C GLY B 3 23.85 10.10 -20.04
N GLU B 4 24.38 9.11 -20.75
CA GLU B 4 23.68 8.52 -21.89
C GLU B 4 22.76 7.39 -21.42
N PRO B 5 21.65 7.19 -22.14
CA PRO B 5 20.67 6.14 -21.83
C PRO B 5 21.21 4.74 -22.09
N THR B 6 21.52 4.02 -21.01
CA THR B 6 22.04 2.67 -21.12
C THR B 6 20.92 1.63 -21.02
N THR B 7 20.35 1.50 -19.83
CA THR B 7 19.27 0.55 -19.59
C THR B 7 18.20 1.15 -18.69
N LEU B 8 17.02 0.52 -18.68
CA LEU B 8 15.91 1.00 -17.86
C LEU B 8 16.24 0.87 -16.38
N LEU B 9 16.67 -0.31 -15.97
CA LEU B 9 17.03 -0.56 -14.58
C LEU B 9 18.14 0.38 -14.12
N GLN B 10 19.04 0.73 -15.04
CA GLN B 10 20.16 1.62 -14.73
C GLN B 10 19.66 3.05 -14.55
N ARG B 11 19.03 3.60 -15.58
CA ARG B 11 18.53 4.96 -15.52
C ARG B 11 17.64 5.17 -14.29
N LEU B 12 16.99 4.09 -13.85
CA LEU B 12 16.12 4.16 -12.68
C LEU B 12 16.92 3.99 -11.40
N ARG B 13 17.83 3.02 -11.39
CA ARG B 13 18.66 2.76 -10.23
C ARG B 13 19.35 4.03 -9.76
N GLY B 14 19.63 4.93 -10.70
CA GLY B 14 20.29 6.18 -10.36
C GLY B 14 19.60 6.92 -9.23
N THR B 15 18.26 6.93 -9.26
CA THR B 15 17.49 7.60 -8.24
C THR B 15 15.98 7.42 -8.48
N ILE B 16 15.20 7.54 -7.42
CA ILE B 16 13.76 7.40 -7.52
C ILE B 16 13.19 8.29 -8.61
N SER B 17 12.33 7.73 -9.45
CA SER B 17 11.71 8.47 -10.54
C SER B 17 10.54 9.30 -10.04
N LYS B 18 10.54 10.59 -10.38
CA LYS B 18 9.48 11.50 -9.96
C LYS B 18 8.11 10.93 -10.32
N ALA B 19 8.01 10.38 -11.52
CA ALA B 19 6.76 9.80 -12.00
C ALA B 19 6.29 8.66 -11.09
N VAL B 20 7.24 7.82 -10.66
CA VAL B 20 6.93 6.71 -9.79
C VAL B 20 6.30 7.18 -8.49
N GLN B 21 6.95 8.12 -7.82
CA GLN B 21 6.45 8.67 -6.56
C GLN B 21 5.12 9.36 -6.77
N ASN B 22 5.10 10.35 -7.66
CA ASN B 22 3.88 11.10 -7.95
C ASN B 22 2.73 10.16 -8.28
N LYS B 23 2.99 9.20 -9.15
CA LYS B 23 1.97 8.22 -9.56
C LYS B 23 1.32 7.58 -8.32
N VAL B 24 2.16 7.07 -7.43
CA VAL B 24 1.68 6.42 -6.22
C VAL B 24 0.70 7.32 -5.47
N GLU B 25 1.11 8.56 -5.22
CA GLU B 25 0.28 9.52 -4.52
C GLU B 25 -1.09 9.66 -5.19
N GLY B 26 -1.10 9.57 -6.51
CA GLY B 26 -2.33 9.68 -7.26
C GLY B 26 -3.30 8.55 -6.95
N ILE B 27 -2.81 7.32 -7.03
CA ILE B 27 -3.63 6.15 -6.77
C ILE B 27 -4.29 6.24 -5.40
N LEU B 28 -3.49 6.55 -4.38
CA LEU B 28 -3.99 6.68 -3.02
C LEU B 28 -5.15 7.66 -2.96
N GLN B 29 -4.93 8.87 -3.46
CA GLN B 29 -5.97 9.90 -3.45
C GLN B 29 -7.16 9.47 -4.29
N ASP B 30 -6.90 8.66 -5.31
CA ASP B 30 -7.96 8.18 -6.20
C ASP B 30 -8.99 7.39 -5.42
N VAL B 31 -8.53 6.44 -4.61
CA VAL B 31 -9.42 5.62 -3.80
C VAL B 31 -10.14 6.45 -2.74
N GLN B 32 -9.38 7.21 -1.96
CA GLN B 32 -9.95 8.04 -0.92
C GLN B 32 -10.87 9.11 -1.52
N LYS B 33 -10.73 9.33 -2.81
CA LYS B 33 -11.54 10.32 -3.51
C LYS B 33 -13.03 10.09 -3.23
N PHE B 34 -13.40 8.83 -3.02
CA PHE B 34 -14.78 8.48 -2.75
C PHE B 34 -14.90 7.76 -1.41
N SER B 35 -16.12 7.71 -0.87
CA SER B 35 -16.37 7.05 0.41
C SER B 35 -15.82 5.63 0.40
N ASP B 36 -15.56 5.09 1.58
CA ASP B 36 -15.02 3.74 1.72
C ASP B 36 -16.14 2.76 2.07
N ASN B 37 -17.07 3.19 2.92
CA ASN B 37 -18.18 2.35 3.33
C ASN B 37 -19.04 1.95 2.14
N ASP B 38 -19.44 2.94 1.35
CA ASP B 38 -20.27 2.69 0.17
C ASP B 38 -19.63 1.63 -0.73
N LYS B 39 -18.37 1.84 -1.06
CA LYS B 39 -17.65 0.89 -1.91
C LYS B 39 -17.42 -0.43 -1.19
N LEU B 40 -17.36 -0.38 0.14
CA LEU B 40 -17.16 -1.57 0.95
C LEU B 40 -18.25 -2.60 0.69
N TYR B 41 -19.49 -2.18 0.86
CA TYR B 41 -20.63 -3.08 0.64
C TYR B 41 -20.81 -3.39 -0.84
N LEU B 42 -20.52 -2.40 -1.68
CA LEU B 42 -20.64 -2.58 -3.13
C LEU B 42 -19.69 -3.66 -3.63
N TYR B 43 -18.39 -3.43 -3.43
CA TYR B 43 -17.37 -4.38 -3.86
C TYR B 43 -17.65 -5.77 -3.30
N LEU B 44 -17.94 -5.83 -2.00
CA LEU B 44 -18.22 -7.09 -1.34
C LEU B 44 -19.42 -7.79 -1.98
N GLN B 45 -20.34 -7.00 -2.51
CA GLN B 45 -21.53 -7.53 -3.16
C GLN B 45 -21.15 -8.50 -4.28
N LEU B 46 -19.96 -8.32 -4.84
CA LEU B 46 -19.48 -9.18 -5.92
C LEU B 46 -19.58 -10.65 -5.52
N PRO B 47 -19.67 -11.52 -6.54
CA PRO B 47 -19.78 -12.96 -6.34
C PRO B 47 -18.49 -13.57 -5.80
N SER B 48 -18.27 -13.43 -4.50
CA SER B 48 -17.07 -13.96 -3.86
C SER B 48 -17.16 -13.86 -2.34
N GLY B 49 -16.57 -14.83 -1.66
CA GLY B 49 -16.60 -14.83 -0.20
C GLY B 49 -15.65 -15.85 0.40
N PRO B 50 -14.37 -15.48 0.50
CA PRO B 50 -13.33 -16.35 1.06
C PRO B 50 -13.50 -16.57 2.56
N THR B 51 -12.74 -17.51 3.11
CA THR B 51 -12.81 -17.82 4.53
C THR B 51 -11.65 -18.72 4.96
N THR B 52 -10.51 -18.57 4.29
CA THR B 52 -9.34 -19.37 4.59
C THR B 52 -8.82 -19.08 6.00
N GLY B 53 -8.60 -17.80 6.28
CA GLY B 53 -8.11 -17.41 7.59
C GLY B 53 -9.03 -17.83 8.72
N ASP B 54 -10.32 -17.60 8.53
CA ASP B 54 -11.31 -17.98 9.55
C ASP B 54 -11.23 -19.46 9.86
N LYS B 55 -11.23 -20.28 8.81
CA LYS B 55 -11.16 -21.73 8.97
C LYS B 55 -9.88 -22.14 9.70
N SER B 56 -8.75 -21.66 9.19
CA SER B 56 -7.45 -21.98 9.79
C SER B 56 -7.42 -21.58 11.27
N SER B 57 -7.34 -20.28 11.51
CA SER B 57 -7.31 -19.77 12.87
C SER B 57 -6.17 -20.41 13.67
N GLU B 58 -4.96 -19.93 13.46
CA GLU B 58 -3.80 -20.46 14.15
C GLU B 58 -3.14 -19.38 15.02
N PRO B 59 -3.77 -19.06 16.16
CA PRO B 59 -3.27 -18.06 17.09
C PRO B 59 -2.00 -18.51 17.81
N SER B 60 -1.32 -17.56 18.45
CA SER B 60 -0.09 -17.87 19.16
C SER B 60 0.36 -16.67 20.00
N THR B 61 -0.17 -16.56 21.21
CA THR B 61 0.17 -15.46 22.10
C THR B 61 0.29 -15.94 23.55
N LEU B 62 0.90 -17.11 23.72
CA LEU B 62 1.08 -17.68 25.05
C LEU B 62 1.92 -16.76 25.94
N SER B 63 3.22 -16.68 25.64
CA SER B 63 4.13 -15.85 26.41
C SER B 63 5.53 -15.87 25.79
N ASN B 64 6.18 -14.72 25.78
CA ASN B 64 7.53 -14.61 25.21
C ASN B 64 8.07 -13.18 25.37
N GLU B 65 9.32 -13.07 25.79
CA GLU B 65 9.95 -11.77 25.97
C GLU B 65 11.42 -11.93 26.34
N GLU B 66 12.06 -12.97 25.81
CA GLU B 66 13.47 -13.23 26.09
C GLU B 66 14.35 -12.24 25.35
N TYR B 67 14.82 -11.22 26.06
CA TYR B 67 15.69 -10.21 25.47
C TYR B 67 16.57 -9.56 26.54
N MET B 68 15.97 -9.28 27.69
CA MET B 68 16.70 -8.65 28.80
C MET B 68 17.33 -7.33 28.36
N GLY C 1 21.39 -23.58 15.98
CA GLY C 1 22.12 -22.59 15.23
C GLY C 1 22.02 -22.80 13.73
N HIS C 2 21.05 -22.13 13.11
CA HIS C 2 20.85 -22.26 11.67
C HIS C 2 20.29 -20.96 11.09
N GLY C 3 19.25 -20.43 11.71
CA GLY C 3 18.65 -19.20 11.25
C GLY C 3 17.80 -19.40 10.00
N THR C 4 17.05 -18.37 9.63
CA THR C 4 16.20 -18.45 8.45
C THR C 4 16.39 -17.24 7.55
N GLY C 5 17.59 -16.65 7.61
CA GLY C 5 17.89 -15.49 6.79
C GLY C 5 16.86 -14.39 6.95
N SER C 6 16.83 -13.78 8.13
CA SER C 6 15.89 -12.71 8.41
C SER C 6 16.43 -11.76 9.48
N PHE C 7 16.13 -10.48 9.35
CA PHE C 7 16.59 -9.48 10.31
C PHE C 7 15.41 -8.76 10.96
N GLY C 8 14.30 -9.47 11.07
CA GLY C 8 13.11 -8.89 11.68
C GLY C 8 12.60 -7.69 10.92
N ASP C 9 11.65 -6.97 11.51
CA ASP C 9 11.07 -5.79 10.87
C ASP C 9 11.44 -4.52 11.65
N ARG C 10 11.60 -3.42 10.92
CA ARG C 10 11.95 -2.16 11.53
C ARG C 10 11.15 -1.01 10.92
N PRO C 11 9.84 -0.98 11.20
CA PRO C 11 8.94 0.05 10.67
C PRO C 11 9.20 1.41 11.30
N ALA C 12 8.74 2.47 10.63
CA ALA C 12 8.92 3.82 11.12
C ALA C 12 7.69 4.68 10.82
N ARG C 13 7.50 5.01 9.56
CA ARG C 13 6.38 5.83 9.13
C ARG C 13 5.89 5.43 7.74
N PRO C 14 4.59 5.61 7.50
CA PRO C 14 3.97 5.27 6.21
C PRO C 14 4.43 6.20 5.09
N THR C 15 4.85 5.61 3.97
CA THR C 15 5.31 6.38 2.82
C THR C 15 4.73 5.83 1.52
N LEU C 16 4.61 6.70 0.52
CA LEU C 16 4.08 6.28 -0.78
C LEU C 16 4.90 5.16 -1.38
N LEU C 17 6.22 5.28 -1.28
CA LEU C 17 7.12 4.26 -1.82
C LEU C 17 6.89 2.91 -1.12
N GLU C 18 7.09 2.88 0.18
CA GLU C 18 6.90 1.66 0.95
C GLU C 18 5.46 1.18 0.87
N GLN C 19 4.57 2.08 0.46
CA GLN C 19 3.15 1.75 0.33
C GLN C 19 2.90 0.88 -0.90
N VAL C 20 3.16 1.44 -2.07
CA VAL C 20 2.97 0.72 -3.33
C VAL C 20 3.70 -0.61 -3.32
N LEU C 21 4.92 -0.60 -2.79
CA LEU C 21 5.73 -1.82 -2.71
C LEU C 21 5.09 -2.84 -1.77
N ASN C 22 5.01 -2.49 -0.50
CA ASN C 22 4.42 -3.38 0.50
C ASN C 22 3.05 -3.87 0.05
N GLN C 23 2.32 -3.00 -0.64
CA GLN C 23 0.99 -3.36 -1.14
C GLN C 23 1.06 -4.55 -2.07
N LYS C 24 1.89 -4.46 -3.10
CA LYS C 24 2.04 -5.54 -4.06
C LYS C 24 2.41 -6.85 -3.37
N ARG C 25 3.32 -6.76 -2.39
CA ARG C 25 3.76 -7.93 -1.64
C ARG C 25 2.56 -8.69 -1.07
N LEU C 26 1.72 -7.97 -0.33
CA LEU C 26 0.54 -8.58 0.28
C LEU C 26 -0.52 -8.87 -0.77
N SER C 27 -0.44 -8.18 -1.90
CA SER C 27 -1.40 -8.37 -2.99
C SER C 27 -1.34 -9.79 -3.52
N LEU C 28 -0.14 -10.30 -3.71
CA LEU C 28 0.05 -11.65 -4.23
C LEU C 28 -0.38 -11.75 -5.68
N LEU C 29 -1.69 -11.73 -5.91
CA LEU C 29 -2.24 -11.81 -7.27
C LEU C 29 -2.47 -10.43 -7.84
N ARG C 30 -1.84 -9.42 -7.24
CA ARG C 30 -1.98 -8.05 -7.69
C ARG C 30 -3.44 -7.61 -7.63
N SER C 31 -4.04 -7.73 -6.46
CA SER C 31 -5.43 -7.34 -6.26
C SER C 31 -5.53 -6.01 -5.54
N PRO C 32 -5.78 -4.94 -6.30
CA PRO C 32 -5.90 -3.58 -5.75
C PRO C 32 -7.17 -3.40 -4.92
N GLU C 33 -8.17 -4.23 -5.20
CA GLU C 33 -9.44 -4.16 -4.48
C GLU C 33 -9.26 -4.60 -3.03
N VAL C 34 -8.51 -5.68 -2.82
CA VAL C 34 -8.26 -6.20 -1.49
C VAL C 34 -7.16 -5.41 -0.79
N VAL C 35 -6.02 -5.27 -1.47
CA VAL C 35 -4.89 -4.53 -0.91
C VAL C 35 -5.31 -3.16 -0.41
N GLN C 36 -6.19 -2.51 -1.16
CA GLN C 36 -6.68 -1.19 -0.79
C GLN C 36 -7.70 -1.28 0.33
N PHE C 37 -8.73 -2.09 0.13
CA PHE C 37 -9.77 -2.26 1.13
C PHE C 37 -9.18 -2.61 2.50
N LEU C 38 -8.11 -3.39 2.47
CA LEU C 38 -7.43 -3.80 3.70
C LEU C 38 -6.66 -2.64 4.32
N GLN C 39 -5.86 -1.97 3.48
CA GLN C 39 -5.06 -0.84 3.94
C GLN C 39 -5.95 0.24 4.56
N LYS C 40 -7.13 0.41 3.98
CA LYS C 40 -8.09 1.42 4.46
C LYS C 40 -8.67 1.00 5.81
N GLN C 41 -9.08 -0.26 5.90
CA GLN C 41 -9.66 -0.78 7.14
C GLN C 41 -8.66 -0.72 8.28
N GLN C 42 -7.50 -1.35 8.07
CA GLN C 42 -6.46 -1.36 9.09
C GLN C 42 -6.10 0.05 9.53
N GLN C 43 -5.91 0.94 8.56
CA GLN C 43 -5.56 2.33 8.85
C GLN C 43 -6.55 2.95 9.82
N LEU C 44 -7.85 2.73 9.57
CA LEU C 44 -8.89 3.26 10.42
C LEU C 44 -8.76 2.73 11.85
N LEU C 45 -8.66 1.41 11.97
CA LEU C 45 -8.53 0.77 13.28
C LEU C 45 -7.33 1.33 14.03
N ASN C 46 -6.19 1.44 13.35
CA ASN C 46 -4.98 1.96 13.95
C ASN C 46 -5.22 3.34 14.54
N GLN C 47 -5.95 4.17 13.80
CA GLN C 47 -6.24 5.53 14.25
C GLN C 47 -7.22 5.52 15.42
N GLN C 48 -8.05 4.49 15.48
CA GLN C 48 -9.04 4.35 16.55
C GLN C 48 -8.35 4.13 17.89
N VAL C 49 -7.47 3.14 17.94
CA VAL C 49 -6.74 2.82 19.17
C VAL C 49 -5.86 3.99 19.60
N LEU C 50 -5.78 4.19 20.91
CA LEU C 50 -4.97 5.28 21.46
C LEU C 50 -3.49 5.03 21.21
N GLU C 51 -2.71 6.12 21.13
CA GLU C 51 -1.28 6.01 20.89
C GLU C 51 -0.58 7.32 21.22
N GLN C 52 -0.98 7.93 22.34
CA GLN C 52 -0.38 9.19 22.77
C GLN C 52 1.02 8.97 23.34
N ARG C 53 1.77 10.06 23.47
CA ARG C 53 3.13 9.99 23.99
C ARG C 53 3.21 10.61 25.39
N GLN C 54 4.32 10.36 26.08
CA GLN C 54 4.51 10.90 27.42
C GLN C 54 5.77 11.76 27.48
N GLN C 55 6.15 12.15 28.69
CA GLN C 55 7.34 12.98 28.89
C GLN C 55 7.18 14.33 28.22
N GLN C 56 6.88 15.35 29.02
CA GLN C 56 6.70 16.71 28.49
C GLN C 56 7.84 17.62 28.92
N PHE C 57 7.79 18.87 28.49
CA PHE C 57 8.82 19.84 28.83
C PHE C 57 8.37 21.27 28.50
N PRO C 58 7.50 21.82 29.37
CA PRO C 58 6.97 23.17 29.19
C PRO C 58 8.03 24.25 29.42
N GLY C 59 7.87 25.37 28.74
CA GLY C 59 8.81 26.46 28.88
C GLY C 59 8.38 27.48 29.91
N THR C 60 7.07 27.70 30.01
CA THR C 60 6.53 28.66 30.95
C THR C 60 5.18 28.20 31.50
N SER C 61 5.23 27.46 32.60
CA SER C 61 4.01 26.95 33.22
C SER C 61 3.05 28.09 33.55
N MET C 62 1.80 27.94 33.11
CA MET C 62 0.79 28.95 33.37
C MET C 62 1.26 30.33 32.89
N GLY A 1 -14.43 15.45 -26.28
CA GLY A 1 -14.50 14.16 -26.95
C GLY A 1 -15.53 13.23 -26.33
N ALA A 2 -15.80 13.43 -25.04
CA ALA A 2 -16.76 12.60 -24.32
C ALA A 2 -16.92 13.07 -22.88
N GLY A 3 -17.98 12.61 -22.22
CA GLY A 3 -18.23 13.00 -20.85
C GLY A 3 -19.69 12.87 -20.46
N GLU A 4 -19.94 12.64 -19.18
CA GLU A 4 -21.30 12.50 -18.68
C GLU A 4 -21.39 12.86 -17.20
N PRO A 5 -22.52 13.48 -16.82
CA PRO A 5 -22.75 13.88 -15.43
C PRO A 5 -22.96 12.70 -14.49
N THR A 6 -22.11 12.59 -13.48
CA THR A 6 -22.19 11.49 -12.52
C THR A 6 -21.09 11.59 -11.47
N THR A 7 -21.44 11.33 -10.22
CA THR A 7 -20.48 11.39 -9.13
C THR A 7 -19.62 10.13 -9.09
N LEU A 8 -18.49 10.22 -8.39
CA LEU A 8 -17.59 9.08 -8.27
C LEU A 8 -18.20 7.97 -7.45
N LEU A 9 -18.70 8.32 -6.27
CA LEU A 9 -19.32 7.34 -5.37
C LEU A 9 -20.45 6.61 -6.08
N GLN A 10 -21.25 7.36 -6.84
CA GLN A 10 -22.37 6.77 -7.57
C GLN A 10 -21.87 5.96 -8.76
N ARG A 11 -21.07 6.59 -9.60
CA ARG A 11 -20.53 5.93 -10.79
C ARG A 11 -19.87 4.61 -10.42
N LEU A 12 -19.33 4.55 -9.20
CA LEU A 12 -18.66 3.33 -8.73
C LEU A 12 -19.66 2.40 -8.05
N ARG A 13 -20.55 2.97 -7.25
CA ARG A 13 -21.56 2.19 -6.53
C ARG A 13 -22.31 1.28 -7.50
N GLY A 14 -22.45 1.73 -8.73
CA GLY A 14 -23.15 0.94 -9.73
C GLY A 14 -22.29 -0.12 -10.36
N THR A 15 -20.99 0.18 -10.49
CA THR A 15 -20.04 -0.76 -11.09
C THR A 15 -18.62 -0.19 -11.07
N ILE A 16 -17.64 -1.08 -11.09
CA ILE A 16 -16.24 -0.67 -11.08
C ILE A 16 -15.91 0.22 -12.28
N SER A 17 -14.96 1.11 -12.10
CA SER A 17 -14.56 2.02 -13.17
C SER A 17 -13.38 1.45 -13.97
N LYS A 18 -13.51 1.45 -15.29
CA LYS A 18 -12.46 0.93 -16.16
C LYS A 18 -11.14 1.63 -15.88
N ALA A 19 -11.18 2.94 -15.71
CA ALA A 19 -9.99 3.72 -15.44
C ALA A 19 -9.31 3.26 -14.16
N VAL A 20 -10.09 3.02 -13.13
CA VAL A 20 -9.57 2.57 -11.84
C VAL A 20 -8.78 1.28 -12.01
N GLN A 21 -9.40 0.28 -12.62
CA GLN A 21 -8.76 -1.01 -12.82
C GLN A 21 -7.57 -0.88 -13.77
N ASN A 22 -7.80 -0.26 -14.93
CA ASN A 22 -6.75 -0.07 -15.92
C ASN A 22 -5.53 0.60 -15.30
N LYS A 23 -5.77 1.68 -14.55
CA LYS A 23 -4.70 2.41 -13.89
C LYS A 23 -3.88 1.48 -13.00
N VAL A 24 -4.57 0.71 -12.17
CA VAL A 24 -3.90 -0.23 -11.26
C VAL A 24 -2.91 -1.11 -12.01
N GLU A 25 -3.35 -1.65 -13.14
CA GLU A 25 -2.50 -2.52 -13.94
C GLU A 25 -1.27 -1.76 -14.45
N GLY A 26 -1.47 -0.50 -14.81
CA GLY A 26 -0.38 0.32 -15.30
C GLY A 26 0.77 0.42 -14.31
N ILE A 27 0.45 0.87 -13.10
CA ILE A 27 1.46 1.02 -12.05
C ILE A 27 2.07 -0.33 -11.69
N LEU A 28 1.24 -1.37 -11.63
CA LEU A 28 1.70 -2.70 -11.29
C LEU A 28 2.87 -3.11 -12.18
N GLN A 29 2.73 -2.86 -13.48
CA GLN A 29 3.77 -3.21 -14.44
C GLN A 29 5.00 -2.33 -14.25
N ASP A 30 4.76 -1.04 -14.00
CA ASP A 30 5.84 -0.09 -13.79
C ASP A 30 6.83 -0.59 -12.75
N VAL A 31 6.30 -1.18 -11.69
CA VAL A 31 7.13 -1.71 -10.61
C VAL A 31 7.64 -3.11 -10.95
N GLN A 32 6.80 -3.89 -11.62
CA GLN A 32 7.17 -5.25 -12.00
C GLN A 32 8.37 -5.25 -12.94
N LYS A 33 8.64 -4.09 -13.54
CA LYS A 33 9.76 -3.96 -14.46
C LYS A 33 11.04 -4.47 -13.84
N PHE A 34 11.15 -4.34 -12.52
CA PHE A 34 12.33 -4.80 -11.80
C PHE A 34 11.96 -5.84 -10.75
N SER A 35 12.96 -6.31 -10.01
CA SER A 35 12.74 -7.32 -8.98
C SER A 35 11.62 -6.88 -8.03
N ASP A 36 11.05 -7.84 -7.31
CA ASP A 36 9.98 -7.56 -6.36
C ASP A 36 10.52 -7.47 -4.94
N ASN A 37 11.40 -8.40 -4.58
CA ASN A 37 11.98 -8.43 -3.25
C ASN A 37 13.13 -7.43 -3.14
N ASP A 38 14.10 -7.55 -4.03
CA ASP A 38 15.25 -6.65 -4.04
C ASP A 38 14.80 -5.19 -4.06
N LYS A 39 13.73 -4.92 -4.79
CA LYS A 39 13.20 -3.56 -4.89
C LYS A 39 12.33 -3.23 -3.69
N LEU A 40 11.64 -4.23 -3.17
CA LEU A 40 10.77 -4.05 -2.01
C LEU A 40 11.53 -3.40 -0.86
N TYR A 41 12.73 -3.90 -0.58
CA TYR A 41 13.56 -3.37 0.49
C TYR A 41 14.36 -2.17 0.02
N LEU A 42 14.91 -2.27 -1.19
CA LEU A 42 15.70 -1.18 -1.75
C LEU A 42 14.89 0.12 -1.80
N TYR A 43 13.58 -0.02 -2.01
CA TYR A 43 12.70 1.13 -2.08
C TYR A 43 12.20 1.53 -0.68
N LEU A 44 11.53 0.58 -0.02
CA LEU A 44 11.00 0.83 1.32
C LEU A 44 12.08 1.38 2.24
N GLN A 45 13.33 1.00 1.98
CA GLN A 45 14.45 1.46 2.79
C GLN A 45 14.46 2.98 2.90
N LEU A 46 14.03 3.65 1.84
CA LEU A 46 13.98 5.10 1.81
C LEU A 46 13.22 5.64 3.01
N PRO A 47 13.61 6.84 3.47
CA PRO A 47 12.98 7.49 4.62
C PRO A 47 11.56 7.97 4.30
N SER A 48 11.41 8.63 3.16
CA SER A 48 10.10 9.13 2.73
C SER A 48 9.52 10.06 3.80
N GLY A 49 10.39 10.75 4.52
CA GLY A 49 9.94 11.66 5.56
C GLY A 49 9.11 10.96 6.62
N PRO A 50 9.79 10.28 7.56
CA PRO A 50 9.13 9.55 8.64
C PRO A 50 8.50 10.50 9.66
N THR A 51 7.18 10.40 9.80
CA THR A 51 6.45 11.24 10.73
C THR A 51 5.02 10.73 10.93
N THR A 52 4.40 10.29 9.85
CA THR A 52 3.03 9.77 9.90
C THR A 52 2.09 10.79 10.52
N GLY A 53 2.26 12.06 10.14
CA GLY A 53 1.41 13.11 10.67
C GLY A 53 1.42 13.15 12.18
N ASP A 54 2.58 13.34 12.78
CA ASP A 54 2.72 13.39 14.22
C ASP A 54 2.17 12.13 14.86
N LYS A 55 2.36 10.99 14.19
CA LYS A 55 1.89 9.71 14.69
C LYS A 55 0.39 9.76 14.97
N SER A 56 -0.37 10.25 14.00
CA SER A 56 -1.82 10.35 14.14
C SER A 56 -2.45 10.86 12.85
N SER A 57 -2.29 12.16 12.59
CA SER A 57 -2.85 12.77 11.39
C SER A 57 -4.34 12.48 11.27
N GLU A 58 -4.99 12.30 12.41
CA GLU A 58 -6.42 12.02 12.43
C GLU A 58 -6.97 12.05 13.86
N PRO A 59 -6.79 13.20 14.53
CA PRO A 59 -7.25 13.40 15.91
C PRO A 59 -8.77 13.46 16.00
N SER A 60 -9.30 13.07 17.15
CA SER A 60 -10.75 13.07 17.37
C SER A 60 -11.46 12.25 16.30
N THR A 61 -11.50 10.94 16.51
CA THR A 61 -12.16 10.04 15.56
C THR A 61 -13.59 10.46 15.31
N LEU A 62 -14.26 10.96 16.36
CA LEU A 62 -15.64 11.40 16.25
C LEU A 62 -16.13 11.99 17.57
N SER A 63 -16.18 11.16 18.61
CA SER A 63 -16.63 11.60 19.91
C SER A 63 -16.52 10.47 20.93
N ASN A 64 -17.42 9.50 20.83
CA ASN A 64 -17.44 8.37 21.74
C ASN A 64 -17.67 8.82 23.18
N GLU A 65 -17.91 7.86 24.06
CA GLU A 65 -18.15 8.16 25.46
C GLU A 65 -18.11 6.89 26.31
N GLU A 66 -18.99 5.94 25.99
CA GLU A 66 -19.05 4.68 26.72
C GLU A 66 -19.42 3.54 25.79
N TYR A 67 -19.07 2.32 26.19
CA TYR A 67 -19.36 1.13 25.40
C TYR A 67 -20.16 0.12 26.21
N MET A 68 -20.95 0.62 27.16
CA MET A 68 -21.77 -0.25 28.01
C MET A 68 -23.23 0.17 27.95
N GLY B 1 12.81 2.29 -25.79
CA GLY B 1 14.11 2.56 -25.20
C GLY B 1 15.03 3.31 -26.13
N ALA B 2 16.33 3.23 -25.88
CA ALA B 2 17.32 3.91 -26.70
C ALA B 2 18.64 3.15 -26.73
N GLY B 3 19.39 3.23 -25.64
CA GLY B 3 20.66 2.54 -25.55
C GLY B 3 20.65 1.42 -24.54
N GLU B 4 21.80 1.18 -23.92
CA GLU B 4 21.92 0.12 -22.91
C GLU B 4 22.62 0.64 -21.66
N PRO B 5 21.90 1.41 -20.85
CA PRO B 5 22.43 1.98 -19.61
C PRO B 5 22.68 0.92 -18.54
N THR B 6 22.99 1.36 -17.32
CA THR B 6 23.25 0.45 -16.22
C THR B 6 22.04 -0.44 -15.95
N THR B 7 22.12 -1.21 -14.87
CA THR B 7 21.02 -2.10 -14.50
C THR B 7 19.73 -1.34 -14.26
N LEU B 8 18.61 -1.95 -14.61
CA LEU B 8 17.30 -1.32 -14.44
C LEU B 8 17.03 -1.02 -12.97
N LEU B 9 17.37 -1.96 -12.10
CA LEU B 9 17.17 -1.79 -10.67
C LEU B 9 17.95 -0.59 -10.15
N GLN B 10 19.27 -0.62 -10.31
CA GLN B 10 20.12 0.48 -9.86
C GLN B 10 19.73 1.78 -10.54
N ARG B 11 19.39 1.70 -11.82
CA ARG B 11 19.00 2.88 -12.59
C ARG B 11 17.90 3.66 -11.86
N LEU B 12 16.85 2.95 -11.46
CA LEU B 12 15.74 3.57 -10.75
C LEU B 12 16.10 3.84 -9.29
N ARG B 13 16.89 2.96 -8.72
CA ARG B 13 17.31 3.10 -7.32
C ARG B 13 17.88 4.49 -7.07
N GLY B 14 18.60 5.01 -8.06
CA GLY B 14 19.20 6.33 -7.92
C GLY B 14 18.20 7.45 -8.13
N THR B 15 17.14 7.16 -8.88
CA THR B 15 16.11 8.15 -9.16
C THR B 15 14.82 7.48 -9.63
N ILE B 16 13.69 7.93 -9.10
CA ILE B 16 12.39 7.38 -9.47
C ILE B 16 11.77 8.16 -10.63
N SER B 17 11.08 7.45 -11.51
CA SER B 17 10.44 8.08 -12.66
C SER B 17 9.31 9.02 -12.21
N LYS B 18 9.26 10.19 -12.82
CA LYS B 18 8.24 11.17 -12.49
C LYS B 18 6.84 10.58 -12.61
N ALA B 19 6.59 9.90 -13.73
CA ALA B 19 5.30 9.27 -13.97
C ALA B 19 4.94 8.30 -12.84
N VAL B 20 5.91 7.49 -12.44
CA VAL B 20 5.70 6.52 -11.37
C VAL B 20 5.16 7.19 -10.11
N GLN B 21 5.86 8.24 -9.66
CA GLN B 21 5.45 8.97 -8.46
C GLN B 21 4.05 9.56 -8.64
N ASN B 22 3.85 10.25 -9.74
CA ASN B 22 2.55 10.87 -10.03
C ASN B 22 1.44 9.84 -9.95
N LYS B 23 1.60 8.74 -10.69
CA LYS B 23 0.60 7.68 -10.71
C LYS B 23 0.24 7.24 -9.30
N VAL B 24 1.26 7.13 -8.45
CA VAL B 24 1.06 6.72 -7.06
C VAL B 24 0.09 7.65 -6.35
N GLU B 25 0.41 8.94 -6.34
CA GLU B 25 -0.44 9.93 -5.68
C GLU B 25 -1.87 9.85 -6.21
N GLY B 26 -2.01 9.48 -7.48
CA GLY B 26 -3.33 9.36 -8.09
C GLY B 26 -4.17 8.28 -7.44
N ILE B 27 -3.67 7.05 -7.48
CA ILE B 27 -4.38 5.92 -6.90
C ILE B 27 -4.80 6.21 -5.46
N LEU B 28 -3.85 6.68 -4.66
CA LEU B 28 -4.12 7.00 -3.27
C LEU B 28 -5.32 7.93 -3.14
N GLN B 29 -5.31 9.02 -3.90
CA GLN B 29 -6.40 9.98 -3.87
C GLN B 29 -7.66 9.39 -4.47
N ASP B 30 -7.49 8.40 -5.34
CA ASP B 30 -8.62 7.74 -5.99
C ASP B 30 -9.50 7.03 -4.97
N VAL B 31 -8.91 6.05 -4.28
CA VAL B 31 -9.64 5.29 -3.27
C VAL B 31 -10.14 6.20 -2.15
N GLN B 32 -9.27 7.10 -1.69
CA GLN B 32 -9.61 8.03 -0.63
C GLN B 32 -10.77 8.94 -1.05
N LYS B 33 -10.90 9.15 -2.36
CA LYS B 33 -11.95 9.99 -2.89
C LYS B 33 -13.32 9.58 -2.34
N PHE B 34 -13.47 8.30 -2.04
CA PHE B 34 -14.72 7.77 -1.51
C PHE B 34 -14.45 6.80 -0.36
N SER B 35 -15.52 6.43 0.35
CA SER B 35 -15.41 5.52 1.48
C SER B 35 -14.93 4.14 1.02
N ASP B 36 -14.23 3.43 1.90
CA ASP B 36 -13.72 2.10 1.57
C ASP B 36 -14.69 1.01 2.05
N ASN B 37 -15.28 1.24 3.22
CA ASN B 37 -16.22 0.28 3.79
C ASN B 37 -17.41 0.06 2.86
N ASP B 38 -18.08 1.15 2.50
CA ASP B 38 -19.23 1.08 1.61
C ASP B 38 -18.90 0.31 0.34
N LYS B 39 -17.71 0.56 -0.21
CA LYS B 39 -17.26 -0.11 -1.42
C LYS B 39 -17.08 -1.60 -1.17
N LEU B 40 -16.46 -1.94 -0.05
CA LEU B 40 -16.22 -3.34 0.30
C LEU B 40 -17.50 -4.15 0.22
N TYR B 41 -18.56 -3.63 0.84
CA TYR B 41 -19.85 -4.31 0.84
C TYR B 41 -20.44 -4.35 -0.56
N LEU B 42 -20.22 -3.29 -1.32
CA LEU B 42 -20.73 -3.21 -2.69
C LEU B 42 -20.09 -4.28 -3.57
N TYR B 43 -18.76 -4.26 -3.64
CA TYR B 43 -18.02 -5.22 -4.46
C TYR B 43 -18.45 -6.65 -4.12
N LEU B 44 -18.43 -6.98 -2.85
CA LEU B 44 -18.83 -8.32 -2.39
C LEU B 44 -20.20 -8.69 -2.91
N GLN B 45 -21.13 -7.73 -2.87
CA GLN B 45 -22.48 -7.96 -3.34
C GLN B 45 -22.49 -8.53 -4.75
N LEU B 46 -21.48 -8.17 -5.53
CA LEU B 46 -21.36 -8.65 -6.90
C LEU B 46 -21.40 -10.17 -6.95
N PRO B 47 -21.87 -10.72 -8.08
CA PRO B 47 -21.97 -12.17 -8.29
C PRO B 47 -20.60 -12.83 -8.42
N SER B 48 -20.02 -13.20 -7.28
CA SER B 48 -18.71 -13.84 -7.27
C SER B 48 -18.28 -14.18 -5.84
N GLY B 49 -17.13 -14.81 -5.71
CA GLY B 49 -16.62 -15.18 -4.39
C GLY B 49 -15.65 -16.34 -4.45
N PRO B 50 -14.47 -16.10 -5.05
CA PRO B 50 -13.42 -17.12 -5.18
C PRO B 50 -12.79 -17.47 -3.84
N THR B 51 -12.36 -18.72 -3.70
CA THR B 51 -11.73 -19.18 -2.47
C THR B 51 -10.29 -19.61 -2.72
N THR B 52 -10.00 -20.01 -3.96
CA THR B 52 -8.66 -20.44 -4.32
C THR B 52 -8.24 -21.65 -3.50
N GLY B 53 -9.20 -22.46 -3.10
CA GLY B 53 -8.91 -23.65 -2.31
C GLY B 53 -8.37 -23.30 -0.94
N ASP B 54 -9.16 -22.59 -0.15
CA ASP B 54 -8.75 -22.20 1.19
C ASP B 54 -7.41 -21.48 1.16
N LYS B 55 -7.32 -20.43 0.35
CA LYS B 55 -6.08 -19.66 0.24
C LYS B 55 -4.94 -20.53 -0.27
N SER B 56 -5.25 -21.45 -1.18
CA SER B 56 -4.24 -22.35 -1.74
C SER B 56 -3.67 -23.26 -0.66
N SER B 57 -4.47 -23.52 0.38
CA SER B 57 -4.04 -24.37 1.49
C SER B 57 -2.72 -23.87 2.06
N GLU B 58 -2.80 -22.87 2.93
CA GLU B 58 -1.61 -22.31 3.56
C GLU B 58 -0.75 -23.41 4.20
N PRO B 59 0.57 -23.21 4.19
CA PRO B 59 1.52 -24.18 4.76
C PRO B 59 1.43 -24.23 6.28
N SER B 60 2.38 -24.95 6.89
CA SER B 60 2.42 -25.08 8.34
C SER B 60 3.77 -24.65 8.90
N THR B 61 4.85 -25.12 8.28
CA THR B 61 6.19 -24.78 8.71
C THR B 61 6.46 -25.30 10.12
N LEU B 62 6.93 -26.54 10.21
CA LEU B 62 7.22 -27.15 11.50
C LEU B 62 8.55 -26.63 12.05
N SER B 63 9.65 -27.09 11.45
CA SER B 63 10.98 -26.67 11.89
C SER B 63 11.97 -26.76 10.73
N ASN B 64 12.33 -27.98 10.36
CA ASN B 64 13.28 -28.19 9.26
C ASN B 64 14.65 -27.60 9.60
N GLU B 65 15.59 -28.47 9.93
CA GLU B 65 16.95 -28.04 10.28
C GLU B 65 17.97 -29.11 9.93
N GLU B 66 17.85 -30.27 10.57
CA GLU B 66 18.76 -31.37 10.32
C GLU B 66 20.20 -30.99 10.70
N TYR B 67 21.10 -31.97 10.67
CA TYR B 67 22.49 -31.74 11.02
C TYR B 67 23.41 -32.08 9.84
N MET B 68 24.63 -31.56 9.88
CA MET B 68 25.60 -31.81 8.82
C MET B 68 26.97 -31.24 9.20
N GLY C 1 12.14 16.97 25.67
CA GLY C 1 12.77 18.14 25.09
C GLY C 1 11.76 19.15 24.58
N HIS C 2 11.21 19.95 25.50
CA HIS C 2 10.22 20.96 25.14
C HIS C 2 9.08 20.35 24.33
N GLY C 3 8.40 19.38 24.93
CA GLY C 3 7.29 18.72 24.25
C GLY C 3 5.95 19.03 24.90
N THR C 4 5.17 17.98 25.17
CA THR C 4 3.86 18.14 25.78
C THR C 4 2.95 18.99 24.92
N GLY C 5 2.31 18.35 23.95
CA GLY C 5 1.40 19.07 23.07
C GLY C 5 1.96 19.22 21.66
N SER C 6 1.33 18.54 20.71
CA SER C 6 1.77 18.59 19.31
C SER C 6 0.87 17.75 18.42
N PHE C 7 0.13 18.41 17.54
CA PHE C 7 -0.78 17.72 16.64
C PHE C 7 -0.90 18.47 15.31
N GLY C 8 -1.30 17.76 14.26
CA GLY C 8 -1.45 18.38 12.96
C GLY C 8 -2.68 19.27 12.88
N ASP C 9 -3.30 19.31 11.71
CA ASP C 9 -4.49 20.13 11.51
C ASP C 9 -5.04 19.94 10.10
N ARG C 10 -4.19 20.12 9.09
CA ARG C 10 -4.59 19.97 7.70
C ARG C 10 -4.41 18.53 7.24
N PRO C 11 -5.34 18.07 6.38
CA PRO C 11 -5.30 16.71 5.85
C PRO C 11 -4.14 16.49 4.87
N ALA C 12 -3.73 15.24 4.70
CA ALA C 12 -2.64 14.91 3.80
C ALA C 12 -2.44 13.40 3.71
N ARG C 13 -1.61 12.97 2.76
CA ARG C 13 -1.33 11.56 2.57
C ARG C 13 -0.36 11.05 3.64
N PRO C 14 -0.57 9.80 4.09
CA PRO C 14 0.27 9.17 5.10
C PRO C 14 1.67 8.86 4.59
N THR C 15 1.74 8.23 3.41
CA THR C 15 3.02 7.88 2.80
C THR C 15 2.83 7.27 1.42
N LEU C 16 2.72 8.14 0.42
CA LEU C 16 2.52 7.69 -0.95
C LEU C 16 3.58 6.66 -1.35
N LEU C 17 4.78 6.81 -0.79
CA LEU C 17 5.87 5.89 -1.07
C LEU C 17 5.55 4.48 -0.58
N GLU C 18 5.36 4.36 0.73
CA GLU C 18 5.04 3.07 1.33
C GLU C 18 3.71 2.54 0.80
N GLN C 19 2.87 3.43 0.31
CA GLN C 19 1.58 3.05 -0.23
C GLN C 19 1.73 2.18 -1.46
N VAL C 20 2.32 2.74 -2.51
CA VAL C 20 2.53 2.01 -3.76
C VAL C 20 3.36 0.76 -3.52
N LEU C 21 4.35 0.86 -2.66
CA LEU C 21 5.21 -0.27 -2.35
C LEU C 21 4.44 -1.36 -1.62
N ASN C 22 3.98 -1.05 -0.41
CA ASN C 22 3.22 -2.02 0.39
C ASN C 22 2.06 -2.59 -0.41
N GLN C 23 1.47 -1.77 -1.27
CA GLN C 23 0.35 -2.20 -2.11
C GLN C 23 0.76 -3.36 -3.01
N LYS C 24 1.85 -3.18 -3.75
CA LYS C 24 2.35 -4.20 -4.64
C LYS C 24 2.60 -5.51 -3.89
N ARG C 25 3.24 -5.40 -2.73
CA ARG C 25 3.53 -6.58 -1.92
C ARG C 25 2.28 -7.41 -1.68
N LEU C 26 1.23 -6.76 -1.21
CA LEU C 26 -0.03 -7.43 -0.93
C LEU C 26 -0.75 -7.81 -2.23
N SER C 27 -0.44 -7.08 -3.30
CA SER C 27 -1.05 -7.34 -4.60
C SER C 27 -0.74 -8.75 -5.07
N LEU C 28 0.52 -9.15 -4.96
CA LEU C 28 0.94 -10.48 -5.37
C LEU C 28 0.93 -10.61 -6.90
N LEU C 29 -0.26 -10.62 -7.47
CA LEU C 29 -0.42 -10.73 -8.91
C LEU C 29 -0.79 -9.38 -9.53
N ARG C 30 -2.05 -8.99 -9.35
CA ARG C 30 -2.53 -7.72 -9.89
C ARG C 30 -4.01 -7.53 -9.57
N SER C 31 -4.35 -7.60 -8.29
CA SER C 31 -5.73 -7.44 -7.85
C SER C 31 -5.97 -6.04 -7.31
N PRO C 32 -6.64 -5.20 -8.12
CA PRO C 32 -6.95 -3.82 -7.75
C PRO C 32 -7.99 -3.74 -6.63
N GLU C 33 -8.91 -4.70 -6.61
CA GLU C 33 -9.95 -4.72 -5.59
C GLU C 33 -9.36 -4.98 -4.20
N VAL C 34 -8.45 -5.95 -4.13
CA VAL C 34 -7.81 -6.30 -2.86
C VAL C 34 -6.83 -5.21 -2.43
N VAL C 35 -5.85 -4.93 -3.31
CA VAL C 35 -4.85 -3.90 -3.02
C VAL C 35 -5.50 -2.60 -2.58
N GLN C 36 -6.68 -2.32 -3.12
CA GLN C 36 -7.40 -1.10 -2.78
C GLN C 36 -7.94 -1.17 -1.35
N PHE C 37 -8.85 -2.10 -1.11
CA PHE C 37 -9.45 -2.26 0.20
C PHE C 37 -8.36 -2.45 1.27
N LEU C 38 -7.49 -3.43 1.05
CA LEU C 38 -6.41 -3.71 1.99
C LEU C 38 -5.62 -2.44 2.31
N GLN C 39 -5.27 -1.68 1.27
CA GLN C 39 -4.52 -0.45 1.44
C GLN C 39 -5.20 0.45 2.46
N LYS C 40 -6.48 0.69 2.28
CA LYS C 40 -7.24 1.55 3.19
C LYS C 40 -7.14 1.04 4.62
N GLN C 41 -7.48 -0.22 4.83
CA GLN C 41 -7.42 -0.83 6.15
C GLN C 41 -6.02 -0.69 6.75
N GLN C 42 -5.01 -0.94 5.94
CA GLN C 42 -3.63 -0.83 6.40
C GLN C 42 -3.35 0.54 7.00
N GLN C 43 -3.78 1.58 6.30
CA GLN C 43 -3.58 2.95 6.77
C GLN C 43 -4.25 3.16 8.13
N LEU C 44 -5.49 2.71 8.24
CA LEU C 44 -6.25 2.85 9.48
C LEU C 44 -5.48 2.25 10.65
N LEU C 45 -5.04 1.01 10.50
CA LEU C 45 -4.29 0.33 11.54
C LEU C 45 -3.03 1.11 11.91
N ASN C 46 -2.23 1.44 10.90
CA ASN C 46 -1.00 2.18 11.12
C ASN C 46 -1.26 3.45 11.93
N GLN C 47 -2.45 4.01 11.78
CA GLN C 47 -2.82 5.22 12.49
C GLN C 47 -3.12 4.90 13.95
N GLN C 48 -3.76 3.76 14.20
CA GLN C 48 -4.11 3.36 15.55
C GLN C 48 -2.85 3.14 16.39
N VAL C 49 -2.05 2.16 16.00
CA VAL C 49 -0.81 1.86 16.72
C VAL C 49 0.42 2.20 15.88
N LEU C 50 1.39 2.85 16.51
CA LEU C 50 2.61 3.24 15.82
C LEU C 50 3.63 3.83 16.80
N GLU C 51 4.74 3.12 16.98
CA GLU C 51 5.79 3.56 17.89
C GLU C 51 6.85 4.35 17.15
N GLN C 52 7.00 5.63 17.52
CA GLN C 52 7.98 6.50 16.89
C GLN C 52 8.68 7.37 17.93
N ARG C 53 9.54 8.26 17.46
CA ARG C 53 10.28 9.15 18.34
C ARG C 53 9.63 10.53 18.39
N GLN C 54 10.15 11.40 19.26
CA GLN C 54 9.61 12.75 19.41
C GLN C 54 10.29 13.70 18.44
N GLN C 55 9.60 14.80 18.12
CA GLN C 55 10.13 15.80 17.21
C GLN C 55 9.97 17.20 17.76
N GLN C 56 10.49 18.19 17.05
CA GLN C 56 10.40 19.58 17.48
C GLN C 56 9.04 20.17 17.14
N PHE C 57 8.32 20.63 18.15
CA PHE C 57 7.00 21.22 17.96
C PHE C 57 6.86 22.52 18.74
N PRO C 58 7.40 23.61 18.18
CA PRO C 58 7.36 24.93 18.81
C PRO C 58 5.94 25.52 18.80
N GLY C 59 5.09 25.00 17.93
CA GLY C 59 3.73 25.48 17.84
C GLY C 59 3.18 25.44 16.43
N THR C 60 1.91 25.79 16.28
CA THR C 60 1.27 25.78 14.97
C THR C 60 0.15 26.83 14.90
N SER C 61 -0.12 27.31 13.69
CA SER C 61 -1.16 28.31 13.49
C SER C 61 -2.05 27.94 12.31
N MET C 62 -1.53 28.10 11.10
CA MET C 62 -2.28 27.78 9.89
C MET C 62 -1.43 26.93 8.94
N GLY A 1 -15.05 19.91 -22.01
CA GLY A 1 -15.98 18.85 -22.31
C GLY A 1 -16.40 18.07 -21.09
N ALA A 2 -17.29 18.65 -20.29
CA ALA A 2 -17.77 18.01 -19.08
C ALA A 2 -18.27 16.59 -19.37
N GLY A 3 -19.24 16.49 -20.27
CA GLY A 3 -19.78 15.19 -20.62
C GLY A 3 -21.20 15.01 -20.12
N GLU A 4 -21.35 14.28 -19.02
CA GLU A 4 -22.66 14.03 -18.43
C GLU A 4 -22.62 14.19 -16.91
N PRO A 5 -23.78 14.56 -16.34
CA PRO A 5 -23.90 14.77 -14.89
C PRO A 5 -23.82 13.46 -14.11
N THR A 6 -22.75 13.31 -13.34
CA THR A 6 -22.55 12.11 -12.54
C THR A 6 -21.32 12.24 -11.65
N THR A 7 -21.41 11.69 -10.44
CA THR A 7 -20.29 11.75 -9.49
C THR A 7 -19.49 10.45 -9.53
N LEU A 8 -18.27 10.51 -9.00
CA LEU A 8 -17.40 9.34 -8.97
C LEU A 8 -17.97 8.26 -8.05
N LEU A 9 -18.35 8.67 -6.84
CA LEU A 9 -18.92 7.74 -5.87
C LEU A 9 -20.12 7.01 -6.45
N GLN A 10 -21.00 7.76 -7.12
CA GLN A 10 -22.20 7.20 -7.73
C GLN A 10 -21.84 6.34 -8.94
N ARG A 11 -21.05 6.90 -9.84
CA ARG A 11 -20.63 6.20 -11.05
C ARG A 11 -20.04 4.83 -10.70
N LEU A 12 -19.25 4.80 -9.64
CA LEU A 12 -18.62 3.55 -9.21
C LEU A 12 -19.58 2.72 -8.36
N ARG A 13 -20.44 3.40 -7.62
CA ARG A 13 -21.41 2.72 -6.77
C ARG A 13 -22.20 1.68 -7.56
N GLY A 14 -22.69 2.08 -8.73
CA GLY A 14 -23.45 1.17 -9.57
C GLY A 14 -22.63 0.00 -10.06
N THR A 15 -21.33 0.23 -10.21
CA THR A 15 -20.43 -0.82 -10.68
C THR A 15 -18.99 -0.30 -10.79
N ILE A 16 -18.02 -1.20 -10.64
CA ILE A 16 -16.63 -0.83 -10.74
C ILE A 16 -16.30 -0.22 -12.10
N SER A 17 -15.31 0.68 -12.12
CA SER A 17 -14.91 1.34 -13.35
C SER A 17 -13.74 0.60 -14.00
N LYS A 18 -13.87 0.33 -15.29
CA LYS A 18 -12.82 -0.37 -16.04
C LYS A 18 -11.50 0.37 -15.93
N ALA A 19 -11.55 1.69 -16.03
CA ALA A 19 -10.35 2.51 -15.94
C ALA A 19 -9.65 2.33 -14.60
N VAL A 20 -10.44 2.29 -13.53
CA VAL A 20 -9.90 2.11 -12.18
C VAL A 20 -9.12 0.80 -12.08
N GLN A 21 -9.77 -0.30 -12.43
CA GLN A 21 -9.13 -1.61 -12.38
C GLN A 21 -7.96 -1.69 -13.34
N ASN A 22 -8.22 -1.38 -14.61
CA ASN A 22 -7.18 -1.41 -15.63
C ASN A 22 -5.96 -0.61 -15.20
N LYS A 23 -6.20 0.63 -14.76
CA LYS A 23 -5.13 1.51 -14.31
C LYS A 23 -4.25 0.81 -13.27
N VAL A 24 -4.88 0.28 -12.24
CA VAL A 24 -4.17 -0.41 -11.17
C VAL A 24 -3.24 -1.48 -11.74
N GLU A 25 -3.72 -2.22 -12.73
CA GLU A 25 -2.93 -3.27 -13.36
C GLU A 25 -1.66 -2.69 -13.99
N GLY A 26 -1.83 -1.58 -14.73
CA GLY A 26 -0.70 -0.95 -15.37
C GLY A 26 0.40 -0.57 -14.39
N ILE A 27 0.03 0.18 -13.36
CA ILE A 27 0.99 0.61 -12.36
C ILE A 27 1.77 -0.57 -11.81
N LEU A 28 1.06 -1.63 -11.44
CA LEU A 28 1.69 -2.83 -10.90
C LEU A 28 2.81 -3.32 -11.82
N GLN A 29 2.49 -3.47 -13.10
CA GLN A 29 3.46 -3.93 -14.08
C GLN A 29 4.60 -2.92 -14.24
N ASP A 30 4.25 -1.64 -14.19
CA ASP A 30 5.24 -0.57 -14.33
C ASP A 30 6.39 -0.77 -13.36
N VAL A 31 6.07 -1.07 -12.11
CA VAL A 31 7.08 -1.29 -11.08
C VAL A 31 7.56 -2.73 -11.08
N GLN A 32 6.68 -3.65 -11.48
CA GLN A 32 7.02 -5.06 -11.52
C GLN A 32 8.17 -5.32 -12.49
N LYS A 33 8.35 -4.41 -13.45
CA LYS A 33 9.42 -4.54 -14.43
C LYS A 33 10.77 -4.68 -13.74
N PHE A 34 10.94 -3.99 -12.61
CA PHE A 34 12.19 -4.05 -11.85
C PHE A 34 12.44 -5.46 -11.34
N SER A 35 13.52 -5.62 -10.57
CA SER A 35 13.88 -6.91 -10.00
C SER A 35 12.78 -7.42 -9.06
N ASP A 36 11.92 -6.51 -8.63
CA ASP A 36 10.83 -6.87 -7.72
C ASP A 36 11.35 -7.09 -6.31
N ASN A 37 12.27 -8.05 -6.17
CA ASN A 37 12.84 -8.37 -4.86
C ASN A 37 13.82 -7.28 -4.42
N ASP A 38 14.92 -7.14 -5.15
CA ASP A 38 15.92 -6.13 -4.83
C ASP A 38 15.29 -4.75 -4.71
N LYS A 39 14.32 -4.47 -5.56
CA LYS A 39 13.63 -3.18 -5.55
C LYS A 39 12.75 -3.06 -4.32
N LEU A 40 12.04 -4.14 -3.99
CA LEU A 40 11.15 -4.14 -2.83
C LEU A 40 11.90 -3.72 -1.57
N TYR A 41 13.12 -4.22 -1.42
CA TYR A 41 13.93 -3.89 -0.26
C TYR A 41 14.66 -2.56 -0.46
N LEU A 42 15.23 -2.38 -1.64
CA LEU A 42 15.96 -1.16 -1.96
C LEU A 42 15.07 0.07 -1.77
N TYR A 43 13.78 -0.10 -2.02
CA TYR A 43 12.82 0.99 -1.88
C TYR A 43 12.30 1.08 -0.44
N LEU A 44 11.69 0.00 0.03
CA LEU A 44 11.16 -0.04 1.38
C LEU A 44 12.21 0.38 2.39
N GLN A 45 13.47 0.11 2.08
CA GLN A 45 14.58 0.45 2.96
C GLN A 45 14.50 1.91 3.38
N LEU A 46 13.96 2.75 2.50
CA LEU A 46 13.83 4.17 2.76
C LEU A 46 13.14 4.42 4.11
N PRO A 47 13.45 5.56 4.73
CA PRO A 47 12.88 5.93 6.02
C PRO A 47 11.40 6.27 5.92
N SER A 48 10.67 6.09 7.02
CA SER A 48 9.24 6.37 7.05
C SER A 48 8.74 6.49 8.49
N GLY A 49 9.20 5.59 9.34
CA GLY A 49 8.79 5.61 10.73
C GLY A 49 9.94 5.30 11.68
N PRO A 50 9.91 5.93 12.87
CA PRO A 50 10.96 5.74 13.88
C PRO A 50 10.90 4.35 14.51
N THR A 51 9.73 3.72 14.45
CA THR A 51 9.54 2.39 15.00
C THR A 51 10.60 1.42 14.48
N THR A 52 11.13 1.72 13.30
CA THR A 52 12.15 0.87 12.69
C THR A 52 11.63 -0.55 12.46
N GLY A 53 10.35 -0.65 12.09
CA GLY A 53 9.75 -1.94 11.85
C GLY A 53 9.60 -2.75 13.12
N ASP A 54 9.02 -2.15 14.14
CA ASP A 54 8.82 -2.82 15.42
C ASP A 54 10.13 -3.44 15.93
N LYS A 55 11.19 -2.65 15.90
CA LYS A 55 12.50 -3.11 16.35
C LYS A 55 12.99 -4.26 15.49
N SER A 56 12.78 -4.14 14.18
CA SER A 56 13.21 -5.17 13.24
C SER A 56 12.52 -6.50 13.54
N SER A 57 11.27 -6.62 13.13
CA SER A 57 10.49 -7.82 13.35
C SER A 57 9.49 -8.06 12.22
N GLU A 58 9.99 -8.48 11.07
CA GLU A 58 9.14 -8.73 9.92
C GLU A 58 8.69 -10.19 9.87
N PRO A 59 7.46 -10.42 9.38
CA PRO A 59 6.89 -11.77 9.28
C PRO A 59 7.58 -12.61 8.21
N SER A 60 7.02 -13.78 7.93
CA SER A 60 7.58 -14.69 6.94
C SER A 60 6.59 -15.78 6.57
N THR A 61 5.72 -15.49 5.61
CA THR A 61 4.72 -16.46 5.17
C THR A 61 4.20 -16.11 3.77
N LEU A 62 4.96 -16.52 2.75
CA LEU A 62 4.59 -16.26 1.37
C LEU A 62 3.24 -16.91 1.05
N SER A 63 3.22 -18.23 1.02
CA SER A 63 2.00 -18.96 0.72
C SER A 63 1.46 -18.60 -0.66
N ASN A 64 2.00 -19.25 -1.69
CA ASN A 64 1.57 -18.99 -3.06
C ASN A 64 0.52 -19.99 -3.51
N GLU A 65 -0.30 -19.59 -4.47
CA GLU A 65 -1.36 -20.45 -4.98
C GLU A 65 -0.81 -21.42 -6.02
N GLU A 66 -1.59 -22.45 -6.33
CA GLU A 66 -1.18 -23.45 -7.31
C GLU A 66 -0.81 -22.80 -8.63
N TYR A 67 -1.82 -22.29 -9.34
CA TYR A 67 -1.60 -21.64 -10.63
C TYR A 67 -0.94 -20.28 -10.45
N MET A 68 -0.08 -19.91 -11.38
CA MET A 68 0.61 -18.63 -11.33
C MET A 68 -0.21 -17.53 -12.01
N GLY B 1 21.25 18.34 -18.41
CA GLY B 1 20.93 17.16 -19.20
C GLY B 1 22.17 16.38 -19.58
N ALA B 2 22.95 15.98 -18.58
CA ALA B 2 24.17 15.22 -18.82
C ALA B 2 24.14 13.89 -18.08
N GLY B 3 25.19 13.09 -18.27
CA GLY B 3 25.25 11.79 -17.61
C GLY B 3 24.98 10.64 -18.56
N GLU B 4 24.50 9.53 -18.02
CA GLU B 4 24.19 8.36 -18.84
C GLU B 4 22.91 7.68 -18.36
N PRO B 5 22.24 6.98 -19.29
CA PRO B 5 20.98 6.28 -18.99
C PRO B 5 21.20 5.07 -18.09
N THR B 6 22.20 4.25 -18.43
CA THR B 6 22.51 3.07 -17.65
C THR B 6 21.28 2.17 -17.50
N THR B 7 21.44 1.07 -16.76
CA THR B 7 20.35 0.14 -16.55
C THR B 7 19.19 0.79 -15.80
N LEU B 8 17.99 0.28 -16.01
CA LEU B 8 16.80 0.82 -15.36
C LEU B 8 16.89 0.66 -13.85
N LEU B 9 17.32 -0.52 -13.41
CA LEU B 9 17.46 -0.81 -11.99
C LEU B 9 18.39 0.19 -11.31
N GLN B 10 19.62 0.28 -11.82
CA GLN B 10 20.61 1.20 -11.28
C GLN B 10 20.15 2.64 -11.41
N ARG B 11 19.69 3.00 -12.61
CA ARG B 11 19.23 4.36 -12.88
C ARG B 11 18.16 4.77 -11.87
N LEU B 12 17.43 3.80 -11.36
CA LEU B 12 16.38 4.06 -10.37
C LEU B 12 16.96 4.07 -8.95
N ARG B 13 17.79 3.08 -8.66
CA ARG B 13 18.41 2.98 -7.34
C ARG B 13 19.08 4.28 -6.95
N GLY B 14 19.56 5.03 -7.95
CA GLY B 14 20.22 6.28 -7.68
C GLY B 14 19.26 7.36 -7.20
N THR B 15 18.04 7.34 -7.74
CA THR B 15 17.03 8.33 -7.37
C THR B 15 15.64 7.87 -7.81
N ILE B 16 14.63 8.26 -7.04
CA ILE B 16 13.25 7.90 -7.36
C ILE B 16 12.71 8.73 -8.52
N SER B 17 11.89 8.10 -9.36
CA SER B 17 11.32 8.77 -10.52
C SER B 17 10.10 9.60 -10.11
N LYS B 18 9.94 10.75 -10.75
CA LYS B 18 8.81 11.63 -10.45
C LYS B 18 7.49 10.98 -10.83
N ALA B 19 7.40 10.53 -12.09
CA ALA B 19 6.19 9.88 -12.57
C ALA B 19 5.75 8.76 -11.64
N VAL B 20 6.72 7.99 -11.16
CA VAL B 20 6.43 6.88 -10.25
C VAL B 20 5.77 7.37 -8.97
N GLN B 21 6.48 8.23 -8.24
CA GLN B 21 5.96 8.77 -7.00
C GLN B 21 4.63 9.46 -7.22
N ASN B 22 4.60 10.42 -8.15
CA ASN B 22 3.39 11.16 -8.45
C ASN B 22 2.23 10.20 -8.73
N LYS B 23 2.46 9.25 -9.63
CA LYS B 23 1.44 8.28 -9.99
C LYS B 23 0.87 7.60 -8.76
N VAL B 24 1.75 7.22 -7.84
CA VAL B 24 1.33 6.55 -6.61
C VAL B 24 0.31 7.39 -5.85
N GLU B 25 0.67 8.65 -5.58
CA GLU B 25 -0.22 9.56 -4.86
C GLU B 25 -1.59 9.62 -5.53
N GLY B 26 -1.59 9.62 -6.86
CA GLY B 26 -2.84 9.68 -7.60
C GLY B 26 -3.76 8.52 -7.29
N ILE B 27 -3.19 7.31 -7.32
CA ILE B 27 -3.97 6.10 -7.04
C ILE B 27 -4.44 6.08 -5.58
N LEU B 28 -3.58 6.56 -4.69
CA LEU B 28 -3.91 6.58 -3.27
C LEU B 28 -5.22 7.34 -3.02
N GLN B 29 -5.27 8.58 -3.49
CA GLN B 29 -6.46 9.41 -3.33
C GLN B 29 -7.56 8.97 -4.29
N ASP B 30 -7.17 8.43 -5.44
CA ASP B 30 -8.12 7.97 -6.43
C ASP B 30 -9.15 7.02 -5.81
N VAL B 31 -8.66 6.05 -5.04
CA VAL B 31 -9.53 5.09 -4.39
C VAL B 31 -10.03 5.61 -3.05
N GLN B 32 -9.20 6.39 -2.38
CA GLN B 32 -9.56 6.96 -1.08
C GLN B 32 -10.84 7.78 -1.18
N LYS B 33 -11.12 8.28 -2.39
CA LYS B 33 -12.32 9.07 -2.62
C LYS B 33 -13.57 8.32 -2.17
N PHE B 34 -13.58 7.02 -2.39
CA PHE B 34 -14.72 6.18 -2.00
C PHE B 34 -14.95 6.25 -0.50
N SER B 35 -15.84 5.39 -0.01
CA SER B 35 -16.15 5.35 1.42
C SER B 35 -15.80 4.00 2.02
N ASP B 36 -15.66 3.96 3.34
CA ASP B 36 -15.33 2.72 4.04
C ASP B 36 -16.50 1.75 4.01
N ASN B 37 -17.52 2.03 4.82
CA ASN B 37 -18.69 1.18 4.88
C ASN B 37 -19.31 0.99 3.50
N ASP B 38 -19.25 2.04 2.69
CA ASP B 38 -19.80 1.99 1.34
C ASP B 38 -19.09 0.94 0.50
N LYS B 39 -17.79 1.13 0.29
CA LYS B 39 -16.99 0.20 -0.49
C LYS B 39 -17.14 -1.23 0.03
N LEU B 40 -17.43 -1.35 1.33
CA LEU B 40 -17.60 -2.66 1.96
C LEU B 40 -18.80 -3.38 1.38
N TYR B 41 -19.97 -2.74 1.47
CA TYR B 41 -21.20 -3.33 0.96
C TYR B 41 -21.20 -3.35 -0.57
N LEU B 42 -20.59 -2.34 -1.17
CA LEU B 42 -20.52 -2.24 -2.62
C LEU B 42 -19.77 -3.43 -3.22
N TYR B 43 -18.51 -3.58 -2.83
CA TYR B 43 -17.68 -4.68 -3.32
C TYR B 43 -18.24 -6.02 -2.85
N LEU B 44 -18.88 -6.02 -1.69
CA LEU B 44 -19.45 -7.24 -1.13
C LEU B 44 -20.47 -7.85 -2.08
N GLN B 45 -21.36 -7.01 -2.61
CA GLN B 45 -22.38 -7.47 -3.54
C GLN B 45 -21.76 -8.20 -4.73
N LEU B 46 -20.51 -7.86 -5.03
CA LEU B 46 -19.79 -8.49 -6.14
C LEU B 46 -19.55 -9.97 -5.86
N PRO B 47 -19.46 -10.77 -6.94
CA PRO B 47 -19.23 -12.21 -6.84
C PRO B 47 -17.81 -12.54 -6.36
N SER B 48 -17.60 -12.45 -5.05
CA SER B 48 -16.30 -12.74 -4.46
C SER B 48 -16.40 -13.86 -3.43
N GLY B 49 -15.29 -14.12 -2.75
CA GLY B 49 -15.28 -15.16 -1.74
C GLY B 49 -15.11 -14.61 -0.33
N PRO B 50 -15.03 -15.52 0.66
CA PRO B 50 -14.87 -15.14 2.06
C PRO B 50 -13.50 -14.54 2.35
N THR B 51 -13.49 -13.42 3.07
CA THR B 51 -12.24 -12.76 3.41
C THR B 51 -12.03 -12.73 4.92
N THR B 52 -13.13 -12.80 5.67
CA THR B 52 -13.06 -12.78 7.13
C THR B 52 -12.11 -13.85 7.65
N GLY B 53 -11.97 -14.93 6.89
CA GLY B 53 -11.08 -16.00 7.29
C GLY B 53 -9.63 -15.58 7.31
N ASP B 54 -9.07 -15.32 6.13
CA ASP B 54 -7.67 -14.91 6.02
C ASP B 54 -7.39 -13.72 6.93
N LYS B 55 -8.39 -12.86 7.10
CA LYS B 55 -8.24 -11.68 7.95
C LYS B 55 -8.26 -12.06 9.43
N SER B 56 -9.04 -13.09 9.76
CA SER B 56 -9.15 -13.56 11.13
C SER B 56 -7.79 -14.06 11.65
N SER B 57 -7.19 -14.97 10.89
CA SER B 57 -5.89 -15.53 11.27
C SER B 57 -4.86 -14.43 11.48
N GLU B 58 -4.44 -13.82 10.38
CA GLU B 58 -3.44 -12.75 10.44
C GLU B 58 -2.19 -13.20 11.19
N PRO B 59 -1.49 -14.17 10.61
CA PRO B 59 -0.26 -14.73 11.20
C PRO B 59 0.90 -13.73 11.18
N SER B 60 1.51 -13.50 12.33
CA SER B 60 2.62 -12.57 12.44
C SER B 60 3.86 -13.26 13.00
N THR B 61 3.85 -13.54 14.30
CA THR B 61 4.97 -14.21 14.95
C THR B 61 4.64 -14.54 16.40
N LEU B 62 3.81 -15.56 16.60
CA LEU B 62 3.42 -15.98 17.94
C LEU B 62 4.64 -16.23 18.81
N SER B 63 5.51 -17.13 18.35
CA SER B 63 6.72 -17.46 19.10
C SER B 63 6.38 -18.04 20.46
N ASN B 64 7.41 -18.30 21.27
CA ASN B 64 7.22 -18.85 22.60
C ASN B 64 8.31 -18.37 23.55
N GLU B 65 8.24 -18.82 24.80
CA GLU B 65 9.22 -18.43 25.81
C GLU B 65 10.57 -19.11 25.54
N GLU B 66 10.52 -20.27 24.91
CA GLU B 66 11.73 -21.02 24.59
C GLU B 66 12.74 -20.13 23.84
N TYR B 67 12.24 -19.39 22.85
CA TYR B 67 13.09 -18.51 22.06
C TYR B 67 13.74 -17.45 22.95
N MET B 68 15.02 -17.21 22.73
CA MET B 68 15.76 -16.22 23.49
C MET B 68 16.33 -15.13 22.59
N GLY C 1 5.00 20.93 28.65
CA GLY C 1 5.33 21.67 27.45
C GLY C 1 6.44 22.68 27.68
N HIS C 2 7.64 22.35 27.23
CA HIS C 2 8.80 23.22 27.38
C HIS C 2 9.40 23.57 26.03
N GLY C 3 10.32 24.53 26.02
CA GLY C 3 10.96 24.93 24.79
C GLY C 3 12.44 24.55 24.74
N THR C 4 12.81 23.57 25.56
CA THR C 4 14.19 23.11 25.61
C THR C 4 14.32 21.68 25.10
N GLY C 5 15.15 21.49 24.08
CA GLY C 5 15.34 20.16 23.52
C GLY C 5 16.34 20.15 22.37
N SER C 6 15.92 19.62 21.23
CA SER C 6 16.78 19.55 20.06
C SER C 6 15.96 19.42 18.78
N PHE C 7 15.29 18.29 18.62
CA PHE C 7 14.47 18.04 17.44
C PHE C 7 13.24 17.22 17.80
N GLY C 8 12.37 17.02 16.82
CA GLY C 8 11.15 16.24 17.05
C GLY C 8 10.64 15.56 15.79
N ASP C 9 11.17 14.37 15.53
CA ASP C 9 10.77 13.61 14.34
C ASP C 9 9.90 12.43 14.73
N ARG C 10 8.58 12.66 14.78
CA ARG C 10 7.64 11.60 15.14
C ARG C 10 6.40 11.66 14.25
N PRO C 11 6.62 11.52 12.93
CA PRO C 11 5.54 11.53 11.94
C PRO C 11 4.64 10.30 12.03
N ALA C 12 3.40 10.45 11.56
CA ALA C 12 2.45 9.34 11.59
C ALA C 12 1.87 9.09 10.20
N ARG C 13 0.84 8.25 10.15
CA ARG C 13 0.20 7.92 8.87
C ARG C 13 1.17 7.21 7.94
N PRO C 14 0.62 6.49 6.95
CA PRO C 14 1.42 5.75 5.97
C PRO C 14 2.18 6.67 5.03
N THR C 15 2.78 6.09 3.99
CA THR C 15 3.53 6.86 3.01
C THR C 15 3.30 6.32 1.60
N LEU C 16 3.22 7.24 0.64
CA LEU C 16 2.99 6.87 -0.76
C LEU C 16 4.01 5.81 -1.20
N LEU C 17 5.23 5.91 -0.67
CA LEU C 17 6.28 4.96 -1.01
C LEU C 17 5.91 3.55 -0.57
N GLU C 18 5.77 3.36 0.74
CA GLU C 18 5.42 2.06 1.30
C GLU C 18 4.06 1.59 0.77
N GLN C 19 3.25 2.55 0.32
CA GLN C 19 1.93 2.23 -0.21
C GLN C 19 2.04 1.40 -1.48
N VAL C 20 2.61 1.99 -2.53
CA VAL C 20 2.77 1.30 -3.80
C VAL C 20 3.56 0.01 -3.64
N LEU C 21 4.59 0.07 -2.80
CA LEU C 21 5.43 -1.10 -2.54
C LEU C 21 4.64 -2.21 -1.86
N ASN C 22 4.20 -1.95 -0.63
CA ASN C 22 3.43 -2.91 0.13
C ASN C 22 2.23 -3.40 -0.66
N GLN C 23 1.68 -2.53 -1.49
CA GLN C 23 0.52 -2.87 -2.32
C GLN C 23 0.84 -4.04 -3.24
N LYS C 24 1.86 -3.87 -4.07
CA LYS C 24 2.28 -4.91 -5.01
C LYS C 24 2.54 -6.22 -4.28
N ARG C 25 3.23 -6.13 -3.15
CA ARG C 25 3.55 -7.31 -2.35
C ARG C 25 2.30 -8.14 -2.07
N LEU C 26 1.26 -7.49 -1.58
CA LEU C 26 0.01 -8.17 -1.27
C LEU C 26 -0.77 -8.49 -2.55
N SER C 27 -0.49 -7.72 -3.61
CA SER C 27 -1.16 -7.92 -4.88
C SER C 27 -0.95 -9.34 -5.40
N LEU C 28 0.31 -9.77 -5.44
CA LEU C 28 0.65 -11.10 -5.90
C LEU C 28 0.46 -11.21 -7.41
N LEU C 29 -0.79 -11.21 -7.85
CA LEU C 29 -1.12 -11.31 -9.26
C LEU C 29 -1.49 -9.95 -9.84
N ARG C 30 -2.71 -9.50 -9.52
CA ARG C 30 -3.18 -8.21 -10.01
C ARG C 30 -4.61 -7.95 -9.53
N SER C 31 -4.81 -8.00 -8.22
CA SER C 31 -6.12 -7.77 -7.63
C SER C 31 -6.22 -6.38 -7.02
N PRO C 32 -6.85 -5.44 -7.76
CA PRO C 32 -7.02 -4.06 -7.30
C PRO C 32 -7.99 -3.94 -6.14
N GLU C 33 -8.94 -4.88 -6.07
CA GLU C 33 -9.93 -4.89 -5.01
C GLU C 33 -9.28 -5.15 -3.65
N VAL C 34 -8.32 -6.08 -3.64
CA VAL C 34 -7.62 -6.42 -2.41
C VAL C 34 -6.51 -5.44 -2.11
N VAL C 35 -5.64 -5.21 -3.09
CA VAL C 35 -4.53 -4.28 -2.94
C VAL C 35 -5.01 -2.93 -2.41
N GLN C 36 -6.21 -2.52 -2.85
CA GLN C 36 -6.78 -1.24 -2.42
C GLN C 36 -7.40 -1.37 -1.03
N PHE C 37 -8.31 -2.33 -0.87
CA PHE C 37 -8.98 -2.55 0.40
C PHE C 37 -7.96 -2.73 1.52
N LEU C 38 -6.79 -3.24 1.17
CA LEU C 38 -5.74 -3.46 2.16
C LEU C 38 -4.95 -2.18 2.41
N GLN C 39 -4.60 -1.48 1.34
CA GLN C 39 -3.86 -0.23 1.46
C GLN C 39 -4.61 0.79 2.29
N LYS C 40 -5.93 0.83 2.11
CA LYS C 40 -6.78 1.75 2.87
C LYS C 40 -7.02 1.26 4.29
N GLN C 41 -7.39 -0.02 4.40
CA GLN C 41 -7.64 -0.61 5.71
C GLN C 41 -6.47 -0.39 6.65
N GLN C 42 -5.25 -0.48 6.11
CA GLN C 42 -4.05 -0.28 6.90
C GLN C 42 -3.79 1.20 7.16
N GLN C 43 -4.00 2.01 6.12
CA GLN C 43 -3.79 3.46 6.23
C GLN C 43 -4.55 4.02 7.42
N LEU C 44 -5.75 3.52 7.65
CA LEU C 44 -6.59 3.98 8.76
C LEU C 44 -6.17 3.32 10.06
N LEU C 45 -6.02 2.00 10.03
CA LEU C 45 -5.63 1.25 11.22
C LEU C 45 -4.32 1.82 11.81
N ASN C 46 -3.42 2.24 10.93
CA ASN C 46 -2.15 2.80 11.36
C ASN C 46 -2.30 4.27 11.75
N GLN C 47 -3.10 5.00 10.98
CA GLN C 47 -3.33 6.42 11.25
C GLN C 47 -3.77 6.64 12.69
N GLN C 48 -4.53 5.70 13.22
CA GLN C 48 -5.03 5.79 14.58
C GLN C 48 -4.06 5.10 15.55
N VAL C 49 -3.50 3.98 15.12
CA VAL C 49 -2.56 3.22 15.95
C VAL C 49 -1.26 2.94 15.19
N LEU C 50 -0.38 3.93 15.16
CA LEU C 50 0.90 3.79 14.48
C LEU C 50 1.68 2.60 15.02
N GLU C 51 1.80 1.55 14.23
CA GLU C 51 2.53 0.36 14.64
C GLU C 51 3.10 -0.39 13.43
N GLN C 52 3.72 0.37 12.52
CA GLN C 52 4.30 -0.22 11.32
C GLN C 52 5.33 -1.29 11.68
N ARG C 53 5.66 -2.12 10.70
CA ARG C 53 6.62 -3.20 10.91
C ARG C 53 7.61 -3.28 9.75
N GLN C 54 7.87 -2.14 9.12
CA GLN C 54 8.79 -2.08 7.99
C GLN C 54 9.47 -0.72 7.91
N GLN C 55 10.20 -0.49 6.82
CA GLN C 55 10.90 0.78 6.63
C GLN C 55 11.89 1.03 7.77
N GLN C 56 13.15 0.68 7.54
CA GLN C 56 14.19 0.86 8.55
C GLN C 56 15.36 1.66 7.98
N PHE C 57 15.67 2.77 8.62
CA PHE C 57 16.77 3.63 8.19
C PHE C 57 17.03 4.74 9.20
N PRO C 58 17.68 4.38 10.32
CA PRO C 58 18.00 5.33 11.38
C PRO C 58 19.08 6.32 10.97
N GLY C 59 18.77 7.61 11.08
CA GLY C 59 19.73 8.63 10.72
C GLY C 59 19.83 9.73 11.75
N THR C 60 20.67 10.73 11.48
CA THR C 60 20.86 11.85 12.40
C THR C 60 20.40 13.16 11.78
N SER C 61 20.31 14.20 12.61
CA SER C 61 19.87 15.51 12.14
C SER C 61 21.08 16.37 11.76
N MET C 62 20.84 17.38 10.94
CA MET C 62 21.90 18.28 10.50
C MET C 62 23.08 17.50 9.93
N GLY A 1 -13.65 15.90 -24.20
CA GLY A 1 -14.32 15.21 -23.11
C GLY A 1 -15.70 14.70 -23.50
N ALA A 2 -16.41 14.12 -22.54
CA ALA A 2 -17.74 13.59 -22.78
C ALA A 2 -18.66 13.87 -21.61
N GLY A 3 -18.35 14.90 -20.83
CA GLY A 3 -19.15 15.25 -19.69
C GLY A 3 -19.11 14.18 -18.60
N GLU A 4 -19.26 14.61 -17.36
CA GLU A 4 -19.24 13.69 -16.23
C GLU A 4 -20.09 14.21 -15.07
N PRO A 5 -21.42 14.16 -15.24
CA PRO A 5 -22.36 14.63 -14.23
C PRO A 5 -22.39 13.72 -13.00
N THR A 6 -22.48 12.42 -13.24
CA THR A 6 -22.53 11.44 -12.16
C THR A 6 -21.37 11.66 -11.19
N THR A 7 -21.60 11.33 -9.92
CA THR A 7 -20.58 11.48 -8.89
C THR A 7 -19.62 10.30 -8.89
N LEU A 8 -18.55 10.40 -8.09
CA LEU A 8 -17.56 9.34 -8.00
C LEU A 8 -18.11 8.14 -7.24
N LEU A 9 -18.69 8.41 -6.06
CA LEU A 9 -19.26 7.35 -5.23
C LEU A 9 -20.42 6.66 -5.95
N GLN A 10 -21.10 7.40 -6.81
CA GLN A 10 -22.22 6.86 -7.57
C GLN A 10 -21.75 5.86 -8.62
N ARG A 11 -20.93 6.33 -9.55
CA ARG A 11 -20.40 5.48 -10.61
C ARG A 11 -19.76 4.22 -10.02
N LEU A 12 -19.15 4.37 -8.85
CA LEU A 12 -18.49 3.24 -8.18
C LEU A 12 -19.52 2.34 -7.50
N ARG A 13 -20.49 2.97 -6.83
CA ARG A 13 -21.53 2.23 -6.13
C ARG A 13 -22.18 1.20 -7.06
N GLY A 14 -22.38 1.57 -8.32
CA GLY A 14 -22.98 0.68 -9.28
C GLY A 14 -22.04 -0.43 -9.72
N THR A 15 -20.75 -0.12 -9.74
CA THR A 15 -19.74 -1.09 -10.15
C THR A 15 -18.34 -0.48 -10.12
N ILE A 16 -17.33 -1.33 -10.04
CA ILE A 16 -15.94 -0.88 -10.00
C ILE A 16 -15.65 0.08 -11.15
N SER A 17 -14.82 1.07 -10.89
CA SER A 17 -14.45 2.06 -11.89
C SER A 17 -13.26 1.57 -12.72
N LYS A 18 -13.41 1.64 -14.05
CA LYS A 18 -12.36 1.21 -14.95
C LYS A 18 -11.06 1.93 -14.65
N ALA A 19 -11.15 3.22 -14.36
CA ALA A 19 -9.98 4.03 -14.06
C ALA A 19 -9.27 3.51 -12.81
N VAL A 20 -10.05 3.14 -11.80
CA VAL A 20 -9.50 2.63 -10.56
C VAL A 20 -8.66 1.37 -10.80
N GLN A 21 -9.28 0.36 -11.39
CA GLN A 21 -8.60 -0.89 -11.68
C GLN A 21 -7.45 -0.68 -12.66
N ASN A 22 -7.76 -0.02 -13.77
CA ASN A 22 -6.76 0.26 -14.80
C ASN A 22 -5.55 0.97 -14.19
N LYS A 23 -5.81 1.94 -13.33
CA LYS A 23 -4.75 2.70 -12.68
C LYS A 23 -3.81 1.77 -11.92
N VAL A 24 -4.36 1.00 -10.99
CA VAL A 24 -3.57 0.07 -10.20
C VAL A 24 -2.71 -0.82 -11.09
N GLU A 25 -3.27 -1.24 -12.22
CA GLU A 25 -2.56 -2.09 -13.16
C GLU A 25 -1.36 -1.37 -13.75
N GLY A 26 -1.58 -0.14 -14.23
CA GLY A 26 -0.50 0.63 -14.81
C GLY A 26 0.71 0.73 -13.89
N ILE A 27 0.46 1.06 -12.63
CA ILE A 27 1.53 1.18 -11.65
C ILE A 27 2.27 -0.14 -11.47
N LEU A 28 1.51 -1.23 -11.39
CA LEU A 28 2.09 -2.55 -11.21
C LEU A 28 3.15 -2.83 -12.27
N GLN A 29 2.83 -2.51 -13.52
CA GLN A 29 3.76 -2.72 -14.63
C GLN A 29 5.01 -1.85 -14.46
N ASP A 30 4.81 -0.58 -14.16
CA ASP A 30 5.92 0.35 -13.96
C ASP A 30 6.93 -0.22 -12.98
N VAL A 31 6.44 -0.92 -11.96
CA VAL A 31 7.32 -1.51 -10.95
C VAL A 31 7.82 -2.87 -11.41
N GLN A 32 6.97 -3.62 -12.08
CA GLN A 32 7.33 -4.95 -12.57
C GLN A 32 8.49 -4.87 -13.55
N LYS A 33 8.72 -3.68 -14.10
CA LYS A 33 9.80 -3.47 -15.05
C LYS A 33 11.12 -4.01 -14.51
N PHE A 34 11.28 -3.93 -13.19
CA PHE A 34 12.49 -4.41 -12.54
C PHE A 34 12.18 -5.49 -11.51
N SER A 35 13.21 -6.00 -10.84
CA SER A 35 13.04 -7.03 -9.84
C SER A 35 11.98 -6.63 -8.82
N ASP A 36 11.44 -7.63 -8.12
CA ASP A 36 10.42 -7.38 -7.11
C ASP A 36 11.02 -7.36 -5.71
N ASN A 37 11.92 -8.31 -5.45
CA ASN A 37 12.58 -8.39 -4.15
C ASN A 37 13.73 -7.39 -4.03
N ASP A 38 14.66 -7.47 -4.97
CA ASP A 38 15.81 -6.57 -4.98
C ASP A 38 15.36 -5.11 -4.91
N LYS A 39 14.25 -4.81 -5.58
CA LYS A 39 13.70 -3.46 -5.61
C LYS A 39 12.89 -3.18 -4.34
N LEU A 40 12.22 -4.21 -3.84
CA LEU A 40 11.40 -4.07 -2.63
C LEU A 40 12.22 -3.48 -1.49
N TYR A 41 13.44 -3.96 -1.33
CA TYR A 41 14.33 -3.49 -0.27
C TYR A 41 15.08 -2.23 -0.72
N LEU A 42 15.59 -2.26 -1.95
CA LEU A 42 16.32 -1.13 -2.50
C LEU A 42 15.48 0.14 -2.45
N TYR A 43 14.17 -0.02 -2.56
CA TYR A 43 13.26 1.12 -2.54
C TYR A 43 12.81 1.43 -1.11
N LEU A 44 12.20 0.45 -0.46
CA LEU A 44 11.73 0.61 0.92
C LEU A 44 12.84 1.13 1.81
N GLN A 45 14.08 0.79 1.48
CA GLN A 45 15.24 1.22 2.25
C GLN A 45 15.22 2.73 2.45
N LEU A 46 14.65 3.45 1.48
CA LEU A 46 14.58 4.90 1.55
C LEU A 46 13.95 5.35 2.87
N PRO A 47 14.44 6.47 3.41
CA PRO A 47 13.95 7.04 4.67
C PRO A 47 12.54 7.60 4.54
N SER A 48 12.32 8.40 3.49
CA SER A 48 11.01 9.00 3.26
C SER A 48 10.51 9.72 4.51
N GLY A 49 11.45 10.18 5.34
CA GLY A 49 11.09 10.87 6.55
C GLY A 49 10.81 9.94 7.70
N PRO A 50 10.13 10.45 8.73
CA PRO A 50 9.78 9.66 9.92
C PRO A 50 8.74 8.59 9.63
N THR A 51 9.12 7.33 9.78
CA THR A 51 8.21 6.22 9.53
C THR A 51 8.71 4.94 10.20
N THR A 52 9.92 4.52 9.85
CA THR A 52 10.50 3.32 10.43
C THR A 52 9.66 2.09 10.12
N GLY A 53 9.18 2.00 8.88
CA GLY A 53 8.35 0.87 8.49
C GLY A 53 7.16 0.68 9.41
N ASP A 54 6.37 1.73 9.57
CA ASP A 54 5.19 1.68 10.43
C ASP A 54 5.57 1.25 11.85
N LYS A 55 6.63 1.85 12.38
CA LYS A 55 7.09 1.52 13.73
C LYS A 55 7.47 0.05 13.84
N SER A 56 8.16 -0.45 12.81
CA SER A 56 8.58 -1.85 12.79
C SER A 56 7.39 -2.78 12.93
N SER A 57 6.55 -2.81 11.90
CA SER A 57 5.36 -3.67 11.91
C SER A 57 5.47 -4.76 10.86
N GLU A 58 5.37 -4.37 9.60
CA GLU A 58 5.46 -5.32 8.49
C GLU A 58 4.39 -6.40 8.62
N PRO A 59 3.13 -6.01 8.41
CA PRO A 59 1.99 -6.93 8.50
C PRO A 59 1.97 -7.93 7.35
N SER A 60 1.20 -9.01 7.53
CA SER A 60 1.09 -10.04 6.51
C SER A 60 -0.22 -9.91 5.73
N THR A 61 -1.32 -10.21 6.40
CA THR A 61 -2.64 -10.12 5.77
C THR A 61 -2.77 -11.12 4.63
N LEU A 62 -2.24 -12.32 4.83
CA LEU A 62 -2.28 -13.36 3.82
C LEU A 62 -1.86 -14.72 4.40
N SER A 63 -2.82 -15.43 4.97
CA SER A 63 -2.55 -16.74 5.57
C SER A 63 -3.74 -17.67 5.39
N ASN A 64 -3.70 -18.46 4.32
CA ASN A 64 -4.78 -19.41 4.03
C ASN A 64 -6.09 -18.67 3.79
N GLU A 65 -6.38 -18.37 2.53
CA GLU A 65 -7.60 -17.67 2.18
C GLU A 65 -8.16 -18.20 0.86
N GLU A 66 -9.49 -18.16 0.73
CA GLU A 66 -10.15 -18.65 -0.48
C GLU A 66 -9.90 -20.14 -0.68
N TYR A 67 -10.85 -20.96 -0.26
CA TYR A 67 -10.73 -22.41 -0.40
C TYR A 67 -11.12 -22.85 -1.80
N MET A 68 -12.40 -22.75 -2.11
CA MET A 68 -12.92 -23.15 -3.42
C MET A 68 -14.38 -22.77 -3.57
N GLY B 1 10.30 4.10 -23.11
CA GLY B 1 11.02 5.10 -23.87
C GLY B 1 12.00 4.49 -24.85
N ALA B 2 13.29 4.75 -24.64
CA ALA B 2 14.32 4.22 -25.52
C ALA B 2 15.68 4.25 -24.84
N GLY B 3 16.60 3.40 -25.31
CA GLY B 3 17.92 3.35 -24.74
C GLY B 3 18.05 2.26 -23.69
N GLU B 4 18.08 2.66 -22.42
CA GLU B 4 18.19 1.71 -21.32
C GLU B 4 19.50 0.93 -21.41
N PRO B 5 20.63 1.64 -21.29
CA PRO B 5 21.96 1.03 -21.36
C PRO B 5 22.27 0.17 -20.16
N THR B 6 22.02 0.70 -18.96
CA THR B 6 22.26 -0.03 -17.73
C THR B 6 21.03 -0.83 -17.30
N THR B 7 21.19 -1.63 -16.26
CA THR B 7 20.09 -2.45 -15.76
C THR B 7 18.93 -1.58 -15.29
N LEU B 8 17.71 -2.09 -15.45
CA LEU B 8 16.52 -1.36 -15.05
C LEU B 8 16.54 -1.07 -13.55
N LEU B 9 17.04 -2.03 -12.78
CA LEU B 9 17.11 -1.88 -11.33
C LEU B 9 18.00 -0.69 -10.95
N GLN B 10 19.26 -0.76 -11.34
CA GLN B 10 20.21 0.31 -11.04
C GLN B 10 19.79 1.61 -11.71
N ARG B 11 19.18 1.50 -12.88
CA ARG B 11 18.72 2.67 -13.61
C ARG B 11 17.82 3.54 -12.75
N LEU B 12 16.77 2.94 -12.21
CA LEU B 12 15.83 3.66 -11.36
C LEU B 12 16.43 3.93 -9.98
N ARG B 13 17.24 3.00 -9.51
CA ARG B 13 17.88 3.14 -8.21
C ARG B 13 18.60 4.48 -8.09
N GLY B 14 19.22 4.91 -9.18
CA GLY B 14 19.93 6.17 -9.19
C GLY B 14 19.03 7.35 -8.89
N THR B 15 17.75 7.20 -9.23
CA THR B 15 16.78 8.27 -9.00
C THR B 15 15.37 7.82 -9.38
N ILE B 16 14.40 8.19 -8.56
CA ILE B 16 13.01 7.82 -8.81
C ILE B 16 12.40 8.71 -9.89
N SER B 17 11.53 8.12 -10.71
CA SER B 17 10.88 8.85 -11.80
C SER B 17 9.73 9.70 -11.26
N LYS B 18 9.73 10.98 -11.61
CA LYS B 18 8.69 11.91 -11.17
C LYS B 18 7.30 11.35 -11.47
N ALA B 19 7.17 10.69 -12.61
CA ALA B 19 5.90 10.10 -13.02
C ALA B 19 5.49 8.98 -12.06
N VAL B 20 6.45 8.15 -11.68
CA VAL B 20 6.19 7.04 -10.78
C VAL B 20 5.61 7.54 -9.45
N GLN B 21 6.31 8.49 -8.83
CA GLN B 21 5.85 9.05 -7.56
C GLN B 21 4.57 9.86 -7.74
N ASN B 22 4.61 10.80 -8.68
CA ASN B 22 3.45 11.65 -8.95
C ASN B 22 2.20 10.80 -9.17
N LYS B 23 2.32 9.79 -10.03
CA LYS B 23 1.20 8.90 -10.34
C LYS B 23 0.64 8.28 -9.06
N VAL B 24 1.51 7.61 -8.31
CA VAL B 24 1.11 6.97 -7.06
C VAL B 24 0.36 7.94 -6.17
N GLU B 25 0.70 9.22 -6.27
CA GLU B 25 0.05 10.25 -5.46
C GLU B 25 -1.40 10.43 -5.87
N GLY B 26 -1.63 10.68 -7.15
CA GLY B 26 -2.98 10.87 -7.65
C GLY B 26 -3.85 9.65 -7.41
N ILE B 27 -3.43 8.51 -7.92
CA ILE B 27 -4.18 7.27 -7.76
C ILE B 27 -4.51 7.02 -6.29
N LEU B 28 -3.53 7.23 -5.42
CA LEU B 28 -3.72 7.02 -3.99
C LEU B 28 -4.92 7.81 -3.48
N GLN B 29 -4.93 9.10 -3.76
CA GLN B 29 -6.02 9.97 -3.33
C GLN B 29 -7.32 9.61 -4.04
N ASP B 30 -7.19 9.03 -5.23
CA ASP B 30 -8.35 8.63 -6.01
C ASP B 30 -9.20 7.62 -5.26
N VAL B 31 -8.59 6.51 -4.86
CA VAL B 31 -9.29 5.47 -4.13
C VAL B 31 -9.73 5.96 -2.75
N GLN B 32 -8.80 6.60 -2.02
CA GLN B 32 -9.09 7.12 -0.70
C GLN B 32 -10.20 8.16 -0.75
N LYS B 33 -10.43 8.71 -1.95
CA LYS B 33 -11.46 9.73 -2.13
C LYS B 33 -12.80 9.25 -1.57
N PHE B 34 -13.05 7.95 -1.69
CA PHE B 34 -14.29 7.37 -1.19
C PHE B 34 -14.02 6.37 -0.06
N SER B 35 -15.03 6.16 0.78
CA SER B 35 -14.89 5.25 1.91
C SER B 35 -14.48 3.86 1.43
N ASP B 36 -13.88 3.08 2.33
CA ASP B 36 -13.43 1.74 1.99
C ASP B 36 -14.49 0.70 2.38
N ASN B 37 -14.95 0.79 3.63
CA ASN B 37 -15.96 -0.15 4.13
C ASN B 37 -17.17 -0.19 3.19
N ASP B 38 -17.70 0.98 2.84
CA ASP B 38 -18.84 1.07 1.94
C ASP B 38 -18.60 0.27 0.66
N LYS B 39 -17.36 0.32 0.17
CA LYS B 39 -17.00 -0.39 -1.05
C LYS B 39 -16.97 -1.89 -0.81
N LEU B 40 -16.60 -2.29 0.41
CA LEU B 40 -16.54 -3.70 0.76
C LEU B 40 -17.92 -4.34 0.71
N TYR B 41 -18.81 -3.89 1.58
CA TYR B 41 -20.17 -4.41 1.63
C TYR B 41 -20.86 -4.27 0.29
N LEU B 42 -20.58 -3.17 -0.41
CA LEU B 42 -21.17 -2.91 -1.71
C LEU B 42 -20.69 -3.93 -2.74
N TYR B 43 -19.40 -3.89 -3.05
CA TYR B 43 -18.80 -4.81 -4.01
C TYR B 43 -19.10 -6.26 -3.64
N LEU B 44 -19.08 -6.55 -2.34
CA LEU B 44 -19.35 -7.89 -1.85
C LEU B 44 -20.76 -8.34 -2.22
N GLN B 45 -21.70 -7.41 -2.13
CA GLN B 45 -23.09 -7.71 -2.46
C GLN B 45 -23.21 -8.28 -3.87
N LEU B 46 -22.26 -7.93 -4.73
CA LEU B 46 -22.25 -8.41 -6.10
C LEU B 46 -22.39 -9.93 -6.15
N PRO B 47 -22.93 -10.44 -7.26
CA PRO B 47 -23.14 -11.88 -7.46
C PRO B 47 -21.82 -12.62 -7.66
N SER B 48 -21.28 -13.16 -6.58
CA SER B 48 -20.02 -13.90 -6.63
C SER B 48 -20.06 -15.11 -5.70
N GLY B 49 -19.95 -14.86 -4.40
CA GLY B 49 -19.98 -15.94 -3.43
C GLY B 49 -18.82 -15.85 -2.45
N PRO B 50 -18.99 -15.03 -1.40
CA PRO B 50 -17.95 -14.85 -0.37
C PRO B 50 -17.78 -16.10 0.50
N THR B 51 -16.65 -16.16 1.21
CA THR B 51 -16.37 -17.30 2.07
C THR B 51 -15.14 -17.02 2.94
N THR B 52 -14.01 -16.76 2.29
CA THR B 52 -12.77 -16.48 3.01
C THR B 52 -12.38 -17.66 3.91
N GLY B 53 -11.98 -18.76 3.27
CA GLY B 53 -11.59 -19.94 4.03
C GLY B 53 -12.63 -20.35 5.05
N ASP B 54 -13.90 -20.24 4.68
CA ASP B 54 -15.00 -20.60 5.57
C ASP B 54 -14.84 -19.91 6.93
N LYS B 55 -14.72 -18.58 6.89
CA LYS B 55 -14.56 -17.80 8.11
C LYS B 55 -13.28 -18.17 8.85
N SER B 56 -12.23 -18.45 8.08
CA SER B 56 -10.94 -18.83 8.65
C SER B 56 -11.09 -20.02 9.59
N SER B 57 -11.22 -21.21 8.99
CA SER B 57 -11.36 -22.44 9.77
C SER B 57 -10.10 -23.28 9.70
N GLU B 58 -8.98 -22.70 10.11
CA GLU B 58 -7.70 -23.39 10.09
C GLU B 58 -7.08 -23.44 11.49
N PRO B 59 -6.41 -24.55 11.80
CA PRO B 59 -5.77 -24.74 13.10
C PRO B 59 -4.56 -23.84 13.30
N SER B 60 -3.81 -24.09 14.37
CA SER B 60 -2.62 -23.30 14.66
C SER B 60 -1.42 -24.19 14.92
N THR B 61 -1.39 -24.83 16.08
CA THR B 61 -0.30 -25.73 16.45
C THR B 61 1.04 -24.98 16.46
N LEU B 62 1.04 -23.80 17.05
CA LEU B 62 2.24 -22.97 17.14
C LEU B 62 3.38 -23.76 17.78
N SER B 63 3.24 -24.04 19.08
CA SER B 63 4.27 -24.77 19.81
C SER B 63 5.58 -24.00 19.85
N ASN B 64 5.89 -23.42 20.99
CA ASN B 64 7.11 -22.65 21.16
C ASN B 64 7.82 -23.01 22.46
N GLU B 65 9.06 -23.48 22.35
CA GLU B 65 9.84 -23.87 23.52
C GLU B 65 11.23 -24.34 23.11
N GLU B 66 12.22 -24.07 23.96
CA GLU B 66 13.58 -24.47 23.69
C GLU B 66 14.49 -24.19 24.90
N TYR B 67 14.47 -22.95 25.37
CA TYR B 67 15.28 -22.55 26.51
C TYR B 67 14.46 -21.71 27.49
N MET B 68 15.01 -21.52 28.69
CA MET B 68 14.34 -20.73 29.71
C MET B 68 15.33 -19.83 30.45
N GLY C 1 17.03 13.02 38.13
CA GLY C 1 16.14 11.88 37.96
C GLY C 1 15.29 11.99 36.71
N HIS C 2 14.13 11.34 36.74
CA HIS C 2 13.22 11.37 35.60
C HIS C 2 11.78 11.63 36.06
N GLY C 3 10.96 12.10 35.12
CA GLY C 3 9.57 12.39 35.45
C GLY C 3 8.71 12.56 34.22
N THR C 4 7.89 11.55 33.92
CA THR C 4 7.02 11.59 32.76
C THR C 4 5.98 10.47 32.81
N GLY C 5 4.76 10.78 32.36
CA GLY C 5 3.71 9.79 32.36
C GLY C 5 3.47 9.19 30.99
N SER C 6 2.20 8.91 30.68
CA SER C 6 1.85 8.34 29.38
C SER C 6 1.45 9.42 28.40
N PHE C 7 2.31 9.66 27.42
CA PHE C 7 2.05 10.68 26.40
C PHE C 7 3.05 10.57 25.25
N GLY C 8 2.58 10.86 24.04
CA GLY C 8 3.45 10.78 22.88
C GLY C 8 3.28 11.97 21.95
N ASP C 9 4.17 12.09 20.97
CA ASP C 9 4.13 13.19 20.02
C ASP C 9 4.74 12.78 18.68
N ARG C 10 4.28 13.41 17.61
CA ARG C 10 4.78 13.12 16.27
C ARG C 10 4.59 11.63 15.93
N PRO C 11 3.33 11.25 15.66
CA PRO C 11 2.98 9.87 15.32
C PRO C 11 3.51 9.47 13.94
N ALA C 12 3.29 8.21 13.58
CA ALA C 12 3.74 7.69 12.30
C ALA C 12 2.69 7.92 11.21
N ARG C 13 3.13 7.95 9.96
CA ARG C 13 2.23 8.16 8.84
C ARG C 13 2.75 7.47 7.59
N PRO C 14 1.83 6.97 6.76
CA PRO C 14 2.18 6.28 5.50
C PRO C 14 2.75 7.22 4.45
N THR C 15 3.52 6.68 3.53
CA THR C 15 4.12 7.47 2.46
C THR C 15 3.81 6.89 1.09
N LEU C 16 3.80 7.75 0.08
CA LEU C 16 3.51 7.33 -1.28
C LEU C 16 4.44 6.20 -1.71
N LEU C 17 5.73 6.36 -1.41
CA LEU C 17 6.72 5.35 -1.76
C LEU C 17 6.38 4.01 -1.15
N GLU C 18 6.28 3.98 0.17
CA GLU C 18 5.95 2.74 0.89
C GLU C 18 4.58 2.22 0.47
N GLN C 19 3.74 3.11 -0.04
CA GLN C 19 2.40 2.73 -0.49
C GLN C 19 2.47 1.77 -1.66
N VAL C 20 2.99 2.26 -2.78
CA VAL C 20 3.12 1.44 -3.99
C VAL C 20 3.92 0.17 -3.71
N LEU C 21 4.97 0.31 -2.91
CA LEU C 21 5.83 -0.83 -2.56
C LEU C 21 5.06 -1.85 -1.73
N ASN C 22 4.67 -1.45 -0.52
CA ASN C 22 3.93 -2.33 0.37
C ASN C 22 2.71 -2.92 -0.34
N GLN C 23 2.16 -2.17 -1.29
CA GLN C 23 0.99 -2.63 -2.04
C GLN C 23 1.32 -3.89 -2.83
N LYS C 24 2.29 -3.79 -3.72
CA LYS C 24 2.71 -4.92 -4.54
C LYS C 24 3.03 -6.13 -3.68
N ARG C 25 3.65 -5.89 -2.53
CA ARG C 25 4.02 -6.96 -1.61
C ARG C 25 2.79 -7.78 -1.22
N LEU C 26 1.79 -7.11 -0.67
CA LEU C 26 0.56 -7.77 -0.24
C LEU C 26 -0.20 -8.32 -1.44
N SER C 27 0.07 -7.76 -2.62
CA SER C 27 -0.59 -8.20 -3.85
C SER C 27 -0.26 -9.66 -4.15
N LEU C 28 1.01 -9.94 -4.38
CA LEU C 28 1.46 -11.29 -4.69
C LEU C 28 1.04 -11.71 -6.08
N LEU C 29 -0.27 -11.86 -6.28
CA LEU C 29 -0.80 -12.24 -7.58
C LEU C 29 -1.06 -11.03 -8.45
N ARG C 30 -0.62 -9.86 -7.98
CA ARG C 30 -0.79 -8.62 -8.73
C ARG C 30 -2.27 -8.29 -8.88
N SER C 31 -3.03 -8.46 -7.80
CA SER C 31 -4.45 -8.18 -7.82
C SER C 31 -4.74 -6.74 -7.38
N PRO C 32 -5.18 -5.91 -8.34
CA PRO C 32 -5.49 -4.50 -8.08
C PRO C 32 -6.74 -4.34 -7.21
N GLU C 33 -7.73 -5.20 -7.44
CA GLU C 33 -8.98 -5.15 -6.69
C GLU C 33 -8.73 -5.45 -5.21
N VAL C 34 -8.02 -6.54 -4.94
CA VAL C 34 -7.71 -6.94 -3.57
C VAL C 34 -6.84 -5.90 -2.88
N VAL C 35 -5.66 -5.65 -3.44
CA VAL C 35 -4.73 -4.68 -2.87
C VAL C 35 -5.42 -3.35 -2.64
N GLN C 36 -6.42 -3.04 -3.47
CA GLN C 36 -7.15 -1.78 -3.35
C GLN C 36 -7.95 -1.74 -2.05
N PHE C 37 -8.95 -2.62 -1.96
CA PHE C 37 -9.78 -2.68 -0.77
C PHE C 37 -8.95 -3.01 0.47
N LEU C 38 -7.84 -3.69 0.26
CA LEU C 38 -6.94 -4.07 1.36
C LEU C 38 -6.15 -2.86 1.86
N GLN C 39 -5.26 -2.36 1.00
CA GLN C 39 -4.44 -1.22 1.35
C GLN C 39 -5.30 -0.05 1.84
N LYS C 40 -6.53 0.01 1.35
CA LYS C 40 -7.46 1.07 1.73
C LYS C 40 -7.91 0.89 3.18
N GLN C 41 -8.59 -0.22 3.45
CA GLN C 41 -9.09 -0.50 4.79
C GLN C 41 -7.94 -0.54 5.79
N GLN C 42 -6.87 -1.25 5.43
CA GLN C 42 -5.71 -1.36 6.30
C GLN C 42 -5.19 0.01 6.72
N GLN C 43 -5.01 0.89 5.73
CA GLN C 43 -4.52 2.24 6.00
C GLN C 43 -5.40 2.94 7.01
N LEU C 44 -6.71 2.86 6.82
CA LEU C 44 -7.67 3.51 7.71
C LEU C 44 -7.45 3.04 9.15
N LEU C 45 -7.37 1.73 9.35
CA LEU C 45 -7.16 1.17 10.68
C LEU C 45 -5.82 1.60 11.25
N ASN C 46 -4.78 1.55 10.42
CA ASN C 46 -3.44 1.95 10.84
C ASN C 46 -3.45 3.34 11.45
N GLN C 47 -4.28 4.22 10.89
CA GLN C 47 -4.39 5.59 11.38
C GLN C 47 -5.18 5.64 12.68
N GLN C 48 -6.22 4.82 12.78
CA GLN C 48 -7.05 4.77 13.98
C GLN C 48 -6.21 4.52 15.22
N VAL C 49 -5.53 3.37 15.23
CA VAL C 49 -4.68 3.00 16.36
C VAL C 49 -3.40 3.83 16.39
N LEU C 50 -2.88 4.07 17.59
CA LEU C 50 -1.66 4.86 17.75
C LEU C 50 -0.73 4.20 18.76
N GLU C 51 0.49 4.72 18.85
CA GLU C 51 1.49 4.19 19.78
C GLU C 51 2.22 5.31 20.50
N GLN C 52 2.98 4.95 21.53
CA GLN C 52 3.73 5.93 22.30
C GLN C 52 5.22 5.64 22.25
N ARG C 53 6.03 6.66 22.49
CA ARG C 53 7.49 6.50 22.46
C ARG C 53 8.18 7.81 22.86
N GLN C 54 9.49 7.76 23.02
CA GLN C 54 10.26 8.93 23.40
C GLN C 54 11.56 9.00 22.60
N GLN C 55 11.91 10.21 22.18
CA GLN C 55 13.13 10.42 21.39
C GLN C 55 14.23 11.02 22.26
N GLN C 56 15.41 11.21 21.67
CA GLN C 56 16.55 11.77 22.38
C GLN C 56 16.58 13.29 22.25
N PHE C 57 16.50 13.76 21.02
CA PHE C 57 16.52 15.20 20.75
C PHE C 57 15.11 15.78 20.79
N PRO C 58 14.99 17.02 21.27
CA PRO C 58 13.71 17.72 21.36
C PRO C 58 13.15 18.10 20.00
N GLY C 59 12.56 17.13 19.32
CA GLY C 59 11.99 17.38 18.00
C GLY C 59 13.01 17.92 17.03
N THR C 60 14.29 17.67 17.31
CA THR C 60 15.37 18.14 16.45
C THR C 60 15.54 19.66 16.55
N SER C 61 14.56 20.39 16.05
CA SER C 61 14.61 21.85 16.09
C SER C 61 15.79 22.38 15.27
N MET C 62 15.81 22.03 13.98
CA MET C 62 16.88 22.47 13.10
C MET C 62 17.06 23.98 13.18
N GLY A 1 -11.31 19.19 -26.46
CA GLY A 1 -10.84 18.38 -25.35
C GLY A 1 -11.67 18.58 -24.09
N ALA A 2 -12.98 18.35 -24.20
CA ALA A 2 -13.88 18.50 -23.06
C ALA A 2 -14.44 17.16 -22.63
N GLY A 3 -15.25 17.17 -21.56
CA GLY A 3 -15.83 15.94 -21.06
C GLY A 3 -16.44 16.12 -19.69
N GLU A 4 -17.62 15.54 -19.49
CA GLU A 4 -18.30 15.63 -18.20
C GLU A 4 -19.19 14.41 -17.96
N PRO A 5 -18.55 13.28 -17.62
CA PRO A 5 -19.25 12.02 -17.36
C PRO A 5 -20.06 12.07 -16.08
N THR A 6 -20.58 10.92 -15.66
CA THR A 6 -21.38 10.82 -14.44
C THR A 6 -20.49 10.91 -13.21
N THR A 7 -21.12 10.98 -12.04
CA THR A 7 -20.40 11.07 -10.78
C THR A 7 -19.60 9.80 -10.51
N LEU A 8 -18.41 9.97 -9.93
CA LEU A 8 -17.54 8.84 -9.63
C LEU A 8 -18.30 7.77 -8.83
N LEU A 9 -18.96 8.20 -7.76
CA LEU A 9 -19.72 7.30 -6.91
C LEU A 9 -20.70 6.47 -7.74
N GLN A 10 -21.49 7.15 -8.55
CA GLN A 10 -22.47 6.49 -9.40
C GLN A 10 -21.80 5.45 -10.29
N ARG A 11 -20.83 5.89 -11.07
CA ARG A 11 -20.11 5.01 -11.98
C ARG A 11 -19.45 3.86 -11.21
N LEU A 12 -19.18 4.10 -9.93
CA LEU A 12 -18.54 3.08 -9.08
C LEU A 12 -19.56 2.04 -8.64
N ARG A 13 -20.57 2.48 -7.88
CA ARG A 13 -21.60 1.58 -7.39
C ARG A 13 -22.17 0.74 -8.53
N GLY A 14 -22.19 1.30 -9.73
CA GLY A 14 -22.71 0.59 -10.88
C GLY A 14 -21.97 -0.72 -11.13
N THR A 15 -20.65 -0.65 -11.15
CA THR A 15 -19.83 -1.83 -11.38
C THR A 15 -18.34 -1.50 -11.36
N ILE A 16 -17.86 -0.99 -10.23
CA ILE A 16 -16.47 -0.62 -10.09
C ILE A 16 -16.11 0.54 -11.01
N SER A 17 -15.11 1.32 -10.61
CA SER A 17 -14.66 2.46 -11.40
C SER A 17 -13.56 2.06 -12.36
N LYS A 18 -13.73 2.38 -13.64
CA LYS A 18 -12.75 2.06 -14.66
C LYS A 18 -11.37 2.60 -14.28
N ALA A 19 -11.34 3.86 -13.86
CA ALA A 19 -10.08 4.49 -13.47
C ALA A 19 -9.40 3.69 -12.37
N VAL A 20 -10.16 3.30 -11.35
CA VAL A 20 -9.63 2.54 -10.24
C VAL A 20 -8.95 1.26 -10.72
N GLN A 21 -9.61 0.56 -11.64
CA GLN A 21 -9.07 -0.69 -12.18
C GLN A 21 -7.78 -0.42 -12.96
N ASN A 22 -7.90 0.33 -14.05
CA ASN A 22 -6.74 0.66 -14.89
C ASN A 22 -5.62 1.23 -14.05
N LYS A 23 -5.97 1.91 -12.95
CA LYS A 23 -4.99 2.51 -12.07
C LYS A 23 -4.10 1.44 -11.44
N VAL A 24 -4.72 0.55 -10.66
CA VAL A 24 -3.98 -0.52 -9.99
C VAL A 24 -3.12 -1.30 -10.99
N GLU A 25 -3.65 -1.47 -12.20
CA GLU A 25 -2.94 -2.20 -13.25
C GLU A 25 -1.77 -1.37 -13.78
N GLY A 26 -1.97 -0.05 -13.87
CA GLY A 26 -0.94 0.82 -14.37
C GLY A 26 0.32 0.77 -13.53
N ILE A 27 0.18 1.05 -12.24
CA ILE A 27 1.32 1.04 -11.32
C ILE A 27 1.86 -0.38 -11.14
N LEU A 28 0.96 -1.35 -11.16
CA LEU A 28 1.34 -2.76 -11.01
C LEU A 28 2.44 -3.14 -12.00
N GLN A 29 2.20 -2.86 -13.27
CA GLN A 29 3.16 -3.16 -14.31
C GLN A 29 4.39 -2.25 -14.22
N ASP A 30 4.15 -1.00 -13.86
CA ASP A 30 5.23 -0.03 -13.73
C ASP A 30 6.33 -0.56 -12.83
N VAL A 31 5.94 -1.15 -11.70
CA VAL A 31 6.90 -1.71 -10.76
C VAL A 31 7.45 -3.04 -11.25
N GLN A 32 6.59 -3.84 -11.85
CA GLN A 32 6.99 -5.15 -12.37
C GLN A 32 8.06 -5.00 -13.45
N LYS A 33 8.16 -3.80 -14.02
CA LYS A 33 9.14 -3.52 -15.06
C LYS A 33 10.53 -3.95 -14.63
N PHE A 34 10.81 -3.81 -13.34
CA PHE A 34 12.12 -4.18 -12.79
C PHE A 34 11.97 -5.26 -11.73
N SER A 35 13.10 -5.68 -11.16
CA SER A 35 13.10 -6.71 -10.13
C SER A 35 12.12 -6.36 -9.01
N ASP A 36 11.71 -7.37 -8.25
CA ASP A 36 10.77 -7.18 -7.16
C ASP A 36 11.49 -7.20 -5.82
N ASN A 37 12.44 -8.13 -5.68
CA ASN A 37 13.20 -8.25 -4.44
C ASN A 37 14.27 -7.18 -4.35
N ASP A 38 15.07 -7.05 -5.40
CA ASP A 38 16.14 -6.06 -5.44
C ASP A 38 15.58 -4.66 -5.19
N LYS A 39 14.50 -4.33 -5.88
CA LYS A 39 13.88 -3.02 -5.75
C LYS A 39 13.21 -2.88 -4.38
N LEU A 40 12.61 -3.97 -3.90
CA LEU A 40 11.94 -3.96 -2.61
C LEU A 40 12.86 -3.43 -1.52
N TYR A 41 14.09 -3.93 -1.50
CA TYR A 41 15.07 -3.49 -0.50
C TYR A 41 15.55 -2.07 -0.80
N LEU A 42 15.79 -1.78 -2.07
CA LEU A 42 16.24 -0.46 -2.48
C LEU A 42 15.20 0.60 -2.17
N TYR A 43 13.95 0.17 -2.03
CA TYR A 43 12.86 1.09 -1.73
C TYR A 43 12.46 1.01 -0.26
N LEU A 44 11.77 -0.07 0.11
CA LEU A 44 11.33 -0.26 1.49
C LEU A 44 12.50 -0.10 2.46
N GLN A 45 13.70 -0.45 1.99
CA GLN A 45 14.90 -0.33 2.81
C GLN A 45 15.89 0.65 2.20
N LEU A 46 15.37 1.77 1.72
CA LEU A 46 16.21 2.79 1.11
C LEU A 46 17.37 3.18 2.04
N PRO A 47 18.52 3.50 1.45
CA PRO A 47 19.72 3.89 2.20
C PRO A 47 19.56 5.26 2.86
N SER A 48 18.86 5.29 3.99
CA SER A 48 18.65 6.54 4.71
C SER A 48 19.95 7.06 5.31
N GLY A 49 20.66 6.18 6.02
CA GLY A 49 21.91 6.57 6.63
C GLY A 49 21.74 7.03 8.06
N PRO A 50 21.29 6.12 8.93
CA PRO A 50 21.07 6.41 10.35
C PRO A 50 22.38 6.62 11.11
N THR A 51 22.27 6.87 12.40
CA THR A 51 23.45 7.10 13.24
C THR A 51 23.25 6.50 14.63
N THR A 52 22.08 6.70 15.20
CA THR A 52 21.76 6.17 16.52
C THR A 52 21.78 4.65 16.54
N GLY A 53 21.03 4.05 15.60
CA GLY A 53 20.97 2.60 15.52
C GLY A 53 22.33 1.98 15.26
N ASP A 54 23.15 2.66 14.46
CA ASP A 54 24.48 2.17 14.13
C ASP A 54 25.43 2.36 15.30
N LYS A 55 25.17 3.36 16.11
CA LYS A 55 26.00 3.65 17.28
C LYS A 55 25.75 2.64 18.39
N SER A 56 24.49 2.25 18.55
CA SER A 56 24.10 1.29 19.59
C SER A 56 24.30 -0.14 19.10
N SER A 57 23.54 -0.51 18.07
CA SER A 57 23.62 -1.85 17.50
C SER A 57 23.35 -2.90 18.56
N GLU A 58 22.23 -2.74 19.28
CA GLU A 58 21.86 -3.68 20.32
C GLU A 58 20.53 -4.37 19.99
N PRO A 59 20.60 -5.38 19.11
CA PRO A 59 19.41 -6.15 18.70
C PRO A 59 18.85 -7.00 19.81
N SER A 60 17.75 -6.54 20.41
CA SER A 60 17.12 -7.26 21.51
C SER A 60 16.11 -8.28 20.96
N THR A 61 16.46 -8.91 19.84
CA THR A 61 15.59 -9.89 19.23
C THR A 61 16.22 -11.28 19.26
N LEU A 62 16.83 -11.62 20.39
CA LEU A 62 17.47 -12.92 20.56
C LEU A 62 16.49 -13.95 21.10
N SER A 63 15.48 -13.47 21.82
CA SER A 63 14.48 -14.35 22.41
C SER A 63 13.19 -13.59 22.71
N ASN A 64 12.11 -13.97 22.03
CA ASN A 64 10.81 -13.32 22.23
C ASN A 64 10.44 -13.28 23.71
N GLU A 65 10.58 -14.42 24.38
CA GLU A 65 10.25 -14.52 25.80
C GLU A 65 11.17 -15.53 26.49
N GLU A 66 11.74 -15.12 27.62
CA GLU A 66 12.63 -15.98 28.38
C GLU A 66 11.89 -16.64 29.53
N TYR A 67 12.16 -17.94 29.74
CA TYR A 67 11.52 -18.69 30.81
C TYR A 67 12.56 -19.33 31.72
N MET A 68 12.09 -19.94 32.81
CA MET A 68 12.98 -20.58 33.77
C MET A 68 12.31 -21.81 34.37
N GLY B 1 23.01 15.43 -21.07
CA GLY B 1 22.08 15.52 -19.96
C GLY B 1 22.77 15.41 -18.62
N ALA B 2 22.17 14.66 -17.70
CA ALA B 2 22.74 14.49 -16.37
C ALA B 2 23.65 13.27 -16.31
N GLY B 3 23.09 12.09 -16.58
CA GLY B 3 23.88 10.88 -16.56
C GLY B 3 23.42 9.87 -17.60
N GLU B 4 23.87 8.63 -17.46
CA GLU B 4 23.50 7.57 -18.40
C GLU B 4 23.02 6.33 -17.66
N PRO B 5 21.75 6.35 -17.22
CA PRO B 5 21.14 5.24 -16.50
C PRO B 5 20.92 4.02 -17.38
N THR B 6 21.53 2.90 -17.02
CA THR B 6 21.39 1.67 -17.78
C THR B 6 20.35 0.74 -17.16
N THR B 7 19.55 0.11 -18.01
CA THR B 7 18.52 -0.81 -17.53
C THR B 7 17.54 -0.09 -16.60
N LEU B 8 16.46 -0.78 -16.24
CA LEU B 8 15.47 -0.23 -15.34
C LEU B 8 15.86 -0.41 -13.89
N LEU B 9 16.52 -1.52 -13.60
CA LEU B 9 16.96 -1.82 -12.23
C LEU B 9 17.93 -0.74 -11.74
N GLN B 10 18.83 -0.31 -12.62
CA GLN B 10 19.80 0.72 -12.26
C GLN B 10 19.20 2.12 -12.40
N ARG B 11 18.47 2.33 -13.50
CA ARG B 11 17.84 3.62 -13.74
C ARG B 11 17.03 4.07 -12.55
N LEU B 12 16.44 3.11 -11.83
CA LEU B 12 15.64 3.42 -10.66
C LEU B 12 16.47 3.33 -9.38
N ARG B 13 17.42 2.40 -9.37
CA ARG B 13 18.30 2.22 -8.21
C ARG B 13 18.93 3.54 -7.79
N GLY B 14 19.22 4.38 -8.78
CA GLY B 14 19.84 5.67 -8.49
C GLY B 14 19.00 6.51 -7.56
N THR B 15 17.69 6.49 -7.76
CA THR B 15 16.77 7.27 -6.93
C THR B 15 15.32 7.09 -7.39
N ILE B 16 14.39 7.24 -6.46
CA ILE B 16 12.97 7.10 -6.77
C ILE B 16 12.54 8.09 -7.84
N SER B 17 11.72 7.63 -8.78
CA SER B 17 11.23 8.48 -9.86
C SER B 17 10.07 9.35 -9.39
N LYS B 18 10.12 10.62 -9.74
CA LYS B 18 9.07 11.56 -9.36
C LYS B 18 7.70 11.08 -9.83
N ALA B 19 7.62 10.73 -11.12
CA ALA B 19 6.37 10.25 -11.70
C ALA B 19 5.80 9.09 -10.88
N VAL B 20 6.67 8.17 -10.48
CA VAL B 20 6.24 7.01 -9.70
C VAL B 20 5.55 7.45 -8.40
N GLN B 21 6.22 8.31 -7.64
CA GLN B 21 5.68 8.80 -6.39
C GLN B 21 4.34 9.50 -6.62
N ASN B 22 4.33 10.45 -7.54
CA ASN B 22 3.11 11.19 -7.86
C ASN B 22 1.95 10.25 -8.14
N LYS B 23 2.19 9.28 -9.02
CA LYS B 23 1.16 8.30 -9.38
C LYS B 23 0.55 7.67 -8.13
N VAL B 24 1.41 7.21 -7.22
CA VAL B 24 0.95 6.59 -5.99
C VAL B 24 -0.04 7.49 -5.25
N GLU B 25 0.34 8.74 -5.05
CA GLU B 25 -0.52 9.69 -4.36
C GLU B 25 -1.90 9.73 -4.98
N GLY B 26 -1.94 9.77 -6.31
CA GLY B 26 -3.21 9.81 -7.01
C GLY B 26 -4.11 8.65 -6.66
N ILE B 27 -3.59 7.43 -6.78
CA ILE B 27 -4.36 6.23 -6.46
C ILE B 27 -4.98 6.33 -5.07
N LEU B 28 -4.16 6.71 -4.09
CA LEU B 28 -4.62 6.84 -2.72
C LEU B 28 -5.86 7.72 -2.64
N GLN B 29 -5.79 8.89 -3.25
CA GLN B 29 -6.91 9.83 -3.27
C GLN B 29 -8.05 9.30 -4.13
N ASP B 30 -7.72 8.45 -5.08
CA ASP B 30 -8.71 7.87 -5.98
C ASP B 30 -9.69 6.99 -5.21
N VAL B 31 -9.15 6.19 -4.28
CA VAL B 31 -9.98 5.30 -3.47
C VAL B 31 -10.72 6.07 -2.39
N GLN B 32 -9.97 6.83 -1.59
CA GLN B 32 -10.56 7.61 -0.50
C GLN B 32 -11.54 8.64 -1.06
N LYS B 33 -11.42 8.95 -2.35
CA LYS B 33 -12.29 9.91 -2.99
C LYS B 33 -13.76 9.58 -2.72
N PHE B 34 -14.06 8.29 -2.62
CA PHE B 34 -15.43 7.84 -2.35
C PHE B 34 -15.51 7.06 -1.06
N SER B 35 -16.73 6.88 -0.55
CA SER B 35 -16.93 6.14 0.69
C SER B 35 -16.30 4.75 0.62
N ASP B 36 -15.84 4.26 1.76
CA ASP B 36 -15.21 2.94 1.83
C ASP B 36 -16.24 1.87 2.17
N ASN B 37 -17.13 2.18 3.11
CA ASN B 37 -18.16 1.23 3.53
C ASN B 37 -19.04 0.83 2.35
N ASP B 38 -19.60 1.83 1.68
CA ASP B 38 -20.47 1.60 0.52
C ASP B 38 -19.78 0.68 -0.49
N LYS B 39 -18.56 1.03 -0.86
CA LYS B 39 -17.80 0.24 -1.83
C LYS B 39 -17.45 -1.12 -1.25
N LEU B 40 -17.37 -1.21 0.07
CA LEU B 40 -17.05 -2.45 0.74
C LEU B 40 -18.11 -3.52 0.45
N TYR B 41 -19.35 -3.22 0.77
CA TYR B 41 -20.46 -4.15 0.55
C TYR B 41 -20.65 -4.40 -0.95
N LEU B 42 -20.48 -3.35 -1.75
CA LEU B 42 -20.63 -3.47 -3.19
C LEU B 42 -19.58 -4.41 -3.78
N TYR B 43 -18.32 -4.14 -3.49
CA TYR B 43 -17.23 -4.96 -3.98
C TYR B 43 -17.48 -6.44 -3.69
N LEU B 44 -17.77 -6.74 -2.43
CA LEU B 44 -18.03 -8.11 -1.99
C LEU B 44 -19.14 -8.74 -2.83
N GLN B 45 -20.18 -7.95 -3.11
CA GLN B 45 -21.31 -8.43 -3.89
C GLN B 45 -20.83 -9.01 -5.21
N LEU B 46 -19.74 -8.48 -5.74
CA LEU B 46 -19.18 -8.95 -7.00
C LEU B 46 -18.99 -10.46 -6.99
N PRO B 47 -19.04 -11.08 -8.18
CA PRO B 47 -18.88 -12.53 -8.31
C PRO B 47 -17.45 -12.98 -8.05
N SER B 48 -17.27 -13.74 -6.97
CA SER B 48 -15.94 -14.23 -6.60
C SER B 48 -16.04 -15.61 -5.94
N GLY B 49 -14.89 -16.22 -5.68
CA GLY B 49 -14.86 -17.52 -5.05
C GLY B 49 -14.29 -17.49 -3.66
N PRO B 50 -14.65 -18.49 -2.84
CA PRO B 50 -14.17 -18.59 -1.45
C PRO B 50 -12.68 -18.92 -1.37
N THR B 51 -12.21 -19.22 -0.17
CA THR B 51 -10.81 -19.55 0.04
C THR B 51 -10.65 -20.63 1.11
N THR B 52 -10.97 -21.87 0.73
CA THR B 52 -10.88 -22.99 1.64
C THR B 52 -9.47 -23.11 2.23
N GLY B 53 -8.47 -22.72 1.43
CA GLY B 53 -7.09 -22.78 1.88
C GLY B 53 -6.88 -22.10 3.21
N ASP B 54 -6.97 -20.77 3.21
CA ASP B 54 -6.79 -19.99 4.43
C ASP B 54 -7.83 -20.37 5.48
N LYS B 55 -8.99 -20.82 5.01
CA LYS B 55 -10.07 -21.21 5.91
C LYS B 55 -9.58 -22.21 6.95
N SER B 56 -8.98 -23.31 6.49
CA SER B 56 -8.46 -24.33 7.38
C SER B 56 -7.71 -25.41 6.61
N SER B 57 -6.63 -25.01 5.94
CA SER B 57 -5.83 -25.92 5.15
C SER B 57 -4.36 -25.51 5.15
N GLU B 58 -3.67 -25.78 6.25
CA GLU B 58 -2.26 -25.44 6.38
C GLU B 58 -1.43 -26.65 6.76
N PRO B 59 -0.18 -26.70 6.27
CA PRO B 59 0.74 -27.80 6.54
C PRO B 59 1.21 -27.81 8.00
N SER B 60 2.19 -28.66 8.29
CA SER B 60 2.73 -28.76 9.64
C SER B 60 4.24 -28.59 9.64
N THR B 61 4.96 -29.61 9.17
CA THR B 61 6.41 -29.57 9.13
C THR B 61 7.01 -29.48 10.52
N LEU B 62 6.49 -30.29 11.44
CA LEU B 62 6.97 -30.30 12.81
C LEU B 62 8.46 -30.63 12.86
N SER B 63 8.81 -31.87 12.53
CA SER B 63 10.19 -32.31 12.54
C SER B 63 11.05 -31.43 11.62
N ASN B 64 12.33 -31.31 11.96
CA ASN B 64 13.25 -30.49 11.18
C ASN B 64 14.70 -30.88 11.47
N GLU B 65 14.90 -32.12 11.88
CA GLU B 65 16.23 -32.62 12.19
C GLU B 65 16.91 -31.74 13.24
N GLU B 66 16.76 -32.12 14.51
CA GLU B 66 17.36 -31.36 15.60
C GLU B 66 18.74 -31.91 15.95
N TYR B 67 19.76 -31.08 15.77
CA TYR B 67 21.13 -31.49 16.08
C TYR B 67 22.10 -30.32 15.87
N MET B 68 22.93 -30.07 16.88
CA MET B 68 23.90 -28.99 16.82
C MET B 68 23.21 -27.65 16.62
N GLY C 1 -7.63 15.90 11.39
CA GLY C 1 -6.40 16.42 10.83
C GLY C 1 -5.27 15.41 10.87
N HIS C 2 -4.06 15.85 10.55
CA HIS C 2 -2.90 14.97 10.56
C HIS C 2 -2.06 15.18 11.82
N GLY C 3 -1.12 14.26 12.05
CA GLY C 3 -0.27 14.37 13.23
C GLY C 3 1.04 13.63 13.05
N THR C 4 1.97 14.24 12.32
CA THR C 4 3.27 13.63 12.08
C THR C 4 4.27 14.02 13.17
N GLY C 5 5.48 13.48 13.06
CA GLY C 5 6.52 13.79 14.05
C GLY C 5 6.53 12.80 15.19
N SER C 6 7.45 11.83 15.13
CA SER C 6 7.56 10.82 16.17
C SER C 6 9.02 10.61 16.56
N PHE C 7 9.23 10.12 17.78
CA PHE C 7 10.59 9.87 18.28
C PHE C 7 10.55 9.08 19.59
N GLY C 8 9.69 8.06 19.63
CA GLY C 8 9.57 7.24 20.81
C GLY C 8 8.67 6.04 20.60
N ASP C 9 7.39 6.20 20.92
CA ASP C 9 6.42 5.12 20.77
C ASP C 9 5.31 5.53 19.81
N ARG C 10 5.48 5.21 18.54
CA ARG C 10 4.50 5.54 17.51
C ARG C 10 4.68 4.67 16.28
N PRO C 11 4.24 3.40 16.37
CA PRO C 11 4.34 2.44 15.27
C PRO C 11 3.40 2.78 14.12
N ALA C 12 3.80 3.75 13.30
CA ALA C 12 3.00 4.16 12.16
C ALA C 12 3.73 5.20 11.31
N ARG C 13 3.67 5.04 10.00
CA ARG C 13 4.32 5.97 9.08
C ARG C 13 3.79 5.80 7.66
N PRO C 14 2.63 6.40 7.39
CA PRO C 14 1.99 6.33 6.07
C PRO C 14 2.76 7.11 5.01
N THR C 15 3.25 6.41 4.00
CA THR C 15 4.01 7.04 2.93
C THR C 15 3.62 6.46 1.57
N LEU C 16 3.51 7.32 0.57
CA LEU C 16 3.15 6.90 -0.78
C LEU C 16 4.04 5.75 -1.25
N LEU C 17 5.35 5.91 -1.05
CA LEU C 17 6.31 4.88 -1.44
C LEU C 17 5.95 3.53 -0.84
N GLU C 18 5.80 3.50 0.48
CA GLU C 18 5.45 2.28 1.17
C GLU C 18 4.10 1.74 0.71
N GLN C 19 3.29 2.62 0.13
CA GLN C 19 1.97 2.24 -0.36
C GLN C 19 2.09 1.35 -1.58
N VAL C 20 2.61 1.91 -2.67
CA VAL C 20 2.77 1.15 -3.91
C VAL C 20 3.55 -0.13 -3.67
N LEU C 21 4.59 -0.05 -2.86
CA LEU C 21 5.42 -1.21 -2.54
C LEU C 21 4.62 -2.26 -1.79
N ASN C 22 4.20 -1.91 -0.58
CA ASN C 22 3.42 -2.83 0.24
C ASN C 22 2.23 -3.40 -0.54
N GLN C 23 1.66 -2.58 -1.41
CA GLN C 23 0.52 -2.99 -2.22
C GLN C 23 0.87 -4.21 -3.06
N LYS C 24 1.89 -4.07 -3.90
CA LYS C 24 2.33 -5.16 -4.76
C LYS C 24 2.59 -6.43 -3.96
N ARG C 25 3.24 -6.27 -2.81
CA ARG C 25 3.55 -7.40 -1.94
C ARG C 25 2.30 -8.22 -1.65
N LEU C 26 1.25 -7.54 -1.18
CA LEU C 26 -0.01 -8.20 -0.87
C LEU C 26 -0.76 -8.60 -2.14
N SER C 27 -0.46 -7.91 -3.23
CA SER C 27 -1.11 -8.19 -4.51
C SER C 27 -0.86 -9.64 -4.94
N LEU C 28 0.40 -10.06 -4.88
CA LEU C 28 0.76 -11.42 -5.26
C LEU C 28 0.59 -11.64 -6.76
N LEU C 29 -0.66 -11.76 -7.20
CA LEU C 29 -0.94 -11.96 -8.62
C LEU C 29 -1.37 -10.66 -9.28
N ARG C 30 -2.61 -10.24 -9.02
CA ARG C 30 -3.14 -9.00 -9.59
C ARG C 30 -4.58 -8.77 -9.14
N SER C 31 -4.75 -8.32 -7.90
CA SER C 31 -6.07 -8.06 -7.36
C SER C 31 -6.19 -6.62 -6.87
N PRO C 32 -6.83 -5.77 -7.67
CA PRO C 32 -7.02 -4.34 -7.35
C PRO C 32 -8.01 -4.15 -6.20
N GLU C 33 -8.96 -5.07 -6.09
CA GLU C 33 -9.97 -4.99 -5.04
C GLU C 33 -9.34 -5.23 -3.67
N VAL C 34 -8.41 -6.16 -3.60
CA VAL C 34 -7.72 -6.48 -2.35
C VAL C 34 -6.60 -5.48 -2.07
N VAL C 35 -5.69 -5.35 -3.04
CA VAL C 35 -4.56 -4.43 -2.90
C VAL C 35 -5.02 -3.05 -2.47
N GLN C 36 -6.19 -2.64 -2.98
CA GLN C 36 -6.75 -1.33 -2.65
C GLN C 36 -7.39 -1.34 -1.27
N PHE C 37 -8.33 -2.26 -1.07
CA PHE C 37 -9.03 -2.38 0.20
C PHE C 37 -8.03 -2.48 1.35
N LEU C 38 -6.95 -3.20 1.14
CA LEU C 38 -5.92 -3.38 2.16
C LEU C 38 -5.14 -2.08 2.38
N GLN C 39 -4.56 -1.55 1.31
CA GLN C 39 -3.81 -0.31 1.39
C GLN C 39 -4.64 0.81 1.97
N LYS C 40 -5.96 0.71 1.81
CA LYS C 40 -6.88 1.71 2.32
C LYS C 40 -7.00 1.63 3.84
N GLN C 41 -7.55 0.52 4.32
CA GLN C 41 -7.71 0.31 5.75
C GLN C 41 -6.38 0.39 6.47
N GLN C 42 -5.32 -0.06 5.81
CA GLN C 42 -3.98 -0.04 6.39
C GLN C 42 -3.53 1.39 6.65
N GLN C 43 -3.57 2.22 5.61
CA GLN C 43 -3.16 3.62 5.73
C GLN C 43 -3.89 4.30 6.88
N LEU C 44 -5.20 4.09 6.95
CA LEU C 44 -6.02 4.69 8.00
C LEU C 44 -5.59 4.20 9.37
N LEU C 45 -5.43 2.89 9.51
CA LEU C 45 -5.02 2.29 10.77
C LEU C 45 -3.73 2.93 11.28
N ASN C 46 -2.77 3.11 10.37
CA ASN C 46 -1.49 3.72 10.73
C ASN C 46 -1.69 5.13 11.29
N GLN C 47 -2.49 5.92 10.59
CA GLN C 47 -2.77 7.30 11.00
C GLN C 47 -3.29 7.33 12.44
N GLN C 48 -4.12 6.36 12.78
CA GLN C 48 -4.70 6.28 14.12
C GLN C 48 -3.68 5.74 15.12
N VAL C 49 -2.73 4.96 14.62
CA VAL C 49 -1.69 4.39 15.47
C VAL C 49 -2.28 3.41 16.46
N LEU C 50 -1.47 2.42 16.88
CA LEU C 50 -1.92 1.42 17.83
C LEU C 50 -0.76 0.94 18.70
N GLU C 51 -1.00 -0.10 19.49
CA GLU C 51 0.02 -0.65 20.36
C GLU C 51 0.98 -1.56 19.59
N GLN C 52 2.27 -1.33 19.77
CA GLN C 52 3.28 -2.13 19.08
C GLN C 52 4.68 -1.68 19.48
N ARG C 53 5.69 -2.46 19.06
CA ARG C 53 7.07 -2.14 19.38
C ARG C 53 8.00 -2.54 18.23
N GLN C 54 7.92 -1.80 17.13
CA GLN C 54 8.74 -2.08 15.96
C GLN C 54 8.48 -1.06 14.85
N GLN C 55 9.53 -0.37 14.43
CA GLN C 55 9.41 0.63 13.39
C GLN C 55 10.20 0.22 12.15
N GLN C 56 11.51 0.10 12.31
CA GLN C 56 12.38 -0.29 11.20
C GLN C 56 13.79 -0.58 11.70
N PHE C 57 14.71 -0.81 10.76
CA PHE C 57 16.09 -1.10 11.10
C PHE C 57 17.03 -0.75 9.95
N PRO C 58 17.12 0.56 9.63
CA PRO C 58 17.97 1.04 8.54
C PRO C 58 19.46 0.92 8.87
N GLY C 59 20.29 1.03 7.84
CA GLY C 59 21.72 0.93 8.04
C GLY C 59 22.51 1.30 6.79
N THR C 60 23.68 1.88 6.98
CA THR C 60 24.53 2.29 5.87
C THR C 60 23.80 3.27 4.96
N SER C 61 24.52 3.79 3.96
CA SER C 61 23.95 4.74 3.02
C SER C 61 24.71 4.72 1.70
N MET C 62 26.00 5.02 1.75
CA MET C 62 26.84 5.04 0.56
C MET C 62 27.91 3.95 0.63
N GLY A 1 -13.49 14.11 -25.14
CA GLY A 1 -14.24 14.66 -24.04
C GLY A 1 -15.52 13.88 -23.76
N ALA A 2 -16.66 14.56 -23.88
CA ALA A 2 -17.95 13.91 -23.65
C ALA A 2 -18.08 13.45 -22.20
N GLY A 3 -18.89 14.17 -21.43
CA GLY A 3 -19.09 13.81 -20.04
C GLY A 3 -20.55 13.85 -19.62
N GLU A 4 -20.82 13.42 -18.40
CA GLU A 4 -22.19 13.40 -17.89
C GLU A 4 -22.22 13.71 -16.39
N PRO A 5 -23.27 14.43 -15.96
CA PRO A 5 -23.44 14.81 -14.56
C PRO A 5 -23.76 13.62 -13.67
N THR A 6 -22.91 13.36 -12.68
CA THR A 6 -23.11 12.25 -11.76
C THR A 6 -22.00 12.19 -10.73
N THR A 7 -22.36 11.80 -9.51
CA THR A 7 -21.39 11.70 -8.41
C THR A 7 -20.39 10.58 -8.67
N LEU A 8 -19.21 10.71 -8.10
CA LEU A 8 -18.16 9.70 -8.26
C LEU A 8 -18.54 8.41 -7.55
N LEU A 9 -19.13 8.54 -6.37
CA LEU A 9 -19.55 7.38 -5.59
C LEU A 9 -20.52 6.51 -6.38
N GLN A 10 -21.53 7.14 -6.98
CA GLN A 10 -22.53 6.43 -7.76
C GLN A 10 -21.96 6.02 -9.12
N ARG A 11 -21.27 6.95 -9.77
CA ARG A 11 -20.68 6.68 -11.08
C ARG A 11 -19.84 5.42 -11.04
N LEU A 12 -19.26 5.13 -9.89
CA LEU A 12 -18.41 3.94 -9.72
C LEU A 12 -19.21 2.81 -9.10
N ARG A 13 -20.05 3.14 -8.13
CA ARG A 13 -20.87 2.13 -7.45
C ARG A 13 -21.60 1.26 -8.46
N GLY A 14 -21.89 1.83 -9.63
CA GLY A 14 -22.58 1.09 -10.66
C GLY A 14 -21.95 -0.26 -10.95
N THR A 15 -20.63 -0.25 -11.19
CA THR A 15 -19.90 -1.47 -11.48
C THR A 15 -18.42 -1.19 -11.70
N ILE A 16 -17.83 -0.40 -10.80
CA ILE A 16 -16.42 -0.05 -10.90
C ILE A 16 -16.15 0.79 -12.15
N SER A 17 -15.11 1.62 -12.07
CA SER A 17 -14.75 2.48 -13.19
C SER A 17 -13.62 1.87 -14.00
N LYS A 18 -13.85 1.70 -15.30
CA LYS A 18 -12.85 1.13 -16.18
C LYS A 18 -11.50 1.84 -16.04
N ALA A 19 -11.56 3.15 -15.82
CA ALA A 19 -10.35 3.96 -15.66
C ALA A 19 -9.61 3.58 -14.39
N VAL A 20 -10.36 3.35 -13.30
CA VAL A 20 -9.77 2.98 -12.03
C VAL A 20 -8.98 1.67 -12.15
N GLN A 21 -9.60 0.67 -12.77
CA GLN A 21 -8.96 -0.63 -12.95
C GLN A 21 -7.66 -0.49 -13.74
N ASN A 22 -7.76 0.06 -14.94
CA ASN A 22 -6.60 0.25 -15.79
C ASN A 22 -5.59 1.17 -15.13
N LYS A 23 -6.06 2.03 -14.23
CA LYS A 23 -5.20 2.96 -13.52
C LYS A 23 -4.26 2.23 -12.57
N VAL A 24 -4.83 1.63 -11.53
CA VAL A 24 -4.05 0.90 -10.54
C VAL A 24 -3.20 -0.18 -11.21
N GLU A 25 -3.85 -1.04 -11.99
CA GLU A 25 -3.15 -2.11 -12.68
C GLU A 25 -2.04 -1.55 -13.57
N GLY A 26 -2.31 -0.41 -14.19
CA GLY A 26 -1.33 0.21 -15.06
C GLY A 26 -0.02 0.48 -14.35
N ILE A 27 -0.09 1.19 -13.24
CA ILE A 27 1.11 1.52 -12.46
C ILE A 27 1.85 0.26 -12.04
N LEU A 28 1.11 -0.72 -11.54
CA LEU A 28 1.70 -1.97 -11.10
C LEU A 28 2.52 -2.61 -12.21
N GLN A 29 2.05 -2.46 -13.45
CA GLN A 29 2.75 -3.02 -14.60
C GLN A 29 4.07 -2.30 -14.85
N ASP A 30 4.03 -0.97 -14.85
CA ASP A 30 5.23 -0.17 -15.07
C ASP A 30 6.34 -0.59 -14.12
N VAL A 31 5.97 -0.82 -12.86
CA VAL A 31 6.95 -1.22 -11.85
C VAL A 31 7.29 -2.70 -11.98
N GLN A 32 6.28 -3.51 -12.27
CA GLN A 32 6.48 -4.95 -12.42
C GLN A 32 7.43 -5.25 -13.57
N LYS A 33 7.62 -4.27 -14.45
CA LYS A 33 8.50 -4.44 -15.60
C LYS A 33 9.87 -4.94 -15.16
N PHE A 34 10.27 -4.58 -13.95
CA PHE A 34 11.56 -5.00 -13.42
C PHE A 34 11.38 -5.86 -12.17
N SER A 35 12.45 -6.52 -11.75
CA SER A 35 12.42 -7.39 -10.59
C SER A 35 11.82 -6.66 -9.39
N ASP A 36 10.57 -6.98 -9.07
CA ASP A 36 9.88 -6.36 -7.95
C ASP A 36 10.56 -6.71 -6.63
N ASN A 37 11.17 -7.88 -6.57
CA ASN A 37 11.86 -8.34 -5.37
C ASN A 37 13.16 -7.57 -5.17
N ASP A 38 14.00 -7.55 -6.20
CA ASP A 38 15.28 -6.85 -6.13
C ASP A 38 15.07 -5.37 -5.82
N LYS A 39 14.12 -4.75 -6.50
CA LYS A 39 13.81 -3.34 -6.30
C LYS A 39 13.17 -3.12 -4.93
N LEU A 40 12.46 -4.13 -4.44
CA LEU A 40 11.80 -4.05 -3.15
C LEU A 40 12.81 -3.83 -2.03
N TYR A 41 13.80 -4.71 -1.96
CA TYR A 41 14.84 -4.61 -0.93
C TYR A 41 15.68 -3.35 -1.12
N LEU A 42 15.98 -3.03 -2.38
CA LEU A 42 16.78 -1.85 -2.70
C LEU A 42 16.03 -0.58 -2.30
N TYR A 43 14.73 -0.57 -2.50
CA TYR A 43 13.90 0.58 -2.16
C TYR A 43 13.81 0.77 -0.65
N LEU A 44 13.29 -0.25 0.03
CA LEU A 44 13.16 -0.21 1.48
C LEU A 44 14.50 0.07 2.15
N GLN A 45 15.59 -0.27 1.47
CA GLN A 45 16.93 -0.05 1.99
C GLN A 45 17.57 1.17 1.35
N LEU A 46 16.75 2.09 0.89
CA LEU A 46 17.24 3.31 0.26
C LEU A 46 17.91 4.23 1.28
N PRO A 47 18.98 4.90 0.85
CA PRO A 47 19.73 5.82 1.71
C PRO A 47 18.95 7.08 2.04
N SER A 48 17.93 7.37 1.23
CA SER A 48 17.10 8.56 1.44
C SER A 48 16.54 8.58 2.86
N GLY A 49 15.72 7.58 3.18
CA GLY A 49 15.12 7.50 4.50
C GLY A 49 14.56 6.12 4.80
N PRO A 50 14.60 5.73 6.08
CA PRO A 50 14.10 4.43 6.53
C PRO A 50 12.58 4.33 6.45
N THR A 51 12.03 3.21 6.91
CA THR A 51 10.59 3.00 6.89
C THR A 51 10.23 1.66 7.51
N THR A 52 10.58 0.57 6.83
CA THR A 52 10.29 -0.77 7.31
C THR A 52 8.79 -0.98 7.47
N GLY A 53 8.01 -0.40 6.56
CA GLY A 53 6.57 -0.54 6.62
C GLY A 53 6.00 -0.09 7.95
N ASP A 54 5.98 1.22 8.17
CA ASP A 54 5.46 1.78 9.42
C ASP A 54 6.16 1.16 10.63
N LYS A 55 7.42 0.80 10.45
CA LYS A 55 8.20 0.20 11.53
C LYS A 55 7.50 -1.04 12.08
N SER A 56 7.10 -1.93 11.19
CA SER A 56 6.42 -3.16 11.59
C SER A 56 6.13 -4.04 10.37
N SER A 57 5.22 -3.58 9.52
CA SER A 57 4.85 -4.33 8.32
C SER A 57 4.26 -5.68 8.69
N GLU A 58 3.04 -5.66 9.22
CA GLU A 58 2.36 -6.89 9.62
C GLU A 58 0.91 -6.87 9.17
N PRO A 59 0.70 -6.98 7.84
CA PRO A 59 -0.64 -6.98 7.25
C PRO A 59 -1.41 -8.26 7.57
N SER A 60 -2.33 -8.15 8.52
CA SER A 60 -3.14 -9.30 8.93
C SER A 60 -4.14 -8.91 10.01
N THR A 61 -5.26 -8.33 9.59
CA THR A 61 -6.29 -7.90 10.53
C THR A 61 -7.68 -8.00 9.89
N LEU A 62 -7.92 -9.09 9.18
CA LEU A 62 -9.21 -9.31 8.52
C LEU A 62 -10.27 -9.71 9.53
N SER A 63 -10.17 -10.94 10.03
CA SER A 63 -11.13 -11.45 11.00
C SER A 63 -12.53 -11.52 10.41
N ASN A 64 -12.95 -12.72 10.01
CA ASN A 64 -14.27 -12.92 9.43
C ASN A 64 -14.68 -14.38 9.49
N GLU A 65 -15.60 -14.70 10.39
CA GLU A 65 -16.08 -16.06 10.54
C GLU A 65 -17.60 -16.13 10.43
N GLU A 66 -18.14 -15.47 9.40
CA GLU A 66 -19.58 -15.45 9.18
C GLU A 66 -20.32 -15.00 10.45
N TYR A 67 -20.51 -13.70 10.58
CA TYR A 67 -21.19 -13.14 11.73
C TYR A 67 -22.70 -13.08 11.50
N MET A 68 -23.08 -12.51 10.35
CA MET A 68 -24.50 -12.40 10.01
C MET A 68 -24.67 -12.19 8.51
N GLY B 1 8.80 6.27 -19.48
CA GLY B 1 10.13 6.66 -19.90
C GLY B 1 10.19 8.13 -20.30
N ALA B 2 11.40 8.64 -20.47
CA ALA B 2 11.59 10.04 -20.86
C ALA B 2 12.77 10.19 -21.81
N GLY B 3 13.10 9.11 -22.52
CA GLY B 3 14.20 9.14 -23.45
C GLY B 3 15.50 9.58 -22.80
N GLU B 4 16.27 8.62 -22.30
CA GLU B 4 17.54 8.93 -21.64
C GLU B 4 18.50 7.75 -21.75
N PRO B 5 19.80 8.07 -21.88
CA PRO B 5 20.85 7.05 -22.00
C PRO B 5 21.06 6.28 -20.70
N THR B 6 20.18 5.32 -20.44
CA THR B 6 20.26 4.51 -19.24
C THR B 6 19.13 3.49 -19.17
N THR B 7 19.42 2.31 -18.63
CA THR B 7 18.43 1.26 -18.51
C THR B 7 17.42 1.57 -17.40
N LEU B 8 16.28 0.91 -17.43
CA LEU B 8 15.24 1.11 -16.42
C LEU B 8 15.70 0.59 -15.06
N LEU B 9 16.17 -0.65 -15.03
CA LEU B 9 16.64 -1.25 -13.80
C LEU B 9 17.73 -0.40 -13.15
N GLN B 10 18.66 0.07 -13.96
CA GLN B 10 19.76 0.89 -13.47
C GLN B 10 19.26 2.27 -13.07
N ARG B 11 18.37 2.83 -13.89
CA ARG B 11 17.81 4.15 -13.62
C ARG B 11 16.95 4.14 -12.36
N LEU B 12 16.43 2.97 -12.02
CA LEU B 12 15.59 2.82 -10.84
C LEU B 12 16.43 2.46 -9.61
N ARG B 13 17.22 1.39 -9.73
CA ARG B 13 18.07 0.94 -8.64
C ARG B 13 18.93 2.09 -8.13
N GLY B 14 19.32 3.00 -9.02
CA GLY B 14 20.14 4.12 -8.63
C GLY B 14 19.33 5.26 -8.02
N THR B 15 18.04 5.30 -8.35
CA THR B 15 17.16 6.34 -7.83
C THR B 15 15.75 6.17 -8.38
N ILE B 16 14.76 6.22 -7.47
CA ILE B 16 13.36 6.08 -7.87
C ILE B 16 13.01 7.05 -9.00
N SER B 17 12.08 6.63 -9.86
CA SER B 17 11.66 7.46 -10.98
C SER B 17 10.58 8.45 -10.55
N LYS B 18 10.71 9.69 -11.00
CA LYS B 18 9.75 10.74 -10.67
C LYS B 18 8.35 10.35 -11.12
N ALA B 19 8.23 9.97 -12.38
CA ALA B 19 6.93 9.57 -12.94
C ALA B 19 6.27 8.52 -12.07
N VAL B 20 7.05 7.53 -11.62
CA VAL B 20 6.52 6.47 -10.79
C VAL B 20 5.89 7.02 -9.52
N GLN B 21 6.66 7.80 -8.77
CA GLN B 21 6.19 8.40 -7.53
C GLN B 21 4.87 9.14 -7.76
N ASN B 22 4.86 10.03 -8.75
CA ASN B 22 3.67 10.81 -9.08
C ASN B 22 2.48 9.89 -9.33
N LYS B 23 2.64 8.95 -10.25
CA LYS B 23 1.59 8.01 -10.60
C LYS B 23 1.04 7.34 -9.34
N VAL B 24 1.94 6.91 -8.46
CA VAL B 24 1.54 6.25 -7.22
C VAL B 24 0.56 7.11 -6.43
N GLU B 25 0.95 8.35 -6.17
CA GLU B 25 0.11 9.27 -5.41
C GLU B 25 -1.28 9.38 -6.04
N GLY B 26 -1.33 9.37 -7.37
CA GLY B 26 -2.59 9.47 -8.07
C GLY B 26 -3.53 8.34 -7.71
N ILE B 27 -3.07 7.10 -7.91
CA ILE B 27 -3.88 5.93 -7.61
C ILE B 27 -4.44 6.00 -6.19
N LEU B 28 -3.57 6.28 -5.23
CA LEU B 28 -3.97 6.37 -3.83
C LEU B 28 -5.16 7.32 -3.67
N GLN B 29 -5.09 8.47 -4.33
CA GLN B 29 -6.15 9.45 -4.27
C GLN B 29 -7.39 8.98 -5.03
N ASP B 30 -7.16 8.13 -6.02
CA ASP B 30 -8.25 7.60 -6.83
C ASP B 30 -9.23 6.80 -5.98
N VAL B 31 -8.69 5.85 -5.21
CA VAL B 31 -9.50 5.02 -4.34
C VAL B 31 -9.87 5.75 -3.05
N GLN B 32 -8.88 6.40 -2.45
CA GLN B 32 -9.09 7.13 -1.21
C GLN B 32 -10.10 8.27 -1.42
N LYS B 33 -10.29 8.65 -2.68
CA LYS B 33 -11.22 9.73 -3.01
C LYS B 33 -12.58 9.49 -2.37
N PHE B 34 -12.94 8.22 -2.20
CA PHE B 34 -14.21 7.86 -1.61
C PHE B 34 -14.01 6.91 -0.43
N SER B 35 -15.04 6.78 0.40
CA SER B 35 -14.98 5.90 1.56
C SER B 35 -14.53 4.50 1.16
N ASP B 36 -13.95 3.78 2.12
CA ASP B 36 -13.47 2.43 1.87
C ASP B 36 -14.56 1.41 2.14
N ASN B 37 -15.33 1.64 3.21
CA ASN B 37 -16.41 0.74 3.58
C ASN B 37 -17.40 0.56 2.42
N ASP B 38 -17.78 1.68 1.80
CA ASP B 38 -18.71 1.65 0.69
C ASP B 38 -18.25 0.66 -0.38
N LYS B 39 -16.96 0.65 -0.66
CA LYS B 39 -16.39 -0.25 -1.66
C LYS B 39 -16.41 -1.69 -1.17
N LEU B 40 -16.25 -1.87 0.14
CA LEU B 40 -16.26 -3.19 0.74
C LEU B 40 -17.57 -3.92 0.45
N TYR B 41 -18.68 -3.32 0.87
CA TYR B 41 -20.00 -3.90 0.65
C TYR B 41 -20.38 -3.86 -0.82
N LEU B 42 -19.81 -2.90 -1.54
CA LEU B 42 -20.08 -2.75 -2.97
C LEU B 42 -19.46 -3.89 -3.77
N TYR B 43 -18.14 -3.90 -3.83
CA TYR B 43 -17.42 -4.93 -4.57
C TYR B 43 -17.85 -6.32 -4.12
N LEU B 44 -17.98 -6.50 -2.80
CA LEU B 44 -18.39 -7.78 -2.24
C LEU B 44 -19.76 -8.19 -2.77
N GLN B 45 -20.68 -7.24 -2.85
CA GLN B 45 -22.03 -7.51 -3.34
C GLN B 45 -21.98 -8.11 -4.74
N LEU B 46 -20.93 -7.80 -5.48
CA LEU B 46 -20.77 -8.31 -6.84
C LEU B 46 -20.79 -9.84 -6.85
N PRO B 47 -21.23 -10.41 -7.97
CA PRO B 47 -21.31 -11.88 -8.13
C PRO B 47 -19.93 -12.52 -8.22
N SER B 48 -19.86 -13.80 -7.87
CA SER B 48 -18.60 -14.54 -7.90
C SER B 48 -17.59 -13.93 -6.93
N GLY B 49 -17.39 -14.62 -5.81
CA GLY B 49 -16.45 -14.14 -4.81
C GLY B 49 -15.72 -15.26 -4.10
N PRO B 50 -14.71 -15.84 -4.77
CA PRO B 50 -13.93 -16.94 -4.21
C PRO B 50 -13.04 -16.49 -3.05
N THR B 51 -12.15 -17.39 -2.62
CA THR B 51 -11.25 -17.08 -1.51
C THR B 51 -9.85 -17.65 -1.78
N THR B 52 -9.81 -18.89 -2.27
CA THR B 52 -8.54 -19.54 -2.56
C THR B 52 -7.72 -19.75 -1.30
N GLY B 53 -8.38 -20.20 -0.24
CA GLY B 53 -7.70 -20.43 1.02
C GLY B 53 -6.90 -19.23 1.48
N ASP B 54 -7.60 -18.13 1.73
CA ASP B 54 -6.95 -16.90 2.18
C ASP B 54 -5.83 -16.51 1.24
N LYS B 55 -6.11 -16.57 -0.07
CA LYS B 55 -5.12 -16.21 -1.07
C LYS B 55 -3.88 -17.08 -0.95
N SER B 56 -4.08 -18.37 -0.69
CA SER B 56 -2.97 -19.30 -0.55
C SER B 56 -2.11 -18.94 0.66
N SER B 57 -2.63 -19.17 1.85
CA SER B 57 -1.90 -18.86 3.08
C SER B 57 -1.05 -20.04 3.52
N GLU B 58 -0.28 -20.60 2.59
CA GLU B 58 0.58 -21.75 2.88
C GLU B 58 1.96 -21.54 2.29
N PRO B 59 2.99 -22.06 2.98
CA PRO B 59 4.38 -21.95 2.55
C PRO B 59 4.67 -22.79 1.31
N SER B 60 5.95 -22.89 0.95
CA SER B 60 6.35 -23.67 -0.21
C SER B 60 7.34 -24.76 0.17
N THR B 61 8.58 -24.36 0.46
CA THR B 61 9.62 -25.30 0.84
C THR B 61 10.93 -24.59 1.15
N LEU B 62 11.11 -24.23 2.42
CA LEU B 62 12.32 -23.53 2.85
C LEU B 62 12.58 -22.31 1.98
N SER B 63 11.89 -21.21 2.28
CA SER B 63 12.05 -19.98 1.51
C SER B 63 13.25 -19.18 2.03
N ASN B 64 14.42 -19.46 1.48
CA ASN B 64 15.64 -18.77 1.88
C ASN B 64 16.71 -18.89 0.81
N GLU B 65 17.57 -17.89 0.72
CA GLU B 65 18.65 -17.88 -0.26
C GLU B 65 19.84 -17.08 0.25
N GLU B 66 21.00 -17.30 -0.38
CA GLU B 66 22.23 -16.60 0.01
C GLU B 66 23.09 -16.30 -1.21
N TYR B 67 23.36 -15.01 -1.42
CA TYR B 67 24.18 -14.58 -2.55
C TYR B 67 24.55 -13.11 -2.42
N MET B 68 25.58 -12.70 -3.17
CA MET B 68 26.03 -11.32 -3.14
C MET B 68 24.90 -10.36 -3.48
N GLY C 1 0.65 36.98 -1.12
CA GLY C 1 0.88 35.79 -0.31
C GLY C 1 0.03 34.62 -0.74
N HIS C 2 -1.25 34.88 -1.02
CA HIS C 2 -2.16 33.82 -1.44
C HIS C 2 -2.19 32.68 -0.43
N GLY C 3 -2.40 33.02 0.83
CA GLY C 3 -2.44 32.01 1.88
C GLY C 3 -1.06 31.53 2.27
N THR C 4 -0.71 30.32 1.84
CA THR C 4 0.59 29.74 2.14
C THR C 4 0.75 29.51 3.65
N GLY C 5 0.63 28.25 4.06
CA GLY C 5 0.75 27.91 5.46
C GLY C 5 0.91 26.42 5.69
N SER C 6 1.00 26.03 6.95
CA SER C 6 1.16 24.61 7.30
C SER C 6 1.02 24.41 8.81
N PHE C 7 -0.18 24.06 9.24
CA PHE C 7 -0.45 23.83 10.65
C PHE C 7 -1.88 23.32 10.87
N GLY C 8 -2.06 22.51 11.91
CA GLY C 8 -3.38 21.97 12.20
C GLY C 8 -3.31 20.68 12.98
N ASP C 9 -3.63 19.56 12.32
CA ASP C 9 -3.60 18.27 12.98
C ASP C 9 -2.25 17.59 12.79
N ARG C 10 -2.09 16.41 13.38
CA ARG C 10 -0.84 15.66 13.28
C ARG C 10 -1.09 14.28 12.68
N PRO C 11 -1.40 14.25 11.37
CA PRO C 11 -1.65 13.00 10.65
C PRO C 11 -0.39 12.16 10.47
N ALA C 12 -0.54 10.85 10.61
CA ALA C 12 0.59 9.94 10.47
C ALA C 12 0.35 8.94 9.33
N ARG C 13 0.85 9.28 8.14
CA ARG C 13 0.69 8.42 6.97
C ARG C 13 2.05 8.08 6.36
N PRO C 14 2.12 6.93 5.68
CA PRO C 14 3.35 6.46 5.04
C PRO C 14 3.72 7.31 3.83
N THR C 15 4.73 6.87 3.09
CA THR C 15 5.19 7.59 1.90
C THR C 15 4.72 6.90 0.63
N LEU C 16 4.51 7.68 -0.42
CA LEU C 16 4.06 7.14 -1.70
C LEU C 16 5.00 6.03 -2.18
N LEU C 17 6.29 6.24 -1.99
CA LEU C 17 7.29 5.26 -2.40
C LEU C 17 7.10 3.93 -1.66
N GLU C 18 7.20 3.99 -0.34
CA GLU C 18 7.04 2.80 0.49
C GLU C 18 5.62 2.23 0.34
N GLN C 19 4.72 3.04 -0.18
CA GLN C 19 3.33 2.62 -0.38
C GLN C 19 3.23 1.60 -1.51
N VAL C 20 3.43 2.06 -2.73
CA VAL C 20 3.37 1.19 -3.90
C VAL C 20 4.30 -0.01 -3.75
N LEU C 21 5.46 0.22 -3.14
CA LEU C 21 6.44 -0.84 -2.93
C LEU C 21 5.90 -1.89 -1.96
N ASN C 22 5.70 -1.49 -0.71
CA ASN C 22 5.19 -2.39 0.32
C ASN C 22 3.89 -3.05 -0.13
N GLN C 23 3.10 -2.30 -0.91
CA GLN C 23 1.82 -2.80 -1.40
C GLN C 23 2.02 -4.06 -2.25
N LYS C 24 2.89 -3.96 -3.25
CA LYS C 24 3.18 -5.09 -4.13
C LYS C 24 3.68 -6.28 -3.34
N ARG C 25 4.57 -6.02 -2.38
CA ARG C 25 5.14 -7.08 -1.55
C ARG C 25 4.03 -7.93 -0.94
N LEU C 26 3.08 -7.27 -0.29
CA LEU C 26 1.95 -7.97 0.35
C LEU C 26 0.94 -8.44 -0.69
N SER C 27 0.97 -7.81 -1.86
CA SER C 27 0.05 -8.18 -2.94
C SER C 27 0.26 -9.62 -3.36
N LEU C 28 1.51 -10.03 -3.51
CA LEU C 28 1.84 -11.39 -3.91
C LEU C 28 1.44 -11.65 -5.35
N LEU C 29 0.14 -11.77 -5.60
CA LEU C 29 -0.37 -12.02 -6.94
C LEU C 29 -0.75 -10.71 -7.63
N ARG C 30 -0.20 -9.60 -7.12
CA ARG C 30 -0.48 -8.29 -7.68
C ARG C 30 -1.98 -7.99 -7.66
N SER C 31 -2.57 -8.08 -6.48
CA SER C 31 -4.00 -7.83 -6.32
C SER C 31 -4.26 -6.46 -5.71
N PRO C 32 -4.59 -5.48 -6.56
CA PRO C 32 -4.86 -4.11 -6.11
C PRO C 32 -6.15 -4.00 -5.31
N GLU C 33 -7.08 -4.92 -5.58
CA GLU C 33 -8.37 -4.92 -4.89
C GLU C 33 -8.19 -5.26 -3.41
N VAL C 34 -7.32 -6.23 -3.14
CA VAL C 34 -7.05 -6.65 -1.76
C VAL C 34 -6.05 -5.72 -1.09
N VAL C 35 -4.91 -5.50 -1.75
CA VAL C 35 -3.88 -4.63 -1.21
C VAL C 35 -4.45 -3.28 -0.78
N GLN C 36 -5.41 -2.78 -1.56
CA GLN C 36 -6.03 -1.50 -1.27
C GLN C 36 -7.08 -1.65 -0.17
N PHE C 37 -8.01 -2.58 -0.36
CA PHE C 37 -9.06 -2.82 0.62
C PHE C 37 -8.47 -3.04 2.01
N LEU C 38 -7.30 -3.68 2.06
CA LEU C 38 -6.63 -3.95 3.33
C LEU C 38 -5.99 -2.70 3.88
N GLN C 39 -5.08 -2.11 3.11
CA GLN C 39 -4.39 -0.89 3.54
C GLN C 39 -5.38 0.17 3.97
N LYS C 40 -6.37 0.44 3.12
CA LYS C 40 -7.39 1.44 3.42
C LYS C 40 -8.13 1.09 4.70
N GLN C 41 -8.69 -0.11 4.75
CA GLN C 41 -9.43 -0.57 5.92
C GLN C 41 -8.61 -0.40 7.19
N GLN C 42 -7.37 -0.89 7.15
CA GLN C 42 -6.47 -0.79 8.30
C GLN C 42 -6.24 0.67 8.69
N GLN C 43 -6.04 1.51 7.68
CA GLN C 43 -5.80 2.94 7.91
C GLN C 43 -6.89 3.53 8.80
N LEU C 44 -8.14 3.24 8.47
CA LEU C 44 -9.28 3.75 9.24
C LEU C 44 -9.25 3.20 10.66
N LEU C 45 -9.11 1.89 10.78
CA LEU C 45 -9.07 1.24 12.09
C LEU C 45 -7.99 1.85 12.97
N ASN C 46 -6.78 1.94 12.43
CA ASN C 46 -5.65 2.51 13.17
C ASN C 46 -6.00 3.88 13.73
N GLN C 47 -6.58 4.73 12.88
CA GLN C 47 -6.97 6.08 13.29
C GLN C 47 -7.89 6.03 14.50
N GLN C 48 -8.84 5.10 14.48
CA GLN C 48 -9.79 4.95 15.58
C GLN C 48 -9.07 4.56 16.87
N VAL C 49 -8.12 3.62 16.74
CA VAL C 49 -7.37 3.16 17.90
C VAL C 49 -6.36 4.21 18.36
N LEU C 50 -6.08 4.22 19.66
CA LEU C 50 -5.13 5.18 20.24
C LEU C 50 -3.71 4.88 19.78
N GLU C 51 -2.79 5.77 20.10
CA GLU C 51 -1.39 5.62 19.72
C GLU C 51 -0.52 6.69 20.36
N GLN C 52 0.79 6.53 20.24
CA GLN C 52 1.74 7.50 20.80
C GLN C 52 2.82 7.85 19.79
N ARG C 53 3.12 9.14 19.68
CA ARG C 53 4.14 9.61 18.75
C ARG C 53 4.45 11.08 18.99
N GLN C 54 3.40 11.90 19.06
CA GLN C 54 3.56 13.33 19.29
C GLN C 54 4.35 13.97 18.14
N GLN C 55 3.63 14.49 17.17
CA GLN C 55 4.26 15.14 16.02
C GLN C 55 3.40 16.30 15.50
N GLN C 56 3.97 17.08 14.59
CA GLN C 56 3.26 18.22 14.02
C GLN C 56 3.53 18.33 12.52
N PHE C 57 2.53 18.01 11.71
CA PHE C 57 2.67 18.08 10.26
C PHE C 57 1.46 18.76 9.64
N PRO C 58 1.65 19.29 8.42
CA PRO C 58 0.58 19.99 7.69
C PRO C 58 -0.52 19.04 7.21
N GLY C 59 -1.77 19.43 7.41
CA GLY C 59 -2.88 18.61 7.00
C GLY C 59 -4.16 19.40 6.84
N THR C 60 -4.69 19.92 7.94
CA THR C 60 -5.92 20.69 7.91
C THR C 60 -7.10 19.85 7.44
N SER C 61 -7.74 19.17 8.38
CA SER C 61 -8.89 18.32 8.06
C SER C 61 -10.19 19.02 8.41
N MET C 62 -10.49 19.11 9.70
CA MET C 62 -11.71 19.75 10.16
C MET C 62 -11.68 19.98 11.66
N GLY A 1 -13.46 18.31 -25.55
CA GLY A 1 -14.09 18.66 -24.30
C GLY A 1 -14.95 17.54 -23.75
N ALA A 2 -14.79 17.25 -22.46
CA ALA A 2 -15.55 16.19 -21.81
C ALA A 2 -16.32 16.72 -20.60
N GLY A 3 -17.47 16.12 -20.32
CA GLY A 3 -18.26 16.55 -19.19
C GLY A 3 -18.30 15.51 -18.08
N GLU A 4 -18.75 15.93 -16.90
CA GLU A 4 -18.83 15.03 -15.76
C GLU A 4 -20.07 15.33 -14.92
N PRO A 5 -21.24 14.89 -15.43
CA PRO A 5 -22.52 15.09 -14.75
C PRO A 5 -22.65 14.25 -13.49
N THR A 6 -22.30 12.97 -13.60
CA THR A 6 -22.38 12.06 -12.46
C THR A 6 -21.22 12.29 -11.49
N THR A 7 -21.29 11.67 -10.32
CA THR A 7 -20.26 11.81 -9.31
C THR A 7 -19.40 10.56 -9.22
N LEU A 8 -18.28 10.66 -8.51
CA LEU A 8 -17.37 9.54 -8.35
C LEU A 8 -18.01 8.43 -7.52
N LEU A 9 -18.54 8.80 -6.36
CA LEU A 9 -19.20 7.84 -5.48
C LEU A 9 -20.31 7.10 -6.20
N GLN A 10 -21.09 7.84 -6.98
CA GLN A 10 -22.21 7.25 -7.73
C GLN A 10 -21.69 6.41 -8.89
N ARG A 11 -20.86 7.01 -9.73
CA ARG A 11 -20.30 6.31 -10.87
C ARG A 11 -19.66 4.99 -10.45
N LEU A 12 -19.15 4.96 -9.22
CA LEU A 12 -18.51 3.77 -8.70
C LEU A 12 -19.52 2.84 -8.05
N ARG A 13 -20.44 3.42 -7.27
CA ARG A 13 -21.47 2.66 -6.59
C ARG A 13 -22.20 1.73 -7.57
N GLY A 14 -22.29 2.17 -8.83
CA GLY A 14 -22.97 1.37 -9.83
C GLY A 14 -22.09 0.26 -10.38
N THR A 15 -20.79 0.54 -10.49
CA THR A 15 -19.84 -0.44 -11.00
C THR A 15 -18.43 0.12 -11.04
N ILE A 16 -17.43 -0.74 -10.88
CA ILE A 16 -16.04 -0.32 -10.91
C ILE A 16 -15.74 0.50 -12.16
N SER A 17 -14.81 1.44 -12.03
CA SER A 17 -14.43 2.30 -13.15
C SER A 17 -13.27 1.68 -13.93
N LYS A 18 -13.45 1.53 -15.24
CA LYS A 18 -12.43 0.96 -16.09
C LYS A 18 -11.11 1.71 -15.94
N ALA A 19 -11.19 3.02 -15.78
CA ALA A 19 -10.01 3.85 -15.61
C ALA A 19 -9.28 3.51 -14.32
N VAL A 20 -10.04 3.32 -13.25
CA VAL A 20 -9.46 2.99 -11.95
C VAL A 20 -8.63 1.71 -12.02
N GLN A 21 -9.23 0.65 -12.56
CA GLN A 21 -8.55 -0.62 -12.70
C GLN A 21 -7.43 -0.55 -13.73
N ASN A 22 -7.78 -0.07 -14.93
CA ASN A 22 -6.81 0.06 -16.01
C ASN A 22 -5.58 0.83 -15.54
N LYS A 23 -5.81 1.97 -14.89
CA LYS A 23 -4.72 2.80 -14.40
C LYS A 23 -3.82 2.01 -13.44
N VAL A 24 -4.42 1.48 -12.39
CA VAL A 24 -3.67 0.70 -11.41
C VAL A 24 -2.87 -0.41 -12.07
N GLU A 25 -3.55 -1.21 -12.91
CA GLU A 25 -2.89 -2.30 -13.61
C GLU A 25 -1.69 -1.81 -14.40
N GLY A 26 -1.85 -0.65 -15.05
CA GLY A 26 -0.78 -0.09 -15.84
C GLY A 26 0.48 0.12 -15.02
N ILE A 27 0.36 0.83 -13.91
CA ILE A 27 1.49 1.10 -13.04
C ILE A 27 2.18 -0.20 -12.60
N LEU A 28 1.38 -1.14 -12.11
CA LEU A 28 1.91 -2.42 -11.66
C LEU A 28 2.77 -3.07 -12.74
N GLN A 29 2.36 -2.91 -14.00
CA GLN A 29 3.10 -3.47 -15.12
C GLN A 29 4.46 -2.80 -15.27
N ASP A 30 4.47 -1.47 -15.16
CA ASP A 30 5.70 -0.71 -15.29
C ASP A 30 6.69 -1.08 -14.19
N VAL A 31 6.18 -1.25 -12.97
CA VAL A 31 7.01 -1.61 -11.84
C VAL A 31 7.47 -3.06 -11.93
N GLN A 32 6.50 -3.97 -12.08
CA GLN A 32 6.80 -5.39 -12.18
C GLN A 32 7.68 -5.69 -13.40
N LYS A 33 7.72 -4.73 -14.33
CA LYS A 33 8.52 -4.89 -15.53
C LYS A 33 9.95 -5.30 -15.19
N PHE A 34 10.43 -4.85 -14.04
CA PHE A 34 11.78 -5.18 -13.59
C PHE A 34 11.75 -6.01 -12.32
N SER A 35 12.93 -6.43 -11.86
CA SER A 35 13.04 -7.24 -10.66
C SER A 35 12.29 -6.59 -9.50
N ASP A 36 11.31 -7.31 -8.96
CA ASP A 36 10.52 -6.80 -7.85
C ASP A 36 11.27 -6.96 -6.53
N ASN A 37 12.07 -8.02 -6.43
CA ASN A 37 12.85 -8.28 -5.23
C ASN A 37 13.97 -7.26 -5.08
N ASP A 38 14.71 -7.03 -6.15
CA ASP A 38 15.82 -6.09 -6.13
C ASP A 38 15.34 -4.70 -5.69
N LYS A 39 14.19 -4.28 -6.23
CA LYS A 39 13.63 -2.98 -5.89
C LYS A 39 12.94 -3.03 -4.54
N LEU A 40 12.41 -4.19 -4.19
CA LEU A 40 11.72 -4.37 -2.91
C LEU A 40 12.61 -3.96 -1.74
N TYR A 41 13.83 -4.50 -1.72
CA TYR A 41 14.79 -4.20 -0.67
C TYR A 41 15.48 -2.86 -0.93
N LEU A 42 15.75 -2.58 -2.20
CA LEU A 42 16.42 -1.34 -2.58
C LEU A 42 15.58 -0.13 -2.17
N TYR A 43 14.26 -0.29 -2.22
CA TYR A 43 13.36 0.79 -1.86
C TYR A 43 13.14 0.84 -0.35
N LEU A 44 12.82 -0.30 0.23
CA LEU A 44 12.58 -0.40 1.67
C LEU A 44 13.81 0.05 2.45
N GLN A 45 14.97 0.01 1.80
CA GLN A 45 16.22 0.42 2.44
C GLN A 45 16.41 1.93 2.35
N LEU A 46 15.62 2.57 1.48
CA LEU A 46 15.70 4.02 1.31
C LEU A 46 15.60 4.74 2.65
N PRO A 47 16.18 5.95 2.71
CA PRO A 47 16.17 6.77 3.92
C PRO A 47 14.78 7.30 4.25
N SER A 48 14.00 6.50 4.98
CA SER A 48 12.65 6.90 5.36
C SER A 48 12.18 6.13 6.60
N GLY A 49 11.98 4.83 6.43
CA GLY A 49 11.54 3.99 7.54
C GLY A 49 11.12 2.62 7.09
N PRO A 50 11.32 1.62 7.97
CA PRO A 50 10.96 0.23 7.68
C PRO A 50 9.45 0.02 7.63
N THR A 51 9.04 -1.25 7.55
CA THR A 51 7.63 -1.59 7.49
C THR A 51 7.39 -3.03 7.90
N THR A 52 8.26 -3.93 7.43
CA THR A 52 8.15 -5.35 7.74
C THR A 52 6.83 -5.92 7.25
N GLY A 53 6.39 -5.45 6.09
CA GLY A 53 5.14 -5.92 5.52
C GLY A 53 3.95 -5.64 6.41
N ASP A 54 3.79 -4.39 6.81
CA ASP A 54 2.69 -3.99 7.67
C ASP A 54 2.69 -4.78 8.97
N LYS A 55 3.83 -4.80 9.65
CA LYS A 55 3.97 -5.53 10.90
C LYS A 55 3.73 -7.02 10.70
N SER A 56 4.13 -7.52 9.52
CA SER A 56 3.95 -8.93 9.21
C SER A 56 2.48 -9.32 9.26
N SER A 57 1.70 -8.82 8.30
CA SER A 57 0.28 -9.12 8.25
C SER A 57 -0.20 -9.21 6.80
N GLU A 58 0.20 -10.27 6.12
CA GLU A 58 -0.19 -10.48 4.73
C GLU A 58 -1.22 -11.60 4.62
N PRO A 59 -2.16 -11.43 3.68
CA PRO A 59 -3.23 -12.41 3.44
C PRO A 59 -2.70 -13.71 2.82
N SER A 60 -3.62 -14.58 2.43
CA SER A 60 -3.23 -15.86 1.83
C SER A 60 -3.66 -15.91 0.37
N THR A 61 -4.96 -15.75 0.12
CA THR A 61 -5.49 -15.78 -1.23
C THR A 61 -5.28 -17.14 -1.87
N LEU A 62 -5.53 -18.20 -1.11
CA LEU A 62 -5.37 -19.56 -1.60
C LEU A 62 -6.70 -20.31 -1.58
N SER A 63 -7.66 -19.82 -2.35
CA SER A 63 -8.98 -20.44 -2.41
C SER A 63 -9.69 -20.07 -3.71
N ASN A 64 -10.37 -21.04 -4.31
CA ASN A 64 -11.10 -20.82 -5.55
C ASN A 64 -12.33 -21.72 -5.63
N GLU A 65 -13.13 -21.51 -6.67
CA GLU A 65 -14.33 -22.31 -6.87
C GLU A 65 -14.35 -22.95 -8.25
N GLU A 66 -15.39 -23.73 -8.53
CA GLU A 66 -15.52 -24.40 -9.81
C GLU A 66 -16.82 -25.19 -9.89
N TYR A 67 -17.22 -25.77 -8.76
CA TYR A 67 -18.45 -26.56 -8.70
C TYR A 67 -19.66 -25.69 -9.01
N MET A 68 -19.80 -24.60 -8.26
CA MET A 68 -20.93 -23.69 -8.45
C MET A 68 -20.85 -23.01 -9.82
N GLY B 1 11.51 13.69 -18.55
CA GLY B 1 12.85 14.25 -18.56
C GLY B 1 13.64 13.84 -19.79
N ALA B 2 14.93 14.14 -19.79
CA ALA B 2 15.80 13.81 -20.91
C ALA B 2 17.26 13.91 -20.54
N GLY B 3 18.07 12.95 -20.98
CA GLY B 3 19.48 12.96 -20.66
C GLY B 3 19.86 11.93 -19.61
N GLU B 4 20.81 11.06 -19.95
CA GLU B 4 21.24 10.02 -19.03
C GLU B 4 20.08 9.12 -18.62
N PRO B 5 19.46 8.48 -19.62
CA PRO B 5 18.32 7.58 -19.38
C PRO B 5 18.72 6.29 -18.68
N THR B 6 19.81 5.68 -19.14
CA THR B 6 20.30 4.45 -18.56
C THR B 6 19.22 3.37 -18.54
N THR B 7 19.55 2.22 -17.95
CA THR B 7 18.61 1.12 -17.86
C THR B 7 17.47 1.43 -16.90
N LEU B 8 16.45 0.59 -16.89
CA LEU B 8 15.30 0.78 -16.00
C LEU B 8 15.69 0.54 -14.55
N LEU B 9 16.31 -0.61 -14.29
CA LEU B 9 16.73 -0.95 -12.93
C LEU B 9 17.70 0.10 -12.39
N GLN B 10 18.59 0.58 -13.24
CA GLN B 10 19.57 1.58 -12.84
C GLN B 10 18.91 2.94 -12.66
N ARG B 11 18.21 3.41 -13.69
CA ARG B 11 17.52 4.68 -13.63
C ARG B 11 16.64 4.79 -12.39
N LEU B 12 16.13 3.65 -11.95
CA LEU B 12 15.27 3.60 -10.77
C LEU B 12 16.09 3.47 -9.49
N ARG B 13 17.06 2.55 -9.52
CA ARG B 13 17.93 2.32 -8.37
C ARG B 13 18.47 3.64 -7.83
N GLY B 14 18.65 4.61 -8.71
CA GLY B 14 19.17 5.91 -8.31
C GLY B 14 18.40 6.50 -7.14
N THR B 15 17.08 6.58 -7.30
CA THR B 15 16.23 7.14 -6.25
C THR B 15 14.77 7.10 -6.67
N ILE B 16 14.31 5.94 -7.15
CA ILE B 16 12.94 5.78 -7.57
C ILE B 16 12.62 6.65 -8.78
N SER B 17 11.65 6.22 -9.58
CA SER B 17 11.26 6.96 -10.78
C SER B 17 10.16 7.96 -10.45
N LYS B 18 10.38 9.21 -10.86
CA LYS B 18 9.41 10.27 -10.61
C LYS B 18 8.05 9.92 -11.21
N ALA B 19 8.04 9.58 -12.49
CA ALA B 19 6.81 9.22 -13.18
C ALA B 19 6.06 8.13 -12.42
N VAL B 20 6.80 7.16 -11.90
CA VAL B 20 6.19 6.07 -11.15
C VAL B 20 5.52 6.58 -9.88
N GLN B 21 6.31 7.15 -8.98
CA GLN B 21 5.78 7.68 -7.73
C GLN B 21 4.61 8.63 -7.99
N ASN B 22 4.67 9.33 -9.12
CA ASN B 22 3.61 10.27 -9.48
C ASN B 22 2.31 9.54 -9.79
N LYS B 23 2.41 8.47 -10.58
CA LYS B 23 1.24 7.68 -10.94
C LYS B 23 0.54 7.12 -9.71
N VAL B 24 1.27 6.33 -8.93
CA VAL B 24 0.73 5.73 -7.72
C VAL B 24 0.05 6.78 -6.85
N GLU B 25 0.73 7.91 -6.66
CA GLU B 25 0.19 9.00 -5.84
C GLU B 25 -1.22 9.36 -6.29
N GLY B 26 -1.38 9.59 -7.59
CA GLY B 26 -2.68 9.95 -8.13
C GLY B 26 -3.73 8.89 -7.87
N ILE B 27 -3.47 7.67 -8.32
CA ILE B 27 -4.40 6.56 -8.13
C ILE B 27 -4.77 6.39 -6.66
N LEU B 28 -3.75 6.45 -5.80
CA LEU B 28 -3.97 6.31 -4.36
C LEU B 28 -5.05 7.27 -3.88
N GLN B 29 -4.90 8.54 -4.24
CA GLN B 29 -5.87 9.56 -3.84
C GLN B 29 -7.24 9.28 -4.45
N ASP B 30 -7.25 8.63 -5.61
CA ASP B 30 -8.49 8.29 -6.29
C ASP B 30 -9.33 7.33 -5.46
N VAL B 31 -8.67 6.33 -4.88
CA VAL B 31 -9.36 5.35 -4.06
C VAL B 31 -9.86 5.96 -2.75
N GLN B 32 -8.94 6.58 -2.01
CA GLN B 32 -9.27 7.20 -0.74
C GLN B 32 -10.28 8.33 -0.95
N LYS B 33 -10.38 8.82 -2.17
CA LYS B 33 -11.32 9.89 -2.51
C LYS B 33 -12.72 9.56 -2.01
N PHE B 34 -13.06 8.28 -2.02
CA PHE B 34 -14.38 7.83 -1.57
C PHE B 34 -14.25 6.84 -0.41
N SER B 35 -15.29 6.76 0.41
CA SER B 35 -15.30 5.87 1.55
C SER B 35 -14.94 4.45 1.13
N ASP B 36 -14.40 3.68 2.07
CA ASP B 36 -14.02 2.29 1.79
C ASP B 36 -15.13 1.33 2.19
N ASN B 37 -15.85 1.67 3.26
CA ASN B 37 -16.95 0.83 3.74
C ASN B 37 -18.01 0.67 2.66
N ASP B 38 -18.47 1.80 2.12
CA ASP B 38 -19.50 1.78 1.08
C ASP B 38 -19.09 0.85 -0.07
N LYS B 39 -17.90 1.07 -0.59
CA LYS B 39 -17.39 0.25 -1.69
C LYS B 39 -17.16 -1.19 -1.25
N LEU B 40 -16.92 -1.37 0.05
CA LEU B 40 -16.68 -2.70 0.60
C LEU B 40 -17.89 -3.60 0.38
N TYR B 41 -19.03 -3.20 0.93
CA TYR B 41 -20.26 -3.99 0.79
C TYR B 41 -20.73 -4.00 -0.65
N LEU B 42 -20.45 -2.93 -1.37
CA LEU B 42 -20.85 -2.81 -2.78
C LEU B 42 -20.09 -3.82 -3.64
N TYR B 43 -18.77 -3.84 -3.48
CA TYR B 43 -17.93 -4.76 -4.24
C TYR B 43 -18.34 -6.21 -3.99
N LEU B 44 -18.40 -6.58 -2.72
CA LEU B 44 -18.78 -7.94 -2.34
C LEU B 44 -20.13 -8.33 -2.94
N GLN B 45 -21.05 -7.37 -2.97
CA GLN B 45 -22.38 -7.61 -3.53
C GLN B 45 -22.28 -8.20 -4.93
N LEU B 46 -21.21 -7.84 -5.65
CA LEU B 46 -21.01 -8.33 -7.01
C LEU B 46 -20.84 -9.86 -7.01
N PRO B 47 -21.21 -10.48 -8.14
CA PRO B 47 -21.11 -11.94 -8.30
C PRO B 47 -19.66 -12.41 -8.40
N SER B 48 -19.41 -13.64 -7.95
CA SER B 48 -18.08 -14.20 -7.98
C SER B 48 -17.12 -13.40 -7.10
N GLY B 49 -16.81 -13.94 -5.93
CA GLY B 49 -15.91 -13.25 -5.01
C GLY B 49 -14.92 -14.20 -4.36
N PRO B 50 -13.72 -13.68 -4.05
CA PRO B 50 -12.66 -14.47 -3.43
C PRO B 50 -12.97 -14.83 -1.99
N THR B 51 -12.06 -15.54 -1.35
CA THR B 51 -12.24 -15.96 0.04
C THR B 51 -11.18 -15.35 0.95
N THR B 52 -10.02 -15.05 0.37
CA THR B 52 -8.93 -14.46 1.13
C THR B 52 -8.43 -15.42 2.21
N GLY B 53 -7.77 -16.49 1.79
CA GLY B 53 -7.26 -17.46 2.74
C GLY B 53 -8.31 -17.94 3.72
N ASP B 54 -9.51 -18.20 3.21
CA ASP B 54 -10.61 -18.68 4.04
C ASP B 54 -10.82 -17.75 5.24
N LYS B 55 -10.95 -16.46 4.95
CA LYS B 55 -11.15 -15.46 6.01
C LYS B 55 -10.02 -15.50 7.02
N SER B 56 -8.79 -15.50 6.52
CA SER B 56 -7.62 -15.54 7.39
C SER B 56 -7.58 -16.84 8.20
N SER B 57 -7.07 -17.90 7.58
CA SER B 57 -6.98 -19.19 8.24
C SER B 57 -6.29 -19.07 9.60
N GLU B 58 -5.02 -18.69 9.57
CA GLU B 58 -4.24 -18.54 10.79
C GLU B 58 -2.86 -17.96 10.50
N PRO B 59 -2.37 -17.11 11.42
CA PRO B 59 -1.04 -16.48 11.27
C PRO B 59 0.10 -17.47 11.42
N SER B 60 1.31 -16.96 11.49
CA SER B 60 2.50 -17.81 11.64
C SER B 60 2.87 -17.98 13.11
N THR B 61 3.17 -16.88 13.77
CA THR B 61 3.54 -16.91 15.18
C THR B 61 4.84 -17.67 15.39
N LEU B 62 5.82 -17.40 14.54
CA LEU B 62 7.12 -18.07 14.63
C LEU B 62 7.70 -17.94 16.04
N SER B 63 7.99 -16.70 16.43
CA SER B 63 8.55 -16.45 17.76
C SER B 63 9.92 -17.12 17.91
N ASN B 64 10.98 -16.35 17.78
CA ASN B 64 12.34 -16.86 17.89
C ASN B 64 13.33 -15.74 18.22
N GLU B 65 14.25 -16.02 19.12
CA GLU B 65 15.25 -15.03 19.51
C GLU B 65 16.31 -15.66 20.43
N GLU B 66 17.44 -14.97 20.56
CA GLU B 66 18.53 -15.47 21.40
C GLU B 66 19.43 -14.32 21.84
N TYR B 67 20.14 -13.73 20.89
CA TYR B 67 21.05 -12.62 21.19
C TYR B 67 20.29 -11.30 21.25
N MET B 68 21.01 -10.22 21.50
CA MET B 68 20.41 -8.90 21.59
C MET B 68 19.70 -8.54 20.28
N GLY C 1 26.21 13.64 13.08
CA GLY C 1 25.75 13.64 11.69
C GLY C 1 24.28 13.96 11.57
N HIS C 2 23.52 13.04 10.97
CA HIS C 2 22.09 13.24 10.80
C HIS C 2 21.31 12.09 11.42
N GLY C 3 20.03 12.34 11.71
CA GLY C 3 19.19 11.31 12.31
C GLY C 3 17.96 11.89 12.99
N THR C 4 17.03 12.38 12.18
CA THR C 4 15.80 12.97 12.71
C THR C 4 14.67 11.94 12.75
N GLY C 5 13.81 12.05 13.75
CA GLY C 5 12.70 11.13 13.89
C GLY C 5 12.42 10.77 15.33
N SER C 6 11.57 9.77 15.54
CA SER C 6 11.20 9.34 16.89
C SER C 6 10.64 10.50 17.69
N PHE C 7 9.35 10.78 17.50
CA PHE C 7 8.69 11.87 18.21
C PHE C 7 7.58 11.32 19.11
N GLY C 8 6.60 10.66 18.49
CA GLY C 8 5.50 10.10 19.25
C GLY C 8 4.16 10.38 18.60
N ASP C 9 3.47 11.42 19.07
CA ASP C 9 2.17 11.78 18.53
C ASP C 9 2.33 12.65 17.28
N ARG C 10 2.25 12.01 16.12
CA ARG C 10 2.38 12.72 14.85
C ARG C 10 1.99 11.83 13.68
N PRO C 11 0.76 11.31 13.73
CA PRO C 11 0.24 10.43 12.68
C PRO C 11 0.00 11.17 11.37
N ALA C 12 1.04 11.31 10.56
CA ALA C 12 0.94 11.99 9.28
C ALA C 12 2.18 11.75 8.43
N ARG C 13 2.28 12.46 7.31
CA ARG C 13 3.41 12.33 6.41
C ARG C 13 3.51 10.91 5.86
N PRO C 14 2.69 10.62 4.84
CA PRO C 14 2.65 9.30 4.21
C PRO C 14 3.92 9.01 3.40
N THR C 15 3.92 7.89 2.69
CA THR C 15 5.07 7.50 1.87
C THR C 15 4.62 6.76 0.61
N LEU C 16 4.32 7.53 -0.43
CA LEU C 16 3.88 6.95 -1.69
C LEU C 16 4.87 5.88 -2.17
N LEU C 17 6.15 6.08 -1.87
CA LEU C 17 7.18 5.13 -2.26
C LEU C 17 6.98 3.79 -1.56
N GLU C 18 7.08 3.79 -0.24
CA GLU C 18 6.91 2.58 0.54
C GLU C 18 5.50 2.00 0.36
N GLN C 19 4.60 2.84 -0.13
CA GLN C 19 3.21 2.41 -0.35
C GLN C 19 3.12 1.43 -1.52
N VAL C 20 3.35 1.94 -2.73
CA VAL C 20 3.29 1.10 -3.92
C VAL C 20 4.21 -0.10 -3.80
N LEU C 21 5.35 0.10 -3.16
CA LEU C 21 6.33 -0.96 -2.97
C LEU C 21 5.79 -2.03 -2.03
N ASN C 22 5.63 -1.67 -0.76
CA ASN C 22 5.12 -2.60 0.24
C ASN C 22 3.82 -3.24 -0.24
N GLN C 23 2.99 -2.46 -0.91
CA GLN C 23 1.71 -2.96 -1.42
C GLN C 23 1.92 -4.15 -2.36
N LYS C 24 2.81 -3.98 -3.33
CA LYS C 24 3.11 -5.05 -4.28
C LYS C 24 3.57 -6.31 -3.56
N ARG C 25 4.43 -6.14 -2.57
CA ARG C 25 4.95 -7.26 -1.80
C ARG C 25 3.82 -8.12 -1.25
N LEU C 26 2.89 -7.48 -0.53
CA LEU C 26 1.76 -8.19 0.05
C LEU C 26 0.78 -8.62 -1.04
N SER C 27 0.82 -7.93 -2.18
CA SER C 27 -0.07 -8.24 -3.29
C SER C 27 0.11 -9.67 -3.75
N LEU C 28 1.33 -10.01 -4.17
CA LEU C 28 1.64 -11.35 -4.65
C LEU C 28 1.00 -11.61 -6.00
N LEU C 29 -0.33 -11.71 -6.01
CA LEU C 29 -1.06 -11.96 -7.24
C LEU C 29 -1.39 -10.65 -7.96
N ARG C 30 -0.83 -9.56 -7.45
CA ARG C 30 -1.07 -8.24 -8.04
C ARG C 30 -2.55 -7.86 -7.95
N SER C 31 -3.11 -7.99 -6.75
CA SER C 31 -4.52 -7.66 -6.53
C SER C 31 -4.66 -6.31 -5.85
N PRO C 32 -4.99 -5.27 -6.64
CA PRO C 32 -5.18 -3.91 -6.12
C PRO C 32 -6.42 -3.78 -5.25
N GLU C 33 -7.41 -4.63 -5.50
CA GLU C 33 -8.64 -4.60 -4.74
C GLU C 33 -8.40 -5.00 -3.29
N VAL C 34 -7.55 -6.00 -3.09
CA VAL C 34 -7.22 -6.48 -1.76
C VAL C 34 -6.15 -5.63 -1.11
N VAL C 35 -5.04 -5.43 -1.82
CA VAL C 35 -3.94 -4.63 -1.32
C VAL C 35 -4.41 -3.27 -0.83
N GLN C 36 -5.41 -2.72 -1.52
CA GLN C 36 -5.97 -1.42 -1.14
C GLN C 36 -6.95 -1.56 0.00
N PHE C 37 -7.94 -2.44 -0.17
CA PHE C 37 -8.95 -2.67 0.85
C PHE C 37 -8.30 -2.95 2.21
N LEU C 38 -7.14 -3.60 2.18
CA LEU C 38 -6.42 -3.93 3.40
C LEU C 38 -5.59 -2.74 3.89
N GLN C 39 -4.89 -2.10 2.95
CA GLN C 39 -4.06 -0.95 3.29
C GLN C 39 -4.91 0.17 3.89
N LYS C 40 -6.14 0.32 3.39
CA LYS C 40 -7.04 1.36 3.89
C LYS C 40 -7.69 0.93 5.20
N GLN C 41 -8.29 -0.26 5.19
CA GLN C 41 -8.95 -0.79 6.38
C GLN C 41 -7.99 -0.81 7.58
N GLN C 42 -6.75 -1.21 7.32
CA GLN C 42 -5.74 -1.28 8.38
C GLN C 42 -5.32 0.12 8.81
N GLN C 43 -4.97 0.96 7.84
CA GLN C 43 -4.54 2.33 8.12
C GLN C 43 -5.57 3.05 8.99
N LEU C 44 -6.84 2.87 8.65
CA LEU C 44 -7.92 3.51 9.40
C LEU C 44 -7.99 2.96 10.83
N LEU C 45 -7.92 1.64 10.95
CA LEU C 45 -7.97 0.99 12.26
C LEU C 45 -6.86 1.49 13.17
N ASN C 46 -5.66 1.58 12.61
CA ASN C 46 -4.50 2.05 13.37
C ASN C 46 -4.65 3.53 13.75
N GLN C 47 -5.33 4.28 12.89
CA GLN C 47 -5.55 5.71 13.12
C GLN C 47 -6.68 5.92 14.12
N GLN C 48 -7.59 4.95 14.20
CA GLN C 48 -8.72 5.04 15.12
C GLN C 48 -8.31 4.61 16.53
N VAL C 49 -7.68 3.44 16.63
CA VAL C 49 -7.23 2.93 17.92
C VAL C 49 -6.33 3.93 18.63
N LEU C 50 -5.68 4.78 17.85
CA LEU C 50 -4.78 5.79 18.41
C LEU C 50 -3.61 5.14 19.13
N GLU C 51 -2.74 5.97 19.69
CA GLU C 51 -1.57 5.47 20.42
C GLU C 51 -1.80 5.52 21.92
N GLN C 52 -0.76 5.21 22.69
CA GLN C 52 -0.85 5.22 24.15
C GLN C 52 -0.32 6.53 24.72
N ARG C 53 -0.28 6.62 26.04
CA ARG C 53 0.21 7.83 26.71
C ARG C 53 -0.52 9.07 26.21
N GLN C 54 -1.83 8.94 26.05
CA GLN C 54 -2.65 10.06 25.58
C GLN C 54 -4.10 9.91 26.03
N GLN C 55 -4.92 10.91 25.73
CA GLN C 55 -6.32 10.88 26.11
C GLN C 55 -7.00 9.61 25.61
N GLN C 56 -8.22 9.37 26.08
CA GLN C 56 -8.98 8.19 25.68
C GLN C 56 -10.19 8.58 24.85
N PHE C 57 -10.81 9.69 25.21
CA PHE C 57 -11.99 10.18 24.50
C PHE C 57 -11.97 11.70 24.39
N PRO C 58 -11.01 12.23 23.61
CA PRO C 58 -10.87 13.67 23.41
C PRO C 58 -12.00 14.25 22.56
N GLY C 59 -12.91 14.96 23.23
CA GLY C 59 -14.03 15.56 22.52
C GLY C 59 -15.33 15.44 23.30
N THR C 60 -16.44 15.35 22.58
CA THR C 60 -17.76 15.23 23.21
C THR C 60 -18.76 14.58 22.26
N SER C 61 -19.82 14.03 22.83
CA SER C 61 -20.87 13.38 22.04
C SER C 61 -22.20 13.41 22.77
N MET C 62 -23.25 12.97 22.08
CA MET C 62 -24.58 12.94 22.67
C MET C 62 -25.10 11.51 22.79
N GLY A 1 -17.34 20.00 -27.87
CA GLY A 1 -18.10 19.41 -26.79
C GLY A 1 -17.40 18.22 -26.16
N ALA A 2 -17.97 17.69 -25.09
CA ALA A 2 -17.39 16.54 -24.41
C ALA A 2 -18.43 15.83 -23.55
N GLY A 3 -18.78 16.42 -22.41
CA GLY A 3 -19.76 15.83 -21.53
C GLY A 3 -19.13 14.93 -20.49
N GLU A 4 -19.85 14.71 -19.39
CA GLU A 4 -19.35 13.86 -18.31
C GLU A 4 -20.49 13.11 -17.63
N PRO A 5 -20.23 11.87 -17.22
CA PRO A 5 -21.22 11.03 -16.55
C PRO A 5 -21.55 11.53 -15.14
N THR A 6 -22.30 10.72 -14.40
CA THR A 6 -22.69 11.08 -13.04
C THR A 6 -21.46 11.31 -12.16
N THR A 7 -21.69 11.50 -10.86
CA THR A 7 -20.61 11.73 -9.91
C THR A 7 -19.65 10.54 -9.88
N LEU A 8 -18.56 10.69 -9.13
CA LEU A 8 -17.56 9.63 -9.02
C LEU A 8 -18.07 8.52 -8.11
N LEU A 9 -18.57 8.89 -6.94
CA LEU A 9 -19.09 7.91 -5.98
C LEU A 9 -20.27 7.16 -6.55
N GLN A 10 -21.02 7.82 -7.44
CA GLN A 10 -22.19 7.21 -8.07
C GLN A 10 -21.77 6.16 -9.09
N ARG A 11 -21.04 6.60 -10.11
CA ARG A 11 -20.57 5.70 -11.16
C ARG A 11 -19.86 4.49 -10.57
N LEU A 12 -19.21 4.70 -9.42
CA LEU A 12 -18.49 3.63 -8.75
C LEU A 12 -19.43 2.78 -7.92
N ARG A 13 -20.30 3.43 -7.15
CA ARG A 13 -21.26 2.73 -6.31
C ARG A 13 -22.04 1.69 -7.12
N GLY A 14 -22.23 1.97 -8.40
CA GLY A 14 -22.96 1.06 -9.26
C GLY A 14 -22.08 -0.05 -9.80
N THR A 15 -20.81 0.25 -10.02
CA THR A 15 -19.86 -0.73 -10.54
C THR A 15 -18.47 -0.12 -10.71
N ILE A 16 -17.46 -0.97 -10.75
CA ILE A 16 -16.08 -0.51 -10.91
C ILE A 16 -15.93 0.33 -12.17
N SER A 17 -15.01 1.29 -12.13
CA SER A 17 -14.76 2.17 -13.27
C SER A 17 -13.66 1.59 -14.17
N LYS A 18 -13.99 1.41 -15.44
CA LYS A 18 -13.03 0.88 -16.41
C LYS A 18 -11.73 1.66 -16.37
N ALA A 19 -11.82 2.96 -16.06
CA ALA A 19 -10.64 3.81 -15.99
C ALA A 19 -9.79 3.47 -14.77
N VAL A 20 -10.45 3.22 -13.65
CA VAL A 20 -9.76 2.89 -12.40
C VAL A 20 -8.96 1.60 -12.56
N GLN A 21 -9.66 0.51 -12.84
CA GLN A 21 -9.01 -0.79 -13.01
C GLN A 21 -7.90 -0.71 -14.05
N ASN A 22 -8.23 -0.18 -15.23
CA ASN A 22 -7.26 -0.05 -16.31
C ASN A 22 -6.04 0.76 -15.85
N LYS A 23 -6.29 1.93 -15.29
CA LYS A 23 -5.22 2.80 -14.82
C LYS A 23 -4.36 2.08 -13.80
N VAL A 24 -4.98 1.57 -12.73
CA VAL A 24 -4.28 0.85 -11.69
C VAL A 24 -3.40 -0.24 -12.28
N GLU A 25 -4.00 -1.07 -13.13
CA GLU A 25 -3.28 -2.17 -13.76
C GLU A 25 -2.09 -1.65 -14.56
N GLY A 26 -2.26 -0.48 -15.18
CA GLY A 26 -1.19 0.10 -15.97
C GLY A 26 0.05 0.37 -15.16
N ILE A 27 -0.09 1.16 -14.09
CA ILE A 27 1.03 1.49 -13.23
C ILE A 27 1.67 0.24 -12.66
N LEU A 28 0.84 -0.68 -12.18
CA LEU A 28 1.32 -1.93 -11.60
C LEU A 28 2.28 -2.63 -12.56
N GLN A 29 1.93 -2.64 -13.84
CA GLN A 29 2.75 -3.28 -14.85
C GLN A 29 4.09 -2.56 -15.00
N ASP A 30 4.03 -1.23 -15.03
CA ASP A 30 5.23 -0.42 -15.16
C ASP A 30 6.29 -0.82 -14.14
N VAL A 31 5.88 -0.92 -12.89
CA VAL A 31 6.78 -1.30 -11.81
C VAL A 31 7.12 -2.78 -11.87
N GLN A 32 6.12 -3.60 -12.19
CA GLN A 32 6.32 -5.03 -12.28
C GLN A 32 7.34 -5.38 -13.37
N LYS A 33 7.57 -4.43 -14.26
CA LYS A 33 8.53 -4.63 -15.34
C LYS A 33 9.87 -5.14 -14.81
N PHE A 34 10.21 -4.73 -13.60
CA PHE A 34 11.45 -5.14 -12.97
C PHE A 34 11.20 -5.97 -11.72
N SER A 35 12.26 -6.55 -11.18
CA SER A 35 12.14 -7.38 -9.97
C SER A 35 11.40 -6.62 -8.87
N ASP A 36 10.44 -7.30 -8.25
CA ASP A 36 9.65 -6.70 -7.18
C ASP A 36 10.37 -6.85 -5.83
N ASN A 37 11.02 -7.99 -5.63
CA ASN A 37 11.75 -8.26 -4.40
C ASN A 37 12.98 -7.37 -4.29
N ASP A 38 13.81 -7.40 -5.33
CA ASP A 38 15.03 -6.59 -5.35
C ASP A 38 14.72 -5.12 -5.08
N LYS A 39 13.68 -4.61 -5.74
CA LYS A 39 13.27 -3.22 -5.58
C LYS A 39 12.57 -3.02 -4.24
N LEU A 40 11.91 -4.07 -3.75
CA LEU A 40 11.19 -4.00 -2.49
C LEU A 40 12.13 -3.59 -1.36
N TYR A 41 13.26 -4.27 -1.25
CA TYR A 41 14.24 -3.98 -0.21
C TYR A 41 15.07 -2.75 -0.58
N LEU A 42 15.33 -2.58 -1.87
CA LEU A 42 16.11 -1.45 -2.35
C LEU A 42 15.38 -0.14 -2.10
N TYR A 43 14.06 -0.19 -2.12
CA TYR A 43 13.25 1.01 -1.89
C TYR A 43 13.07 1.27 -0.40
N LEU A 44 12.58 0.27 0.32
CA LEU A 44 12.37 0.39 1.76
C LEU A 44 13.66 0.77 2.47
N GLN A 45 14.79 0.46 1.85
CA GLN A 45 16.09 0.77 2.42
C GLN A 45 16.70 2.00 1.74
N LEU A 46 15.85 2.84 1.18
CA LEU A 46 16.30 4.05 0.50
C LEU A 46 16.87 5.05 1.49
N PRO A 47 17.92 5.78 1.07
CA PRO A 47 18.59 6.78 1.90
C PRO A 47 17.70 8.01 2.14
N SER A 48 16.83 7.93 3.14
CA SER A 48 15.94 9.03 3.46
C SER A 48 15.89 9.27 4.97
N GLY A 49 14.96 10.11 5.40
CA GLY A 49 14.82 10.41 6.81
C GLY A 49 13.38 10.35 7.28
N PRO A 50 12.84 9.13 7.39
CA PRO A 50 11.45 8.91 7.83
C PRO A 50 11.25 9.25 9.30
N THR A 51 10.07 8.94 9.81
CA THR A 51 9.74 9.21 11.21
C THR A 51 9.48 7.92 11.97
N THR A 52 8.84 6.97 11.30
CA THR A 52 8.52 5.68 11.91
C THR A 52 7.59 5.86 13.11
N GLY A 53 6.58 6.70 12.95
CA GLY A 53 5.64 6.94 14.02
C GLY A 53 6.28 7.65 15.20
N ASP A 54 6.72 8.88 14.99
CA ASP A 54 7.36 9.66 16.05
C ASP A 54 8.51 8.88 16.67
N LYS A 55 9.47 8.50 15.85
CA LYS A 55 10.64 7.76 16.33
C LYS A 55 10.22 6.44 16.95
N SER A 56 9.08 5.91 16.51
CA SER A 56 8.55 4.65 17.03
C SER A 56 8.24 4.77 18.52
N SER A 57 7.18 5.51 18.83
CA SER A 57 6.76 5.72 20.21
C SER A 57 5.65 4.75 20.59
N GLU A 58 5.66 3.57 19.98
CA GLU A 58 4.65 2.56 20.25
C GLU A 58 5.30 1.20 20.54
N PRO A 59 4.65 0.42 21.42
CA PRO A 59 5.15 -0.91 21.81
C PRO A 59 5.03 -1.92 20.67
N SER A 60 5.47 -3.14 20.94
CA SER A 60 5.42 -4.20 19.94
C SER A 60 5.87 -5.53 20.52
N THR A 61 5.45 -5.79 21.76
CA THR A 61 5.81 -7.03 22.44
C THR A 61 5.06 -7.16 23.77
N LEU A 62 3.76 -7.40 23.69
CA LEU A 62 2.94 -7.54 24.89
C LEU A 62 2.33 -8.94 24.97
N SER A 63 1.47 -9.27 24.02
CA SER A 63 0.82 -10.57 23.98
C SER A 63 0.09 -10.78 22.66
N ASN A 64 -0.28 -12.03 22.38
CA ASN A 64 -1.00 -12.36 21.16
C ASN A 64 -1.55 -13.78 21.21
N GLU A 65 -2.55 -13.99 22.05
CA GLU A 65 -3.16 -15.30 22.20
C GLU A 65 -4.67 -15.18 22.35
N GLU A 66 -5.25 -14.14 21.75
CA GLU A 66 -6.67 -13.91 21.82
C GLU A 66 -7.10 -12.85 20.80
N TYR A 67 -8.15 -13.16 20.03
CA TYR A 67 -8.65 -12.24 19.03
C TYR A 67 -10.17 -12.22 19.02
N MET A 68 -10.75 -11.22 18.35
CA MET A 68 -12.20 -11.10 18.27
C MET A 68 -12.81 -10.95 19.66
N GLY B 1 11.54 6.68 -21.07
CA GLY B 1 12.92 7.10 -21.14
C GLY B 1 13.21 8.29 -20.25
N ALA B 2 13.53 9.42 -20.87
CA ALA B 2 13.82 10.64 -20.12
C ALA B 2 15.06 10.47 -19.26
N GLY B 3 16.16 11.09 -19.67
CA GLY B 3 17.40 11.00 -18.92
C GLY B 3 18.47 10.22 -19.66
N GLU B 4 19.66 10.15 -19.08
CA GLU B 4 20.77 9.43 -19.69
C GLU B 4 20.41 7.97 -19.94
N PRO B 5 21.06 7.35 -20.93
CA PRO B 5 20.82 5.96 -21.29
C PRO B 5 21.33 4.98 -20.23
N THR B 6 20.44 4.13 -19.74
CA THR B 6 20.79 3.15 -18.71
C THR B 6 19.65 2.17 -18.48
N THR B 7 19.97 1.04 -17.86
CA THR B 7 18.98 0.01 -17.58
C THR B 7 17.90 0.54 -16.64
N LEU B 8 16.70 0.00 -16.76
CA LEU B 8 15.58 0.42 -15.93
C LEU B 8 15.89 0.21 -14.44
N LEU B 9 16.33 -1.01 -14.11
CA LEU B 9 16.67 -1.34 -12.74
C LEU B 9 17.67 -0.33 -12.16
N GLN B 10 18.70 -0.01 -12.94
CA GLN B 10 19.72 0.93 -12.52
C GLN B 10 19.14 2.34 -12.39
N ARG B 11 18.58 2.84 -13.48
CA ARG B 11 17.98 4.18 -13.49
C ARG B 11 16.99 4.33 -12.33
N LEU B 12 16.36 3.23 -11.95
CA LEU B 12 15.39 3.26 -10.85
C LEU B 12 16.09 3.21 -9.50
N ARG B 13 17.01 2.26 -9.35
CA ARG B 13 17.75 2.11 -8.10
C ARG B 13 18.36 3.43 -7.66
N GLY B 14 18.64 4.30 -8.63
CA GLY B 14 19.22 5.60 -8.31
C GLY B 14 18.43 6.34 -7.24
N THR B 15 17.12 6.45 -7.44
CA THR B 15 16.26 7.13 -6.49
C THR B 15 14.80 7.08 -6.93
N ILE B 16 14.34 5.90 -7.30
CA ILE B 16 12.97 5.71 -7.75
C ILE B 16 12.70 6.47 -9.04
N SER B 17 11.75 5.97 -9.83
CA SER B 17 11.40 6.60 -11.09
C SER B 17 10.50 7.82 -10.87
N LYS B 18 10.72 8.86 -11.66
CA LYS B 18 9.94 10.08 -11.56
C LYS B 18 8.49 9.85 -11.98
N ALA B 19 8.31 9.44 -13.24
CA ALA B 19 6.98 9.17 -13.77
C ALA B 19 6.20 8.24 -12.87
N VAL B 20 6.89 7.20 -12.37
CA VAL B 20 6.25 6.22 -11.49
C VAL B 20 5.74 6.88 -10.22
N GLN B 21 6.57 7.75 -9.63
CA GLN B 21 6.20 8.44 -8.41
C GLN B 21 4.88 9.20 -8.58
N ASN B 22 4.83 10.05 -9.60
CA ASN B 22 3.63 10.84 -9.88
C ASN B 22 2.41 9.94 -10.02
N LYS B 23 2.53 8.93 -10.87
CA LYS B 23 1.44 7.99 -11.10
C LYS B 23 0.92 7.43 -9.77
N VAL B 24 1.83 7.00 -8.91
CA VAL B 24 1.47 6.45 -7.61
C VAL B 24 0.55 7.40 -6.85
N GLU B 25 0.99 8.65 -6.73
CA GLU B 25 0.21 9.66 -6.02
C GLU B 25 -1.21 9.74 -6.56
N GLY B 26 -1.34 9.67 -7.89
CA GLY B 26 -2.64 9.74 -8.52
C GLY B 26 -3.57 8.65 -8.03
N ILE B 27 -3.13 7.40 -8.12
CA ILE B 27 -3.92 6.27 -7.69
C ILE B 27 -4.39 6.44 -6.25
N LEU B 28 -3.47 6.83 -5.38
CA LEU B 28 -3.79 7.03 -3.96
C LEU B 28 -4.99 7.96 -3.81
N GLN B 29 -4.94 9.10 -4.49
CA GLN B 29 -6.03 10.07 -4.44
C GLN B 29 -7.29 9.53 -5.10
N ASP B 30 -7.10 8.60 -6.03
CA ASP B 30 -8.22 7.99 -6.75
C ASP B 30 -9.14 7.25 -5.79
N VAL B 31 -8.60 6.24 -5.11
CA VAL B 31 -9.38 5.45 -4.16
C VAL B 31 -9.76 6.27 -2.95
N GLN B 32 -8.81 7.08 -2.46
CA GLN B 32 -9.06 7.92 -1.29
C GLN B 32 -10.19 8.91 -1.56
N LYS B 33 -10.40 9.22 -2.84
CA LYS B 33 -11.45 10.15 -3.23
C LYS B 33 -12.79 9.74 -2.62
N PHE B 34 -13.03 8.44 -2.53
CA PHE B 34 -14.27 7.92 -1.96
C PHE B 34 -13.98 6.99 -0.79
N SER B 35 -14.96 6.84 0.10
CA SER B 35 -14.82 5.99 1.27
C SER B 35 -14.36 4.59 0.86
N ASP B 36 -13.67 3.92 1.78
CA ASP B 36 -13.17 2.57 1.52
C ASP B 36 -14.24 1.53 1.85
N ASN B 37 -14.92 1.72 2.98
CA ASN B 37 -15.96 0.80 3.41
C ASN B 37 -17.01 0.59 2.31
N ASP B 38 -17.43 1.70 1.71
CA ASP B 38 -18.43 1.65 0.64
C ASP B 38 -18.01 0.67 -0.44
N LYS B 39 -16.76 0.73 -0.84
CA LYS B 39 -16.23 -0.16 -1.86
C LYS B 39 -16.12 -1.58 -1.36
N LEU B 40 -15.90 -1.73 -0.06
CA LEU B 40 -15.79 -3.05 0.57
C LEU B 40 -17.06 -3.85 0.35
N TYR B 41 -18.20 -3.26 0.69
CA TYR B 41 -19.48 -3.92 0.53
C TYR B 41 -19.85 -4.07 -0.93
N LEU B 42 -19.54 -3.06 -1.72
CA LEU B 42 -19.83 -3.07 -3.15
C LEU B 42 -19.07 -4.18 -3.85
N TYR B 43 -17.74 -4.10 -3.84
CA TYR B 43 -16.89 -5.10 -4.47
C TYR B 43 -17.26 -6.50 -4.00
N LEU B 44 -17.35 -6.67 -2.69
CA LEU B 44 -17.70 -7.96 -2.11
C LEU B 44 -19.01 -8.48 -2.69
N GLN B 45 -19.94 -7.57 -2.95
CA GLN B 45 -21.23 -7.94 -3.51
C GLN B 45 -21.06 -8.81 -4.76
N LEU B 46 -19.97 -8.59 -5.48
CA LEU B 46 -19.68 -9.34 -6.70
C LEU B 46 -19.27 -10.78 -6.36
N PRO B 47 -19.54 -11.70 -7.29
CA PRO B 47 -19.20 -13.12 -7.12
C PRO B 47 -17.70 -13.36 -7.17
N SER B 48 -17.16 -13.94 -6.10
CA SER B 48 -15.73 -14.23 -6.01
C SER B 48 -15.39 -14.93 -4.71
N GLY B 49 -15.40 -14.17 -3.62
CA GLY B 49 -15.09 -14.73 -2.31
C GLY B 49 -13.59 -14.85 -2.07
N PRO B 50 -13.19 -14.66 -0.80
CA PRO B 50 -11.77 -14.73 -0.41
C PRO B 50 -11.22 -16.15 -0.49
N THR B 51 -10.01 -16.27 -1.05
CA THR B 51 -9.37 -17.57 -1.20
C THR B 51 -8.00 -17.58 -0.54
N THR B 52 -7.29 -16.46 -0.65
CA THR B 52 -5.96 -16.32 -0.08
C THR B 52 -5.96 -16.74 1.39
N GLY B 53 -7.07 -16.49 2.08
CA GLY B 53 -7.16 -16.84 3.48
C GLY B 53 -6.80 -18.29 3.75
N ASP B 54 -7.66 -19.20 3.30
CA ASP B 54 -7.43 -20.62 3.50
C ASP B 54 -6.10 -21.05 2.86
N LYS B 55 -5.72 -20.36 1.80
CA LYS B 55 -4.47 -20.66 1.10
C LYS B 55 -3.30 -20.70 2.08
N SER B 56 -2.97 -19.56 2.66
CA SER B 56 -1.87 -19.47 3.61
C SER B 56 -2.06 -18.29 4.56
N SER B 57 -3.17 -18.31 5.30
CA SER B 57 -3.48 -17.25 6.24
C SER B 57 -2.31 -17.00 7.19
N GLU B 58 -1.57 -18.06 7.49
CA GLU B 58 -0.41 -17.96 8.38
C GLU B 58 0.86 -18.44 7.68
N PRO B 59 1.98 -17.77 7.99
CA PRO B 59 3.28 -18.11 7.41
C PRO B 59 3.82 -19.45 7.90
N SER B 60 5.07 -19.75 7.57
CA SER B 60 5.69 -21.00 7.98
C SER B 60 6.64 -20.77 9.17
N THR B 61 7.72 -20.04 8.92
CA THR B 61 8.70 -19.75 9.95
C THR B 61 9.39 -21.02 10.43
N LEU B 62 9.78 -21.87 9.49
CA LEU B 62 10.44 -23.12 9.83
C LEU B 62 11.94 -23.04 9.56
N SER B 63 12.58 -22.04 10.15
CA SER B 63 14.02 -21.85 9.97
C SER B 63 14.63 -21.15 11.18
N ASN B 64 15.96 -21.24 11.30
CA ASN B 64 16.66 -20.62 12.42
C ASN B 64 18.13 -20.41 12.07
N GLU B 65 18.90 -21.50 12.08
CA GLU B 65 20.33 -21.43 11.76
C GLU B 65 20.92 -22.83 11.68
N GLU B 66 22.25 -22.89 11.58
CA GLU B 66 22.95 -24.17 11.49
C GLU B 66 24.41 -24.01 11.91
N TYR B 67 25.17 -23.25 11.12
CA TYR B 67 26.58 -23.04 11.42
C TYR B 67 26.75 -22.11 12.61
N MET B 68 27.90 -22.20 13.26
CA MET B 68 28.20 -21.36 14.43
C MET B 68 29.46 -20.53 14.20
N GLY C 1 2.01 11.29 18.37
CA GLY C 1 1.51 10.35 19.35
C GLY C 1 0.49 10.96 20.28
N HIS C 2 0.46 10.48 21.52
CA HIS C 2 -0.50 11.00 22.51
C HIS C 2 0.24 11.60 23.70
N GLY C 3 0.24 12.93 23.77
CA GLY C 3 0.92 13.63 24.86
C GLY C 3 2.32 14.07 24.49
N THR C 4 2.42 14.83 23.41
CA THR C 4 3.71 15.31 22.93
C THR C 4 3.77 16.84 22.98
N GLY C 5 2.73 17.48 22.47
CA GLY C 5 2.68 18.93 22.45
C GLY C 5 1.49 19.47 21.68
N SER C 6 1.68 20.62 21.04
CA SER C 6 0.61 21.24 20.26
C SER C 6 1.12 21.69 18.89
N PHE C 7 2.01 20.89 18.32
CA PHE C 7 2.58 21.20 17.01
C PHE C 7 2.02 20.27 15.95
N GLY C 8 2.30 20.59 14.68
CA GLY C 8 1.81 19.77 13.59
C GLY C 8 2.27 18.33 13.69
N ASP C 9 1.33 17.40 13.48
CA ASP C 9 1.65 15.98 13.57
C ASP C 9 2.26 15.48 12.26
N ARG C 10 3.58 15.50 12.19
CA ARG C 10 4.28 15.07 10.99
C ARG C 10 4.01 13.59 10.72
N PRO C 11 4.41 12.72 11.66
CA PRO C 11 4.21 11.27 11.55
C PRO C 11 2.75 10.88 11.66
N ALA C 12 2.13 10.59 10.51
CA ALA C 12 0.73 10.18 10.48
C ALA C 12 0.47 9.16 9.38
N ARG C 13 0.64 9.58 8.13
CA ARG C 13 0.42 8.71 6.99
C ARG C 13 1.74 8.36 6.31
N PRO C 14 1.77 7.22 5.61
CA PRO C 14 2.96 6.76 4.90
C PRO C 14 3.29 7.63 3.69
N THR C 15 4.32 7.23 2.94
CA THR C 15 4.74 7.98 1.76
C THR C 15 4.27 7.28 0.48
N LEU C 16 4.14 8.04 -0.60
CA LEU C 16 3.72 7.50 -1.88
C LEU C 16 4.62 6.36 -2.31
N LEU C 17 5.92 6.56 -2.20
CA LEU C 17 6.90 5.54 -2.57
C LEU C 17 6.68 4.26 -1.77
N GLU C 18 6.74 4.37 -0.45
CA GLU C 18 6.55 3.22 0.43
C GLU C 18 5.15 2.64 0.26
N GLN C 19 4.26 3.42 -0.33
CA GLN C 19 2.88 2.98 -0.54
C GLN C 19 2.81 1.95 -1.66
N VAL C 20 3.03 2.39 -2.89
CA VAL C 20 2.99 1.50 -4.05
C VAL C 20 3.90 0.30 -3.84
N LEU C 21 5.04 0.53 -3.19
CA LEU C 21 6.00 -0.54 -2.92
C LEU C 21 5.43 -1.55 -1.93
N ASN C 22 5.23 -1.12 -0.70
CA ASN C 22 4.68 -1.99 0.34
C ASN C 22 3.40 -2.66 -0.13
N GLN C 23 2.60 -1.93 -0.90
CA GLN C 23 1.35 -2.45 -1.42
C GLN C 23 1.58 -3.69 -2.26
N LYS C 24 2.48 -3.59 -3.24
CA LYS C 24 2.80 -4.71 -4.12
C LYS C 24 3.24 -5.92 -3.31
N ARG C 25 4.07 -5.67 -2.30
CA ARG C 25 4.58 -6.75 -1.45
C ARG C 25 3.43 -7.58 -0.88
N LEU C 26 2.49 -6.90 -0.22
CA LEU C 26 1.34 -7.57 0.37
C LEU C 26 0.38 -8.06 -0.70
N SER C 27 0.45 -7.44 -1.88
CA SER C 27 -0.42 -7.81 -3.00
C SER C 27 -0.22 -9.28 -3.37
N LEU C 28 1.00 -9.62 -3.76
CA LEU C 28 1.32 -10.99 -4.14
C LEU C 28 0.71 -11.34 -5.50
N LEU C 29 -0.62 -11.42 -5.53
CA LEU C 29 -1.33 -11.73 -6.76
C LEU C 29 -1.62 -10.46 -7.57
N ARG C 30 -1.06 -9.34 -7.12
CA ARG C 30 -1.25 -8.07 -7.80
C ARG C 30 -2.72 -7.66 -7.76
N SER C 31 -3.34 -7.81 -6.59
CA SER C 31 -4.75 -7.46 -6.43
C SER C 31 -4.89 -6.03 -5.91
N PRO C 32 -5.37 -5.13 -6.77
CA PRO C 32 -5.57 -3.72 -6.42
C PRO C 32 -6.71 -3.53 -5.42
N GLU C 33 -7.74 -4.34 -5.56
CA GLU C 33 -8.90 -4.25 -4.67
C GLU C 33 -8.52 -4.64 -3.24
N VAL C 34 -7.85 -5.78 -3.10
CA VAL C 34 -7.42 -6.25 -1.79
C VAL C 34 -6.41 -5.31 -1.16
N VAL C 35 -5.30 -5.09 -1.85
CA VAL C 35 -4.26 -4.19 -1.35
C VAL C 35 -4.83 -2.84 -0.94
N GLN C 36 -5.85 -2.41 -1.68
CA GLN C 36 -6.49 -1.12 -1.39
C GLN C 36 -7.15 -1.13 -0.01
N PHE C 37 -8.14 -2.00 0.16
CA PHE C 37 -8.85 -2.12 1.42
C PHE C 37 -7.90 -2.54 2.55
N LEU C 38 -6.81 -3.20 2.17
CA LEU C 38 -5.82 -3.65 3.13
C LEU C 38 -5.13 -2.47 3.81
N GLN C 39 -4.72 -1.49 3.02
CA GLN C 39 -4.05 -0.31 3.54
C GLN C 39 -5.04 0.60 4.24
N LYS C 40 -6.11 0.97 3.54
CA LYS C 40 -7.14 1.83 4.10
C LYS C 40 -7.62 1.31 5.45
N GLN C 41 -7.66 -0.01 5.59
CA GLN C 41 -8.10 -0.63 6.83
C GLN C 41 -7.06 -0.47 7.93
N GLN C 42 -5.84 -0.91 7.64
CA GLN C 42 -4.74 -0.81 8.61
C GLN C 42 -4.61 0.62 9.14
N GLN C 43 -4.92 1.59 8.28
CA GLN C 43 -4.83 2.99 8.66
C GLN C 43 -5.94 3.36 9.64
N LEU C 44 -7.17 3.10 9.25
CA LEU C 44 -8.32 3.41 10.11
C LEU C 44 -8.24 2.65 11.42
N LEU C 45 -7.71 1.43 11.37
CA LEU C 45 -7.57 0.60 12.56
C LEU C 45 -6.42 1.10 13.44
N ASN C 46 -5.24 1.25 12.85
CA ASN C 46 -4.08 1.72 13.58
C ASN C 46 -4.39 3.01 14.32
N GLN C 47 -5.29 3.82 13.75
CA GLN C 47 -5.66 5.09 14.36
C GLN C 47 -6.75 4.88 15.42
N GLN C 48 -7.63 3.90 15.18
CA GLN C 48 -8.70 3.60 16.10
C GLN C 48 -8.18 2.88 17.34
N VAL C 49 -7.84 1.60 17.17
CA VAL C 49 -7.33 0.80 18.27
C VAL C 49 -5.89 1.17 18.59
N LEU C 50 -5.51 1.01 19.86
CA LEU C 50 -4.15 1.32 20.29
C LEU C 50 -3.56 0.17 21.10
N GLU C 51 -2.41 0.42 21.72
CA GLU C 51 -1.75 -0.59 22.54
C GLU C 51 -1.65 -0.14 23.99
N GLN C 52 -1.21 -1.06 24.85
CA GLN C 52 -1.07 -0.75 26.27
C GLN C 52 0.07 -1.56 26.88
N ARG C 53 0.25 -1.42 28.20
CA ARG C 53 1.31 -2.13 28.91
C ARG C 53 0.72 -3.11 29.92
N GLN C 54 1.58 -3.95 30.49
CA GLN C 54 1.16 -4.93 31.47
C GLN C 54 2.21 -5.12 32.56
N GLN C 55 1.82 -5.76 33.66
CA GLN C 55 2.74 -6.00 34.76
C GLN C 55 3.30 -7.40 34.71
N GLN C 56 2.44 -8.40 34.93
CA GLN C 56 2.86 -9.79 34.89
C GLN C 56 3.61 -10.10 33.61
N PHE C 57 4.56 -11.03 33.68
CA PHE C 57 5.35 -11.43 32.52
C PHE C 57 5.01 -12.85 32.09
N PRO C 58 5.10 -13.10 30.78
CA PRO C 58 4.81 -14.42 30.21
C PRO C 58 5.86 -15.47 30.59
N GLY C 59 5.40 -16.57 31.19
CA GLY C 59 6.31 -17.63 31.58
C GLY C 59 5.77 -19.00 31.28
N THR C 60 6.39 -19.67 30.31
CA THR C 60 5.97 -21.01 29.91
C THR C 60 7.10 -22.02 30.10
N SER C 61 6.74 -23.30 30.07
CA SER C 61 7.72 -24.37 30.25
C SER C 61 8.14 -24.96 28.90
N MET C 62 9.31 -25.58 28.87
CA MET C 62 9.82 -26.18 27.65
C MET C 62 9.26 -27.60 27.46
N GLY A 1 -12.57 18.73 -22.93
CA GLY A 1 -13.75 18.38 -23.69
C GLY A 1 -14.47 17.18 -23.12
N ALA A 2 -14.76 17.22 -21.82
CA ALA A 2 -15.46 16.14 -21.15
C ALA A 2 -16.62 16.66 -20.32
N GLY A 3 -17.65 15.83 -20.16
CA GLY A 3 -18.81 16.24 -19.39
C GLY A 3 -18.95 15.45 -18.10
N GLU A 4 -20.02 15.71 -17.36
CA GLU A 4 -20.27 15.03 -16.10
C GLU A 4 -21.73 14.58 -16.00
N PRO A 5 -22.04 13.44 -16.64
CA PRO A 5 -23.40 12.89 -16.65
C PRO A 5 -23.79 12.33 -15.29
N THR A 6 -22.90 11.57 -14.67
CA THR A 6 -23.16 10.99 -13.36
C THR A 6 -21.97 11.18 -12.43
N THR A 7 -22.20 11.03 -11.13
CA THR A 7 -21.16 11.18 -10.13
C THR A 7 -20.26 9.95 -10.07
N LEU A 8 -19.02 10.14 -9.65
CA LEU A 8 -18.07 9.03 -9.55
C LEU A 8 -18.59 7.97 -8.58
N LEU A 9 -18.97 8.39 -7.38
CA LEU A 9 -19.48 7.47 -6.37
C LEU A 9 -20.65 6.66 -6.91
N GLN A 10 -21.55 7.33 -7.62
CA GLN A 10 -22.72 6.66 -8.18
C GLN A 10 -22.29 5.69 -9.29
N ARG A 11 -21.62 6.21 -10.30
CA ARG A 11 -21.16 5.39 -11.42
C ARG A 11 -20.38 4.17 -10.92
N LEU A 12 -19.73 4.32 -9.78
CA LEU A 12 -18.96 3.23 -9.19
C LEU A 12 -19.86 2.29 -8.40
N ARG A 13 -20.79 2.86 -7.64
CA ARG A 13 -21.71 2.07 -6.83
C ARG A 13 -22.40 1.01 -7.69
N GLY A 14 -22.78 1.37 -8.91
CA GLY A 14 -23.43 0.44 -9.80
C GLY A 14 -22.52 -0.69 -10.24
N THR A 15 -21.24 -0.37 -10.40
CA THR A 15 -20.25 -1.36 -10.81
C THR A 15 -18.86 -0.77 -10.87
N ILE A 16 -17.85 -1.57 -10.56
CA ILE A 16 -16.47 -1.13 -10.57
C ILE A 16 -16.12 -0.46 -11.90
N SER A 17 -15.22 0.51 -11.85
CA SER A 17 -14.80 1.22 -13.06
C SER A 17 -13.56 0.57 -13.67
N LYS A 18 -13.61 0.36 -14.98
CA LYS A 18 -12.49 -0.25 -15.69
C LYS A 18 -11.21 0.55 -15.50
N ALA A 19 -11.33 1.88 -15.58
CA ALA A 19 -10.19 2.76 -15.41
C ALA A 19 -9.54 2.57 -14.05
N VAL A 20 -10.38 2.44 -13.01
CA VAL A 20 -9.90 2.25 -11.65
C VAL A 20 -9.05 0.99 -11.54
N GLN A 21 -9.64 -0.14 -11.91
CA GLN A 21 -8.93 -1.42 -11.86
C GLN A 21 -7.71 -1.42 -12.77
N ASN A 22 -7.93 -1.05 -14.03
CA ASN A 22 -6.85 -1.00 -15.01
C ASN A 22 -5.69 -0.14 -14.50
N LYS A 23 -6.02 1.05 -14.02
CA LYS A 23 -5.01 1.96 -13.49
C LYS A 23 -4.13 1.28 -12.45
N VAL A 24 -4.77 0.66 -11.46
CA VAL A 24 -4.05 -0.03 -10.41
C VAL A 24 -3.10 -1.08 -10.98
N GLU A 25 -3.64 -1.98 -11.80
CA GLU A 25 -2.84 -3.02 -12.42
C GLU A 25 -1.62 -2.42 -13.14
N GLY A 26 -1.84 -1.28 -13.79
CA GLY A 26 -0.75 -0.63 -14.51
C GLY A 26 0.42 -0.29 -13.61
N ILE A 27 0.14 0.48 -12.56
CA ILE A 27 1.19 0.88 -11.62
C ILE A 27 1.97 -0.32 -11.12
N LEU A 28 1.26 -1.37 -10.73
CA LEU A 28 1.89 -2.59 -10.24
C LEU A 28 2.95 -3.09 -11.22
N GLN A 29 2.56 -3.22 -12.48
CA GLN A 29 3.47 -3.69 -13.51
C GLN A 29 4.56 -2.67 -13.79
N ASP A 30 4.21 -1.39 -13.69
CA ASP A 30 5.16 -0.30 -13.93
C ASP A 30 6.42 -0.50 -13.08
N VAL A 31 6.22 -0.79 -11.80
CA VAL A 31 7.34 -1.00 -10.88
C VAL A 31 7.83 -2.44 -10.94
N GLN A 32 6.92 -3.36 -11.24
CA GLN A 32 7.27 -4.77 -11.33
C GLN A 32 8.32 -5.02 -12.42
N LYS A 33 8.38 -4.11 -13.38
CA LYS A 33 9.34 -4.21 -14.47
C LYS A 33 10.76 -4.34 -13.94
N PHE A 34 11.04 -3.66 -12.83
CA PHE A 34 12.37 -3.70 -12.22
C PHE A 34 12.69 -5.11 -11.73
N SER A 35 13.79 -5.24 -10.99
CA SER A 35 14.21 -6.52 -10.45
C SER A 35 13.18 -7.08 -9.48
N ASP A 36 12.34 -6.20 -8.96
CA ASP A 36 11.30 -6.59 -8.01
C ASP A 36 11.91 -6.88 -6.64
N ASN A 37 12.83 -7.84 -6.60
CA ASN A 37 13.47 -8.22 -5.34
C ASN A 37 14.43 -7.13 -4.87
N ASP A 38 15.48 -6.89 -5.66
CA ASP A 38 16.47 -5.87 -5.33
C ASP A 38 15.79 -4.53 -5.03
N LYS A 39 14.70 -4.27 -5.74
CA LYS A 39 13.95 -3.02 -5.56
C LYS A 39 13.07 -3.08 -4.32
N LEU A 40 12.55 -4.27 -4.04
CA LEU A 40 11.68 -4.47 -2.87
C LEU A 40 12.40 -4.07 -1.58
N TYR A 41 13.65 -4.51 -1.45
CA TYR A 41 14.45 -4.20 -0.27
C TYR A 41 15.06 -2.82 -0.37
N LEU A 42 15.42 -2.43 -1.59
CA LEU A 42 16.03 -1.13 -1.83
C LEU A 42 15.04 0.00 -1.54
N TYR A 43 13.76 -0.27 -1.79
CA TYR A 43 12.71 0.73 -1.54
C TYR A 43 12.12 0.56 -0.15
N LEU A 44 11.45 -0.57 0.08
CA LEU A 44 10.84 -0.86 1.37
C LEU A 44 11.86 -0.76 2.49
N GLN A 45 13.02 -1.36 2.28
CA GLN A 45 14.10 -1.34 3.27
C GLN A 45 15.16 -0.31 2.90
N LEU A 46 14.73 0.84 2.40
CA LEU A 46 15.65 1.90 2.00
C LEU A 46 16.62 2.22 3.13
N PRO A 47 17.88 2.52 2.76
CA PRO A 47 18.93 2.85 3.73
C PRO A 47 18.70 4.20 4.39
N SER A 48 17.96 4.19 5.49
CA SER A 48 17.66 5.42 6.22
C SER A 48 18.54 5.56 7.46
N GLY A 49 18.27 4.71 8.46
CA GLY A 49 19.04 4.75 9.69
C GLY A 49 18.72 3.59 10.60
N PRO A 50 19.74 3.11 11.35
CA PRO A 50 19.57 1.99 12.28
C PRO A 50 18.73 2.36 13.49
N THR A 51 17.69 1.57 13.73
CA THR A 51 16.79 1.82 14.86
C THR A 51 16.60 0.55 15.68
N THR A 52 16.44 -0.58 15.00
CA THR A 52 16.25 -1.86 15.68
C THR A 52 15.06 -1.80 16.64
N GLY A 53 14.00 -1.10 16.23
CA GLY A 53 12.84 -0.98 17.08
C GLY A 53 13.16 -0.46 18.46
N ASP A 54 13.74 0.73 18.53
CA ASP A 54 14.11 1.34 19.80
C ASP A 54 15.03 0.43 20.59
N LYS A 55 15.97 -0.20 19.89
CA LYS A 55 16.93 -1.10 20.53
C LYS A 55 16.20 -2.24 21.23
N SER A 56 15.35 -2.94 20.49
CA SER A 56 14.59 -4.05 21.04
C SER A 56 13.80 -3.62 22.27
N SER A 57 12.78 -2.79 22.05
CA SER A 57 11.94 -2.30 23.14
C SER A 57 11.29 -3.46 23.89
N GLU A 58 10.43 -4.20 23.18
CA GLU A 58 9.74 -5.32 23.78
C GLU A 58 8.93 -6.09 22.73
N PRO A 59 8.87 -7.42 22.88
CA PRO A 59 8.14 -8.28 21.96
C PRO A 59 6.62 -8.09 22.05
N SER A 60 5.92 -8.44 20.98
CA SER A 60 4.47 -8.30 20.94
C SER A 60 3.86 -9.29 19.94
N THR A 61 3.72 -10.54 20.37
CA THR A 61 3.15 -11.58 19.53
C THR A 61 2.82 -12.83 20.33
N LEU A 62 2.44 -12.63 21.59
CA LEU A 62 2.09 -13.73 22.47
C LEU A 62 0.65 -13.62 22.95
N SER A 63 0.34 -12.53 23.66
CA SER A 63 -1.00 -12.30 24.17
C SER A 63 -1.91 -11.73 23.08
N ASN A 64 -2.84 -12.55 22.61
CA ASN A 64 -3.77 -12.13 21.56
C ASN A 64 -5.12 -12.84 21.71
N GLU A 65 -5.06 -14.15 21.95
CA GLU A 65 -6.27 -14.94 22.11
C GLU A 65 -7.17 -14.36 23.19
N GLU A 66 -8.42 -14.80 23.22
CA GLU A 66 -9.38 -14.31 24.20
C GLU A 66 -9.43 -15.24 25.42
N TYR A 67 -8.53 -15.01 26.36
CA TYR A 67 -8.47 -15.83 27.58
C TYR A 67 -9.62 -15.49 28.52
N MET A 68 -10.10 -16.50 29.23
CA MET A 68 -11.19 -16.31 30.18
C MET A 68 -10.79 -15.37 31.31
N GLY B 1 24.18 6.63 -3.06
CA GLY B 1 23.43 6.65 -4.31
C GLY B 1 23.95 7.69 -5.27
N ALA B 2 24.99 7.35 -6.01
CA ALA B 2 25.58 8.27 -6.98
C ALA B 2 26.10 7.52 -8.20
N GLY B 3 25.26 6.67 -8.79
CA GLY B 3 25.67 5.91 -9.95
C GLY B 3 25.22 6.54 -11.24
N GLU B 4 25.99 6.31 -12.31
CA GLU B 4 25.66 6.87 -13.62
C GLU B 4 24.49 6.12 -14.26
N PRO B 5 23.75 6.82 -15.14
CA PRO B 5 22.60 6.25 -15.83
C PRO B 5 23.01 5.21 -16.86
N THR B 6 23.24 3.98 -16.41
CA THR B 6 23.64 2.89 -17.30
C THR B 6 22.54 1.84 -17.41
N THR B 7 21.80 1.64 -16.32
CA THR B 7 20.72 0.65 -16.29
C THR B 7 19.48 1.23 -15.63
N LEU B 8 18.33 0.63 -15.91
CA LEU B 8 17.06 1.07 -15.35
C LEU B 8 17.10 0.99 -13.82
N LEU B 9 17.45 -0.19 -13.31
CA LEU B 9 17.52 -0.40 -11.87
C LEU B 9 18.48 0.58 -11.21
N GLN B 10 19.73 0.57 -11.68
CA GLN B 10 20.76 1.46 -11.14
C GLN B 10 20.29 2.91 -11.21
N ARG B 11 19.91 3.35 -12.40
CA ARG B 11 19.47 4.72 -12.60
C ARG B 11 18.37 5.08 -11.61
N LEU B 12 17.58 4.08 -11.20
CA LEU B 12 16.50 4.29 -10.25
C LEU B 12 17.03 4.33 -8.82
N ARG B 13 17.90 3.38 -8.50
CA ARG B 13 18.48 3.31 -7.15
C ARG B 13 19.08 4.65 -6.75
N GLY B 14 19.62 5.37 -7.72
CA GLY B 14 20.22 6.67 -7.45
C GLY B 14 19.22 7.68 -6.96
N THR B 15 17.96 7.53 -7.40
CA THR B 15 16.90 8.45 -7.00
C THR B 15 15.56 7.99 -7.55
N ILE B 16 14.50 8.23 -6.78
CA ILE B 16 13.16 7.84 -7.18
C ILE B 16 12.67 8.69 -8.36
N SER B 17 11.89 8.08 -9.24
CA SER B 17 11.37 8.77 -10.41
C SER B 17 10.13 9.58 -10.04
N LYS B 18 10.06 10.81 -10.55
CA LYS B 18 8.92 11.69 -10.28
C LYS B 18 7.62 11.04 -10.74
N ALA B 19 7.62 10.53 -11.96
CA ALA B 19 6.43 9.88 -12.51
C ALA B 19 5.93 8.77 -11.60
N VAL B 20 6.87 7.97 -11.09
CA VAL B 20 6.53 6.86 -10.21
C VAL B 20 5.77 7.37 -8.97
N GLN B 21 6.38 8.28 -8.24
CA GLN B 21 5.76 8.85 -7.04
C GLN B 21 4.37 9.40 -7.36
N ASN B 22 4.30 10.23 -8.40
CA ASN B 22 3.04 10.83 -8.80
C ASN B 22 1.97 9.77 -9.04
N LYS B 23 2.33 8.74 -9.79
CA LYS B 23 1.40 7.65 -10.09
C LYS B 23 0.80 7.08 -8.82
N VAL B 24 1.64 6.87 -7.82
CA VAL B 24 1.19 6.34 -6.53
C VAL B 24 0.11 7.22 -5.92
N GLU B 25 0.45 8.49 -5.72
CA GLU B 25 -0.49 9.44 -5.13
C GLU B 25 -1.79 9.49 -5.94
N GLY B 26 -1.69 9.21 -7.24
CA GLY B 26 -2.85 9.23 -8.10
C GLY B 26 -3.86 8.16 -7.74
N ILE B 27 -3.44 6.90 -7.86
CA ILE B 27 -4.31 5.78 -7.55
C ILE B 27 -4.93 5.93 -6.17
N LEU B 28 -4.10 6.26 -5.19
CA LEU B 28 -4.56 6.44 -3.81
C LEU B 28 -5.74 7.40 -3.76
N GLN B 29 -5.58 8.57 -4.37
CA GLN B 29 -6.63 9.59 -4.40
C GLN B 29 -7.79 9.13 -5.27
N ASP B 30 -7.50 8.30 -6.27
CA ASP B 30 -8.53 7.80 -7.17
C ASP B 30 -9.63 7.09 -6.40
N VAL B 31 -9.25 6.09 -5.61
CA VAL B 31 -10.21 5.33 -4.82
C VAL B 31 -10.62 6.09 -3.57
N GLN B 32 -9.66 6.78 -2.96
CA GLN B 32 -9.93 7.56 -1.75
C GLN B 32 -10.96 8.64 -2.02
N LYS B 33 -11.13 8.99 -3.30
CA LYS B 33 -12.09 10.01 -3.69
C LYS B 33 -13.47 9.72 -3.10
N PHE B 34 -13.82 8.45 -3.03
CA PHE B 34 -15.12 8.03 -2.47
C PHE B 34 -14.92 7.24 -1.18
N SER B 35 -15.95 7.26 -0.33
CA SER B 35 -15.89 6.55 0.94
C SER B 35 -15.49 5.09 0.73
N ASP B 36 -14.90 4.50 1.76
CA ASP B 36 -14.47 3.10 1.70
C ASP B 36 -15.55 2.18 2.24
N ASN B 37 -16.24 2.62 3.28
CA ASN B 37 -17.30 1.82 3.89
C ASN B 37 -18.39 1.50 2.87
N ASP B 38 -18.92 2.54 2.23
CA ASP B 38 -19.97 2.38 1.23
C ASP B 38 -19.56 1.34 0.17
N LYS B 39 -18.28 1.34 -0.18
CA LYS B 39 -17.77 0.41 -1.17
C LYS B 39 -17.65 -1.00 -0.59
N LEU B 40 -17.34 -1.07 0.71
CA LEU B 40 -17.21 -2.36 1.39
C LEU B 40 -18.50 -3.16 1.30
N TYR B 41 -19.60 -2.54 1.71
CA TYR B 41 -20.90 -3.19 1.68
C TYR B 41 -21.37 -3.41 0.24
N LEU B 42 -21.13 -2.42 -0.60
CA LEU B 42 -21.51 -2.50 -2.01
C LEU B 42 -20.83 -3.68 -2.70
N TYR B 43 -19.50 -3.66 -2.69
CA TYR B 43 -18.72 -4.73 -3.32
C TYR B 43 -19.17 -6.10 -2.82
N LEU B 44 -19.25 -6.25 -1.51
CA LEU B 44 -19.66 -7.51 -0.90
C LEU B 44 -21.01 -7.96 -1.45
N GLN B 45 -21.89 -6.99 -1.72
CA GLN B 45 -23.21 -7.28 -2.25
C GLN B 45 -23.12 -7.97 -3.61
N LEU B 46 -22.04 -7.67 -4.34
CA LEU B 46 -21.83 -8.26 -5.66
C LEU B 46 -21.95 -9.77 -5.61
N PRO B 47 -22.34 -10.38 -6.74
CA PRO B 47 -22.50 -11.83 -6.86
C PRO B 47 -21.16 -12.57 -6.80
N SER B 48 -20.79 -13.03 -5.61
CA SER B 48 -19.54 -13.75 -5.43
C SER B 48 -19.61 -14.68 -4.22
N GLY B 49 -19.85 -14.09 -3.05
CA GLY B 49 -19.94 -14.89 -1.83
C GLY B 49 -18.78 -14.63 -0.88
N PRO B 50 -19.03 -14.84 0.42
CA PRO B 50 -18.01 -14.64 1.46
C PRO B 50 -16.90 -15.67 1.39
N THR B 51 -16.03 -15.68 2.40
CA THR B 51 -14.92 -16.62 2.46
C THR B 51 -15.12 -17.64 3.57
N THR B 52 -15.88 -17.26 4.58
CA THR B 52 -16.15 -18.15 5.71
C THR B 52 -14.87 -18.48 6.47
N GLY B 53 -14.42 -17.53 7.29
CA GLY B 53 -13.20 -17.73 8.05
C GLY B 53 -12.04 -18.18 7.19
N ASP B 54 -11.99 -17.69 5.96
CA ASP B 54 -10.92 -18.03 5.03
C ASP B 54 -10.82 -19.54 4.86
N LYS B 55 -11.92 -20.16 4.47
CA LYS B 55 -11.96 -21.60 4.28
C LYS B 55 -11.68 -22.35 5.58
N SER B 56 -12.13 -21.77 6.69
CA SER B 56 -11.92 -22.37 8.00
C SER B 56 -10.44 -22.53 8.29
N SER B 57 -9.79 -21.44 8.69
CA SER B 57 -8.37 -21.46 9.00
C SER B 57 -8.09 -22.36 10.20
N GLU B 58 -8.75 -22.04 11.33
CA GLU B 58 -8.56 -22.80 12.56
C GLU B 58 -7.12 -22.70 13.05
N PRO B 59 -6.92 -22.98 14.34
CA PRO B 59 -5.60 -22.94 14.97
C PRO B 59 -4.68 -24.06 14.49
N SER B 60 -3.52 -24.18 15.12
CA SER B 60 -2.55 -25.21 14.75
C SER B 60 -2.60 -26.38 15.74
N THR B 61 -2.46 -26.06 17.03
CA THR B 61 -2.48 -27.07 18.07
C THR B 61 -1.30 -28.02 17.93
N LEU B 62 -0.17 -27.64 18.52
CA LEU B 62 1.03 -28.46 18.46
C LEU B 62 2.13 -27.87 19.35
N SER B 63 2.13 -28.28 20.61
CA SER B 63 3.13 -27.79 21.57
C SER B 63 3.71 -28.94 22.39
N ASN B 64 4.92 -28.76 22.88
CA ASN B 64 5.59 -29.78 23.68
C ASN B 64 6.71 -29.17 24.52
N GLU B 65 6.33 -28.48 25.59
CA GLU B 65 7.31 -27.84 26.47
C GLU B 65 6.68 -27.54 27.83
N GLU B 66 7.53 -27.54 28.87
CA GLU B 66 7.06 -27.26 30.23
C GLU B 66 7.98 -26.27 30.92
N TYR B 67 7.59 -25.85 32.12
CA TYR B 67 8.37 -24.89 32.89
C TYR B 67 8.56 -23.59 32.11
N MET B 68 7.66 -22.64 32.33
CA MET B 68 7.73 -21.36 31.66
C MET B 68 8.91 -20.53 32.18
N GLY C 1 9.25 -23.47 20.33
CA GLY C 1 8.95 -22.64 19.18
C GLY C 1 7.48 -22.68 18.80
N HIS C 2 7.11 -23.69 18.02
CA HIS C 2 5.72 -23.85 17.59
C HIS C 2 4.80 -24.06 18.78
N GLY C 3 3.57 -23.55 18.68
CA GLY C 3 2.61 -23.69 19.76
C GLY C 3 1.34 -22.92 19.51
N THR C 4 0.66 -22.54 20.59
CA THR C 4 -0.59 -21.79 20.48
C THR C 4 -0.40 -20.35 20.93
N GLY C 5 -0.10 -19.47 19.98
CA GLY C 5 0.09 -18.07 20.31
C GLY C 5 0.96 -17.35 19.30
N SER C 6 0.33 -16.83 18.25
CA SER C 6 1.05 -16.11 17.19
C SER C 6 0.09 -15.40 16.26
N PHE C 7 0.06 -14.07 16.34
CA PHE C 7 -0.82 -13.27 15.50
C PHE C 7 -0.16 -12.97 14.16
N GLY C 8 1.01 -12.35 14.21
CA GLY C 8 1.72 -12.02 12.99
C GLY C 8 1.50 -10.58 12.57
N ASP C 9 2.58 -9.82 12.44
CA ASP C 9 2.50 -8.42 12.04
C ASP C 9 3.68 -8.03 11.16
N ARG C 10 3.81 -6.74 10.88
CA ARG C 10 4.89 -6.25 10.06
C ARG C 10 4.97 -4.72 10.11
N PRO C 11 6.18 -4.18 9.97
CA PRO C 11 6.41 -2.73 10.00
C PRO C 11 5.84 -2.03 8.77
N ALA C 12 5.15 -0.91 9.00
CA ALA C 12 4.56 -0.15 7.92
C ALA C 12 4.04 1.20 8.42
N ARG C 13 3.99 2.17 7.51
CA ARG C 13 3.52 3.51 7.86
C ARG C 13 2.78 4.14 6.69
N PRO C 14 1.91 5.12 7.01
CA PRO C 14 1.11 5.83 5.99
C PRO C 14 1.97 6.74 5.12
N THR C 15 2.49 6.17 4.03
CA THR C 15 3.33 6.92 3.11
C THR C 15 3.16 6.43 1.67
N LEU C 16 3.22 7.36 0.72
CA LEU C 16 3.06 7.02 -0.68
C LEU C 16 4.04 5.91 -1.09
N LEU C 17 5.24 5.97 -0.54
CA LEU C 17 6.26 4.98 -0.83
C LEU C 17 5.82 3.59 -0.38
N GLU C 18 5.63 3.43 0.92
CA GLU C 18 5.21 2.15 1.49
C GLU C 18 3.87 1.71 0.90
N GLN C 19 3.12 2.68 0.36
CA GLN C 19 1.82 2.39 -0.24
C GLN C 19 1.98 1.54 -1.50
N VAL C 20 2.59 2.13 -2.52
CA VAL C 20 2.80 1.44 -3.79
C VAL C 20 3.54 0.12 -3.57
N LEU C 21 4.53 0.14 -2.68
CA LEU C 21 5.32 -1.05 -2.38
C LEU C 21 4.45 -2.13 -1.74
N ASN C 22 3.89 -1.82 -0.57
CA ASN C 22 3.03 -2.76 0.13
C ASN C 22 1.87 -3.21 -0.74
N GLN C 23 1.48 -2.36 -1.68
CA GLN C 23 0.38 -2.66 -2.60
C GLN C 23 0.71 -3.86 -3.47
N LYS C 24 1.72 -3.71 -4.31
CA LYS C 24 2.14 -4.78 -5.21
C LYS C 24 2.43 -6.06 -4.42
N ARG C 25 3.08 -5.91 -3.28
CA ARG C 25 3.42 -7.05 -2.43
C ARG C 25 2.19 -7.90 -2.14
N LEU C 26 1.13 -7.25 -1.68
CA LEU C 26 -0.12 -7.94 -1.35
C LEU C 26 -0.89 -8.29 -2.63
N SER C 27 -0.61 -7.55 -3.69
CA SER C 27 -1.28 -7.78 -4.97
C SER C 27 -1.06 -9.22 -5.45
N LEU C 28 0.20 -9.63 -5.51
CA LEU C 28 0.54 -10.98 -5.94
C LEU C 28 0.34 -11.13 -7.45
N LEU C 29 -0.92 -11.08 -7.88
CA LEU C 29 -1.25 -11.22 -9.29
C LEU C 29 -1.63 -9.87 -9.88
N ARG C 30 -2.83 -9.41 -9.58
CA ARG C 30 -3.32 -8.12 -10.08
C ARG C 30 -4.74 -7.86 -9.61
N SER C 31 -4.94 -7.87 -8.29
CA SER C 31 -6.25 -7.64 -7.70
C SER C 31 -6.33 -6.22 -7.13
N PRO C 32 -6.97 -5.31 -7.88
CA PRO C 32 -7.14 -3.92 -7.47
C PRO C 32 -8.11 -3.78 -6.30
N GLU C 33 -9.03 -4.73 -6.19
CA GLU C 33 -10.02 -4.70 -5.11
C GLU C 33 -9.37 -4.92 -3.76
N VAL C 34 -8.41 -5.85 -3.72
CA VAL C 34 -7.69 -6.16 -2.49
C VAL C 34 -6.58 -5.16 -2.23
N VAL C 35 -5.72 -4.97 -3.22
CA VAL C 35 -4.60 -4.04 -3.11
C VAL C 35 -5.08 -2.67 -2.64
N GLN C 36 -6.28 -2.28 -3.09
CA GLN C 36 -6.84 -0.99 -2.72
C GLN C 36 -7.44 -1.04 -1.32
N PHE C 37 -8.39 -1.95 -1.12
CA PHE C 37 -9.05 -2.10 0.18
C PHE C 37 -8.02 -2.27 1.29
N LEU C 38 -6.88 -2.84 0.95
CA LEU C 38 -5.81 -3.05 1.93
C LEU C 38 -5.02 -1.76 2.16
N GLN C 39 -4.65 -1.10 1.06
CA GLN C 39 -3.89 0.14 1.14
C GLN C 39 -4.57 1.13 2.08
N LYS C 40 -5.89 1.11 2.10
CA LYS C 40 -6.67 2.01 2.95
C LYS C 40 -6.75 1.47 4.38
N GLN C 41 -7.22 0.24 4.52
CA GLN C 41 -7.33 -0.39 5.82
C GLN C 41 -6.02 -0.32 6.59
N GLN C 42 -4.91 -0.42 5.87
CA GLN C 42 -3.60 -0.36 6.48
C GLN C 42 -3.21 1.08 6.81
N GLN C 43 -3.28 1.94 5.80
CA GLN C 43 -2.93 3.36 5.98
C GLN C 43 -3.69 3.95 7.16
N LEU C 44 -4.92 3.49 7.36
CA LEU C 44 -5.75 3.98 8.45
C LEU C 44 -5.35 3.34 9.78
N LEU C 45 -5.27 2.02 9.79
CA LEU C 45 -4.88 1.29 10.99
C LEU C 45 -3.54 1.78 11.52
N ASN C 46 -2.63 2.08 10.61
CA ASN C 46 -1.30 2.56 10.98
C ASN C 46 -1.37 3.99 11.49
N GLN C 47 -2.11 4.84 10.77
CA GLN C 47 -2.25 6.24 11.15
C GLN C 47 -2.72 6.37 12.60
N GLN C 48 -3.59 5.45 13.01
CA GLN C 48 -4.11 5.47 14.37
C GLN C 48 -3.10 4.87 15.35
N VAL C 49 -2.84 3.58 15.21
CA VAL C 49 -1.89 2.89 16.09
C VAL C 49 -0.63 2.51 15.33
N LEU C 50 0.49 2.49 16.03
CA LEU C 50 1.78 2.14 15.43
C LEU C 50 2.38 0.92 16.12
N GLU C 51 3.17 0.16 15.36
CA GLU C 51 3.82 -1.04 15.90
C GLU C 51 5.33 -0.88 15.90
N GLN C 52 6.04 -1.96 16.21
CA GLN C 52 7.49 -1.95 16.25
C GLN C 52 8.07 -3.30 15.84
N ARG C 53 9.15 -3.26 15.06
CA ARG C 53 9.79 -4.48 14.59
C ARG C 53 11.31 -4.36 14.68
N GLN C 54 11.98 -5.51 14.80
CA GLN C 54 13.44 -5.53 14.89
C GLN C 54 14.07 -5.72 13.52
N GLN C 55 15.18 -5.02 13.29
CA GLN C 55 15.88 -5.11 12.01
C GLN C 55 17.21 -4.37 12.06
N GLN C 56 17.92 -4.34 10.93
CA GLN C 56 19.20 -3.66 10.86
C GLN C 56 19.27 -2.77 9.62
N PHE C 57 20.24 -1.85 9.61
CA PHE C 57 20.41 -0.94 8.49
C PHE C 57 21.88 -0.81 8.12
N PRO C 58 22.14 -0.52 6.84
CA PRO C 58 23.52 -0.36 6.32
C PRO C 58 24.17 0.91 6.84
N GLY C 59 25.45 1.08 6.50
CA GLY C 59 26.17 2.26 6.94
C GLY C 59 26.28 3.31 5.85
N THR C 60 25.48 4.36 5.97
CA THR C 60 25.49 5.44 4.99
C THR C 60 25.69 6.79 5.67
N SER C 61 25.92 7.82 4.85
CA SER C 61 26.13 9.17 5.38
C SER C 61 25.77 10.22 4.33
N MET C 62 25.98 11.49 4.67
CA MET C 62 25.66 12.58 3.76
C MET C 62 26.94 13.32 3.34
#